data_3PCA
#
_entry.id   3PCA
#
_cell.length_a   196.300
_cell.length_b   127.200
_cell.length_c   133.800
_cell.angle_alpha   90.00
_cell.angle_beta   97.60
_cell.angle_gamma   90.00
#
_symmetry.space_group_name_H-M   'I 1 2 1'
#
loop_
_entity.id
_entity.type
_entity.pdbx_description
1 polymer 'PROTOCATECHUATE 3,4-DIOXYGENASE'
2 polymer 'PROTOCATECHUATE 3,4-DIOXYGENASE'
3 non-polymer 'FE (III) ION'
4 non-polymer BETA-MERCAPTOETHANOL
5 non-polymer '3,4-DIHYDROXYBENZOIC ACID'
6 water water
#
loop_
_entity_poly.entity_id
_entity_poly.type
_entity_poly.pdbx_seq_one_letter_code
_entity_poly.pdbx_strand_id
1 'polypeptide(L)'
;PIELLPETPSQTAGPYVHIGLALEAAGNPTRDQEIWNRLAKPDAPGEHILLLGQVYDGNGHLVRDSFLEVWQADANGEYQ
DAYNLENAFNSFGRTATTFDAGEWTLHTVKPGVVNNAAGVPMAPHINISLFARGINIHLHTRLYFDDEAQANAKCPVLNL
IEQPQRRETLIAKRCEVDGKTAYRFDIRIQGEGETVFFDF
;
A,B,C,D,E,F
2 'polypeptide(L)'
;PAQDNSRFVIRDRNWHPKALTPDYKTSIARSPRQALVSIPQSISETTGPNFSHLGFGAHDHDLLLNFNNGGLPIGERIIV
AGRVVDQYGKPVPNTLVEMWQANAGGRYRHKNDRYLAPLDPNFGGVGRCLTDSDGYYSFRTIKPGPYPWRNGPNDWRPAH
IHFGISGPSIATKLITQLYFEGDPLIPMCPIVKSIANPEAVQQLIAKLDMNNANPMDCLAYRFDIVLRGQRKTHFENC
;
M,N,O,P,Q,R
#
loop_
_chem_comp.id
_chem_comp.type
_chem_comp.name
_chem_comp.formula
BME non-polymer BETA-MERCAPTOETHANOL 'C2 H6 O S'
DHB non-polymer '3,4-DIHYDROXYBENZOIC ACID' 'C7 H6 O4'
FE non-polymer 'FE (III) ION' 'Fe 3'
#
# COMPACT_ATOMS: atom_id res chain seq x y z
N PRO A 1 17.85 18.67 17.63
CA PRO A 1 17.02 19.38 18.59
C PRO A 1 15.96 18.39 19.08
N ILE A 2 15.20 18.82 20.06
CA ILE A 2 14.11 18.02 20.61
C ILE A 2 12.92 18.20 19.67
N GLU A 3 12.29 17.13 19.38
CA GLU A 3 11.09 17.12 18.48
C GLU A 3 9.97 16.40 19.25
N LEU A 4 8.84 17.08 19.34
CA LEU A 4 7.67 16.47 20.07
C LEU A 4 6.88 15.66 19.01
N LEU A 5 5.75 15.14 19.46
CA LEU A 5 4.83 14.47 18.52
C LEU A 5 4.31 15.70 17.68
N PRO A 6 4.18 15.49 16.40
CA PRO A 6 3.66 16.54 15.50
C PRO A 6 2.14 16.68 15.73
N GLU A 7 1.69 17.91 15.65
CA GLU A 7 0.26 18.22 15.85
C GLU A 7 -0.50 17.68 14.64
N THR A 8 -1.67 17.15 14.85
CA THR A 8 -2.54 16.66 13.77
C THR A 8 -2.74 17.86 12.82
N PRO A 9 -2.55 17.63 11.53
CA PRO A 9 -2.70 18.65 10.52
C PRO A 9 -4.16 19.10 10.35
N SER A 10 -4.31 20.40 10.11
CA SER A 10 -5.63 21.01 9.88
C SER A 10 -6.09 20.70 8.45
N GLN A 11 -7.40 20.78 8.27
CA GLN A 11 -8.06 20.62 6.99
C GLN A 11 -9.24 21.63 7.00
N THR A 12 -9.63 22.01 5.80
CA THR A 12 -10.75 22.95 5.64
C THR A 12 -11.97 22.31 6.32
N ALA A 13 -12.85 23.21 6.77
CA ALA A 13 -14.10 22.80 7.43
C ALA A 13 -15.05 22.28 6.35
N GLY A 14 -14.91 22.79 5.15
CA GLY A 14 -15.75 22.42 4.02
C GLY A 14 -17.04 23.25 4.03
N PRO A 15 -17.77 23.16 2.92
CA PRO A 15 -19.02 23.83 2.72
C PRO A 15 -20.16 23.37 3.61
N TYR A 16 -20.07 22.18 4.15
CA TYR A 16 -21.09 21.54 4.96
C TYR A 16 -20.87 21.59 6.45
N VAL A 17 -19.97 22.44 6.87
CA VAL A 17 -19.63 22.65 8.29
C VAL A 17 -20.85 22.81 9.16
N HIS A 18 -21.89 23.39 8.61
CA HIS A 18 -23.15 23.66 9.34
C HIS A 18 -23.80 22.43 9.90
N ILE A 19 -23.74 21.36 9.15
CA ILE A 19 -24.36 20.11 9.67
C ILE A 19 -23.76 19.69 10.96
N GLY A 20 -22.46 19.95 11.15
CA GLY A 20 -21.77 19.57 12.36
C GLY A 20 -21.84 20.60 13.46
N LEU A 21 -21.62 21.86 13.11
CA LEU A 21 -21.54 22.98 14.01
C LEU A 21 -22.56 24.08 14.05
N ALA A 22 -23.54 24.09 13.20
CA ALA A 22 -24.59 25.13 13.13
C ALA A 22 -25.82 24.42 12.51
N LEU A 23 -26.35 23.50 13.32
CA LEU A 23 -27.46 22.65 12.94
C LEU A 23 -28.57 23.36 12.22
N GLU A 24 -29.12 24.40 12.81
CA GLU A 24 -30.23 25.17 12.23
C GLU A 24 -29.93 25.62 10.80
N ALA A 25 -28.80 26.29 10.66
CA ALA A 25 -28.33 26.85 9.40
C ALA A 25 -28.24 25.82 8.31
N ALA A 26 -27.90 24.59 8.69
CA ALA A 26 -27.78 23.49 7.70
C ALA A 26 -29.21 23.10 7.26
N GLY A 27 -30.14 23.62 8.06
CA GLY A 27 -31.57 23.35 7.84
C GLY A 27 -31.89 21.97 8.41
N ASN A 28 -31.36 21.69 9.59
CA ASN A 28 -31.60 20.40 10.25
C ASN A 28 -32.06 20.59 11.72
N PRO A 29 -32.74 19.56 12.19
CA PRO A 29 -33.21 19.54 13.58
C PRO A 29 -31.98 19.67 14.49
N THR A 30 -32.08 20.52 15.47
CA THR A 30 -31.02 20.76 16.46
C THR A 30 -31.27 19.85 17.66
N ARG A 31 -30.29 19.82 18.53
CA ARG A 31 -30.33 19.02 19.76
C ARG A 31 -30.82 19.87 20.91
N ASP A 32 -31.06 19.23 22.03
CA ASP A 32 -31.55 19.91 23.24
C ASP A 32 -30.63 21.10 23.54
N GLN A 33 -29.32 20.85 23.52
CA GLN A 33 -28.34 21.90 23.84
C GLN A 33 -27.37 22.17 22.72
N GLU A 34 -27.36 23.40 22.24
CA GLU A 34 -26.49 23.85 21.17
C GLU A 34 -25.66 25.06 21.60
N ILE A 35 -24.49 25.15 21.00
CA ILE A 35 -23.53 26.27 21.23
C ILE A 35 -23.86 27.25 20.10
N TRP A 36 -24.45 28.39 20.45
CA TRP A 36 -24.82 29.36 19.40
C TRP A 36 -24.36 30.77 19.64
N ASN A 37 -25.00 31.77 19.02
CA ASN A 37 -24.66 33.17 19.04
C ASN A 37 -25.19 34.12 20.07
N ARG A 38 -25.65 33.64 21.18
CA ARG A 38 -26.21 34.45 22.29
C ARG A 38 -25.35 34.19 23.52
N LEU A 39 -24.28 34.90 23.67
CA LEU A 39 -23.36 34.76 24.80
C LEU A 39 -23.95 35.26 26.12
N ALA A 40 -24.76 36.30 26.01
CA ALA A 40 -25.39 36.89 27.19
C ALA A 40 -26.92 36.81 27.16
N LYS A 41 -27.41 36.55 28.36
CA LYS A 41 -28.87 36.50 28.64
C LYS A 41 -29.19 37.98 29.02
N PRO A 42 -30.41 38.37 28.76
CA PRO A 42 -30.87 39.74 29.03
C PRO A 42 -30.48 40.24 30.40
N ASP A 43 -30.56 39.36 31.37
CA ASP A 43 -30.24 39.68 32.78
C ASP A 43 -28.74 39.62 33.03
N ALA A 44 -27.95 39.75 31.98
CA ALA A 44 -26.47 39.68 32.17
C ALA A 44 -25.92 41.09 32.35
N PRO A 45 -25.05 41.22 33.34
CA PRO A 45 -24.38 42.49 33.64
C PRO A 45 -23.46 42.89 32.48
N GLY A 46 -23.37 44.18 32.27
CA GLY A 46 -22.53 44.79 31.22
C GLY A 46 -23.46 45.45 30.21
N GLU A 47 -22.85 46.12 29.25
CA GLU A 47 -23.60 46.79 28.19
C GLU A 47 -23.83 45.77 27.05
N HIS A 48 -25.08 45.44 26.88
CA HIS A 48 -25.55 44.53 25.85
C HIS A 48 -25.38 45.19 24.49
N ILE A 49 -24.72 44.47 23.60
CA ILE A 49 -24.46 44.95 22.25
C ILE A 49 -24.75 43.81 21.25
N LEU A 50 -25.00 44.25 20.05
CA LEU A 50 -25.24 43.38 18.90
C LEU A 50 -24.02 43.58 17.97
N LEU A 51 -23.45 42.46 17.60
CA LEU A 51 -22.30 42.46 16.66
C LEU A 51 -22.80 41.89 15.35
N LEU A 52 -22.31 42.46 14.27
CA LEU A 52 -22.72 41.97 12.92
C LEU A 52 -21.63 42.27 11.91
N GLY A 53 -21.60 41.50 10.84
CA GLY A 53 -20.60 41.72 9.80
C GLY A 53 -20.72 40.71 8.67
N GLN A 54 -19.97 41.02 7.63
CA GLN A 54 -19.87 40.20 6.42
C GLN A 54 -18.40 39.83 6.22
N VAL A 55 -18.22 38.79 5.44
CA VAL A 55 -16.91 38.22 5.09
C VAL A 55 -16.77 38.28 3.58
N TYR A 56 -15.70 38.86 3.10
CA TYR A 56 -15.37 39.02 1.71
C TYR A 56 -14.11 38.23 1.33
N ASP A 57 -14.19 37.70 0.13
CA ASP A 57 -13.06 36.91 -0.44
C ASP A 57 -12.22 37.93 -1.19
N GLY A 58 -11.13 37.54 -1.79
CA GLY A 58 -10.25 38.39 -2.55
C GLY A 58 -10.82 39.05 -3.77
N ASN A 59 -11.98 38.69 -4.25
CA ASN A 59 -12.60 39.31 -5.42
C ASN A 59 -13.62 40.36 -4.99
N GLY A 60 -13.82 40.46 -3.69
CA GLY A 60 -14.78 41.38 -3.08
C GLY A 60 -16.13 40.74 -2.99
N HIS A 61 -16.18 39.43 -3.17
CA HIS A 61 -17.46 38.68 -3.11
C HIS A 61 -17.69 38.11 -1.71
N LEU A 62 -18.95 38.09 -1.32
CA LEU A 62 -19.38 37.57 -0.02
C LEU A 62 -19.08 36.05 0.08
N VAL A 63 -18.69 35.68 1.26
CA VAL A 63 -18.38 34.30 1.67
C VAL A 63 -19.61 33.92 2.49
N ARG A 64 -20.52 33.23 1.80
CA ARG A 64 -21.79 32.84 2.42
C ARG A 64 -21.73 31.59 3.22
N ASP A 65 -20.58 30.94 3.30
CA ASP A 65 -20.51 29.66 4.05
C ASP A 65 -19.51 29.69 5.18
N SER A 66 -19.20 30.87 5.67
CA SER A 66 -18.24 31.02 6.77
C SER A 66 -18.84 30.60 8.10
N PHE A 67 -17.95 30.15 8.95
CA PHE A 67 -18.27 29.69 10.31
C PHE A 67 -17.31 30.45 11.23
N LEU A 68 -17.85 30.99 12.30
CA LEU A 68 -17.05 31.78 13.26
C LEU A 68 -17.22 31.37 14.70
N GLU A 69 -16.11 31.43 15.42
CA GLU A 69 -16.00 31.14 16.83
C GLU A 69 -15.44 32.37 17.53
N VAL A 70 -16.07 32.74 18.63
CA VAL A 70 -15.72 33.92 19.42
C VAL A 70 -15.41 33.51 20.86
N TRP A 71 -14.45 34.23 21.41
CA TRP A 71 -13.96 34.08 22.78
C TRP A 71 -13.72 35.51 23.31
N GLN A 72 -14.43 35.77 24.41
CA GLN A 72 -14.30 37.13 25.02
C GLN A 72 -14.48 37.09 26.52
N ALA A 73 -13.93 38.11 27.16
CA ALA A 73 -14.09 38.29 28.62
C ALA A 73 -15.51 38.87 28.90
N ASP A 74 -15.91 38.67 30.15
CA ASP A 74 -17.23 39.24 30.58
C ASP A 74 -16.92 40.74 30.82
N ALA A 75 -17.93 41.43 31.28
CA ALA A 75 -17.93 42.87 31.56
C ALA A 75 -16.82 43.25 32.54
N ASN A 76 -16.45 42.37 33.45
CA ASN A 76 -15.38 42.59 34.41
C ASN A 76 -13.98 42.30 33.85
N GLY A 77 -13.89 41.90 32.59
CA GLY A 77 -12.61 41.54 31.97
C GLY A 77 -12.20 40.13 32.46
N GLU A 78 -13.19 39.30 32.67
CA GLU A 78 -12.97 37.91 33.15
C GLU A 78 -13.49 36.86 32.17
N TYR A 79 -12.63 35.89 31.92
CA TYR A 79 -12.91 34.77 31.02
C TYR A 79 -13.65 33.67 31.77
N GLN A 80 -14.83 33.39 31.26
CA GLN A 80 -15.74 32.40 31.88
C GLN A 80 -15.73 31.14 31.00
N ASP A 81 -14.85 30.24 31.38
CA ASP A 81 -14.65 28.99 30.65
C ASP A 81 -15.65 27.91 30.93
N ALA A 82 -16.31 27.97 32.09
CA ALA A 82 -17.28 26.90 32.41
C ALA A 82 -18.56 27.12 31.62
N TYR A 83 -18.60 26.57 30.41
CA TYR A 83 -19.74 26.68 29.51
C TYR A 83 -21.01 25.98 30.02
N ASN A 84 -22.05 26.79 30.13
CA ASN A 84 -23.38 26.34 30.59
C ASN A 84 -24.46 27.27 30.04
N LEU A 85 -25.47 26.65 29.45
CA LEU A 85 -26.62 27.34 28.87
C LEU A 85 -27.46 28.06 29.92
N GLU A 86 -27.23 27.69 31.17
CA GLU A 86 -27.90 28.26 32.33
C GLU A 86 -27.20 29.54 32.78
N ASN A 87 -25.97 29.73 32.35
CA ASN A 87 -25.18 30.91 32.70
C ASN A 87 -25.89 32.12 32.02
N ALA A 88 -25.78 33.24 32.68
CA ALA A 88 -26.31 34.52 32.21
C ALA A 88 -25.36 35.05 31.10
N PHE A 89 -24.11 34.60 31.23
CA PHE A 89 -23.05 34.92 30.32
C PHE A 89 -22.07 33.75 30.08
N ASN A 90 -21.82 33.52 28.79
CA ASN A 90 -20.82 32.52 28.35
C ASN A 90 -19.81 33.32 27.52
N SER A 91 -18.55 33.12 27.78
CA SER A 91 -17.43 33.77 27.09
C SER A 91 -17.25 33.27 25.65
N PHE A 92 -17.82 32.11 25.39
CA PHE A 92 -17.75 31.43 24.10
C PHE A 92 -19.05 31.36 23.33
N GLY A 93 -18.93 31.54 22.02
CA GLY A 93 -20.09 31.49 21.10
C GLY A 93 -19.64 31.06 19.69
N ARG A 94 -20.61 30.83 18.85
CA ARG A 94 -20.48 30.44 17.47
C ARG A 94 -21.56 31.16 16.65
N THR A 95 -21.17 31.45 15.42
CA THR A 95 -22.12 32.11 14.48
C THR A 95 -21.67 31.71 13.08
N ALA A 96 -22.51 32.01 12.13
CA ALA A 96 -22.24 31.69 10.73
C ALA A 96 -22.91 32.73 9.87
N THR A 97 -22.50 32.87 8.61
CA THR A 97 -23.15 33.85 7.71
C THR A 97 -24.31 33.16 6.97
N THR A 98 -25.37 33.96 6.82
CA THR A 98 -26.57 33.49 6.09
C THR A 98 -26.20 33.20 4.64
N PHE A 99 -26.81 32.13 4.15
CA PHE A 99 -26.60 31.70 2.76
C PHE A 99 -27.18 32.76 1.83
N ASP A 100 -28.06 33.56 2.36
CA ASP A 100 -28.76 34.63 1.64
C ASP A 100 -27.99 35.96 1.68
N ALA A 101 -28.20 36.69 2.77
CA ALA A 101 -27.54 38.00 2.96
C ALA A 101 -26.06 37.89 3.26
N GLY A 102 -25.62 36.75 3.78
CA GLY A 102 -24.21 36.55 4.09
C GLY A 102 -23.73 37.38 5.27
N GLU A 103 -24.64 37.58 6.21
CA GLU A 103 -24.31 38.39 7.40
C GLU A 103 -24.42 37.55 8.66
N TRP A 104 -23.47 37.69 9.56
CA TRP A 104 -23.54 36.91 10.84
C TRP A 104 -23.89 37.92 11.94
N THR A 105 -24.38 37.44 13.06
CA THR A 105 -24.75 38.24 14.21
C THR A 105 -24.39 37.46 15.48
N LEU A 106 -24.14 38.30 16.47
CA LEU A 106 -23.77 37.81 17.84
C LEU A 106 -24.45 38.75 18.84
N HIS A 107 -24.96 38.14 19.88
CA HIS A 107 -25.63 38.84 20.99
C HIS A 107 -24.76 38.63 22.22
N THR A 108 -24.16 39.71 22.68
CA THR A 108 -23.24 39.64 23.85
C THR A 108 -23.22 40.97 24.60
N VAL A 109 -22.22 41.10 25.44
CA VAL A 109 -21.90 42.28 26.24
C VAL A 109 -20.45 42.68 25.87
N LYS A 110 -20.21 43.97 25.96
CA LYS A 110 -18.91 44.56 25.68
C LYS A 110 -17.96 44.02 26.77
N PRO A 111 -16.89 43.39 26.28
CA PRO A 111 -15.89 42.80 27.16
C PRO A 111 -15.14 43.86 27.94
N GLY A 112 -14.70 43.50 29.13
CA GLY A 112 -13.90 44.40 30.00
C GLY A 112 -12.42 44.17 29.61
N VAL A 113 -11.55 45.00 30.09
CA VAL A 113 -10.12 45.00 29.86
C VAL A 113 -9.40 43.84 30.56
N VAL A 114 -8.46 43.26 29.85
CA VAL A 114 -7.61 42.18 30.33
C VAL A 114 -6.14 42.59 30.09
N ASN A 115 -5.30 42.20 30.99
CA ASN A 115 -3.86 42.48 30.94
C ASN A 115 -3.16 41.36 30.14
N ASN A 116 -2.12 41.77 29.45
CA ASN A 116 -1.29 40.81 28.69
C ASN A 116 -0.42 40.12 29.76
N ALA A 117 0.47 39.28 29.31
CA ALA A 117 1.36 38.52 30.20
C ALA A 117 2.28 39.44 30.99
N ALA A 118 2.60 40.59 30.43
CA ALA A 118 3.50 41.56 31.07
C ALA A 118 2.80 42.56 31.97
N GLY A 119 1.52 42.38 32.23
CA GLY A 119 0.79 43.29 33.09
C GLY A 119 0.28 44.52 32.45
N VAL A 120 0.36 44.65 31.13
CA VAL A 120 -0.15 45.82 30.39
C VAL A 120 -1.56 45.51 29.88
N PRO A 121 -2.47 46.46 30.08
CA PRO A 121 -3.86 46.31 29.65
C PRO A 121 -4.01 46.36 28.14
N MET A 122 -4.90 45.49 27.67
CA MET A 122 -5.24 45.41 26.24
C MET A 122 -6.60 46.10 26.06
N ALA A 123 -6.83 46.68 24.91
CA ALA A 123 -8.16 47.33 24.68
C ALA A 123 -9.20 46.21 24.63
N PRO A 124 -10.44 46.50 25.02
CA PRO A 124 -11.53 45.51 24.99
C PRO A 124 -11.47 44.88 23.59
N HIS A 125 -11.64 43.57 23.54
CA HIS A 125 -11.60 42.89 22.24
C HIS A 125 -12.27 41.52 22.32
N ILE A 126 -12.62 41.09 21.11
CA ILE A 126 -13.24 39.77 20.90
C ILE A 126 -12.28 38.99 20.00
N ASN A 127 -11.95 37.82 20.47
CA ASN A 127 -11.05 36.88 19.74
C ASN A 127 -11.98 36.09 18.82
N ILE A 128 -11.63 36.10 17.55
CA ILE A 128 -12.39 35.42 16.51
C ILE A 128 -11.54 34.43 15.69
N SER A 129 -12.19 33.30 15.42
CA SER A 129 -11.58 32.25 14.58
C SER A 129 -12.51 32.06 13.37
N LEU A 130 -11.96 32.26 12.20
CA LEU A 130 -12.74 32.09 10.96
C LEU A 130 -12.43 30.76 10.26
N PHE A 131 -13.52 30.07 9.94
CA PHE A 131 -13.54 28.78 9.25
C PHE A 131 -14.43 28.87 8.01
N ALA A 132 -14.03 28.15 6.99
CA ALA A 132 -14.79 28.03 5.75
C ALA A 132 -14.04 27.15 4.71
N ARG A 133 -14.84 26.80 3.75
CA ARG A 133 -14.45 26.08 2.52
C ARG A 133 -13.41 27.06 1.89
N GLY A 134 -12.31 26.52 1.47
CA GLY A 134 -11.24 27.28 0.87
C GLY A 134 -10.22 27.70 1.91
N ILE A 135 -10.51 27.57 3.18
CA ILE A 135 -9.60 27.94 4.26
C ILE A 135 -9.04 26.67 4.90
N ASN A 136 -7.79 26.41 4.58
CA ASN A 136 -7.11 25.18 5.01
C ASN A 136 -6.88 25.11 6.50
N ILE A 137 -6.56 26.29 7.04
CA ILE A 137 -6.32 26.42 8.51
C ILE A 137 -7.00 27.73 8.91
N HIS A 138 -7.81 27.68 9.93
CA HIS A 138 -8.60 28.80 10.39
C HIS A 138 -7.80 30.05 10.61
N LEU A 139 -8.46 31.18 10.39
CA LEU A 139 -7.84 32.52 10.54
C LEU A 139 -8.24 33.08 11.91
N HIS A 140 -7.27 33.62 12.60
CA HIS A 140 -7.40 34.24 13.91
C HIS A 140 -7.33 35.78 13.70
N THR A 141 -8.26 36.42 14.36
CA THR A 141 -8.35 37.90 14.34
C THR A 141 -8.90 38.40 15.65
N ARG A 142 -9.06 39.71 15.73
CA ARG A 142 -9.58 40.36 16.96
C ARG A 142 -10.49 41.50 16.55
N LEU A 143 -11.58 41.62 17.30
CA LEU A 143 -12.54 42.73 17.05
C LEU A 143 -12.31 43.74 18.18
N TYR A 144 -12.00 44.97 17.76
CA TYR A 144 -11.79 46.07 18.70
C TYR A 144 -12.97 47.05 18.44
N PHE A 145 -13.17 47.98 19.33
CA PHE A 145 -14.31 48.92 19.23
C PHE A 145 -13.86 50.34 18.93
N ASP A 146 -14.58 50.98 18.02
CA ASP A 146 -14.25 52.34 17.61
C ASP A 146 -14.45 53.38 18.70
N ASP A 147 -15.19 53.06 19.73
CA ASP A 147 -15.49 53.96 20.83
C ASP A 147 -14.57 53.75 22.04
N GLU A 148 -13.42 53.15 21.79
CA GLU A 148 -12.40 52.85 22.79
C GLU A 148 -11.02 53.28 22.26
N ALA A 149 -11.09 54.37 21.52
CA ALA A 149 -9.97 55.01 20.87
C ALA A 149 -8.83 55.27 21.82
N GLN A 150 -9.16 55.70 23.01
CA GLN A 150 -8.14 55.97 24.04
C GLN A 150 -7.42 54.69 24.38
N ALA A 151 -8.18 53.66 24.61
CA ALA A 151 -7.62 52.33 24.97
C ALA A 151 -6.88 51.70 23.79
N ASN A 152 -7.51 51.77 22.64
CA ASN A 152 -6.98 51.20 21.40
C ASN A 152 -5.59 51.74 21.09
N ALA A 153 -5.39 53.00 21.38
CA ALA A 153 -4.13 53.68 21.13
C ALA A 153 -2.97 53.06 21.88
N LYS A 154 -3.28 52.51 23.04
CA LYS A 154 -2.36 51.92 23.96
C LYS A 154 -2.28 50.41 24.02
N CYS A 155 -3.02 49.71 23.21
CA CYS A 155 -3.02 48.23 23.22
C CYS A 155 -1.68 47.69 22.72
N PRO A 156 -1.05 46.91 23.57
CA PRO A 156 0.22 46.26 23.25
C PRO A 156 0.03 45.34 22.06
N VAL A 157 -1.17 44.80 21.88
CA VAL A 157 -1.39 43.89 20.73
C VAL A 157 -1.49 44.65 19.43
N LEU A 158 -2.37 45.62 19.40
CA LEU A 158 -2.65 46.49 18.25
C LEU A 158 -1.38 47.20 17.80
N ASN A 159 -0.55 47.52 18.77
CA ASN A 159 0.73 48.18 18.58
C ASN A 159 1.79 47.29 17.99
N LEU A 160 1.59 45.99 17.90
CA LEU A 160 2.54 45.05 17.31
C LEU A 160 2.37 45.06 15.79
N ILE A 161 1.27 45.61 15.34
CA ILE A 161 1.01 45.69 13.86
C ILE A 161 1.82 46.89 13.37
N GLU A 162 2.87 46.59 12.63
CA GLU A 162 3.80 47.55 12.09
C GLU A 162 3.19 48.79 11.48
N GLN A 163 2.30 48.60 10.54
CA GLN A 163 1.64 49.68 9.81
C GLN A 163 0.32 50.13 10.39
N PRO A 164 0.31 51.36 10.84
CA PRO A 164 -0.88 51.98 11.44
C PRO A 164 -2.14 51.78 10.65
N GLN A 165 -2.05 51.91 9.33
CA GLN A 165 -3.21 51.78 8.43
C GLN A 165 -3.89 50.42 8.52
N ARG A 166 -3.12 49.41 8.90
CA ARG A 166 -3.58 48.04 9.04
C ARG A 166 -4.31 47.84 10.36
N ARG A 167 -3.98 48.62 11.36
CA ARG A 167 -4.62 48.53 12.68
C ARG A 167 -6.11 48.76 12.63
N GLU A 168 -6.53 49.62 11.72
CA GLU A 168 -7.91 50.03 11.52
C GLU A 168 -8.82 48.94 10.96
N THR A 169 -8.19 47.91 10.38
CA THR A 169 -8.95 46.80 9.80
C THR A 169 -9.59 46.01 10.96
N LEU A 170 -9.03 46.25 12.15
CA LEU A 170 -9.50 45.57 13.34
C LEU A 170 -10.53 46.29 14.17
N ILE A 171 -10.94 47.48 13.79
CA ILE A 171 -11.91 48.28 14.55
C ILE A 171 -13.33 48.27 14.08
N ALA A 172 -14.20 47.73 14.91
CA ALA A 172 -15.66 47.66 14.61
C ALA A 172 -16.27 49.06 14.73
N LYS A 173 -17.15 49.37 13.80
CA LYS A 173 -17.82 50.66 13.70
C LYS A 173 -19.20 50.60 14.38
N ARG A 174 -19.29 51.43 15.43
CA ARG A 174 -20.47 51.57 16.26
C ARG A 174 -21.65 52.13 15.45
N CYS A 175 -22.79 51.52 15.66
CA CYS A 175 -24.04 51.91 15.00
C CYS A 175 -25.17 51.51 15.96
N GLU A 176 -26.37 51.57 15.44
CA GLU A 176 -27.57 51.19 16.21
C GLU A 176 -28.48 50.37 15.31
N VAL A 177 -29.07 49.37 15.91
CA VAL A 177 -29.99 48.48 15.15
C VAL A 177 -31.23 48.36 16.05
N ASP A 178 -32.35 48.81 15.51
CA ASP A 178 -33.62 48.75 16.29
C ASP A 178 -33.41 49.46 17.62
N GLY A 179 -32.77 50.62 17.55
CA GLY A 179 -32.48 51.43 18.74
C GLY A 179 -31.50 50.77 19.69
N LYS A 180 -30.81 49.73 19.21
CA LYS A 180 -29.82 49.03 20.05
C LYS A 180 -28.40 49.29 19.54
N THR A 181 -27.49 49.29 20.50
CA THR A 181 -26.06 49.47 20.26
C THR A 181 -25.49 48.23 19.55
N ALA A 182 -25.00 48.49 18.36
CA ALA A 182 -24.42 47.51 17.47
C ALA A 182 -23.08 47.99 16.91
N TYR A 183 -22.28 46.99 16.54
CA TYR A 183 -20.98 47.24 15.93
C TYR A 183 -20.89 46.35 14.67
N ARG A 184 -20.40 46.97 13.62
CA ARG A 184 -20.22 46.29 12.36
C ARG A 184 -18.73 45.95 12.18
N PHE A 185 -18.53 44.66 11.95
CA PHE A 185 -17.18 44.10 11.76
C PHE A 185 -17.13 43.20 10.53
N ASP A 186 -16.65 43.78 9.46
CA ASP A 186 -16.49 43.09 8.18
C ASP A 186 -15.05 42.56 8.11
N ILE A 187 -14.92 41.36 7.60
CA ILE A 187 -13.65 40.68 7.42
C ILE A 187 -13.36 40.63 5.91
N ARG A 188 -12.18 41.05 5.57
CA ARG A 188 -11.72 41.01 4.16
C ARG A 188 -10.53 40.06 4.20
N ILE A 189 -10.73 38.88 3.64
CA ILE A 189 -9.76 37.81 3.65
C ILE A 189 -8.50 38.12 2.86
N GLN A 190 -8.69 38.77 1.75
CA GLN A 190 -7.59 39.08 0.83
C GLN A 190 -7.83 40.37 0.09
N GLY A 191 -6.76 41.05 -0.25
CA GLY A 191 -6.83 42.26 -1.06
C GLY A 191 -6.88 43.55 -0.30
N GLU A 192 -7.42 44.53 -0.99
CA GLU A 192 -7.60 45.92 -0.53
C GLU A 192 -8.30 45.88 0.83
N GLY A 193 -7.69 46.46 1.83
CA GLY A 193 -8.26 46.50 3.18
C GLY A 193 -8.25 45.13 3.83
N GLU A 194 -7.32 44.27 3.40
CA GLU A 194 -7.24 42.91 3.99
C GLU A 194 -7.06 43.01 5.50
N THR A 195 -7.93 42.30 6.22
CA THR A 195 -7.94 42.27 7.68
C THR A 195 -6.67 41.59 8.19
N VAL A 196 -6.18 42.08 9.33
CA VAL A 196 -5.01 41.51 9.96
C VAL A 196 -5.44 40.15 10.58
N PHE A 197 -4.60 39.17 10.37
CA PHE A 197 -4.83 37.81 10.95
C PHE A 197 -3.58 37.55 11.79
N PHE A 198 -3.78 36.88 12.89
CA PHE A 198 -2.68 36.62 13.84
C PHE A 198 -2.24 35.16 13.89
N ASP A 199 -1.03 35.01 14.41
CA ASP A 199 -0.40 33.70 14.66
C ASP A 199 0.05 33.75 16.14
N PHE A 200 -0.28 32.72 16.86
CA PHE A 200 0.10 32.66 18.31
C PHE A 200 0.16 31.20 18.71
N PRO B 1 -12.91 32.03 37.18
CA PRO B 1 -12.76 32.26 35.71
C PRO B 1 -11.42 31.69 35.29
N ALA B 2 -11.21 31.64 33.99
CA ALA B 2 -9.97 31.09 33.40
C ALA B 2 -8.74 31.86 33.83
N GLN B 3 -7.65 31.13 33.97
CA GLN B 3 -6.33 31.62 34.39
C GLN B 3 -5.19 31.38 33.40
N ASP B 4 -4.40 32.42 33.20
CA ASP B 4 -3.24 32.40 32.31
C ASP B 4 -2.05 31.69 33.00
N ASN B 5 -2.11 30.38 33.02
CA ASN B 5 -1.03 29.59 33.62
C ASN B 5 -0.24 28.81 32.61
N SER B 6 -0.73 28.61 31.40
CA SER B 6 -0.06 27.80 30.38
C SER B 6 0.45 28.53 29.15
N ARG B 7 1.33 27.82 28.46
CA ARG B 7 1.91 28.30 27.19
C ARG B 7 1.71 27.15 26.20
N PHE B 8 1.54 27.45 24.94
CA PHE B 8 1.30 26.38 23.92
C PHE B 8 2.41 26.36 22.91
N VAL B 9 2.90 25.16 22.64
CA VAL B 9 3.99 25.01 21.66
C VAL B 9 3.54 25.75 20.40
N ILE B 10 4.42 26.48 19.78
CA ILE B 10 4.12 27.23 18.58
C ILE B 10 3.81 26.23 17.44
N ARG B 11 2.81 26.61 16.65
CA ARG B 11 2.41 25.81 15.52
C ARG B 11 3.45 25.78 14.40
N ASP B 12 3.60 24.60 13.84
CA ASP B 12 4.51 24.43 12.67
C ASP B 12 3.61 24.64 11.44
N ARG B 13 3.71 25.78 10.81
CA ARG B 13 2.95 26.23 9.69
C ARG B 13 3.38 25.68 8.35
N ASN B 14 4.41 24.86 8.43
CA ASN B 14 4.97 24.15 7.26
C ASN B 14 4.44 22.71 7.35
N TRP B 15 4.02 22.29 8.51
CA TRP B 15 3.48 20.93 8.71
C TRP B 15 1.99 20.94 8.24
N HIS B 16 1.30 21.97 8.72
CA HIS B 16 -0.08 22.23 8.40
C HIS B 16 -0.03 22.72 6.92
N PRO B 17 -1.18 22.59 6.30
CA PRO B 17 -1.32 23.05 4.91
C PRO B 17 -1.22 24.60 4.96
N LYS B 18 -0.71 25.10 3.87
CA LYS B 18 -0.56 26.57 3.69
C LYS B 18 -1.97 27.07 3.30
N ALA B 19 -2.12 28.35 3.28
CA ALA B 19 -3.33 29.05 2.92
C ALA B 19 -3.54 28.96 1.39
N LEU B 20 -2.48 29.26 0.66
CA LEU B 20 -2.58 29.27 -0.81
C LEU B 20 -2.10 27.95 -1.41
N THR B 21 -3.07 27.15 -1.83
CA THR B 21 -2.78 25.82 -2.46
C THR B 21 -3.70 25.70 -3.68
N PRO B 22 -3.26 26.36 -4.76
CA PRO B 22 -3.97 26.49 -5.99
C PRO B 22 -4.75 25.36 -6.55
N ASP B 23 -4.30 24.11 -6.41
CA ASP B 23 -5.05 22.98 -6.95
C ASP B 23 -6.42 22.85 -6.26
N TYR B 24 -6.43 23.34 -5.04
CA TYR B 24 -7.71 23.39 -4.27
C TYR B 24 -8.19 24.83 -4.62
N LYS B 25 -8.91 24.92 -5.71
CA LYS B 25 -9.39 26.13 -6.29
C LYS B 25 -9.95 27.20 -5.38
N THR B 26 -10.77 26.81 -4.44
CA THR B 26 -11.41 27.76 -3.50
C THR B 26 -10.40 28.49 -2.65
N SER B 27 -9.26 27.88 -2.39
CA SER B 27 -8.19 28.45 -1.60
C SER B 27 -7.61 29.74 -2.15
N ILE B 28 -7.65 29.89 -3.47
CA ILE B 28 -7.10 31.06 -4.15
C ILE B 28 -7.63 32.41 -3.69
N ALA B 29 -8.95 32.54 -3.79
CA ALA B 29 -9.67 33.75 -3.41
C ALA B 29 -9.89 33.84 -1.89
N ARG B 30 -9.69 32.74 -1.18
CA ARG B 30 -9.88 32.74 0.27
C ARG B 30 -8.65 32.61 1.10
N SER B 31 -7.55 33.10 0.59
CA SER B 31 -6.26 33.04 1.33
C SER B 31 -5.69 34.45 1.38
N PRO B 32 -5.17 34.83 2.53
CA PRO B 32 -4.60 36.17 2.70
C PRO B 32 -3.31 36.33 1.89
N ARG B 33 -3.04 37.52 1.45
CA ARG B 33 -1.83 37.87 0.73
C ARG B 33 -0.82 38.51 1.67
N GLN B 34 -1.25 38.99 2.80
CA GLN B 34 -0.32 39.60 3.80
C GLN B 34 0.11 38.48 4.77
N ALA B 35 1.29 38.62 5.30
CA ALA B 35 1.83 37.67 6.30
C ALA B 35 1.03 37.82 7.59
N LEU B 36 0.86 36.72 8.30
CA LEU B 36 0.16 36.70 9.58
C LEU B 36 1.05 37.52 10.56
N VAL B 37 0.41 38.19 11.48
CA VAL B 37 1.14 38.96 12.51
C VAL B 37 1.28 38.05 13.74
N SER B 38 2.50 37.77 14.15
CA SER B 38 2.73 36.93 15.33
C SER B 38 2.55 37.76 16.60
N ILE B 39 1.91 37.15 17.59
CA ILE B 39 1.69 37.86 18.88
C ILE B 39 2.01 36.91 20.04
N PRO B 40 2.46 37.52 21.13
CA PRO B 40 2.79 36.75 22.33
C PRO B 40 1.46 36.21 22.87
N GLN B 41 1.56 35.07 23.52
CA GLN B 41 0.39 34.41 24.13
C GLN B 41 0.00 35.21 25.40
N SER B 42 -1.29 35.39 25.54
CA SER B 42 -1.83 36.12 26.75
C SER B 42 -3.02 35.29 27.21
N ILE B 43 -3.69 35.72 28.24
CA ILE B 43 -4.86 35.01 28.76
C ILE B 43 -5.92 34.80 27.70
N SER B 44 -6.00 35.73 26.78
CA SER B 44 -6.92 35.74 25.66
C SER B 44 -6.80 34.47 24.80
N GLU B 45 -5.59 34.07 24.49
CA GLU B 45 -5.28 32.91 23.66
C GLU B 45 -4.98 31.62 24.37
N THR B 46 -4.59 31.68 25.64
CA THR B 46 -4.25 30.50 26.40
C THR B 46 -5.40 29.88 27.15
N THR B 47 -6.58 30.47 27.04
CA THR B 47 -7.77 29.95 27.71
C THR B 47 -8.75 29.54 26.61
N GLY B 48 -9.81 28.89 27.01
CA GLY B 48 -10.85 28.42 26.08
C GLY B 48 -11.94 27.77 26.96
N PRO B 49 -13.07 27.51 26.33
CA PRO B 49 -14.22 26.91 26.99
C PRO B 49 -14.03 25.46 27.42
N ASN B 50 -14.67 25.13 28.52
CA ASN B 50 -14.73 23.81 29.09
C ASN B 50 -16.22 23.40 28.94
N PHE B 51 -16.44 22.34 28.22
CA PHE B 51 -17.77 21.84 27.93
C PHE B 51 -18.22 20.72 28.85
N SER B 52 -17.62 20.61 30.03
CA SER B 52 -18.00 19.54 30.96
C SER B 52 -19.46 19.55 31.31
N HIS B 53 -20.08 20.71 31.42
CA HIS B 53 -21.47 20.83 31.77
C HIS B 53 -22.42 20.92 30.61
N LEU B 54 -21.95 20.74 29.39
CA LEU B 54 -22.92 20.78 28.25
C LEU B 54 -23.82 19.55 28.45
N GLY B 55 -25.09 19.73 28.25
CA GLY B 55 -26.05 18.61 28.46
C GLY B 55 -26.12 17.76 27.21
N PHE B 56 -25.31 16.72 27.18
CA PHE B 56 -25.27 15.81 26.00
C PHE B 56 -26.41 14.79 26.07
N GLY B 57 -27.00 14.56 24.92
CA GLY B 57 -28.06 13.53 24.77
C GLY B 57 -27.34 12.17 24.80
N ALA B 58 -28.10 11.15 25.09
CA ALA B 58 -27.70 9.77 25.20
C ALA B 58 -27.12 9.15 23.94
N HIS B 59 -27.51 9.65 22.79
CA HIS B 59 -26.97 9.02 21.53
C HIS B 59 -26.25 10.09 20.74
N ASP B 60 -25.77 11.09 21.46
CA ASP B 60 -25.07 12.24 20.85
C ASP B 60 -23.99 11.77 19.90
N HIS B 61 -23.30 10.75 20.38
CA HIS B 61 -22.18 10.11 19.69
C HIS B 61 -22.55 8.87 18.92
N ASP B 62 -23.81 8.54 18.80
CA ASP B 62 -24.22 7.30 18.07
C ASP B 62 -25.00 7.65 16.83
N LEU B 63 -24.33 7.76 15.69
CA LEU B 63 -24.96 8.11 14.43
C LEU B 63 -25.93 7.08 13.88
N LEU B 64 -25.97 5.92 14.46
CA LEU B 64 -26.87 4.82 14.06
C LEU B 64 -28.25 5.02 14.68
N LEU B 65 -28.32 5.64 15.83
CA LEU B 65 -29.50 5.92 16.58
C LEU B 65 -29.92 7.38 16.71
N ASN B 66 -29.04 8.35 16.52
CA ASN B 66 -29.40 9.74 16.77
C ASN B 66 -30.18 10.53 15.76
N PHE B 67 -30.64 10.01 14.67
CA PHE B 67 -31.38 10.75 13.68
C PHE B 67 -32.89 10.34 13.75
N GLY B 71 -35.76 3.25 12.10
CA GLY B 71 -34.91 2.32 11.35
C GLY B 71 -33.42 2.57 11.49
N LEU B 72 -32.69 1.63 10.90
CA LEU B 72 -31.23 1.61 10.87
C LEU B 72 -30.76 2.15 9.52
N PRO B 73 -29.66 2.89 9.57
CA PRO B 73 -29.06 3.44 8.36
C PRO B 73 -28.48 2.28 7.52
N ILE B 74 -28.34 2.54 6.25
CA ILE B 74 -27.70 1.59 5.32
C ILE B 74 -26.25 2.00 5.18
N GLY B 75 -25.36 1.04 5.26
CA GLY B 75 -23.91 1.24 5.13
C GLY B 75 -23.16 0.34 6.10
N GLU B 76 -21.85 0.40 5.96
CA GLU B 76 -20.94 -0.42 6.78
C GLU B 76 -20.89 0.22 8.18
N ARG B 77 -21.30 -0.51 9.14
CA ARG B 77 -21.36 -0.12 10.54
C ARG B 77 -19.93 -0.13 11.10
N ILE B 78 -19.53 0.99 11.65
CA ILE B 78 -18.20 1.10 12.21
C ILE B 78 -18.18 1.94 13.49
N ILE B 79 -17.12 1.64 14.25
CA ILE B 79 -16.79 2.40 15.44
C ILE B 79 -15.49 3.18 15.04
N VAL B 80 -15.52 4.46 15.30
CA VAL B 80 -14.41 5.36 15.15
C VAL B 80 -14.08 5.77 16.62
N ALA B 81 -12.91 5.39 17.06
CA ALA B 81 -12.47 5.69 18.44
C ALA B 81 -11.01 6.07 18.40
N GLY B 82 -10.54 6.68 19.48
CA GLY B 82 -9.15 7.08 19.59
C GLY B 82 -8.98 7.90 20.86
N ARG B 83 -7.84 8.51 20.87
CA ARG B 83 -7.45 9.35 22.03
C ARG B 83 -6.96 10.69 21.55
N VAL B 84 -7.19 11.67 22.38
CA VAL B 84 -6.74 13.06 22.17
C VAL B 84 -5.63 13.31 23.21
N VAL B 85 -4.45 13.61 22.69
CA VAL B 85 -3.28 13.87 23.50
C VAL B 85 -2.64 15.16 22.94
N ASP B 86 -1.74 15.68 23.76
CA ASP B 86 -0.97 16.87 23.35
C ASP B 86 0.38 16.36 22.83
N GLN B 87 1.17 17.26 22.28
CA GLN B 87 2.49 16.96 21.73
C GLN B 87 3.42 16.33 22.75
N TYR B 88 3.18 16.52 24.04
CA TYR B 88 4.01 15.91 25.05
C TYR B 88 3.56 14.48 25.33
N GLY B 89 2.46 14.10 24.72
CA GLY B 89 1.84 12.79 24.90
C GLY B 89 0.91 12.78 26.12
N LYS B 90 0.52 13.95 26.59
CA LYS B 90 -0.40 14.03 27.78
C LYS B 90 -1.84 13.95 27.29
N PRO B 91 -2.64 13.09 27.91
CA PRO B 91 -4.05 12.93 27.53
C PRO B 91 -4.81 14.25 27.71
N VAL B 92 -5.83 14.47 26.90
CA VAL B 92 -6.65 15.69 26.99
C VAL B 92 -8.06 15.24 27.41
N PRO B 93 -8.25 15.26 28.72
CA PRO B 93 -9.52 14.86 29.34
C PRO B 93 -10.61 15.90 29.19
N ASN B 94 -11.84 15.40 29.17
CA ASN B 94 -13.04 16.17 29.06
C ASN B 94 -12.98 17.29 28.04
N THR B 95 -12.65 16.96 26.82
CA THR B 95 -12.55 17.88 25.70
C THR B 95 -13.63 17.53 24.69
N LEU B 96 -14.05 18.54 23.93
CA LEU B 96 -15.09 18.46 22.97
C LEU B 96 -14.63 18.00 21.60
N VAL B 97 -15.25 16.89 21.20
CA VAL B 97 -15.01 16.26 19.90
C VAL B 97 -16.35 16.19 19.13
N GLU B 98 -16.35 16.88 18.01
CA GLU B 98 -17.48 16.98 17.11
C GLU B 98 -17.08 16.42 15.74
N MET B 99 -18.01 15.73 15.11
CA MET B 99 -17.80 15.10 13.79
C MET B 99 -19.06 15.21 12.94
N TRP B 100 -18.90 15.23 11.65
CA TRP B 100 -19.99 15.30 10.68
C TRP B 100 -19.49 14.59 9.42
N GLN B 101 -20.38 14.08 8.64
CA GLN B 101 -19.99 13.32 7.42
C GLN B 101 -21.22 13.08 6.53
N ALA B 102 -20.93 12.54 5.36
CA ALA B 102 -21.95 12.16 4.37
C ALA B 102 -22.38 10.73 4.75
N ASN B 103 -23.39 10.28 4.00
CA ASN B 103 -23.97 8.95 4.17
C ASN B 103 -23.11 7.97 3.36
N ALA B 104 -23.59 6.73 3.38
CA ALA B 104 -22.93 5.63 2.66
C ALA B 104 -22.74 5.86 1.20
N GLY B 105 -23.56 6.71 0.59
CA GLY B 105 -23.55 7.06 -0.80
C GLY B 105 -22.80 8.33 -1.14
N GLY B 106 -22.37 9.02 -0.08
CA GLY B 106 -21.63 10.28 -0.22
C GLY B 106 -22.56 11.49 -0.26
N ARG B 107 -23.80 11.29 0.15
CA ARG B 107 -24.79 12.41 0.17
C ARG B 107 -24.75 13.07 1.56
N TYR B 108 -24.74 14.38 1.56
CA TYR B 108 -24.76 15.15 2.84
C TYR B 108 -26.18 15.68 3.06
N ARG B 109 -26.61 15.64 4.29
CA ARG B 109 -27.95 16.11 4.71
C ARG B 109 -27.75 17.62 5.05
N HIS B 110 -27.68 18.37 3.98
CA HIS B 110 -27.49 19.82 3.94
C HIS B 110 -28.11 20.35 2.64
N LYS B 111 -28.82 21.44 2.77
CA LYS B 111 -29.53 22.16 1.75
C LYS B 111 -28.77 22.28 0.42
N ASN B 112 -27.52 22.68 0.55
CA ASN B 112 -26.66 22.91 -0.61
C ASN B 112 -26.17 21.66 -1.30
N ASP B 113 -26.36 20.47 -0.74
CA ASP B 113 -25.84 19.25 -1.41
C ASP B 113 -26.79 18.76 -2.50
N ARG B 114 -26.32 18.97 -3.73
CA ARG B 114 -27.12 18.55 -4.89
C ARG B 114 -26.71 17.22 -5.50
N TYR B 115 -25.80 16.49 -4.88
CA TYR B 115 -25.35 15.20 -5.46
C TYR B 115 -26.57 14.32 -5.65
N LEU B 116 -26.60 13.59 -6.75
CA LEU B 116 -27.71 12.70 -7.06
C LEU B 116 -27.80 11.49 -6.18
N ALA B 117 -26.86 11.22 -5.30
CA ALA B 117 -27.00 10.01 -4.41
C ALA B 117 -28.11 10.42 -3.44
N PRO B 118 -29.01 9.50 -3.13
CA PRO B 118 -30.14 9.77 -2.25
C PRO B 118 -29.79 9.89 -0.79
N LEU B 119 -30.65 10.55 -0.05
CA LEU B 119 -30.46 10.69 1.41
C LEU B 119 -30.89 9.35 2.01
N ASP B 120 -30.53 9.12 3.21
CA ASP B 120 -30.91 7.91 3.98
C ASP B 120 -31.85 8.44 5.07
N PRO B 121 -33.09 7.98 4.98
CA PRO B 121 -34.14 8.36 5.92
C PRO B 121 -33.77 8.15 7.37
N ASN B 122 -32.85 7.25 7.67
CA ASN B 122 -32.41 6.99 9.03
C ASN B 122 -31.05 7.58 9.35
N PHE B 123 -30.56 8.49 8.52
CA PHE B 123 -29.20 9.04 8.82
C PHE B 123 -29.10 10.54 8.79
N GLY B 124 -28.56 11.04 9.91
CA GLY B 124 -28.34 12.51 10.05
C GLY B 124 -26.89 12.88 9.67
N GLY B 125 -25.95 12.32 10.40
CA GLY B 125 -24.53 12.53 10.18
C GLY B 125 -23.80 13.50 11.06
N VAL B 126 -24.19 13.67 12.28
CA VAL B 126 -23.58 14.53 13.26
C VAL B 126 -23.44 13.80 14.59
N GLY B 127 -22.32 14.02 15.24
CA GLY B 127 -22.05 13.41 16.55
C GLY B 127 -21.16 14.37 17.34
N ARG B 128 -21.18 14.19 18.64
CA ARG B 128 -20.38 14.94 19.61
C ARG B 128 -20.10 13.98 20.77
N CYS B 129 -18.93 14.14 21.33
CA CYS B 129 -18.49 13.27 22.44
C CYS B 129 -17.48 14.05 23.28
N LEU B 130 -17.55 13.89 24.56
CA LEU B 130 -16.63 14.56 25.48
C LEU B 130 -15.61 13.46 25.82
N THR B 131 -14.33 13.77 25.65
CA THR B 131 -13.31 12.74 25.95
C THR B 131 -13.43 12.45 27.45
N ASP B 132 -12.99 11.28 27.82
CA ASP B 132 -13.01 10.81 29.20
C ASP B 132 -11.69 11.22 29.87
N SER B 133 -11.58 10.75 31.06
CA SER B 133 -10.42 10.99 31.95
C SER B 133 -9.10 10.63 31.31
N ASP B 134 -9.14 9.73 30.36
CA ASP B 134 -7.95 9.28 29.66
C ASP B 134 -7.75 9.86 28.27
N GLY B 135 -8.58 10.78 27.86
CA GLY B 135 -8.51 11.40 26.54
C GLY B 135 -9.20 10.58 25.47
N TYR B 136 -9.93 9.54 25.83
CA TYR B 136 -10.64 8.72 24.87
C TYR B 136 -12.03 9.17 24.44
N TYR B 137 -12.31 8.91 23.18
CA TYR B 137 -13.63 9.21 22.58
C TYR B 137 -14.00 8.04 21.66
N SER B 138 -15.29 7.99 21.37
CA SER B 138 -15.78 6.97 20.42
C SER B 138 -17.13 7.39 19.87
N PHE B 139 -17.28 7.01 18.61
CA PHE B 139 -18.52 7.27 17.84
C PHE B 139 -18.89 5.94 17.17
N ARG B 140 -20.15 5.85 16.89
CA ARG B 140 -20.70 4.68 16.17
C ARG B 140 -21.44 5.31 14.98
N THR B 141 -21.00 4.88 13.81
CA THR B 141 -21.60 5.46 12.58
C THR B 141 -21.49 4.41 11.48
N ILE B 142 -21.68 4.93 10.27
CA ILE B 142 -21.58 4.18 9.04
C ILE B 142 -20.45 4.87 8.25
N LYS B 143 -19.70 4.09 7.52
CA LYS B 143 -18.58 4.57 6.71
C LYS B 143 -19.17 5.37 5.54
N PRO B 144 -18.69 6.62 5.43
CA PRO B 144 -19.15 7.52 4.37
C PRO B 144 -18.54 7.12 3.03
N GLY B 145 -19.23 7.56 1.99
CA GLY B 145 -18.77 7.30 0.62
C GLY B 145 -18.08 8.56 0.06
N PRO B 146 -17.29 8.29 -0.95
CA PRO B 146 -16.55 9.34 -1.67
C PRO B 146 -17.63 10.30 -2.22
N TYR B 147 -17.17 11.47 -2.57
CA TYR B 147 -18.10 12.55 -3.06
C TYR B 147 -17.44 13.35 -4.15
N PRO B 148 -18.11 13.46 -5.28
CA PRO B 148 -17.59 14.26 -6.42
C PRO B 148 -17.84 15.73 -5.98
N TRP B 149 -16.98 16.60 -6.47
CA TRP B 149 -17.11 18.05 -6.11
C TRP B 149 -16.54 18.83 -7.27
N ARG B 150 -17.05 20.05 -7.39
CA ARG B 150 -16.65 20.93 -8.49
C ARG B 150 -15.36 21.65 -8.23
N ASN B 151 -14.25 20.99 -8.45
CA ASN B 151 -12.88 21.46 -8.35
C ASN B 151 -12.35 21.27 -9.80
N GLY B 152 -11.68 20.18 -10.00
CA GLY B 152 -11.20 19.84 -11.41
C GLY B 152 -12.49 19.19 -11.99
N PRO B 153 -12.46 18.86 -13.26
CA PRO B 153 -13.58 18.24 -13.95
C PRO B 153 -13.90 16.82 -13.49
N ASN B 154 -12.99 16.17 -12.75
CA ASN B 154 -13.33 14.79 -12.28
C ASN B 154 -12.70 14.53 -10.95
N ASP B 155 -12.93 15.42 -10.00
CA ASP B 155 -12.42 15.37 -8.64
C ASP B 155 -13.44 14.67 -7.73
N TRP B 156 -12.92 13.85 -6.87
CA TRP B 156 -13.68 13.04 -5.90
C TRP B 156 -12.94 13.07 -4.56
N ARG B 157 -13.67 13.49 -3.54
CA ARG B 157 -13.05 13.46 -2.18
C ARG B 157 -13.03 11.96 -1.77
N PRO B 158 -11.96 11.59 -1.06
CA PRO B 158 -11.91 10.23 -0.50
C PRO B 158 -13.03 10.20 0.57
N ALA B 159 -13.42 9.02 0.97
CA ALA B 159 -14.42 8.88 2.04
C ALA B 159 -13.70 9.57 3.26
N HIS B 160 -14.46 10.42 3.92
CA HIS B 160 -13.87 11.13 5.11
C HIS B 160 -14.91 11.57 6.11
N ILE B 161 -14.41 11.76 7.34
CA ILE B 161 -15.27 12.29 8.43
C ILE B 161 -14.65 13.65 8.82
N HIS B 162 -15.47 14.66 9.01
CA HIS B 162 -14.98 15.97 9.46
C HIS B 162 -14.93 15.96 10.98
N PHE B 163 -13.87 16.47 11.57
CA PHE B 163 -13.69 16.50 13.03
C PHE B 163 -13.36 17.94 13.53
N GLY B 164 -13.85 18.21 14.71
CA GLY B 164 -13.58 19.52 15.38
C GLY B 164 -13.19 19.14 16.82
N ILE B 165 -12.07 19.63 17.28
CA ILE B 165 -11.55 19.34 18.62
C ILE B 165 -11.23 20.65 19.34
N SER B 166 -11.85 20.81 20.53
CA SER B 166 -11.66 22.09 21.25
C SER B 166 -10.32 22.18 21.91
N GLY B 167 -10.01 21.20 22.74
CA GLY B 167 -8.73 21.22 23.49
C GLY B 167 -8.93 22.24 24.65
N PRO B 168 -7.81 22.44 25.36
CA PRO B 168 -7.74 23.32 26.50
C PRO B 168 -7.88 24.79 26.26
N SER B 169 -7.69 25.30 25.07
CA SER B 169 -7.78 26.73 24.79
C SER B 169 -8.05 26.98 23.32
N ILE B 170 -8.35 28.23 22.96
CA ILE B 170 -8.60 28.54 21.54
C ILE B 170 -7.36 28.39 20.68
N ALA B 171 -6.22 28.31 21.36
CA ALA B 171 -4.90 28.12 20.72
C ALA B 171 -4.77 26.67 20.21
N THR B 172 -5.45 25.75 20.87
CA THR B 172 -5.43 24.34 20.53
C THR B 172 -6.55 23.91 19.61
N LYS B 173 -7.61 24.70 19.56
CA LYS B 173 -8.79 24.38 18.75
C LYS B 173 -8.35 24.01 17.33
N LEU B 174 -8.91 22.92 16.81
CA LEU B 174 -8.59 22.41 15.50
C LEU B 174 -9.73 21.76 14.76
N ILE B 175 -9.79 22.01 13.45
CA ILE B 175 -10.80 21.33 12.59
C ILE B 175 -9.97 20.51 11.59
N THR B 176 -10.32 19.27 11.40
CA THR B 176 -9.58 18.40 10.47
C THR B 176 -10.51 17.39 9.80
N GLN B 177 -9.88 16.44 9.12
CA GLN B 177 -10.61 15.39 8.38
C GLN B 177 -9.86 14.06 8.56
N LEU B 178 -10.61 13.06 8.86
CA LEU B 178 -10.18 11.67 9.03
C LEU B 178 -10.39 11.01 7.63
N TYR B 179 -9.42 10.27 7.22
CA TYR B 179 -9.46 9.50 5.94
C TYR B 179 -9.35 8.04 6.36
N PHE B 180 -9.67 7.12 5.47
CA PHE B 180 -9.66 5.69 5.80
C PHE B 180 -8.52 4.93 5.16
N GLU B 181 -7.89 4.13 5.97
CA GLU B 181 -6.75 3.30 5.55
C GLU B 181 -7.00 2.57 4.24
N GLY B 182 -6.08 2.70 3.32
CA GLY B 182 -6.01 2.09 2.04
C GLY B 182 -6.71 2.76 0.90
N ASP B 183 -7.57 3.71 1.18
CA ASP B 183 -8.35 4.46 0.20
C ASP B 183 -7.48 5.05 -0.91
N PRO B 184 -7.71 4.52 -2.11
CA PRO B 184 -6.95 4.93 -3.31
C PRO B 184 -7.16 6.34 -3.77
N LEU B 185 -8.25 6.97 -3.30
CA LEU B 185 -8.56 8.36 -3.65
C LEU B 185 -7.67 9.35 -2.90
N ILE B 186 -7.14 8.96 -1.76
CA ILE B 186 -6.34 9.77 -0.90
C ILE B 186 -5.25 10.60 -1.55
N PRO B 187 -4.38 9.94 -2.29
CA PRO B 187 -3.26 10.59 -2.95
C PRO B 187 -3.67 11.45 -4.12
N MET B 188 -4.92 11.39 -4.55
CA MET B 188 -5.31 12.21 -5.73
C MET B 188 -6.03 13.50 -5.31
N CYS B 189 -6.39 13.58 -4.06
CA CYS B 189 -7.15 14.68 -3.53
C CYS B 189 -6.31 15.95 -3.30
N PRO B 190 -6.78 17.00 -3.97
CA PRO B 190 -6.17 18.34 -3.88
C PRO B 190 -6.30 18.95 -2.49
N ILE B 191 -7.32 18.59 -1.72
CA ILE B 191 -7.49 19.09 -0.34
C ILE B 191 -6.47 18.40 0.56
N VAL B 192 -6.32 17.09 0.30
CA VAL B 192 -5.34 16.27 1.04
C VAL B 192 -3.95 16.82 0.75
N LYS B 193 -3.66 16.99 -0.52
CA LYS B 193 -2.41 17.50 -1.04
C LYS B 193 -2.17 18.94 -0.61
N SER B 194 -3.15 19.52 0.09
CA SER B 194 -2.95 20.91 0.58
C SER B 194 -1.79 20.77 1.59
N ILE B 195 -1.63 19.59 2.14
CA ILE B 195 -0.58 19.23 3.08
C ILE B 195 0.68 18.85 2.28
N ALA B 196 1.75 19.60 2.40
CA ALA B 196 2.97 19.32 1.67
C ALA B 196 3.77 18.11 2.10
N ASN B 197 3.84 17.77 3.35
CA ASN B 197 4.61 16.63 3.85
C ASN B 197 3.78 15.34 3.93
N PRO B 198 4.25 14.33 3.23
CA PRO B 198 3.59 13.03 3.15
C PRO B 198 3.37 12.42 4.50
N GLU B 199 4.30 12.70 5.39
CA GLU B 199 4.24 12.22 6.78
C GLU B 199 3.07 12.85 7.53
N ALA B 200 2.71 14.09 7.19
CA ALA B 200 1.61 14.79 7.85
C ALA B 200 0.30 14.13 7.39
N VAL B 201 0.26 13.76 6.11
CA VAL B 201 -0.88 13.08 5.53
C VAL B 201 -1.23 11.78 6.28
N GLN B 202 -0.21 11.03 6.64
CA GLN B 202 -0.39 9.77 7.35
C GLN B 202 -1.16 9.92 8.66
N GLN B 203 -0.98 11.05 9.31
CA GLN B 203 -1.60 11.39 10.57
C GLN B 203 -3.12 11.49 10.44
N LEU B 204 -3.63 11.72 9.24
CA LEU B 204 -5.06 11.87 8.99
C LEU B 204 -5.75 10.58 8.60
N ILE B 205 -4.97 9.51 8.50
CA ILE B 205 -5.46 8.21 8.12
C ILE B 205 -5.76 7.31 9.31
N ALA B 206 -7.01 6.96 9.45
CA ALA B 206 -7.49 6.07 10.51
C ALA B 206 -7.13 4.63 10.07
N LYS B 207 -6.71 3.83 11.03
CA LYS B 207 -6.33 2.44 10.76
C LYS B 207 -7.43 1.47 11.23
N LEU B 208 -7.55 0.43 10.42
CA LEU B 208 -8.55 -0.64 10.75
C LEU B 208 -8.15 -1.16 12.12
N ASP B 209 -9.09 -1.37 12.98
CA ASP B 209 -8.78 -1.83 14.37
C ASP B 209 -9.66 -3.03 14.69
N MET B 210 -9.20 -4.20 14.31
CA MET B 210 -9.92 -5.45 14.50
C MET B 210 -10.16 -5.73 15.98
N ASN B 211 -9.29 -5.24 16.82
CA ASN B 211 -9.37 -5.42 18.28
C ASN B 211 -10.56 -4.74 18.94
N ASN B 212 -11.01 -3.67 18.35
CA ASN B 212 -12.13 -2.86 18.87
C ASN B 212 -13.44 -3.19 18.22
N ALA B 213 -13.41 -4.08 17.21
CA ALA B 213 -14.62 -4.46 16.51
C ALA B 213 -15.49 -5.38 17.36
N ASN B 214 -16.76 -5.36 17.03
CA ASN B 214 -17.80 -6.22 17.65
C ASN B 214 -18.07 -7.28 16.56
N PRO B 215 -17.63 -8.49 16.85
CA PRO B 215 -17.80 -9.61 15.91
C PRO B 215 -19.25 -9.74 15.52
N MET B 216 -19.50 -10.00 14.25
CA MET B 216 -20.84 -10.17 13.68
C MET B 216 -21.63 -8.88 13.85
N ASP B 217 -20.98 -7.76 14.14
CA ASP B 217 -21.76 -6.50 14.34
C ASP B 217 -21.22 -5.34 13.53
N CYS B 218 -20.06 -4.84 13.96
CA CYS B 218 -19.39 -3.72 13.31
C CYS B 218 -17.88 -3.77 13.47
N LEU B 219 -17.23 -3.13 12.51
CA LEU B 219 -15.77 -3.00 12.48
C LEU B 219 -15.45 -1.73 13.27
N ALA B 220 -14.15 -1.46 13.35
CA ALA B 220 -13.65 -0.28 14.05
C ALA B 220 -12.37 0.23 13.39
N TYR B 221 -12.21 1.53 13.52
CA TYR B 221 -11.16 2.37 13.07
C TYR B 221 -10.65 3.18 14.28
N ARG B 222 -9.35 3.37 14.27
CA ARG B 222 -8.61 4.05 15.28
C ARG B 222 -8.05 5.35 14.73
N PHE B 223 -8.42 6.40 15.44
CA PHE B 223 -7.95 7.76 15.03
C PHE B 223 -7.55 8.55 16.27
N ASP B 224 -6.24 8.67 16.45
CA ASP B 224 -5.70 9.44 17.60
C ASP B 224 -5.43 10.85 17.09
N ILE B 225 -5.64 11.83 17.95
CA ILE B 225 -5.48 13.23 17.64
C ILE B 225 -4.46 13.83 18.59
N VAL B 226 -3.58 14.63 18.05
CA VAL B 226 -2.53 15.31 18.75
C VAL B 226 -2.72 16.84 18.63
N LEU B 227 -2.91 17.42 19.82
CA LEU B 227 -3.06 18.88 19.93
C LEU B 227 -1.72 19.49 20.38
N ARG B 228 -1.60 20.80 20.16
CA ARG B 228 -0.41 21.55 20.56
C ARG B 228 -0.07 21.20 22.01
N GLY B 229 1.23 21.04 22.24
CA GLY B 229 1.76 20.69 23.57
C GLY B 229 1.54 21.86 24.53
N GLN B 230 1.12 21.49 25.74
CA GLN B 230 0.86 22.48 26.78
C GLN B 230 2.01 22.45 27.81
N ARG B 231 2.54 23.65 28.08
CA ARG B 231 3.61 23.70 29.10
C ARG B 231 3.31 24.82 30.08
N LYS B 232 4.00 24.73 31.22
CA LYS B 232 3.82 25.79 32.26
C LYS B 232 4.76 26.92 31.86
N THR B 233 4.37 28.13 32.19
CA THR B 233 5.17 29.32 31.89
C THR B 233 6.40 29.16 32.80
N HIS B 234 7.50 29.75 32.38
CA HIS B 234 8.72 29.68 33.19
C HIS B 234 9.64 30.84 32.86
N PHE B 235 10.21 31.37 33.93
CA PHE B 235 11.14 32.51 33.86
C PHE B 235 10.50 33.63 33.08
N GLU B 236 9.18 33.78 33.12
CA GLU B 236 8.57 34.85 32.33
C GLU B 236 8.74 36.25 32.88
N PRO C 1 -4.34 2.32 -9.04
CA PRO C 1 -5.35 2.68 -10.05
C PRO C 1 -4.79 2.46 -11.46
N ILE C 2 -5.66 2.59 -12.44
CA ILE C 2 -5.29 2.46 -13.85
C ILE C 2 -4.66 3.77 -14.37
N GLU C 3 -3.55 3.65 -15.03
CA GLU C 3 -2.87 4.81 -15.65
C GLU C 3 -2.81 4.58 -17.16
N LEU C 4 -3.22 5.56 -17.94
CA LEU C 4 -3.17 5.42 -19.44
C LEU C 4 -1.82 6.00 -19.88
N LEU C 5 -1.56 6.07 -21.17
CA LEU C 5 -0.32 6.74 -21.63
C LEU C 5 -0.62 8.26 -21.25
N PRO C 6 0.42 8.92 -20.87
CA PRO C 6 0.35 10.37 -20.52
C PRO C 6 0.23 11.19 -21.81
N GLU C 7 -0.60 12.21 -21.74
CA GLU C 7 -0.76 13.09 -22.92
C GLU C 7 0.53 13.84 -23.13
N THR C 8 0.88 14.09 -24.35
CA THR C 8 2.08 14.90 -24.69
C THR C 8 1.81 16.29 -24.04
N PRO C 9 2.80 16.80 -23.31
CA PRO C 9 2.72 18.09 -22.66
C PRO C 9 2.69 19.28 -23.63
N SER C 10 1.90 20.28 -23.24
CA SER C 10 1.79 21.54 -23.99
C SER C 10 3.07 22.38 -23.74
N GLN C 11 3.35 23.24 -24.69
CA GLN C 11 4.42 24.24 -24.69
C GLN C 11 3.78 25.51 -25.30
N THR C 12 4.30 26.67 -24.96
CA THR C 12 3.80 27.95 -25.51
C THR C 12 3.96 27.91 -27.04
N ALA C 13 3.09 28.65 -27.69
CA ALA C 13 3.12 28.78 -29.17
C ALA C 13 4.32 29.63 -29.58
N GLY C 14 4.76 30.48 -28.64
CA GLY C 14 5.90 31.36 -28.92
C GLY C 14 5.38 32.57 -29.74
N PRO C 15 6.29 33.53 -29.92
CA PRO C 15 6.01 34.76 -30.64
C PRO C 15 5.92 34.63 -32.15
N TYR C 16 6.52 33.57 -32.69
CA TYR C 16 6.53 33.32 -34.14
C TYR C 16 5.45 32.40 -34.61
N VAL C 17 4.41 32.19 -33.81
CA VAL C 17 3.26 31.33 -34.12
C VAL C 17 2.73 31.55 -35.52
N HIS C 18 2.74 32.80 -35.96
CA HIS C 18 2.27 33.27 -37.26
C HIS C 18 2.88 32.57 -38.45
N ILE C 19 4.18 32.34 -38.39
CA ILE C 19 4.86 31.69 -39.52
C ILE C 19 4.26 30.33 -39.83
N GLY C 20 3.69 29.69 -38.84
CA GLY C 20 3.11 28.37 -38.99
C GLY C 20 1.61 28.34 -39.12
N LEU C 21 0.92 29.23 -38.46
CA LEU C 21 -0.54 29.29 -38.42
C LEU C 21 -1.21 30.54 -38.91
N ALA C 22 -0.48 31.53 -39.32
CA ALA C 22 -1.08 32.81 -39.80
C ALA C 22 -0.02 33.50 -40.69
N LEU C 23 0.28 32.79 -41.77
CA LEU C 23 1.27 33.17 -42.76
C LEU C 23 1.28 34.64 -43.14
N GLU C 24 0.13 35.13 -43.54
CA GLU C 24 -0.04 36.54 -43.91
C GLU C 24 0.58 37.46 -42.84
N ALA C 25 0.04 37.33 -41.65
CA ALA C 25 0.44 38.10 -40.48
C ALA C 25 1.93 38.02 -40.21
N ALA C 26 2.52 36.87 -40.51
CA ALA C 26 3.96 36.63 -40.32
C ALA C 26 4.72 37.49 -41.34
N GLY C 27 3.96 37.83 -42.37
CA GLY C 27 4.46 38.62 -43.50
C GLY C 27 5.16 37.67 -44.48
N ASN C 28 4.53 36.51 -44.67
CA ASN C 28 5.04 35.48 -45.58
C ASN C 28 3.98 35.08 -46.60
N PRO C 29 4.47 34.56 -47.71
CA PRO C 29 3.61 34.06 -48.80
C PRO C 29 2.72 32.97 -48.20
N THR C 30 1.46 33.00 -48.59
CA THR C 30 0.48 32.00 -48.13
C THR C 30 0.44 30.89 -49.18
N ARG C 31 -0.19 29.81 -48.80
CA ARG C 31 -0.34 28.62 -49.67
C ARG C 31 -1.70 28.77 -50.35
N ASP C 32 -2.01 27.85 -51.24
CA ASP C 32 -3.28 27.86 -51.98
C ASP C 32 -4.46 27.94 -51.00
N GLN C 33 -4.40 27.04 -50.03
CA GLN C 33 -5.44 26.91 -49.01
C GLN C 33 -4.93 27.21 -47.62
N GLU C 34 -5.61 28.12 -46.95
CA GLU C 34 -5.30 28.56 -45.59
C GLU C 34 -6.56 28.62 -44.73
N ILE C 35 -6.39 28.34 -43.45
CA ILE C 35 -7.46 28.40 -42.45
C ILE C 35 -7.37 29.82 -41.84
N TRP C 36 -8.38 30.62 -42.13
CA TRP C 36 -8.38 32.01 -41.65
C TRP C 36 -9.62 32.44 -40.95
N ASN C 37 -9.94 33.73 -40.87
CA ASN C 37 -11.01 34.34 -40.16
C ASN C 37 -12.36 34.58 -40.76
N ARG C 38 -12.66 33.99 -41.88
CA ARG C 38 -13.95 34.15 -42.60
C ARG C 38 -14.69 32.83 -42.55
N LEU C 39 -15.51 32.60 -41.58
CA LEU C 39 -16.25 31.35 -41.41
C LEU C 39 -17.43 31.23 -42.37
N ALA C 40 -18.00 32.37 -42.71
CA ALA C 40 -19.17 32.40 -43.60
C ALA C 40 -18.93 33.20 -44.87
N LYS C 41 -19.56 32.69 -45.91
CA LYS C 41 -19.55 33.34 -47.25
C LYS C 41 -20.84 34.18 -47.27
N PRO C 42 -20.81 35.27 -48.00
CA PRO C 42 -21.93 36.18 -48.09
C PRO C 42 -23.27 35.48 -48.25
N ASP C 43 -23.25 34.39 -48.98
CA ASP C 43 -24.46 33.62 -49.27
C ASP C 43 -24.79 32.58 -48.23
N ALA C 44 -24.26 32.74 -47.03
CA ALA C 44 -24.51 31.79 -45.93
C ALA C 44 -25.70 32.30 -45.11
N PRO C 45 -26.55 31.34 -44.76
CA PRO C 45 -27.75 31.61 -43.98
C PRO C 45 -27.32 31.98 -42.56
N GLY C 46 -28.16 32.77 -41.93
CA GLY C 46 -27.95 33.23 -40.56
C GLY C 46 -27.66 34.73 -40.59
N GLU C 47 -27.59 35.29 -39.40
CA GLU C 47 -27.32 36.72 -39.24
C GLU C 47 -25.81 36.95 -39.28
N HIS C 48 -25.38 37.59 -40.34
CA HIS C 48 -23.96 37.90 -40.54
C HIS C 48 -23.52 38.94 -39.52
N ILE C 49 -22.40 38.65 -38.86
CA ILE C 49 -21.83 39.54 -37.86
C ILE C 49 -20.30 39.57 -37.98
N LEU C 50 -19.74 40.62 -37.44
CA LEU C 50 -18.33 40.89 -37.35
C LEU C 50 -18.00 40.84 -35.82
N LEU C 51 -17.01 40.06 -35.52
CA LEU C 51 -16.54 39.92 -34.12
C LEU C 51 -15.13 40.55 -34.13
N LEU C 52 -14.87 41.25 -33.05
CA LEU C 52 -13.57 41.92 -32.90
C LEU C 52 -13.27 42.07 -31.43
N GLY C 53 -11.99 42.11 -31.10
CA GLY C 53 -11.53 42.25 -29.73
C GLY C 53 -10.04 42.50 -29.63
N GLN C 54 -9.71 42.75 -28.38
CA GLN C 54 -8.37 43.02 -27.89
C GLN C 54 -8.13 42.08 -26.71
N VAL C 55 -6.87 41.78 -26.52
CA VAL C 55 -6.37 40.90 -25.47
C VAL C 55 -5.45 41.71 -24.57
N TYR C 56 -5.72 41.66 -23.29
CA TYR C 56 -5.00 42.33 -22.25
C TYR C 56 -4.29 41.41 -21.27
N ASP C 57 -3.07 41.80 -20.94
CA ASP C 57 -2.24 41.07 -19.97
C ASP C 57 -2.60 41.65 -18.59
N GLY C 58 -2.00 41.18 -17.56
CA GLY C 58 -2.19 41.56 -16.17
C GLY C 58 -1.85 42.99 -15.81
N ASN C 59 -1.08 43.68 -16.63
CA ASN C 59 -0.68 45.05 -16.43
C ASN C 59 -1.57 46.00 -17.23
N GLY C 60 -2.52 45.48 -17.94
CA GLY C 60 -3.43 46.29 -18.74
C GLY C 60 -2.89 46.52 -20.13
N HIS C 61 -1.79 45.90 -20.48
CA HIS C 61 -1.18 46.07 -21.78
C HIS C 61 -1.73 45.08 -22.81
N LEU C 62 -1.80 45.55 -24.04
CA LEU C 62 -2.27 44.75 -25.17
C LEU C 62 -1.29 43.57 -25.41
N VAL C 63 -1.87 42.47 -25.76
CA VAL C 63 -1.10 41.24 -26.14
C VAL C 63 -1.22 41.25 -27.68
N ARG C 64 -0.17 41.71 -28.31
CA ARG C 64 -0.12 41.86 -29.75
C ARG C 64 0.28 40.64 -30.54
N ASP C 65 0.71 39.58 -29.90
CA ASP C 65 1.12 38.34 -30.60
C ASP C 65 0.20 37.17 -30.33
N SER C 66 -1.03 37.46 -29.93
CA SER C 66 -1.98 36.39 -29.64
C SER C 66 -2.57 35.75 -30.89
N PHE C 67 -2.91 34.50 -30.72
CA PHE C 67 -3.50 33.66 -31.78
C PHE C 67 -4.74 32.99 -31.19
N LEU C 68 -5.82 32.98 -31.94
CA LEU C 68 -7.09 32.43 -31.54
C LEU C 68 -7.69 31.46 -32.57
N GLU C 69 -8.35 30.46 -32.01
CA GLU C 69 -9.08 29.46 -32.76
C GLU C 69 -10.50 29.46 -32.26
N VAL C 70 -11.45 29.42 -33.16
CA VAL C 70 -12.86 29.46 -32.81
C VAL C 70 -13.59 28.25 -33.36
N TRP C 71 -14.56 27.81 -32.57
CA TRP C 71 -15.44 26.67 -32.91
C TRP C 71 -16.87 27.10 -32.54
N GLN C 72 -17.72 27.08 -33.54
CA GLN C 72 -19.15 27.45 -33.37
C GLN C 72 -20.09 26.69 -34.28
N ALA C 73 -21.34 26.60 -33.80
CA ALA C 73 -22.41 25.96 -34.61
C ALA C 73 -22.83 26.99 -35.67
N ASP C 74 -23.49 26.48 -36.70
CA ASP C 74 -24.01 27.35 -37.78
C ASP C 74 -25.29 27.99 -37.21
N ALA C 75 -25.93 28.74 -38.09
CA ALA C 75 -27.18 29.45 -37.74
C ALA C 75 -28.24 28.49 -37.22
N ASN C 76 -28.23 27.25 -37.68
CA ASN C 76 -29.19 26.23 -37.24
C ASN C 76 -28.73 25.46 -36.00
N GLY C 77 -27.73 25.96 -35.30
CA GLY C 77 -27.17 25.31 -34.12
C GLY C 77 -26.58 23.96 -34.50
N GLU C 78 -25.94 23.89 -35.64
CA GLU C 78 -25.29 22.64 -36.10
C GLU C 78 -23.80 22.83 -36.36
N TYR C 79 -23.00 21.89 -35.87
CA TYR C 79 -21.54 21.94 -36.06
C TYR C 79 -21.14 21.32 -37.39
N GLN C 80 -20.54 22.15 -38.21
CA GLN C 80 -20.06 21.76 -39.55
C GLN C 80 -18.59 21.39 -39.44
N ASP C 81 -18.30 20.12 -39.17
CA ASP C 81 -16.95 19.64 -38.97
C ASP C 81 -16.15 19.34 -40.21
N ALA C 82 -16.83 19.16 -41.33
CA ALA C 82 -16.14 18.89 -42.59
C ALA C 82 -15.62 20.24 -43.11
N TYR C 83 -14.38 20.53 -42.79
CA TYR C 83 -13.74 21.77 -43.20
C TYR C 83 -13.46 21.80 -44.68
N ASN C 84 -14.00 22.82 -45.33
CA ASN C 84 -13.82 22.99 -46.79
C ASN C 84 -14.01 24.46 -47.16
N LEU C 85 -13.08 24.96 -47.94
CA LEU C 85 -13.03 26.33 -48.42
C LEU C 85 -14.17 26.62 -49.39
N GLU C 86 -14.73 25.59 -49.97
CA GLU C 86 -15.86 25.70 -50.89
C GLU C 86 -17.16 25.88 -50.09
N ASN C 87 -17.16 25.52 -48.83
CA ASN C 87 -18.34 25.65 -47.95
C ASN C 87 -18.76 27.12 -47.84
N ALA C 88 -20.05 27.29 -47.66
CA ALA C 88 -20.66 28.63 -47.48
C ALA C 88 -20.44 29.08 -46.02
N PHE C 89 -20.23 28.08 -45.19
CA PHE C 89 -20.01 28.17 -43.76
C PHE C 89 -19.12 27.03 -43.21
N ASN C 90 -18.16 27.49 -42.42
CA ASN C 90 -17.22 26.57 -41.71
C ASN C 90 -17.35 26.88 -40.21
N SER C 91 -17.47 25.87 -39.39
CA SER C 91 -17.61 26.01 -37.95
C SER C 91 -16.32 26.43 -37.24
N PHE C 92 -15.21 26.24 -37.92
CA PHE C 92 -13.85 26.52 -37.54
C PHE C 92 -13.20 27.70 -38.24
N GLY C 93 -12.49 28.46 -37.42
CA GLY C 93 -11.74 29.62 -37.89
C GLY C 93 -10.49 29.88 -37.06
N ARG C 94 -9.66 30.73 -37.62
CA ARG C 94 -8.42 31.18 -36.99
C ARG C 94 -8.31 32.69 -37.23
N THR C 95 -7.75 33.33 -36.21
CA THR C 95 -7.51 34.77 -36.21
C THR C 95 -6.32 35.09 -35.32
N ALA C 96 -5.83 36.28 -35.46
CA ALA C 96 -4.67 36.78 -34.68
C ALA C 96 -4.81 38.27 -34.47
N THR C 97 -4.12 38.81 -33.48
CA THR C 97 -4.15 40.26 -33.21
C THR C 97 -3.03 40.93 -34.01
N THR C 98 -3.38 42.12 -34.49
CA THR C 98 -2.45 42.95 -35.28
C THR C 98 -1.33 43.45 -34.36
N PHE C 99 -0.14 43.42 -34.90
CA PHE C 99 1.06 43.86 -34.15
C PHE C 99 0.91 45.35 -33.88
N ASP C 100 0.06 45.98 -34.67
CA ASP C 100 -0.18 47.43 -34.52
C ASP C 100 -1.28 47.74 -33.52
N ALA C 101 -2.53 47.67 -33.96
CA ALA C 101 -3.69 47.94 -33.10
C ALA C 101 -3.89 46.85 -32.05
N GLY C 102 -3.47 45.64 -32.38
CA GLY C 102 -3.60 44.49 -31.49
C GLY C 102 -5.04 44.02 -31.36
N GLU C 103 -5.77 44.18 -32.45
CA GLU C 103 -7.20 43.79 -32.51
C GLU C 103 -7.39 42.65 -33.51
N TRP C 104 -8.22 41.69 -33.18
CA TRP C 104 -8.50 40.54 -34.07
C TRP C 104 -9.90 40.71 -34.64
N THR C 105 -10.18 40.10 -35.76
CA THR C 105 -11.50 40.14 -36.37
C THR C 105 -11.83 38.76 -36.91
N LEU C 106 -13.13 38.54 -36.95
CA LEU C 106 -13.69 37.25 -37.44
C LEU C 106 -14.99 37.62 -38.17
N HIS C 107 -15.18 37.02 -39.30
CA HIS C 107 -16.41 37.24 -40.11
C HIS C 107 -17.18 35.92 -40.02
N THR C 108 -18.34 35.95 -39.40
CA THR C 108 -19.15 34.71 -39.23
C THR C 108 -20.64 35.07 -39.14
N VAL C 109 -21.41 34.13 -38.65
CA VAL C 109 -22.84 34.23 -38.43
C VAL C 109 -23.10 33.93 -36.93
N LYS C 110 -24.18 34.45 -36.42
CA LYS C 110 -24.59 34.21 -35.02
C LYS C 110 -25.04 32.75 -34.93
N PRO C 111 -24.40 32.01 -34.02
CA PRO C 111 -24.65 30.61 -33.84
C PRO C 111 -26.05 30.32 -33.29
N GLY C 112 -26.61 29.20 -33.76
CA GLY C 112 -27.91 28.70 -33.32
C GLY C 112 -27.64 27.98 -31.97
N VAL C 113 -28.68 27.63 -31.31
CA VAL C 113 -28.71 26.97 -30.02
C VAL C 113 -28.39 25.49 -30.11
N VAL C 114 -27.62 24.99 -29.15
CA VAL C 114 -27.21 23.59 -29.05
C VAL C 114 -27.49 23.16 -27.60
N ASN C 115 -27.86 21.93 -27.46
CA ASN C 115 -28.18 21.34 -26.14
C ASN C 115 -26.92 20.71 -25.52
N ASN C 116 -26.92 20.72 -24.22
CA ASN C 116 -25.80 20.11 -23.47
C ASN C 116 -26.11 18.60 -23.47
N ALA C 117 -25.23 17.86 -22.82
CA ALA C 117 -25.32 16.41 -22.71
C ALA C 117 -26.61 15.98 -22.04
N ALA C 118 -27.12 16.76 -21.09
CA ALA C 118 -28.38 16.43 -20.42
C ALA C 118 -29.60 16.95 -21.19
N GLY C 119 -29.44 17.39 -22.40
CA GLY C 119 -30.54 17.91 -23.22
C GLY C 119 -30.99 19.31 -22.92
N VAL C 120 -30.29 20.08 -22.11
CA VAL C 120 -30.66 21.48 -21.77
C VAL C 120 -29.98 22.40 -22.79
N PRO C 121 -30.72 23.33 -23.36
CA PRO C 121 -30.19 24.26 -24.34
C PRO C 121 -29.21 25.24 -23.66
N MET C 122 -28.15 25.49 -24.41
CA MET C 122 -27.08 26.43 -24.02
C MET C 122 -27.34 27.71 -24.85
N ALA C 123 -27.03 28.86 -24.29
CA ALA C 123 -27.27 30.14 -25.07
C ALA C 123 -26.31 30.13 -26.24
N PRO C 124 -26.63 30.80 -27.32
CA PRO C 124 -25.71 30.85 -28.50
C PRO C 124 -24.33 31.25 -27.99
N HIS C 125 -23.30 30.53 -28.45
CA HIS C 125 -21.93 30.86 -28.00
C HIS C 125 -20.92 30.36 -29.02
N ILE C 126 -19.75 31.00 -28.89
CA ILE C 126 -18.57 30.69 -29.71
C ILE C 126 -17.49 30.18 -28.75
N ASN C 127 -16.91 29.06 -29.10
CA ASN C 127 -15.84 28.47 -28.22
C ASN C 127 -14.53 29.10 -28.74
N ILE C 128 -13.72 29.52 -27.80
CA ILE C 128 -12.44 30.15 -28.11
C ILE C 128 -11.27 29.52 -27.38
N SER C 129 -10.18 29.41 -28.10
CA SER C 129 -8.89 28.90 -27.60
C SER C 129 -7.87 30.01 -27.94
N LEU C 130 -7.22 30.44 -26.92
CA LEU C 130 -6.19 31.50 -27.02
C LEU C 130 -4.79 30.95 -26.77
N PHE C 131 -3.89 31.34 -27.65
CA PHE C 131 -2.49 30.90 -27.62
C PHE C 131 -1.60 32.15 -27.79
N ALA C 132 -0.46 32.12 -27.17
CA ALA C 132 0.51 33.18 -27.26
C ALA C 132 1.75 32.83 -26.44
N ARG C 133 2.69 33.68 -26.69
CA ARG C 133 4.01 33.71 -26.00
C ARG C 133 3.61 34.04 -24.53
N GLY C 134 4.16 33.31 -23.60
CA GLY C 134 3.87 33.49 -22.18
C GLY C 134 2.73 32.62 -21.73
N ILE C 135 2.05 31.97 -22.66
CA ILE C 135 0.93 31.07 -22.36
C ILE C 135 1.41 29.64 -22.56
N ASN C 136 1.64 28.94 -21.49
CA ASN C 136 2.17 27.58 -21.48
C ASN C 136 1.26 26.54 -22.08
N ILE C 137 0.01 26.68 -21.76
CA ILE C 137 -1.12 25.85 -22.20
C ILE C 137 -2.25 26.81 -22.53
N HIS C 138 -2.84 26.61 -23.69
CA HIS C 138 -3.88 27.48 -24.22
C HIS C 138 -5.06 27.62 -23.28
N LEU C 139 -5.69 28.79 -23.37
CA LEU C 139 -6.84 29.13 -22.53
C LEU C 139 -8.16 28.96 -23.31
N HIS C 140 -9.08 28.32 -22.60
CA HIS C 140 -10.41 28.06 -23.15
C HIS C 140 -11.42 29.07 -22.54
N THR C 141 -12.23 29.61 -23.44
CA THR C 141 -13.32 30.51 -23.05
C THR C 141 -14.51 30.38 -24.00
N ARG C 142 -15.59 31.10 -23.66
CA ARG C 142 -16.77 31.16 -24.49
C ARG C 142 -17.18 32.63 -24.69
N LEU C 143 -17.66 32.90 -25.88
CA LEU C 143 -18.20 34.24 -26.21
C LEU C 143 -19.74 34.10 -26.30
N TYR C 144 -20.41 34.85 -25.45
CA TYR C 144 -21.88 34.92 -25.41
C TYR C 144 -22.24 36.33 -25.91
N PHE C 145 -23.49 36.50 -26.29
CA PHE C 145 -24.01 37.76 -26.85
C PHE C 145 -24.94 38.49 -25.89
N ASP C 146 -24.71 39.78 -25.74
CA ASP C 146 -25.49 40.61 -24.83
C ASP C 146 -26.96 40.74 -25.23
N ASP C 147 -27.29 40.50 -26.46
CA ASP C 147 -28.67 40.60 -26.92
C ASP C 147 -29.42 39.28 -26.75
N GLU C 148 -28.85 38.35 -26.03
CA GLU C 148 -29.46 37.05 -25.75
C GLU C 148 -29.60 36.86 -24.25
N ALA C 149 -29.91 37.95 -23.58
CA ALA C 149 -30.06 37.96 -22.12
C ALA C 149 -30.95 36.84 -21.64
N GLN C 150 -32.10 36.63 -22.28
CA GLN C 150 -33.04 35.58 -21.88
C GLN C 150 -32.40 34.21 -21.87
N ALA C 151 -31.74 33.89 -22.97
CA ALA C 151 -31.05 32.58 -23.11
C ALA C 151 -29.86 32.47 -22.16
N ASN C 152 -29.11 33.54 -22.09
CA ASN C 152 -27.95 33.66 -21.25
C ASN C 152 -28.29 33.35 -19.79
N ALA C 153 -29.43 33.88 -19.36
CA ALA C 153 -29.83 33.71 -17.96
C ALA C 153 -30.07 32.26 -17.61
N LYS C 154 -30.41 31.48 -18.62
CA LYS C 154 -30.72 30.08 -18.42
C LYS C 154 -29.67 29.08 -18.82
N CYS C 155 -28.52 29.50 -19.33
CA CYS C 155 -27.46 28.61 -19.75
C CYS C 155 -26.91 27.75 -18.62
N PRO C 156 -26.92 26.46 -18.86
CA PRO C 156 -26.38 25.50 -17.88
C PRO C 156 -24.88 25.74 -17.69
N VAL C 157 -24.19 26.29 -18.65
CA VAL C 157 -22.75 26.55 -18.58
C VAL C 157 -22.43 27.85 -17.84
N LEU C 158 -23.08 28.90 -18.27
CA LEU C 158 -22.92 30.24 -17.65
C LEU C 158 -23.27 30.13 -16.18
N ASN C 159 -24.26 29.30 -15.86
CA ASN C 159 -24.72 29.08 -14.49
C ASN C 159 -23.75 28.31 -13.64
N LEU C 160 -22.72 27.71 -14.21
CA LEU C 160 -21.72 26.96 -13.45
C LEU C 160 -20.75 27.92 -12.77
N ILE C 161 -20.67 29.13 -13.31
CA ILE C 161 -19.80 30.16 -12.75
C ILE C 161 -20.52 30.68 -11.49
N GLU C 162 -19.91 30.32 -10.39
CA GLU C 162 -20.35 30.67 -9.05
C GLU C 162 -20.72 32.11 -8.85
N GLN C 163 -19.89 33.05 -9.22
CA GLN C 163 -20.14 34.49 -9.04
C GLN C 163 -20.69 35.14 -10.31
N PRO C 164 -21.90 35.65 -10.18
CA PRO C 164 -22.62 36.34 -11.25
C PRO C 164 -21.83 37.40 -11.97
N GLN C 165 -21.00 38.14 -11.25
CA GLN C 165 -20.19 39.23 -11.82
C GLN C 165 -19.18 38.67 -12.81
N ARG C 166 -18.79 37.43 -12.52
CA ARG C 166 -17.79 36.74 -13.35
C ARG C 166 -18.41 36.32 -14.67
N ARG C 167 -19.71 36.10 -14.65
CA ARG C 167 -20.43 35.67 -15.88
C ARG C 167 -20.40 36.75 -16.94
N GLU C 168 -20.46 37.99 -16.47
CA GLU C 168 -20.47 39.14 -17.38
C GLU C 168 -19.23 39.29 -18.22
N THR C 169 -18.13 38.66 -17.81
CA THR C 169 -16.86 38.69 -18.56
C THR C 169 -16.96 37.92 -19.87
N LEU C 170 -17.94 37.05 -19.98
CA LEU C 170 -18.18 36.25 -21.17
C LEU C 170 -19.17 36.85 -22.13
N ILE C 171 -19.71 38.02 -21.85
CA ILE C 171 -20.72 38.61 -22.76
C ILE C 171 -20.20 39.67 -23.68
N ALA C 172 -20.19 39.40 -24.97
CA ALA C 172 -19.78 40.32 -26.02
C ALA C 172 -20.84 41.44 -26.18
N LYS C 173 -20.34 42.64 -26.37
CA LYS C 173 -21.18 43.84 -26.51
C LYS C 173 -21.44 44.16 -27.96
N ARG C 174 -22.72 44.15 -28.28
CA ARG C 174 -23.20 44.45 -29.63
C ARG C 174 -22.89 45.93 -29.93
N CYS C 175 -22.42 46.15 -31.11
CA CYS C 175 -22.02 47.44 -31.66
C CYS C 175 -22.22 47.36 -33.17
N GLU C 176 -21.76 48.37 -33.85
CA GLU C 176 -21.85 48.42 -35.33
C GLU C 176 -20.53 48.97 -35.82
N VAL C 177 -20.04 48.39 -36.88
CA VAL C 177 -18.75 48.76 -37.52
C VAL C 177 -19.14 48.94 -39.00
N ASP C 178 -19.04 50.18 -39.45
CA ASP C 178 -19.45 50.58 -40.80
C ASP C 178 -20.90 50.19 -41.07
N GLY C 179 -21.73 50.49 -40.07
CA GLY C 179 -23.17 50.20 -40.13
C GLY C 179 -23.44 48.73 -40.28
N LYS C 180 -22.54 47.92 -39.76
CA LYS C 180 -22.69 46.44 -39.81
C LYS C 180 -22.69 45.94 -38.37
N THR C 181 -23.55 44.98 -38.10
CA THR C 181 -23.64 44.39 -36.76
C THR C 181 -22.30 43.71 -36.40
N ALA C 182 -21.80 44.12 -35.26
CA ALA C 182 -20.54 43.66 -34.67
C ALA C 182 -20.74 43.46 -33.17
N TYR C 183 -19.82 42.69 -32.61
CA TYR C 183 -19.82 42.39 -31.17
C TYR C 183 -18.33 42.45 -30.75
N ARG C 184 -18.12 43.15 -29.68
CA ARG C 184 -16.79 43.31 -29.12
C ARG C 184 -16.65 42.39 -27.89
N PHE C 185 -15.59 41.62 -27.99
CA PHE C 185 -15.22 40.63 -26.98
C PHE C 185 -13.75 40.80 -26.62
N ASP C 186 -13.54 41.52 -25.55
CA ASP C 186 -12.18 41.77 -25.02
C ASP C 186 -11.90 40.65 -24.01
N ILE C 187 -10.67 40.18 -24.02
CA ILE C 187 -10.19 39.15 -23.12
C ILE C 187 -9.15 39.79 -22.15
N ARG C 188 -9.35 39.60 -20.89
CA ARG C 188 -8.41 40.14 -19.86
C ARG C 188 -7.82 38.88 -19.24
N ILE C 189 -6.56 38.62 -19.54
CA ILE C 189 -5.90 37.39 -19.09
C ILE C 189 -5.78 37.33 -17.59
N GLN C 190 -5.47 38.49 -17.02
CA GLN C 190 -5.27 38.53 -15.55
C GLN C 190 -5.70 39.84 -14.95
N GLY C 191 -6.07 39.79 -13.66
CA GLY C 191 -6.45 40.95 -12.91
C GLY C 191 -7.91 41.32 -12.93
N GLU C 192 -8.10 42.62 -12.81
CA GLU C 192 -9.41 43.30 -12.75
C GLU C 192 -10.22 42.97 -14.00
N GLY C 193 -11.37 42.37 -13.77
CA GLY C 193 -12.26 41.94 -14.89
C GLY C 193 -11.69 40.75 -15.62
N GLU C 194 -10.85 39.96 -14.98
CA GLU C 194 -10.21 38.79 -15.61
C GLU C 194 -11.31 37.88 -16.19
N THR C 195 -11.15 37.54 -17.44
CA THR C 195 -12.09 36.65 -18.14
C THR C 195 -12.08 35.25 -17.56
N VAL C 196 -13.26 34.68 -17.45
CA VAL C 196 -13.47 33.30 -17.01
C VAL C 196 -12.81 32.40 -18.12
N PHE C 197 -12.09 31.42 -17.65
CA PHE C 197 -11.41 30.44 -18.53
C PHE C 197 -11.88 29.06 -17.94
N PHE C 198 -12.05 28.16 -18.84
CA PHE C 198 -12.57 26.83 -18.56
C PHE C 198 -11.57 25.71 -18.73
N ASP C 199 -11.96 24.65 -18.05
CA ASP C 199 -11.32 23.33 -18.02
C ASP C 199 -12.45 22.35 -18.38
N PHE C 200 -12.14 21.45 -19.28
CA PHE C 200 -12.98 20.43 -19.80
C PHE C 200 -12.13 19.29 -20.47
N PRO D 1 -23.63 16.81 -39.81
CA PRO D 1 -23.01 17.65 -38.74
C PRO D 1 -22.37 16.71 -37.71
N ALA D 2 -21.53 17.30 -36.87
CA ALA D 2 -20.83 16.55 -35.82
C ALA D 2 -21.83 16.15 -34.74
N GLN D 3 -21.52 15.06 -34.07
CA GLN D 3 -22.37 14.50 -33.03
C GLN D 3 -21.60 14.20 -31.75
N ASP D 4 -22.30 14.35 -30.66
CA ASP D 4 -21.79 14.12 -29.31
C ASP D 4 -21.84 12.61 -29.02
N ASN D 5 -20.80 11.90 -29.40
CA ASN D 5 -20.72 10.46 -29.13
C ASN D 5 -19.52 10.11 -28.28
N SER D 6 -18.60 11.03 -28.07
CA SER D 6 -17.38 10.81 -27.31
C SER D 6 -17.18 11.67 -26.06
N ARG D 7 -16.32 11.16 -25.21
CA ARG D 7 -15.88 11.80 -23.97
C ARG D 7 -14.34 11.72 -24.03
N PHE D 8 -13.68 12.71 -23.48
CA PHE D 8 -12.21 12.74 -23.50
C PHE D 8 -11.70 12.65 -22.08
N VAL D 9 -10.62 11.87 -21.90
CA VAL D 9 -10.03 11.72 -20.57
C VAL D 9 -9.62 13.13 -20.10
N ILE D 10 -9.96 13.44 -18.87
CA ILE D 10 -9.64 14.74 -18.26
C ILE D 10 -8.14 14.99 -18.28
N ARG D 11 -7.76 16.20 -18.66
CA ARG D 11 -6.35 16.57 -18.69
C ARG D 11 -5.77 16.55 -17.27
N ASP D 12 -4.52 16.16 -17.23
CA ASP D 12 -3.73 16.15 -15.98
C ASP D 12 -2.94 17.48 -15.99
N ARG D 13 -3.54 18.45 -15.32
CA ARG D 13 -2.98 19.80 -15.22
C ARG D 13 -1.72 19.96 -14.43
N ASN D 14 -1.26 18.86 -13.86
CA ASN D 14 0.00 18.78 -13.11
C ASN D 14 1.07 18.14 -13.99
N TRP D 15 0.63 17.50 -15.07
CA TRP D 15 1.56 16.86 -16.04
C TRP D 15 2.03 17.99 -17.01
N HIS D 16 0.98 18.70 -17.43
CA HIS D 16 1.23 19.87 -18.31
C HIS D 16 1.89 20.97 -17.43
N PRO D 17 2.54 21.90 -18.10
CA PRO D 17 3.15 23.07 -17.42
C PRO D 17 2.02 23.91 -16.82
N LYS D 18 2.30 24.52 -15.69
CA LYS D 18 1.31 25.41 -15.05
C LYS D 18 1.37 26.73 -15.86
N ALA D 19 0.38 27.56 -15.58
CA ALA D 19 0.26 28.87 -16.21
C ALA D 19 1.36 29.85 -15.74
N LEU D 20 1.56 29.88 -14.44
CA LEU D 20 2.52 30.76 -13.80
C LEU D 20 3.84 30.05 -13.50
N THR D 21 4.83 30.32 -14.29
CA THR D 21 6.18 29.72 -14.14
C THR D 21 7.14 30.90 -14.29
N PRO D 22 7.39 31.60 -13.18
CA PRO D 22 8.17 32.80 -13.16
C PRO D 22 9.49 32.84 -13.88
N ASP D 23 10.23 31.75 -13.97
CA ASP D 23 11.53 31.77 -14.70
C ASP D 23 11.32 32.13 -16.16
N TYR D 24 10.14 31.81 -16.64
CA TYR D 24 9.72 32.14 -18.00
C TYR D 24 8.90 33.44 -17.79
N LYS D 25 9.62 34.53 -17.80
CA LYS D 25 9.18 35.90 -17.57
C LYS D 25 7.84 36.31 -18.07
N THR D 26 7.57 36.18 -19.34
CA THR D 26 6.33 36.54 -19.99
C THR D 26 5.12 35.87 -19.38
N SER D 27 5.29 34.72 -18.79
CA SER D 27 4.19 33.98 -18.19
C SER D 27 3.63 34.70 -16.96
N ILE D 28 4.40 35.58 -16.38
CA ILE D 28 4.01 36.33 -15.18
C ILE D 28 2.72 37.13 -15.40
N ALA D 29 2.76 37.95 -16.42
CA ALA D 29 1.67 38.83 -16.80
C ALA D 29 0.64 38.20 -17.69
N ARG D 30 0.96 37.05 -18.28
CA ARG D 30 0.03 36.33 -19.15
C ARG D 30 -0.60 35.07 -18.61
N SER D 31 -0.74 34.96 -17.32
CA SER D 31 -1.35 33.82 -16.63
C SER D 31 -2.52 34.30 -15.78
N PRO D 32 -3.62 33.57 -15.82
CA PRO D 32 -4.79 33.93 -15.00
C PRO D 32 -4.39 33.83 -13.52
N ARG D 33 -5.17 34.44 -12.68
CA ARG D 33 -4.95 34.43 -11.22
C ARG D 33 -6.16 33.73 -10.61
N GLN D 34 -7.23 33.70 -11.37
CA GLN D 34 -8.47 33.02 -10.94
C GLN D 34 -8.36 31.56 -11.41
N ALA D 35 -8.97 30.66 -10.67
CA ALA D 35 -8.95 29.22 -11.02
C ALA D 35 -9.81 29.00 -12.27
N LEU D 36 -9.46 28.04 -13.07
CA LEU D 36 -10.23 27.68 -14.29
C LEU D 36 -11.58 27.10 -13.79
N VAL D 37 -12.60 27.29 -14.54
CA VAL D 37 -13.94 26.73 -14.14
C VAL D 37 -14.15 25.42 -14.92
N SER D 38 -14.38 24.36 -14.15
CA SER D 38 -14.60 23.04 -14.75
C SER D 38 -16.05 23.00 -15.29
N ILE D 39 -16.16 22.45 -16.48
CA ILE D 39 -17.48 22.31 -17.12
C ILE D 39 -17.56 20.90 -17.70
N PRO D 40 -18.76 20.38 -17.72
CA PRO D 40 -19.00 19.03 -18.28
C PRO D 40 -18.79 19.11 -19.81
N GLN D 41 -18.38 17.99 -20.38
CA GLN D 41 -18.22 17.91 -21.84
C GLN D 41 -19.59 17.90 -22.51
N SER D 42 -19.72 18.65 -23.57
CA SER D 42 -20.93 18.77 -24.39
C SER D 42 -20.47 18.68 -25.86
N ILE D 43 -21.40 18.76 -26.79
CA ILE D 43 -21.09 18.70 -28.22
C ILE D 43 -20.08 19.77 -28.66
N SER D 44 -20.14 20.91 -27.99
CA SER D 44 -19.32 22.06 -28.22
C SER D 44 -17.85 21.71 -28.01
N GLU D 45 -17.58 20.92 -26.97
CA GLU D 45 -16.22 20.54 -26.65
C GLU D 45 -15.73 19.21 -27.20
N THR D 46 -16.63 18.32 -27.56
CA THR D 46 -16.27 16.98 -28.02
C THR D 46 -16.20 16.80 -29.51
N THR D 47 -16.42 17.85 -30.24
CA THR D 47 -16.39 17.91 -31.68
C THR D 47 -15.27 18.84 -32.09
N GLY D 48 -14.90 18.84 -33.35
CA GLY D 48 -13.81 19.64 -33.90
C GLY D 48 -13.80 19.40 -35.42
N PRO D 49 -13.06 20.25 -36.09
CA PRO D 49 -12.95 20.19 -37.54
C PRO D 49 -12.12 19.03 -38.00
N ASN D 50 -12.56 18.52 -39.14
CA ASN D 50 -11.87 17.42 -39.85
C ASN D 50 -11.25 18.14 -41.07
N PHE D 51 -9.98 17.97 -41.27
CA PHE D 51 -9.23 18.59 -42.34
C PHE D 51 -8.99 17.72 -43.56
N SER D 52 -9.72 16.62 -43.66
CA SER D 52 -9.66 15.68 -44.74
C SER D 52 -9.77 16.32 -46.11
N HIS D 53 -10.60 17.32 -46.24
CA HIS D 53 -10.82 17.99 -47.51
C HIS D 53 -10.02 19.23 -47.74
N LEU D 54 -9.10 19.58 -46.85
CA LEU D 54 -8.29 20.81 -47.11
C LEU D 54 -7.41 20.47 -48.33
N GLY D 55 -7.18 21.45 -49.17
CA GLY D 55 -6.37 21.25 -50.37
C GLY D 55 -4.90 21.38 -50.10
N PHE D 56 -4.25 20.28 -49.74
CA PHE D 56 -2.81 20.28 -49.46
C PHE D 56 -1.97 20.23 -50.75
N GLY D 57 -0.95 21.05 -50.75
CA GLY D 57 0.01 21.14 -51.84
C GLY D 57 0.96 19.93 -51.68
N ALA D 58 1.55 19.61 -52.83
CA ALA D 58 2.49 18.54 -53.04
C ALA D 58 3.69 18.59 -52.11
N HIS D 59 4.17 19.78 -51.77
CA HIS D 59 5.32 19.86 -50.87
C HIS D 59 4.99 20.51 -49.54
N ASP D 60 3.77 20.40 -49.11
CA ASP D 60 3.29 21.01 -47.86
C ASP D 60 4.11 20.59 -46.67
N HIS D 61 4.49 19.31 -46.68
CA HIS D 61 5.25 18.66 -45.66
C HIS D 61 6.74 18.61 -45.90
N ASP D 62 7.21 19.12 -47.02
CA ASP D 62 8.63 19.09 -47.40
C ASP D 62 9.23 20.51 -47.42
N LEU D 63 9.87 20.84 -46.29
CA LEU D 63 10.51 22.15 -46.09
C LEU D 63 11.75 22.36 -46.94
N LEU D 64 12.23 21.28 -47.54
CA LEU D 64 13.41 21.34 -48.43
C LEU D 64 13.01 21.92 -49.77
N LEU D 65 11.73 21.77 -50.15
CA LEU D 65 11.24 22.29 -51.40
C LEU D 65 10.09 23.30 -51.35
N ASN D 66 9.36 23.46 -50.28
CA ASN D 66 8.18 24.31 -50.25
C ASN D 66 8.41 25.80 -50.20
N PHE D 67 9.61 26.32 -50.20
CA PHE D 67 9.80 27.78 -50.10
C PHE D 67 10.35 28.28 -51.47
N GLY D 71 17.16 26.64 -55.13
CA GLY D 71 18.18 25.91 -54.40
C GLY D 71 17.64 25.19 -53.18
N LEU D 72 18.55 24.51 -52.53
CA LEU D 72 18.41 23.73 -51.32
C LEU D 72 18.88 24.59 -50.13
N PRO D 73 18.19 24.40 -49.04
CA PRO D 73 18.57 25.10 -47.78
C PRO D 73 19.86 24.47 -47.24
N ILE D 74 20.58 25.29 -46.48
CA ILE D 74 21.84 24.86 -45.84
C ILE D 74 21.47 24.31 -44.46
N GLY D 75 22.06 23.23 -44.03
CA GLY D 75 21.75 22.62 -42.72
C GLY D 75 21.60 21.11 -42.83
N GLU D 76 21.47 20.49 -41.68
CA GLU D 76 21.34 19.04 -41.53
C GLU D 76 19.97 18.57 -42.02
N ARG D 77 20.08 17.86 -43.13
CA ARG D 77 18.85 17.29 -43.76
C ARG D 77 18.36 16.18 -42.81
N ILE D 78 17.10 16.27 -42.46
CA ILE D 78 16.45 15.31 -41.59
C ILE D 78 14.97 15.13 -41.93
N ILE D 79 14.56 13.93 -41.56
CA ILE D 79 13.15 13.53 -41.68
C ILE D 79 12.64 13.56 -40.21
N VAL D 80 11.48 14.09 -39.99
CA VAL D 80 10.88 14.07 -38.66
C VAL D 80 9.57 13.26 -38.93
N ALA D 81 9.47 12.12 -38.31
CA ALA D 81 8.31 11.26 -38.50
C ALA D 81 7.86 10.70 -37.16
N GLY D 82 6.61 10.22 -37.13
CA GLY D 82 6.07 9.63 -35.89
C GLY D 82 4.61 9.34 -36.08
N ARG D 83 4.03 8.94 -34.98
CA ARG D 83 2.61 8.55 -35.01
C ARG D 83 1.83 9.33 -33.97
N VAL D 84 0.55 9.60 -34.28
CA VAL D 84 -0.32 10.28 -33.30
C VAL D 84 -1.30 9.23 -32.79
N VAL D 85 -1.27 9.00 -31.49
CA VAL D 85 -2.15 8.07 -30.80
C VAL D 85 -2.85 8.82 -29.66
N ASP D 86 -3.86 8.23 -29.11
CA ASP D 86 -4.62 8.75 -27.95
C ASP D 86 -4.09 7.98 -26.72
N GLN D 87 -4.52 8.34 -25.55
CA GLN D 87 -4.09 7.73 -24.30
C GLN D 87 -4.32 6.24 -24.23
N TYR D 88 -5.29 5.74 -24.98
CA TYR D 88 -5.61 4.31 -25.03
C TYR D 88 -4.64 3.59 -25.95
N GLY D 89 -3.86 4.31 -26.74
CA GLY D 89 -2.91 3.69 -27.69
C GLY D 89 -3.52 3.58 -29.08
N LYS D 90 -4.69 4.15 -29.26
CA LYS D 90 -5.44 4.16 -30.52
C LYS D 90 -4.97 5.26 -31.45
N PRO D 91 -4.68 4.89 -32.70
CA PRO D 91 -4.20 5.80 -33.72
C PRO D 91 -5.24 6.89 -33.97
N VAL D 92 -4.75 8.04 -34.40
CA VAL D 92 -5.59 9.21 -34.76
C VAL D 92 -5.33 9.48 -36.24
N PRO D 93 -6.19 8.89 -37.06
CA PRO D 93 -6.06 9.02 -38.52
C PRO D 93 -6.67 10.32 -39.02
N ASN D 94 -6.18 10.77 -40.16
CA ASN D 94 -6.59 11.96 -40.86
C ASN D 94 -6.66 13.20 -39.96
N THR D 95 -5.60 13.40 -39.21
CA THR D 95 -5.49 14.54 -38.29
C THR D 95 -4.51 15.55 -38.83
N LEU D 96 -4.72 16.82 -38.48
CA LEU D 96 -3.85 17.88 -38.97
C LEU D 96 -2.65 18.11 -38.06
N VAL D 97 -1.47 17.99 -38.65
CA VAL D 97 -0.22 18.22 -37.98
C VAL D 97 0.47 19.41 -38.69
N GLU D 98 0.72 20.44 -37.94
CA GLU D 98 1.39 21.65 -38.46
C GLU D 98 2.64 21.90 -37.64
N MET D 99 3.66 22.42 -38.29
CA MET D 99 4.96 22.70 -37.61
C MET D 99 5.62 23.93 -38.23
N TRP D 100 6.45 24.58 -37.48
CA TRP D 100 7.20 25.77 -37.85
C TRP D 100 8.48 25.78 -37.03
N GLN D 101 9.52 26.38 -37.60
CA GLN D 101 10.85 26.37 -36.89
C GLN D 101 11.73 27.46 -37.50
N ALA D 102 12.89 27.60 -36.87
CA ALA D 102 13.92 28.55 -37.35
C ALA D 102 14.75 27.78 -38.41
N ASN D 103 15.68 28.52 -38.99
CA ASN D 103 16.60 27.92 -39.98
C ASN D 103 17.79 27.31 -39.19
N ALA D 104 18.76 26.83 -39.94
CA ALA D 104 19.95 26.19 -39.38
C ALA D 104 20.77 27.04 -38.42
N GLY D 105 20.69 28.36 -38.57
CA GLY D 105 21.43 29.31 -37.77
C GLY D 105 20.62 29.83 -36.57
N GLY D 106 19.37 29.43 -36.50
CA GLY D 106 18.43 29.82 -35.45
C GLY D 106 17.65 31.07 -35.80
N ARG D 107 17.56 31.43 -37.04
CA ARG D 107 16.80 32.58 -37.54
C ARG D 107 15.41 32.19 -38.07
N TYR D 108 14.39 32.86 -37.59
CA TYR D 108 13.00 32.66 -38.04
C TYR D 108 12.70 33.66 -39.17
N ARG D 109 11.89 33.23 -40.08
CA ARG D 109 11.41 34.03 -41.23
C ARG D 109 10.08 34.69 -40.79
N HIS D 110 10.29 35.69 -39.94
CA HIS D 110 9.24 36.48 -39.30
C HIS D 110 9.77 37.91 -39.04
N LYS D 111 8.94 38.86 -39.35
CA LYS D 111 9.21 40.29 -39.21
C LYS D 111 9.90 40.61 -37.88
N ASN D 112 9.28 40.11 -36.83
CA ASN D 112 9.73 40.34 -35.47
C ASN D 112 11.06 39.72 -35.11
N ASP D 113 11.64 38.87 -35.94
CA ASP D 113 12.92 38.23 -35.54
C ASP D 113 14.09 39.09 -35.97
N ARG D 114 14.79 39.60 -34.95
CA ARG D 114 15.95 40.48 -35.16
C ARG D 114 17.30 39.80 -34.92
N TYR D 115 17.32 38.50 -34.71
CA TYR D 115 18.58 37.78 -34.44
C TYR D 115 19.49 38.00 -35.63
N LEU D 116 20.75 38.28 -35.33
CA LEU D 116 21.78 38.55 -36.32
C LEU D 116 22.10 37.41 -37.25
N ALA D 117 21.74 36.17 -36.96
CA ALA D 117 22.03 35.07 -37.94
C ALA D 117 21.15 35.38 -39.17
N PRO D 118 21.74 35.12 -40.34
CA PRO D 118 21.05 35.37 -41.60
C PRO D 118 19.94 34.42 -41.94
N LEU D 119 19.07 34.91 -42.83
CA LEU D 119 17.95 34.10 -43.35
C LEU D 119 18.55 33.20 -44.44
N ASP D 120 17.84 32.10 -44.70
CA ASP D 120 18.25 31.15 -45.75
C ASP D 120 17.25 31.38 -46.90
N PRO D 121 17.78 31.87 -48.00
CA PRO D 121 17.01 32.17 -49.19
C PRO D 121 16.17 31.02 -49.70
N ASN D 122 16.56 29.79 -49.44
CA ASN D 122 15.81 28.61 -49.86
C ASN D 122 15.03 27.98 -48.71
N PHE D 123 14.78 28.72 -47.65
CA PHE D 123 14.08 28.12 -46.50
C PHE D 123 13.01 29.01 -45.90
N GLY D 124 11.82 28.44 -45.80
CA GLY D 124 10.65 29.09 -45.24
C GLY D 124 10.43 28.75 -43.76
N GLY D 125 10.30 27.49 -43.43
CA GLY D 125 10.09 27.06 -42.04
C GLY D 125 8.70 26.63 -41.65
N VAL D 126 7.79 26.36 -42.58
CA VAL D 126 6.45 25.91 -42.27
C VAL D 126 6.12 24.58 -42.98
N GLY D 127 5.39 23.72 -42.29
CA GLY D 127 4.96 22.44 -42.90
C GLY D 127 3.62 22.01 -42.30
N ARG D 128 2.89 21.20 -42.99
CA ARG D 128 1.58 20.66 -42.57
C ARG D 128 1.46 19.28 -43.21
N CYS D 129 0.85 18.38 -42.51
CA CYS D 129 0.71 16.97 -43.00
C CYS D 129 -0.53 16.40 -42.30
N LEU D 130 -1.34 15.72 -43.07
CA LEU D 130 -2.53 15.05 -42.48
C LEU D 130 -2.04 13.63 -42.17
N THR D 131 -2.29 13.10 -41.03
CA THR D 131 -1.84 11.74 -40.67
C THR D 131 -2.60 10.72 -41.54
N ASP D 132 -1.98 9.59 -41.71
CA ASP D 132 -2.59 8.52 -42.56
C ASP D 132 -3.49 7.67 -41.70
N SER D 133 -4.00 6.60 -42.30
CA SER D 133 -4.88 5.65 -41.63
C SER D 133 -4.27 5.14 -40.34
N ASP D 134 -2.96 5.06 -40.28
CA ASP D 134 -2.31 4.53 -39.07
C ASP D 134 -1.83 5.58 -38.09
N GLY D 135 -2.12 6.83 -38.37
CA GLY D 135 -1.73 7.94 -37.52
C GLY D 135 -0.30 8.38 -37.77
N TYR D 136 0.27 8.04 -38.90
CA TYR D 136 1.62 8.42 -39.24
C TYR D 136 1.67 9.76 -39.98
N TYR D 137 2.72 10.50 -39.68
CA TYR D 137 2.99 11.79 -40.30
C TYR D 137 4.52 11.77 -40.57
N SER D 138 4.90 12.66 -41.43
CA SER D 138 6.33 12.80 -41.73
C SER D 138 6.56 14.15 -42.38
N PHE D 139 7.73 14.66 -42.10
CA PHE D 139 8.19 15.94 -42.61
C PHE D 139 9.68 15.77 -42.98
N ARG D 140 10.03 16.63 -43.92
CA ARG D 140 11.43 16.69 -44.36
C ARG D 140 11.81 18.19 -44.23
N THR D 141 12.89 18.38 -43.50
CA THR D 141 13.38 19.73 -43.20
C THR D 141 14.86 19.64 -42.84
N ILE D 142 15.35 20.75 -42.27
CA ILE D 142 16.73 20.86 -41.80
C ILE D 142 16.58 21.09 -40.27
N LYS D 143 17.56 20.67 -39.50
CA LYS D 143 17.60 20.79 -38.07
C LYS D 143 17.84 22.27 -37.73
N PRO D 144 16.89 22.81 -36.96
CA PRO D 144 16.99 24.22 -36.54
C PRO D 144 18.17 24.38 -35.58
N GLY D 145 18.65 25.62 -35.50
CA GLY D 145 19.74 25.97 -34.56
C GLY D 145 19.08 26.58 -33.29
N PRO D 146 19.87 26.59 -32.24
CA PRO D 146 19.47 27.18 -30.95
C PRO D 146 19.26 28.68 -31.21
N TYR D 147 18.44 29.29 -30.40
CA TYR D 147 18.08 30.74 -30.60
C TYR D 147 18.17 31.48 -29.27
N PRO D 148 18.88 32.59 -29.29
CA PRO D 148 19.04 33.44 -28.08
C PRO D 148 17.74 34.24 -27.94
N TRP D 149 17.30 34.46 -26.71
CA TRP D 149 16.07 35.23 -26.48
C TRP D 149 16.15 36.07 -25.22
N ARG D 150 15.32 37.11 -25.23
CA ARG D 150 15.25 38.07 -24.13
C ARG D 150 14.45 37.60 -22.96
N ASN D 151 15.06 36.73 -22.16
CA ASN D 151 14.49 36.17 -20.91
C ASN D 151 15.50 36.61 -19.84
N GLY D 152 16.34 35.71 -19.46
CA GLY D 152 17.48 36.03 -18.52
C GLY D 152 18.50 36.67 -19.50
N PRO D 153 19.58 37.17 -18.95
CA PRO D 153 20.65 37.80 -19.74
C PRO D 153 21.35 36.84 -20.68
N ASN D 154 21.35 35.54 -20.45
CA ASN D 154 22.06 34.63 -21.41
C ASN D 154 21.23 33.38 -21.61
N ASP D 155 20.02 33.52 -22.07
CA ASP D 155 19.09 32.39 -22.28
C ASP D 155 19.11 32.02 -23.76
N TRP D 156 19.11 30.72 -24.01
CA TRP D 156 19.14 30.19 -25.40
C TRP D 156 18.14 29.03 -25.46
N ARG D 157 17.29 29.10 -26.42
CA ARG D 157 16.31 28.00 -26.62
C ARG D 157 17.13 26.86 -27.29
N PRO D 158 16.84 25.68 -26.80
CA PRO D 158 17.45 24.48 -27.44
C PRO D 158 16.85 24.45 -28.87
N ALA D 159 17.47 23.76 -29.77
CA ALA D 159 16.96 23.60 -31.17
C ALA D 159 15.60 22.90 -30.95
N HIS D 160 14.58 23.43 -31.61
CA HIS D 160 13.22 22.87 -31.46
C HIS D 160 12.35 23.21 -32.66
N ILE D 161 11.33 22.37 -32.79
CA ILE D 161 10.34 22.54 -33.85
C ILE D 161 8.98 22.71 -33.16
N HIS D 162 8.27 23.73 -33.53
CA HIS D 162 6.91 23.94 -32.90
C HIS D 162 5.90 23.04 -33.62
N PHE D 163 5.03 22.40 -32.87
CA PHE D 163 3.99 21.52 -33.40
C PHE D 163 2.59 21.95 -32.94
N GLY D 164 1.64 21.72 -33.80
CA GLY D 164 0.22 21.99 -33.61
C GLY D 164 -0.51 20.73 -34.15
N ILE D 165 -1.30 20.14 -33.30
CA ILE D 165 -2.04 18.92 -33.64
C ILE D 165 -3.51 19.11 -33.29
N SER D 166 -4.36 18.85 -34.26
CA SER D 166 -5.81 19.00 -34.08
C SER D 166 -6.50 17.95 -33.25
N GLY D 167 -6.41 16.71 -33.68
CA GLY D 167 -7.04 15.59 -33.01
C GLY D 167 -8.55 15.62 -33.44
N PRO D 168 -9.29 14.74 -32.82
CA PRO D 168 -10.72 14.61 -33.11
C PRO D 168 -11.56 15.73 -32.59
N SER D 169 -11.07 16.51 -31.63
CA SER D 169 -11.99 17.59 -31.14
C SER D 169 -11.21 18.77 -30.66
N ILE D 170 -11.96 19.83 -30.33
CA ILE D 170 -11.26 21.02 -29.81
C ILE D 170 -10.67 20.67 -28.45
N ALA D 171 -11.24 19.63 -27.88
CA ALA D 171 -10.79 19.13 -26.56
C ALA D 171 -9.40 18.51 -26.64
N THR D 172 -9.03 17.98 -27.79
CA THR D 172 -7.72 17.34 -27.95
C THR D 172 -6.67 18.25 -28.55
N LYS D 173 -7.08 19.35 -29.13
CA LYS D 173 -6.19 20.29 -29.79
C LYS D 173 -5.00 20.60 -28.89
N LEU D 174 -3.81 20.58 -29.48
CA LEU D 174 -2.59 20.81 -28.77
C LEU D 174 -1.49 21.48 -29.57
N ILE D 175 -0.79 22.37 -28.85
CA ILE D 175 0.39 23.03 -29.41
C ILE D 175 1.54 22.62 -28.47
N THR D 176 2.63 22.22 -29.07
CA THR D 176 3.81 21.80 -28.31
C THR D 176 5.08 22.11 -29.09
N GLN D 177 6.16 21.59 -28.57
CA GLN D 177 7.50 21.77 -29.11
C GLN D 177 8.28 20.45 -28.98
N LEU D 178 8.99 20.18 -30.05
CA LEU D 178 9.86 19.02 -30.15
C LEU D 178 11.32 19.47 -29.86
N TYR D 179 12.01 18.64 -29.10
CA TYR D 179 13.45 18.90 -28.81
C TYR D 179 14.23 17.70 -29.36
N PHE D 180 15.53 17.91 -29.54
CA PHE D 180 16.41 16.88 -30.10
C PHE D 180 17.23 16.17 -29.04
N GLU D 181 17.23 14.86 -29.13
CA GLU D 181 17.95 13.97 -28.23
C GLU D 181 19.38 14.42 -27.99
N GLY D 182 19.74 14.49 -26.75
CA GLY D 182 21.02 14.87 -26.22
C GLY D 182 21.36 16.33 -26.14
N ASP D 183 20.58 17.21 -26.66
CA ASP D 183 20.85 18.66 -26.65
C ASP D 183 21.06 19.12 -25.19
N PRO D 184 22.26 19.62 -24.95
CA PRO D 184 22.66 20.09 -23.61
C PRO D 184 21.91 21.32 -23.17
N LEU D 185 21.32 22.09 -24.07
CA LEU D 185 20.51 23.25 -23.77
C LEU D 185 19.16 22.87 -23.16
N ILE D 186 18.67 21.65 -23.39
CA ILE D 186 17.39 21.25 -22.83
C ILE D 186 17.13 21.52 -21.37
N PRO D 187 17.96 20.99 -20.49
CA PRO D 187 17.79 21.14 -19.05
C PRO D 187 18.01 22.53 -18.51
N MET D 188 18.43 23.43 -19.36
CA MET D 188 18.69 24.82 -18.95
C MET D 188 17.55 25.74 -19.37
N CYS D 189 16.63 25.32 -20.18
CA CYS D 189 15.56 26.15 -20.68
C CYS D 189 14.38 26.36 -19.76
N PRO D 190 14.13 27.64 -19.45
CA PRO D 190 13.00 28.02 -18.60
C PRO D 190 11.67 27.61 -19.22
N ILE D 191 11.51 27.59 -20.53
CA ILE D 191 10.26 27.15 -21.15
C ILE D 191 10.07 25.62 -20.94
N VAL D 192 11.17 24.88 -21.18
CA VAL D 192 11.18 23.43 -20.99
C VAL D 192 10.81 23.19 -19.51
N LYS D 193 11.48 23.93 -18.65
CA LYS D 193 11.34 23.85 -17.20
C LYS D 193 9.97 24.28 -16.68
N SER D 194 9.14 24.78 -17.57
CA SER D 194 7.75 25.16 -17.22
C SER D 194 7.05 23.85 -16.80
N ILE D 195 7.57 22.76 -17.33
CA ILE D 195 7.09 21.40 -17.05
C ILE D 195 7.82 20.91 -15.78
N ALA D 196 7.12 20.68 -14.73
CA ALA D 196 7.66 20.26 -13.45
C ALA D 196 8.11 18.82 -13.36
N ASN D 197 7.53 17.90 -14.09
CA ASN D 197 7.88 16.48 -14.05
C ASN D 197 8.87 16.15 -15.16
N PRO D 198 10.06 15.75 -14.78
CA PRO D 198 11.13 15.40 -15.72
C PRO D 198 10.71 14.28 -16.66
N GLU D 199 9.80 13.45 -16.19
CA GLU D 199 9.21 12.37 -16.98
C GLU D 199 8.42 12.94 -18.15
N ALA D 200 7.76 14.06 -17.94
CA ALA D 200 6.98 14.72 -19.00
C ALA D 200 7.91 15.34 -20.04
N VAL D 201 9.05 15.84 -19.55
CA VAL D 201 10.04 16.45 -20.43
C VAL D 201 10.54 15.43 -21.46
N GLN D 202 10.78 14.20 -21.05
CA GLN D 202 11.25 13.13 -21.91
C GLN D 202 10.34 12.92 -23.12
N GLN D 203 9.05 13.11 -22.93
CA GLN D 203 8.06 12.97 -23.99
C GLN D 203 8.24 13.97 -25.14
N LEU D 204 8.90 15.08 -24.89
CA LEU D 204 9.14 16.12 -25.90
C LEU D 204 10.44 15.92 -26.67
N ILE D 205 11.24 14.96 -26.26
CA ILE D 205 12.50 14.73 -26.91
C ILE D 205 12.46 13.70 -28.04
N ALA D 206 12.60 14.17 -29.25
CA ALA D 206 12.60 13.28 -30.43
C ALA D 206 13.86 12.40 -30.40
N LYS D 207 13.73 11.14 -30.77
CA LYS D 207 14.86 10.23 -30.77
C LYS D 207 15.47 10.03 -32.17
N LEU D 208 16.80 10.05 -32.20
CA LEU D 208 17.52 9.80 -33.47
C LEU D 208 17.00 8.40 -33.96
N ASP D 209 16.62 8.38 -35.22
CA ASP D 209 16.07 7.12 -35.79
C ASP D 209 16.86 6.68 -37.03
N MET D 210 17.90 5.91 -36.81
CA MET D 210 18.79 5.38 -37.85
C MET D 210 18.05 4.48 -38.85
N ASN D 211 17.04 3.80 -38.43
CA ASN D 211 16.22 2.90 -39.24
C ASN D 211 15.39 3.67 -40.28
N ASN D 212 15.10 4.93 -40.02
CA ASN D 212 14.32 5.74 -40.93
C ASN D 212 15.16 6.64 -41.81
N ALA D 213 16.47 6.64 -41.56
CA ALA D 213 17.40 7.47 -42.31
C ALA D 213 17.60 6.97 -43.74
N ASN D 214 17.88 7.93 -44.60
CA ASN D 214 18.17 7.71 -46.01
C ASN D 214 19.72 7.79 -46.11
N PRO D 215 20.31 6.63 -46.27
CA PRO D 215 21.78 6.50 -46.38
C PRO D 215 22.32 7.50 -47.37
N MET D 216 23.44 8.13 -47.04
CA MET D 216 24.10 9.14 -47.86
C MET D 216 23.18 10.30 -48.21
N ASP D 217 22.12 10.50 -47.45
CA ASP D 217 21.17 11.60 -47.81
C ASP D 217 20.74 12.42 -46.63
N CYS D 218 19.95 11.81 -45.75
CA CYS D 218 19.43 12.47 -44.56
C CYS D 218 19.20 11.51 -43.41
N LEU D 219 19.26 12.09 -42.23
CA LEU D 219 19.02 11.40 -40.96
C LEU D 219 17.53 11.55 -40.63
N ALA D 220 17.08 10.91 -39.59
CA ALA D 220 15.70 10.92 -39.16
C ALA D 220 15.60 10.87 -37.64
N TYR D 221 14.51 11.49 -37.21
CA TYR D 221 14.09 11.58 -35.81
C TYR D 221 12.63 11.12 -35.68
N ARG D 222 12.34 10.43 -34.65
CA ARG D 222 11.03 9.88 -34.30
C ARG D 222 10.41 10.75 -33.19
N PHE D 223 9.19 11.19 -33.46
CA PHE D 223 8.44 12.01 -32.47
C PHE D 223 6.99 11.52 -32.46
N ASP D 224 6.63 10.81 -31.42
CA ASP D 224 5.24 10.29 -31.32
C ASP D 224 4.51 11.29 -30.41
N ILE D 225 3.26 11.44 -30.73
CA ILE D 225 2.40 12.36 -30.00
C ILE D 225 1.20 11.58 -29.46
N VAL D 226 0.91 11.85 -28.21
CA VAL D 226 -0.22 11.26 -27.52
C VAL D 226 -1.25 12.37 -27.15
N LEU D 227 -2.43 12.18 -27.65
CA LEU D 227 -3.58 13.06 -27.41
C LEU D 227 -4.51 12.41 -26.37
N ARG D 228 -5.37 13.20 -25.78
CA ARG D 228 -6.35 12.77 -24.81
C ARG D 228 -7.10 11.54 -25.33
N GLY D 229 -7.27 10.61 -24.42
CA GLY D 229 -7.96 9.36 -24.65
C GLY D 229 -9.44 9.67 -24.96
N GLN D 230 -9.90 8.97 -25.98
CA GLN D 230 -11.31 9.09 -26.44
C GLN D 230 -12.03 7.79 -26.05
N ARG D 231 -13.15 7.90 -25.41
CA ARG D 231 -13.96 6.77 -25.00
C ARG D 231 -15.42 7.14 -25.31
N LYS D 232 -16.24 6.10 -25.41
CA LYS D 232 -17.69 6.30 -25.67
C LYS D 232 -18.32 6.65 -24.31
N THR D 233 -19.39 7.40 -24.41
CA THR D 233 -20.11 7.80 -23.16
C THR D 233 -20.75 6.51 -22.68
N HIS D 234 -21.02 6.43 -21.40
CA HIS D 234 -21.67 5.27 -20.80
C HIS D 234 -22.46 5.74 -19.57
N PHE D 235 -23.60 5.08 -19.40
CA PHE D 235 -24.57 5.30 -18.34
C PHE D 235 -24.78 6.78 -18.08
N GLU D 236 -24.81 7.62 -19.11
CA GLU D 236 -24.99 9.05 -18.90
C GLU D 236 -26.36 9.57 -18.58
N PRO E 1 27.89 20.39 -19.58
CA PRO E 1 28.53 21.68 -19.73
C PRO E 1 29.62 21.99 -18.71
N ILE E 2 30.26 23.14 -18.93
CA ILE E 2 31.31 23.62 -18.01
C ILE E 2 30.60 24.34 -16.84
N GLU E 3 30.98 23.99 -15.66
CA GLU E 3 30.48 24.62 -14.42
C GLU E 3 31.65 25.30 -13.70
N LEU E 4 31.48 26.54 -13.32
CA LEU E 4 32.51 27.28 -12.55
C LEU E 4 32.17 27.16 -11.06
N LEU E 5 33.01 27.78 -10.21
CA LEU E 5 32.67 27.78 -8.76
C LEU E 5 31.34 28.63 -8.74
N PRO E 6 30.46 28.21 -7.90
CA PRO E 6 29.17 28.94 -7.76
C PRO E 6 29.44 30.18 -6.89
N GLU E 7 28.80 31.27 -7.26
CA GLU E 7 28.90 32.54 -6.54
C GLU E 7 28.29 32.36 -5.15
N THR E 8 28.89 33.02 -4.18
CA THR E 8 28.37 33.03 -2.80
C THR E 8 26.95 33.63 -2.88
N PRO E 9 25.96 32.95 -2.34
CA PRO E 9 24.58 33.39 -2.32
C PRO E 9 24.38 34.68 -1.49
N SER E 10 23.50 35.51 -1.99
CA SER E 10 23.08 36.75 -1.38
C SER E 10 22.20 36.42 -0.17
N GLN E 11 22.09 37.34 0.72
CA GLN E 11 21.30 37.34 1.95
C GLN E 11 20.86 38.81 2.18
N THR E 12 19.75 38.98 2.83
CA THR E 12 19.18 40.30 3.11
C THR E 12 20.20 41.06 3.97
N ALA E 13 20.20 42.36 3.74
CA ALA E 13 21.08 43.30 4.45
C ALA E 13 20.58 43.37 5.89
N GLY E 14 19.30 43.06 6.08
CA GLY E 14 18.72 43.14 7.44
C GLY E 14 18.43 44.60 7.82
N PRO E 15 17.69 44.74 8.93
CA PRO E 15 17.27 46.04 9.44
C PRO E 15 18.38 46.87 10.03
N TYR E 16 19.45 46.27 10.47
CA TYR E 16 20.58 46.95 11.09
C TYR E 16 21.76 47.19 10.18
N VAL E 17 21.53 47.20 8.89
CA VAL E 17 22.59 47.44 7.88
C VAL E 17 23.34 48.74 8.16
N HIS E 18 22.62 49.67 8.80
CA HIS E 18 23.21 51.00 9.10
C HIS E 18 24.47 50.89 9.94
N ILE E 19 24.42 49.95 10.86
CA ILE E 19 25.59 49.73 11.73
C ILE E 19 26.85 49.52 10.93
N GLY E 20 26.74 48.89 9.77
CA GLY E 20 27.87 48.63 8.93
C GLY E 20 28.15 49.58 7.81
N LEU E 21 27.10 50.09 7.17
CA LEU E 21 27.27 50.97 6.03
C LEU E 21 26.68 52.35 6.14
N ALA E 22 26.16 52.70 7.28
CA ALA E 22 25.55 54.06 7.45
C ALA E 22 25.56 54.37 8.96
N LEU E 23 26.79 54.47 9.46
CA LEU E 23 27.11 54.70 10.85
C LEU E 23 26.30 55.77 11.54
N GLU E 24 26.28 56.95 10.97
CA GLU E 24 25.50 58.08 11.53
C GLU E 24 24.06 57.65 11.78
N ALA E 25 23.47 57.16 10.69
CA ALA E 25 22.07 56.73 10.69
C ALA E 25 21.75 55.74 11.79
N ALA E 26 22.68 54.86 12.11
CA ALA E 26 22.49 53.84 13.16
C ALA E 26 22.50 54.49 14.56
N GLY E 27 23.01 55.72 14.52
CA GLY E 27 23.14 56.56 15.73
C GLY E 27 24.45 56.21 16.46
N ASN E 28 25.45 55.91 15.65
CA ASN E 28 26.77 55.53 16.14
C ASN E 28 27.84 56.46 15.59
N PRO E 29 28.93 56.54 16.33
CA PRO E 29 30.08 57.38 15.96
C PRO E 29 30.68 56.88 14.66
N THR E 30 31.03 57.79 13.77
CA THR E 30 31.62 57.36 12.48
C THR E 30 33.14 57.32 12.59
N ARG E 31 33.75 56.82 11.52
CA ARG E 31 35.24 56.74 11.49
C ARG E 31 35.71 57.98 10.74
N ASP E 32 37.00 58.19 10.66
CA ASP E 32 37.62 59.32 9.99
C ASP E 32 37.13 59.44 8.55
N GLN E 33 37.09 58.29 7.87
CA GLN E 33 36.69 58.23 6.46
C GLN E 33 35.49 57.32 6.26
N GLU E 34 34.41 57.89 5.75
CA GLU E 34 33.16 57.21 5.49
C GLU E 34 32.68 57.49 4.06
N ILE E 35 32.07 56.49 3.45
CA ILE E 35 31.49 56.59 2.09
C ILE E 35 30.04 57.06 2.33
N TRP E 36 29.73 58.23 1.80
CA TRP E 36 28.37 58.79 2.05
C TRP E 36 27.71 59.36 0.84
N ASN E 37 26.71 60.22 1.04
CA ASN E 37 25.89 60.80 -0.01
C ASN E 37 26.32 62.04 -0.73
N ARG E 38 27.56 62.42 -0.66
CA ARG E 38 28.09 63.64 -1.30
C ARG E 38 29.16 63.28 -2.30
N LEU E 39 28.73 63.02 -3.52
CA LEU E 39 29.62 62.63 -4.61
C LEU E 39 30.47 63.76 -5.16
N ALA E 40 29.91 64.95 -5.08
CA ALA E 40 30.59 66.14 -5.61
C ALA E 40 30.83 67.20 -4.52
N LYS E 41 32.01 67.77 -4.65
CA LYS E 41 32.41 68.91 -3.77
C LYS E 41 31.80 70.12 -4.53
N PRO E 42 31.46 71.14 -3.77
CA PRO E 42 30.86 72.36 -4.32
C PRO E 42 31.61 72.90 -5.49
N ASP E 43 32.91 72.68 -5.54
CA ASP E 43 33.73 73.19 -6.66
C ASP E 43 33.91 72.19 -7.78
N ALA E 44 33.03 71.20 -7.85
CA ALA E 44 33.13 70.18 -8.92
C ALA E 44 32.42 70.73 -10.17
N PRO E 45 33.04 70.43 -11.30
CA PRO E 45 32.50 70.82 -12.61
C PRO E 45 31.18 70.07 -12.86
N GLY E 46 30.36 70.69 -13.67
CA GLY E 46 29.05 70.15 -14.08
C GLY E 46 27.93 70.87 -13.36
N GLU E 47 26.73 70.39 -13.67
CA GLU E 47 25.50 70.93 -13.11
C GLU E 47 25.21 70.26 -11.79
N HIS E 48 25.44 70.96 -10.70
CA HIS E 48 25.18 70.40 -9.37
C HIS E 48 23.70 70.19 -9.17
N ILE E 49 23.34 69.02 -8.65
CA ILE E 49 21.93 68.70 -8.39
C ILE E 49 21.79 67.98 -7.05
N LEU E 50 20.61 68.04 -6.54
CA LEU E 50 20.19 67.38 -5.32
C LEU E 50 19.13 66.34 -5.80
N LEU E 51 19.32 65.13 -5.37
CA LEU E 51 18.42 64.01 -5.70
C LEU E 51 17.76 63.56 -4.39
N LEU E 52 16.48 63.25 -4.50
CA LEU E 52 15.76 62.76 -3.31
C LEU E 52 14.66 61.83 -3.71
N GLY E 53 14.21 61.01 -2.75
CA GLY E 53 13.13 60.09 -3.03
C GLY E 53 12.77 59.24 -1.82
N GLN E 54 11.65 58.57 -2.06
CA GLN E 54 11.05 57.63 -1.14
C GLN E 54 11.01 56.25 -1.81
N VAL E 55 10.85 55.26 -0.95
CA VAL E 55 10.77 53.85 -1.39
C VAL E 55 9.48 53.28 -0.80
N TYR E 56 8.65 52.72 -1.65
CA TYR E 56 7.36 52.16 -1.22
C TYR E 56 7.36 50.63 -1.37
N ASP E 57 6.65 49.99 -0.48
CA ASP E 57 6.46 48.54 -0.48
C ASP E 57 5.20 48.25 -1.29
N GLY E 58 4.81 47.02 -1.39
CA GLY E 58 3.66 46.58 -2.15
C GLY E 58 2.31 47.04 -1.64
N ASN E 59 2.25 47.54 -0.43
CA ASN E 59 1.06 48.03 0.22
C ASN E 59 0.98 49.56 0.10
N GLY E 60 2.04 50.13 -0.40
CA GLY E 60 2.18 51.57 -0.60
C GLY E 60 2.72 52.26 0.65
N HIS E 61 3.29 51.47 1.54
CA HIS E 61 3.86 51.96 2.80
C HIS E 61 5.35 52.20 2.58
N LEU E 62 5.86 53.21 3.22
CA LEU E 62 7.24 53.63 3.17
C LEU E 62 8.18 52.57 3.77
N VAL E 63 9.28 52.42 3.09
CA VAL E 63 10.36 51.49 3.51
C VAL E 63 11.37 52.45 4.17
N ARG E 64 11.36 52.45 5.50
CA ARG E 64 12.23 53.37 6.23
C ARG E 64 13.60 52.86 6.59
N ASP E 65 13.95 51.63 6.25
CA ASP E 65 15.25 51.05 6.57
C ASP E 65 16.04 50.68 5.31
N SER E 66 15.70 51.30 4.20
CA SER E 66 16.43 50.95 2.96
C SER E 66 17.77 51.63 2.87
N PHE E 67 18.64 50.95 2.15
CA PHE E 67 20.02 51.37 1.91
C PHE E 67 20.19 51.33 0.39
N LEU E 68 20.82 52.33 -0.20
CA LEU E 68 21.07 52.51 -1.60
C LEU E 68 22.55 52.86 -1.89
N GLU E 69 22.98 52.39 -3.03
CA GLU E 69 24.34 52.65 -3.53
C GLU E 69 24.18 53.17 -4.93
N VAL E 70 25.00 54.13 -5.29
CA VAL E 70 24.95 54.80 -6.59
C VAL E 70 26.32 54.76 -7.26
N TRP E 71 26.28 54.72 -8.56
CA TRP E 71 27.40 54.68 -9.49
C TRP E 71 27.00 55.49 -10.74
N GLN E 72 27.77 56.54 -10.96
CA GLN E 72 27.48 57.42 -12.12
C GLN E 72 28.76 58.01 -12.68
N ALA E 73 28.68 58.43 -13.93
CA ALA E 73 29.82 59.08 -14.61
C ALA E 73 29.81 60.56 -14.10
N ASP E 74 30.94 61.18 -14.34
CA ASP E 74 31.07 62.62 -13.96
C ASP E 74 30.38 63.40 -15.09
N ALA E 75 30.48 64.73 -15.02
CA ALA E 75 29.85 65.60 -16.01
C ALA E 75 30.40 65.38 -17.40
N ASN E 76 31.57 64.78 -17.53
CA ASN E 76 32.18 64.52 -18.84
C ASN E 76 31.85 63.13 -19.41
N GLY E 77 31.03 62.39 -18.71
CA GLY E 77 30.63 61.03 -19.12
C GLY E 77 31.77 60.07 -18.80
N GLU E 78 32.39 60.31 -17.66
CA GLU E 78 33.52 59.52 -17.19
C GLU E 78 33.31 58.96 -15.82
N TYR E 79 33.67 57.68 -15.71
CA TYR E 79 33.55 56.95 -14.42
C TYR E 79 34.86 57.11 -13.65
N GLN E 80 34.72 57.74 -12.51
CA GLN E 80 35.89 57.97 -11.62
C GLN E 80 35.90 56.88 -10.54
N ASP E 81 36.65 55.83 -10.83
CA ASP E 81 36.75 54.67 -9.99
C ASP E 81 37.69 54.77 -8.82
N ALA E 82 38.74 55.60 -8.90
CA ALA E 82 39.64 55.70 -7.72
C ALA E 82 38.94 56.56 -6.68
N TYR E 83 38.28 55.91 -5.74
CA TYR E 83 37.55 56.56 -4.67
C TYR E 83 38.55 57.18 -3.68
N ASN E 84 38.31 58.45 -3.46
CA ASN E 84 39.13 59.29 -2.57
C ASN E 84 38.33 60.48 -2.06
N LEU E 85 38.38 60.66 -0.75
CA LEU E 85 37.68 61.76 -0.08
C LEU E 85 38.19 63.13 -0.50
N GLU E 86 39.36 63.18 -1.10
CA GLU E 86 39.98 64.40 -1.60
C GLU E 86 39.43 64.84 -2.95
N ASN E 87 39.01 63.90 -3.76
CA ASN E 87 38.47 64.19 -5.09
C ASN E 87 37.31 65.19 -4.93
N ALA E 88 37.17 66.01 -5.96
CA ALA E 88 36.08 67.00 -6.02
C ALA E 88 34.76 66.28 -6.41
N PHE E 89 34.96 65.15 -7.05
CA PHE E 89 33.92 64.25 -7.52
C PHE E 89 34.28 62.76 -7.43
N ASN E 90 33.33 62.01 -6.91
CA ASN E 90 33.41 60.54 -6.78
C ASN E 90 32.15 59.97 -7.51
N SER E 91 32.40 58.93 -8.26
CA SER E 91 31.40 58.21 -9.04
C SER E 91 30.49 57.33 -8.23
N PHE E 92 30.95 56.98 -7.04
CA PHE E 92 30.23 56.10 -6.10
C PHE E 92 29.82 56.82 -4.83
N GLY E 93 28.63 56.49 -4.35
CA GLY E 93 28.13 57.09 -3.09
C GLY E 93 27.15 56.14 -2.42
N ARG E 94 26.80 56.46 -1.18
CA ARG E 94 25.82 55.69 -0.39
C ARG E 94 24.83 56.64 0.27
N THR E 95 23.64 56.16 0.46
CA THR E 95 22.55 56.92 1.07
C THR E 95 21.59 55.93 1.73
N ALA E 96 20.66 56.46 2.49
CA ALA E 96 19.69 55.59 3.20
C ALA E 96 18.49 56.45 3.51
N THR E 97 17.36 55.84 3.81
CA THR E 97 16.15 56.60 4.14
C THR E 97 16.03 56.85 5.64
N THR E 98 15.52 58.06 5.93
CA THR E 98 15.28 58.49 7.30
C THR E 98 14.26 57.56 7.95
N PHE E 99 14.57 57.21 9.19
CA PHE E 99 13.69 56.34 9.99
C PHE E 99 12.38 57.10 10.25
N ASP E 100 12.43 58.40 10.08
CA ASP E 100 11.25 59.27 10.31
C ASP E 100 10.54 59.63 9.02
N ALA E 101 11.10 60.55 8.26
CA ALA E 101 10.51 60.97 6.98
C ALA E 101 10.59 59.89 5.91
N GLY E 102 11.53 58.97 6.01
CA GLY E 102 11.69 57.90 5.01
C GLY E 102 12.19 58.37 3.65
N GLU E 103 12.88 59.50 3.66
CA GLU E 103 13.43 60.10 2.45
C GLU E 103 14.95 60.02 2.45
N TRP E 104 15.52 59.79 1.26
CA TRP E 104 16.97 59.71 1.08
C TRP E 104 17.38 60.91 0.23
N THR E 105 18.64 61.28 0.34
CA THR E 105 19.16 62.41 -0.44
C THR E 105 20.57 62.10 -0.90
N LEU E 106 20.91 62.78 -1.98
CA LEU E 106 22.25 62.61 -2.59
C LEU E 106 22.61 63.98 -3.18
N HIS E 107 23.84 64.35 -3.01
CA HIS E 107 24.40 65.61 -3.55
C HIS E 107 25.43 65.16 -4.59
N THR E 108 25.13 65.48 -5.83
CA THR E 108 26.02 65.11 -6.95
C THR E 108 25.85 66.12 -8.06
N VAL E 109 26.32 65.73 -9.22
CA VAL E 109 26.24 66.44 -10.48
C VAL E 109 25.55 65.52 -11.51
N LYS E 110 24.97 66.17 -12.49
CA LYS E 110 24.28 65.48 -13.59
C LYS E 110 25.35 64.78 -14.43
N PRO E 111 25.18 63.45 -14.55
CA PRO E 111 26.12 62.62 -15.29
C PRO E 111 26.08 62.97 -16.78
N GLY E 112 27.24 62.87 -17.36
CA GLY E 112 27.42 63.06 -18.81
C GLY E 112 27.05 61.68 -19.46
N VAL E 113 26.99 61.73 -20.76
CA VAL E 113 26.64 60.62 -21.63
C VAL E 113 27.77 59.63 -21.80
N VAL E 114 27.40 58.35 -21.68
CA VAL E 114 28.34 57.24 -21.88
C VAL E 114 27.71 56.37 -23.01
N ASN E 115 28.54 55.66 -23.71
CA ASN E 115 28.16 54.78 -24.81
C ASN E 115 28.03 53.34 -24.32
N ASN E 116 27.17 52.60 -24.97
CA ASN E 116 27.00 51.16 -24.61
C ASN E 116 28.15 50.41 -25.30
N ALA E 117 28.12 49.12 -25.16
CA ALA E 117 29.17 48.26 -25.77
C ALA E 117 29.17 48.41 -27.27
N ALA E 118 28.00 48.58 -27.87
CA ALA E 118 27.88 48.73 -29.33
C ALA E 118 28.26 50.09 -29.87
N GLY E 119 28.55 51.06 -29.03
CA GLY E 119 28.92 52.41 -29.44
C GLY E 119 27.77 53.40 -29.40
N VAL E 120 26.61 52.96 -29.02
CA VAL E 120 25.42 53.82 -28.93
C VAL E 120 25.37 54.51 -27.58
N PRO E 121 25.15 55.82 -27.63
CA PRO E 121 25.06 56.65 -26.43
C PRO E 121 23.79 56.34 -25.64
N MET E 122 23.97 56.26 -24.35
CA MET E 122 22.88 56.03 -23.40
C MET E 122 22.52 57.43 -22.85
N ALA E 123 21.27 57.58 -22.49
CA ALA E 123 20.85 58.90 -21.91
C ALA E 123 21.55 58.97 -20.54
N PRO E 124 21.76 60.18 -20.09
CA PRO E 124 22.41 60.40 -18.77
C PRO E 124 21.66 59.58 -17.73
N HIS E 125 22.44 58.84 -16.92
CA HIS E 125 21.77 58.03 -15.87
C HIS E 125 22.70 57.73 -14.71
N ILE E 126 22.02 57.38 -13.63
CA ILE E 126 22.60 56.98 -12.37
C ILE E 126 22.10 55.52 -12.09
N ASN E 127 23.07 54.68 -11.84
CA ASN E 127 22.84 53.27 -11.52
C ASN E 127 22.58 53.19 -10.02
N ILE E 128 21.54 52.50 -9.65
CA ILE E 128 21.15 52.34 -8.24
C ILE E 128 21.01 50.87 -7.87
N SER E 129 21.46 50.56 -6.66
CA SER E 129 21.33 49.22 -6.04
C SER E 129 20.58 49.44 -4.71
N LEU E 130 19.44 48.81 -4.60
CA LEU E 130 18.59 48.92 -3.41
C LEU E 130 18.68 47.66 -2.54
N PHE E 131 18.99 47.87 -1.27
CA PHE E 131 19.14 46.86 -0.25
C PHE E 131 18.19 47.17 0.90
N ALA E 132 17.74 46.14 1.59
CA ALA E 132 16.88 46.33 2.73
C ALA E 132 16.40 45.01 3.28
N ARG E 133 15.98 45.09 4.52
CA ARG E 133 15.34 43.95 5.22
C ARG E 133 14.16 43.56 4.28
N GLY E 134 13.96 42.26 4.12
CA GLY E 134 12.90 41.75 3.25
C GLY E 134 13.35 41.64 1.80
N ILE E 135 14.51 42.09 1.47
CA ILE E 135 15.08 42.03 0.12
C ILE E 135 16.24 41.04 0.17
N ASN E 136 15.97 39.85 -0.39
CA ASN E 136 16.92 38.73 -0.37
C ASN E 136 18.17 39.01 -1.17
N ILE E 137 17.98 39.58 -2.33
CA ILE E 137 19.07 39.96 -3.25
C ILE E 137 18.69 41.37 -3.73
N HIS E 138 19.65 42.26 -3.71
CA HIS E 138 19.46 43.66 -4.10
C HIS E 138 18.87 43.83 -5.48
N LEU E 139 18.11 44.90 -5.62
CA LEU E 139 17.42 45.31 -6.84
C LEU E 139 18.21 46.42 -7.54
N HIS E 140 18.37 46.23 -8.83
CA HIS E 140 19.08 47.15 -9.71
C HIS E 140 18.08 47.98 -10.54
N THR E 141 18.37 49.26 -10.58
CA THR E 141 17.57 50.19 -11.37
C THR E 141 18.44 51.31 -11.89
N ARG E 142 17.86 52.17 -12.69
CA ARG E 142 18.57 53.32 -13.26
C ARG E 142 17.67 54.55 -13.02
N LEU E 143 18.32 55.66 -12.84
CA LEU E 143 17.60 56.95 -12.66
C LEU E 143 17.94 57.79 -13.90
N TYR E 144 16.89 58.18 -14.59
CA TYR E 144 16.95 59.02 -15.79
C TYR E 144 16.27 60.37 -15.39
N PHE E 145 16.53 61.38 -16.16
CA PHE E 145 16.06 62.77 -15.91
C PHE E 145 15.00 63.21 -16.90
N ASP E 146 13.92 63.78 -16.41
CA ASP E 146 12.78 64.21 -17.19
C ASP E 146 13.08 65.35 -18.17
N ASP E 147 14.20 66.01 -17.98
CA ASP E 147 14.55 67.12 -18.89
C ASP E 147 15.51 66.66 -19.96
N GLU E 148 15.56 65.34 -20.19
CA GLU E 148 16.47 64.80 -21.24
C GLU E 148 15.67 63.89 -22.17
N ALA E 149 14.41 64.22 -22.34
CA ALA E 149 13.48 63.46 -23.16
C ALA E 149 14.03 63.03 -24.50
N GLN E 150 14.75 63.93 -25.15
CA GLN E 150 15.35 63.64 -26.45
C GLN E 150 16.26 62.42 -26.35
N ALA E 151 17.16 62.49 -25.39
CA ALA E 151 18.14 61.41 -25.18
C ALA E 151 17.46 60.16 -24.69
N ASN E 152 16.52 60.35 -23.78
CA ASN E 152 15.75 59.25 -23.20
C ASN E 152 15.00 58.43 -24.26
N ALA E 153 14.56 59.12 -25.30
CA ALA E 153 13.78 58.46 -26.36
C ALA E 153 14.68 57.55 -27.19
N LYS E 154 15.96 57.85 -27.17
CA LYS E 154 16.91 57.07 -27.97
C LYS E 154 17.82 56.17 -27.19
N CYS E 155 17.62 56.05 -25.89
CA CYS E 155 18.45 55.19 -25.06
C CYS E 155 18.24 53.72 -25.44
N PRO E 156 19.36 53.06 -25.73
CA PRO E 156 19.33 51.63 -26.08
C PRO E 156 18.83 50.83 -24.88
N VAL E 157 19.10 51.36 -23.68
CA VAL E 157 18.69 50.64 -22.46
C VAL E 157 17.20 50.83 -22.21
N LEU E 158 16.77 52.06 -22.21
CA LEU E 158 15.35 52.40 -21.97
C LEU E 158 14.48 51.69 -22.98
N ASN E 159 14.98 51.57 -24.20
CA ASN E 159 14.30 50.94 -25.32
C ASN E 159 14.18 49.43 -25.24
N LEU E 160 14.83 48.79 -24.30
CA LEU E 160 14.79 47.35 -24.07
C LEU E 160 13.54 47.02 -23.23
N ILE E 161 12.99 48.03 -22.54
CA ILE E 161 11.76 47.77 -21.74
C ILE E 161 10.62 47.77 -22.77
N GLU E 162 9.97 46.62 -22.89
CA GLU E 162 8.88 46.40 -23.83
C GLU E 162 7.78 47.43 -23.83
N GLN E 163 7.13 47.60 -22.70
CA GLN E 163 6.05 48.53 -22.49
C GLN E 163 6.52 49.94 -22.15
N PRO E 164 6.19 50.85 -23.05
CA PRO E 164 6.50 52.28 -22.91
C PRO E 164 6.09 52.86 -21.57
N GLN E 165 4.96 52.45 -21.04
CA GLN E 165 4.49 52.98 -19.74
C GLN E 165 5.44 52.62 -18.60
N ARG E 166 6.17 51.53 -18.75
CA ARG E 166 7.09 51.07 -17.71
C ARG E 166 8.38 51.88 -17.72
N ARG E 167 8.71 52.39 -18.88
CA ARG E 167 9.91 53.20 -19.07
C ARG E 167 9.82 54.47 -18.22
N GLU E 168 8.61 54.90 -17.97
CA GLU E 168 8.31 56.08 -17.19
C GLU E 168 8.68 55.99 -15.72
N THR E 169 8.68 54.80 -15.17
CA THR E 169 9.02 54.60 -13.76
C THR E 169 10.49 54.96 -13.48
N LEU E 170 11.30 55.03 -14.51
CA LEU E 170 12.69 55.32 -14.42
C LEU E 170 13.04 56.80 -14.58
N ILE E 171 12.05 57.64 -14.78
CA ILE E 171 12.30 59.08 -14.99
C ILE E 171 12.06 59.96 -13.82
N ALA E 172 13.15 60.55 -13.34
CA ALA E 172 13.17 61.47 -12.20
C ALA E 172 12.52 62.80 -12.67
N LYS E 173 11.73 63.36 -11.78
CA LYS E 173 10.98 64.60 -11.99
C LYS E 173 11.72 65.80 -11.38
N ARG E 174 12.14 66.68 -12.25
CA ARG E 174 12.85 67.91 -11.88
C ARG E 174 11.97 68.81 -11.00
N CYS E 175 12.64 69.44 -10.07
CA CYS E 175 12.04 70.38 -9.10
C CYS E 175 13.16 71.32 -8.63
N GLU E 176 12.86 72.03 -7.57
CA GLU E 176 13.85 72.95 -6.96
C GLU E 176 13.69 72.93 -5.45
N VAL E 177 14.83 72.87 -4.80
CA VAL E 177 14.86 72.87 -3.30
C VAL E 177 15.77 74.04 -2.92
N ASP E 178 15.19 74.98 -2.19
CA ASP E 178 15.95 76.19 -1.79
C ASP E 178 16.64 76.81 -2.99
N GLY E 179 15.87 76.99 -4.05
CA GLY E 179 16.43 77.59 -5.27
C GLY E 179 17.58 76.74 -5.81
N LYS E 180 17.54 75.46 -5.51
CA LYS E 180 18.56 74.50 -5.98
C LYS E 180 17.83 73.42 -6.80
N THR E 181 18.45 73.07 -7.91
CA THR E 181 17.94 72.08 -8.85
C THR E 181 17.90 70.68 -8.20
N ALA E 182 16.71 70.17 -8.08
CA ALA E 182 16.45 68.86 -7.47
C ALA E 182 15.63 67.97 -8.40
N TYR E 183 15.83 66.67 -8.22
CA TYR E 183 15.06 65.66 -8.98
C TYR E 183 14.57 64.63 -7.94
N ARG E 184 13.29 64.37 -8.02
CA ARG E 184 12.61 63.42 -7.18
C ARG E 184 12.46 62.09 -7.98
N PHE E 185 12.88 61.04 -7.29
CA PHE E 185 12.88 59.67 -7.80
C PHE E 185 12.42 58.67 -6.74
N ASP E 186 11.14 58.36 -6.83
CA ASP E 186 10.49 57.41 -5.94
C ASP E 186 10.63 55.99 -6.52
N ILE E 187 10.77 55.04 -5.61
CA ILE E 187 10.89 53.64 -5.99
C ILE E 187 9.67 52.87 -5.47
N ARG E 188 8.97 52.26 -6.38
CA ARG E 188 7.78 51.41 -5.97
C ARG E 188 8.28 49.99 -6.25
N ILE E 189 8.59 49.28 -5.19
CA ILE E 189 9.12 47.92 -5.21
C ILE E 189 8.13 46.93 -5.82
N GLN E 190 6.87 47.13 -5.51
CA GLN E 190 5.79 46.23 -5.97
C GLN E 190 4.47 46.94 -6.20
N GLY E 191 3.69 46.40 -7.13
CA GLY E 191 2.35 46.88 -7.43
C GLY E 191 2.23 47.95 -8.48
N GLU E 192 1.17 48.74 -8.34
CA GLU E 192 0.81 49.84 -9.23
C GLU E 192 1.99 50.78 -9.38
N GLY E 193 2.47 50.96 -10.59
CA GLY E 193 3.62 51.84 -10.84
C GLY E 193 4.95 51.22 -10.43
N GLU E 194 4.98 49.89 -10.31
CA GLU E 194 6.19 49.18 -9.92
C GLU E 194 7.36 49.60 -10.81
N THR E 195 8.47 49.95 -10.18
CA THR E 195 9.66 50.36 -10.90
C THR E 195 10.33 49.19 -11.60
N VAL E 196 10.87 49.54 -12.77
CA VAL E 196 11.64 48.57 -13.56
C VAL E 196 12.97 48.30 -12.81
N PHE E 197 13.24 47.02 -12.65
CA PHE E 197 14.44 46.49 -12.01
C PHE E 197 15.14 45.62 -13.10
N PHE E 198 16.46 45.71 -13.11
CA PHE E 198 17.25 45.01 -14.08
C PHE E 198 18.08 43.83 -13.55
N ASP E 199 18.52 43.10 -14.56
CA ASP E 199 19.40 41.93 -14.44
C ASP E 199 20.50 42.15 -15.52
N PHE E 200 21.71 42.01 -15.02
CA PHE E 200 22.91 42.19 -15.88
C PHE E 200 24.04 41.32 -15.30
N PRO F 1 40.05 57.27 -15.86
CA PRO F 1 38.70 56.75 -15.49
C PRO F 1 38.60 55.28 -15.89
N ALA F 2 37.57 54.65 -15.36
CA ALA F 2 37.33 53.20 -15.60
C ALA F 2 37.10 52.95 -17.08
N GLN F 3 37.31 51.72 -17.51
CA GLN F 3 37.09 51.32 -18.93
C GLN F 3 36.36 49.98 -19.01
N ASP F 4 35.54 49.82 -20.05
CA ASP F 4 34.77 48.62 -20.32
C ASP F 4 35.69 47.55 -20.93
N ASN F 5 36.39 46.82 -20.08
CA ASN F 5 37.29 45.77 -20.59
C ASN F 5 36.86 44.37 -20.14
N SER F 6 35.86 44.29 -19.28
CA SER F 6 35.44 42.98 -18.77
C SER F 6 33.96 42.70 -18.91
N ARG F 7 33.70 41.41 -18.81
CA ARG F 7 32.31 40.89 -18.85
C ARG F 7 32.27 39.98 -17.60
N PHE F 8 31.10 39.89 -17.01
CA PHE F 8 30.94 39.06 -15.81
C PHE F 8 29.94 37.96 -16.11
N VAL F 9 30.26 36.77 -15.60
CA VAL F 9 29.40 35.61 -15.78
C VAL F 9 28.02 36.00 -15.18
N ILE F 10 26.99 35.71 -15.91
CA ILE F 10 25.61 35.93 -15.54
C ILE F 10 25.29 35.22 -14.23
N ARG F 11 24.50 35.96 -13.41
CA ARG F 11 24.15 35.42 -12.09
C ARG F 11 23.15 34.27 -12.27
N ASP F 12 23.27 33.32 -11.38
CA ASP F 12 22.36 32.16 -11.39
C ASP F 12 21.29 32.50 -10.33
N ARG F 13 20.14 32.94 -10.86
CA ARG F 13 19.01 33.36 -10.03
C ARG F 13 18.24 32.24 -9.38
N ASN F 14 18.68 31.01 -9.66
CA ASN F 14 18.08 29.83 -8.99
C ASN F 14 18.99 29.40 -7.86
N TRP F 15 20.22 29.91 -7.85
CA TRP F 15 21.23 29.61 -6.82
C TRP F 15 21.00 30.52 -5.60
N HIS F 16 20.92 31.81 -5.92
CA HIS F 16 20.64 32.86 -4.93
C HIS F 16 19.15 32.68 -4.55
N PRO F 17 18.80 33.24 -3.41
CA PRO F 17 17.40 33.23 -2.96
C PRO F 17 16.57 34.05 -3.94
N LYS F 18 15.30 33.64 -4.04
CA LYS F 18 14.34 34.36 -4.92
C LYS F 18 13.86 35.56 -4.07
N ALA F 19 13.24 36.51 -4.75
CA ALA F 19 12.68 37.71 -4.10
C ALA F 19 11.53 37.32 -3.16
N LEU F 20 10.56 36.56 -3.66
CA LEU F 20 9.41 36.17 -2.84
C LEU F 20 9.61 34.84 -2.14
N THR F 21 9.81 34.85 -0.85
CA THR F 21 9.98 33.63 -0.01
C THR F 21 9.12 33.85 1.24
N PRO F 22 7.82 33.58 1.09
CA PRO F 22 6.84 33.82 2.10
C PRO F 22 7.11 33.55 3.53
N ASP F 23 7.92 32.56 3.87
CA ASP F 23 8.21 32.24 5.30
C ASP F 23 8.99 33.39 5.95
N TYR F 24 9.66 34.12 5.08
CA TYR F 24 10.40 35.34 5.48
C TYR F 24 9.35 36.46 5.15
N LYS F 25 8.51 36.70 6.15
CA LYS F 25 7.35 37.58 6.04
C LYS F 25 7.54 38.90 5.36
N THR F 26 8.62 39.61 5.73
CA THR F 26 8.91 40.90 5.14
C THR F 26 9.11 40.85 3.64
N SER F 27 9.54 39.70 3.12
CA SER F 27 9.78 39.57 1.68
C SER F 27 8.50 39.69 0.87
N ILE F 28 7.35 39.43 1.47
CA ILE F 28 6.06 39.47 0.78
C ILE F 28 5.79 40.80 0.14
N ALA F 29 5.84 41.88 0.92
CA ALA F 29 5.61 43.23 0.45
C ALA F 29 6.81 43.91 -0.18
N ARG F 30 7.99 43.35 -0.01
CA ARG F 30 9.22 43.93 -0.57
C ARG F 30 9.83 43.22 -1.73
N SER F 31 9.02 42.47 -2.48
CA SER F 31 9.55 41.74 -3.68
C SER F 31 8.75 42.21 -4.87
N PRO F 32 9.39 42.39 -6.01
CA PRO F 32 8.69 42.85 -7.23
C PRO F 32 7.70 41.78 -7.72
N ARG F 33 6.76 42.19 -8.51
CA ARG F 33 5.80 41.23 -9.09
C ARG F 33 6.08 41.16 -10.59
N GLN F 34 6.79 42.14 -11.08
CA GLN F 34 7.15 42.16 -12.52
C GLN F 34 8.48 41.43 -12.63
N ALA F 35 8.76 40.85 -13.78
CA ALA F 35 10.04 40.14 -14.01
C ALA F 35 11.13 41.20 -14.18
N LEU F 36 12.32 40.86 -13.78
CA LEU F 36 13.51 41.73 -13.94
C LEU F 36 13.71 41.85 -15.47
N VAL F 37 14.16 42.97 -15.92
CA VAL F 37 14.43 43.21 -17.34
C VAL F 37 15.94 43.01 -17.57
N SER F 38 16.29 42.04 -18.40
CA SER F 38 17.71 41.76 -18.69
C SER F 38 18.26 42.81 -19.62
N ILE F 39 19.47 43.24 -19.38
CA ILE F 39 20.14 44.26 -20.24
C ILE F 39 21.55 43.76 -20.44
N PRO F 40 22.11 44.12 -21.57
CA PRO F 40 23.51 43.73 -21.89
C PRO F 40 24.43 44.57 -20.98
N GLN F 41 25.60 44.01 -20.69
CA GLN F 41 26.58 44.70 -19.82
C GLN F 41 27.23 45.83 -20.62
N SER F 42 27.34 46.97 -19.98
CA SER F 42 27.99 48.16 -20.60
C SER F 42 29.00 48.66 -19.56
N ILE F 43 29.65 49.77 -19.84
CA ILE F 43 30.64 50.36 -18.93
C ILE F 43 29.95 50.71 -17.61
N SER F 44 28.68 50.98 -17.69
CA SER F 44 27.91 51.32 -16.47
C SER F 44 27.93 50.17 -15.48
N GLU F 45 27.77 48.96 -15.95
CA GLU F 45 27.70 47.74 -15.17
C GLU F 45 28.97 47.01 -14.90
N THR F 46 29.98 47.18 -15.71
CA THR F 46 31.24 46.47 -15.60
C THR F 46 32.35 47.19 -14.90
N THR F 47 32.06 48.32 -14.33
CA THR F 47 33.04 49.15 -13.59
C THR F 47 32.44 49.36 -12.20
N GLY F 48 33.29 49.84 -11.31
CA GLY F 48 32.88 50.12 -9.92
C GLY F 48 34.06 50.79 -9.21
N PRO F 49 33.78 51.18 -7.99
CA PRO F 49 34.75 51.85 -7.14
C PRO F 49 35.93 50.99 -6.70
N ASN F 50 37.06 51.64 -6.59
CA ASN F 50 38.30 51.05 -6.11
C ASN F 50 38.58 51.76 -4.78
N PHE F 51 38.60 51.02 -3.70
CA PHE F 51 38.82 51.61 -2.38
C PHE F 51 40.25 51.63 -1.89
N SER F 52 41.20 51.50 -2.78
CA SER F 52 42.62 51.48 -2.46
C SER F 52 43.09 52.72 -1.73
N HIS F 53 42.57 53.89 -2.02
CA HIS F 53 43.00 55.11 -1.32
C HIS F 53 42.09 55.51 -0.19
N LEU F 54 41.21 54.64 0.25
CA LEU F 54 40.33 55.00 1.38
C LEU F 54 41.24 55.00 2.61
N GLY F 55 41.07 55.98 3.45
CA GLY F 55 41.90 56.09 4.66
C GLY F 55 41.41 55.18 5.77
N PHE F 56 41.92 53.96 5.81
CA PHE F 56 41.54 53.00 6.84
C PHE F 56 42.24 53.25 8.17
N GLY F 57 41.45 53.22 9.24
CA GLY F 57 41.99 53.36 10.60
C GLY F 57 42.79 52.07 10.90
N ALA F 58 43.68 52.13 11.84
CA ALA F 58 44.55 51.02 12.23
C ALA F 58 43.83 49.80 12.81
N HIS F 59 42.71 50.00 13.44
CA HIS F 59 41.91 48.94 14.03
C HIS F 59 40.57 48.77 13.34
N ASP F 60 40.52 49.13 12.07
CA ASP F 60 39.26 49.05 11.27
C ASP F 60 38.70 47.63 11.24
N HIS F 61 39.59 46.68 11.19
CA HIS F 61 39.29 45.24 11.14
C HIS F 61 39.39 44.54 12.46
N ASP F 62 39.59 45.29 13.56
CA ASP F 62 39.71 44.66 14.89
C ASP F 62 38.59 45.09 15.81
N LEU F 63 37.49 44.34 15.89
CA LEU F 63 36.35 44.66 16.70
C LEU F 63 36.59 44.58 18.20
N LEU F 64 37.74 44.06 18.57
CA LEU F 64 38.19 43.92 19.96
C LEU F 64 38.74 45.25 20.47
N LEU F 65 39.30 46.03 19.56
CA LEU F 65 39.91 47.32 19.88
C LEU F 65 39.27 48.54 19.23
N ASN F 66 38.40 48.44 18.26
CA ASN F 66 37.83 49.54 17.56
C ASN F 66 36.66 50.28 18.13
N PHE F 67 36.11 49.95 19.26
CA PHE F 67 34.95 50.70 19.79
C PHE F 67 35.41 51.53 21.01
N GLY F 71 38.22 48.79 27.91
CA GLY F 71 38.30 47.35 28.17
C GLY F 71 38.02 46.48 26.95
N LEU F 72 38.03 45.18 27.19
CA LEU F 72 37.76 44.15 26.17
C LEU F 72 36.29 43.74 26.24
N PRO F 73 35.74 43.45 25.06
CA PRO F 73 34.34 42.99 24.95
C PRO F 73 34.24 41.61 25.62
N ILE F 74 33.04 41.25 26.04
CA ILE F 74 32.90 39.89 26.65
C ILE F 74 32.41 38.98 25.52
N GLY F 75 32.90 37.76 25.46
CA GLY F 75 32.50 36.81 24.42
C GLY F 75 33.70 36.01 23.94
N GLU F 76 33.38 35.10 23.03
CA GLU F 76 34.38 34.21 22.44
C GLU F 76 35.16 34.99 21.39
N ARG F 77 36.42 35.12 21.70
CA ARG F 77 37.39 35.81 20.82
C ARG F 77 37.68 34.87 19.62
N ILE F 78 37.49 35.44 18.45
CA ILE F 78 37.74 34.66 17.22
C ILE F 78 38.28 35.57 16.14
N ILE F 79 38.99 34.93 15.25
CA ILE F 79 39.52 35.58 14.04
C ILE F 79 38.60 34.99 12.92
N VAL F 80 38.11 35.82 12.05
CA VAL F 80 37.31 35.42 10.90
C VAL F 80 38.19 35.81 9.70
N ALA F 81 38.63 34.81 8.97
CA ALA F 81 39.54 35.05 7.82
C ALA F 81 39.13 34.21 6.63
N GLY F 82 39.62 34.55 5.46
CA GLY F 82 39.30 33.81 4.24
C GLY F 82 39.86 34.59 3.07
N ARG F 83 39.43 34.17 1.93
CA ARG F 83 39.88 34.76 0.65
C ARG F 83 38.70 35.04 -0.25
N VAL F 84 38.80 36.09 -1.03
CA VAL F 84 37.77 36.47 -1.98
C VAL F 84 38.33 36.08 -3.35
N VAL F 85 37.67 35.15 -4.01
CA VAL F 85 38.07 34.72 -5.37
C VAL F 85 36.86 34.96 -6.28
N ASP F 86 37.03 34.82 -7.56
CA ASP F 86 35.99 34.96 -8.57
C ASP F 86 35.60 33.52 -8.95
N GLN F 87 34.65 33.33 -9.84
CA GLN F 87 34.18 31.99 -10.20
C GLN F 87 35.26 31.18 -10.93
N TYR F 88 36.25 31.86 -11.48
CA TYR F 88 37.37 31.20 -12.17
C TYR F 88 38.41 30.79 -11.15
N GLY F 89 38.21 31.14 -9.89
CA GLY F 89 39.12 30.86 -8.80
C GLY F 89 40.28 31.87 -8.77
N LYS F 90 40.12 32.98 -9.42
CA LYS F 90 41.13 34.06 -9.47
C LYS F 90 40.92 34.97 -8.27
N PRO F 91 41.97 35.27 -7.55
CA PRO F 91 41.91 36.13 -6.36
C PRO F 91 41.45 37.53 -6.75
N VAL F 92 40.76 38.16 -5.82
CA VAL F 92 40.24 39.53 -5.98
C VAL F 92 40.96 40.38 -4.93
N PRO F 93 42.04 40.99 -5.37
CA PRO F 93 42.88 41.84 -4.54
C PRO F 93 42.35 43.28 -4.44
N ASN F 94 42.70 43.91 -3.35
CA ASN F 94 42.35 45.27 -3.00
C ASN F 94 40.85 45.50 -3.08
N THR F 95 40.08 44.63 -2.49
CA THR F 95 38.61 44.76 -2.54
C THR F 95 38.07 45.07 -1.16
N LEU F 96 36.99 45.80 -1.06
CA LEU F 96 36.42 46.19 0.19
C LEU F 96 35.48 45.11 0.76
N VAL F 97 35.84 44.71 1.97
CA VAL F 97 35.08 43.76 2.73
C VAL F 97 34.61 44.51 3.99
N GLU F 98 33.32 44.61 4.16
CA GLU F 98 32.72 45.27 5.34
C GLU F 98 31.89 44.26 6.10
N MET F 99 31.81 44.36 7.39
CA MET F 99 31.05 43.44 8.24
C MET F 99 30.43 44.19 9.40
N TRP F 100 29.35 43.67 9.93
CA TRP F 100 28.61 44.20 11.07
C TRP F 100 27.96 42.97 11.74
N GLN F 101 27.69 43.08 13.00
CA GLN F 101 27.11 41.93 13.74
C GLN F 101 26.67 42.37 15.14
N ALA F 102 26.04 41.45 15.84
CA ALA F 102 25.58 41.69 17.22
C ALA F 102 26.74 41.32 18.16
N ASN F 103 26.53 41.57 19.44
CA ASN F 103 27.45 41.25 20.53
C ASN F 103 27.19 39.78 20.92
N ALA F 104 27.92 39.35 21.91
CA ALA F 104 27.90 38.00 22.45
C ALA F 104 26.54 37.49 22.86
N GLY F 105 25.61 38.41 23.09
CA GLY F 105 24.27 38.12 23.54
C GLY F 105 23.21 38.26 22.50
N GLY F 106 23.58 38.63 21.28
CA GLY F 106 22.59 38.81 20.22
C GLY F 106 22.04 40.24 20.18
N ARG F 107 22.63 41.18 20.87
CA ARG F 107 22.18 42.58 20.85
C ARG F 107 23.01 43.45 19.93
N TYR F 108 22.31 44.16 19.04
CA TYR F 108 22.95 45.08 18.08
C TYR F 108 23.04 46.47 18.72
N ARG F 109 24.10 47.16 18.32
CA ARG F 109 24.31 48.56 18.81
C ARG F 109 23.65 49.43 17.73
N HIS F 110 22.33 49.45 17.83
CA HIS F 110 21.44 50.17 16.89
C HIS F 110 20.15 50.58 17.61
N LYS F 111 19.72 51.79 17.29
CA LYS F 111 18.55 52.47 17.84
C LYS F 111 17.32 51.55 17.94
N ASN F 112 17.08 50.93 16.79
CA ASN F 112 15.93 50.05 16.62
C ASN F 112 15.99 48.74 17.35
N ASP F 113 17.13 48.34 17.88
CA ASP F 113 17.21 47.03 18.57
C ASP F 113 16.73 47.14 19.99
N ARG F 114 15.55 46.53 20.25
CA ARG F 114 15.00 46.58 21.62
C ARG F 114 15.11 45.23 22.30
N TYR F 115 15.98 44.36 21.81
CA TYR F 115 16.11 43.03 22.45
C TYR F 115 16.61 43.31 23.88
N LEU F 116 16.12 42.54 24.82
CA LEU F 116 16.42 42.68 26.23
C LEU F 116 17.83 42.35 26.66
N ALA F 117 18.60 41.73 25.79
CA ALA F 117 20.02 41.37 26.12
C ALA F 117 20.74 42.73 26.06
N PRO F 118 21.62 42.93 27.03
CA PRO F 118 22.32 44.19 27.17
C PRO F 118 23.41 44.43 26.14
N LEU F 119 23.72 45.70 25.98
CA LEU F 119 24.82 46.12 25.12
C LEU F 119 26.12 45.82 25.87
N ASP F 120 27.17 45.74 25.12
CA ASP F 120 28.54 45.51 25.68
C ASP F 120 29.25 46.86 25.48
N PRO F 121 29.55 47.46 26.61
CA PRO F 121 30.20 48.77 26.63
C PRO F 121 31.47 48.87 25.83
N ASN F 122 32.16 47.76 25.59
CA ASN F 122 33.41 47.75 24.84
C ASN F 122 33.25 47.20 23.43
N PHE F 123 32.00 47.06 23.00
CA PHE F 123 31.78 46.47 21.64
C PHE F 123 30.87 47.31 20.77
N GLY F 124 31.36 47.55 19.56
CA GLY F 124 30.62 48.33 18.55
C GLY F 124 29.94 47.38 17.55
N GLY F 125 30.76 46.55 16.90
CA GLY F 125 30.29 45.56 15.97
C GLY F 125 30.39 45.86 14.50
N VAL F 126 31.29 46.74 14.09
CA VAL F 126 31.53 47.08 12.69
C VAL F 126 33.01 46.87 12.35
N GLY F 127 33.28 46.46 11.13
CA GLY F 127 34.67 46.27 10.68
C GLY F 127 34.72 46.40 9.16
N ARG F 128 35.88 46.72 8.66
CA ARG F 128 36.17 46.86 7.24
C ARG F 128 37.66 46.47 7.08
N CYS F 129 37.93 45.86 5.95
CA CYS F 129 39.25 45.36 5.57
C CYS F 129 39.33 45.31 4.03
N LEU F 130 40.43 45.71 3.50
CA LEU F 130 40.70 45.71 2.07
C LEU F 130 41.53 44.44 1.82
N THR F 131 41.08 43.58 0.94
CA THR F 131 41.75 42.33 0.65
C THR F 131 43.18 42.66 0.18
N ASP F 132 44.06 41.72 0.43
CA ASP F 132 45.47 41.89 0.06
C ASP F 132 45.64 41.43 -1.38
N SER F 133 46.89 41.41 -1.77
CA SER F 133 47.35 41.00 -3.10
C SER F 133 46.85 39.62 -3.45
N ASP F 134 46.68 38.78 -2.46
CA ASP F 134 46.19 37.42 -2.65
C ASP F 134 44.70 37.24 -2.47
N GLY F 135 43.97 38.30 -2.25
CA GLY F 135 42.52 38.24 -2.01
C GLY F 135 42.17 37.85 -0.58
N TYR F 136 43.13 37.95 0.34
CA TYR F 136 42.93 37.62 1.75
C TYR F 136 42.48 38.82 2.58
N TYR F 137 41.62 38.54 3.53
CA TYR F 137 41.06 39.49 4.48
C TYR F 137 41.04 38.77 5.85
N SER F 138 40.88 39.58 6.88
CA SER F 138 40.75 39.05 8.22
C SER F 138 40.25 40.12 9.21
N PHE F 139 39.47 39.63 10.15
CA PHE F 139 38.83 40.37 11.19
C PHE F 139 39.08 39.65 12.52
N ARG F 140 39.13 40.44 13.54
CA ARG F 140 39.28 39.88 14.91
C ARG F 140 37.99 40.38 15.60
N THR F 141 37.27 39.43 16.16
CA THR F 141 35.97 39.87 16.78
C THR F 141 35.60 38.89 17.86
N ILE F 142 34.33 38.97 18.26
CA ILE F 142 33.78 38.06 19.28
C ILE F 142 32.60 37.37 18.59
N LYS F 143 32.42 36.08 18.92
CA LYS F 143 31.33 35.32 18.27
C LYS F 143 29.96 35.87 18.73
N PRO F 144 29.14 36.25 17.78
CA PRO F 144 27.81 36.79 18.03
C PRO F 144 26.85 35.73 18.51
N GLY F 145 25.84 36.13 19.29
CA GLY F 145 24.81 35.22 19.77
C GLY F 145 23.59 35.29 18.83
N PRO F 146 22.79 34.24 18.91
CA PRO F 146 21.54 34.12 18.17
C PRO F 146 20.66 35.30 18.65
N TYR F 147 19.73 35.64 17.79
CA TYR F 147 18.83 36.82 18.05
C TYR F 147 17.39 36.47 17.67
N PRO F 148 16.48 36.73 18.60
CA PRO F 148 15.04 36.49 18.40
C PRO F 148 14.54 37.63 17.52
N TRP F 149 13.63 37.34 16.61
CA TRP F 149 13.11 38.39 15.71
C TRP F 149 11.63 38.12 15.47
N ARG F 150 10.94 39.18 15.10
CA ARG F 150 9.49 39.09 14.89
C ARG F 150 9.10 38.60 13.52
N ASN F 151 9.18 37.31 13.31
CA ASN F 151 8.81 36.62 12.06
C ASN F 151 7.64 35.71 12.54
N GLY F 152 7.93 34.45 12.75
CA GLY F 152 6.90 33.55 13.36
C GLY F 152 7.04 33.93 14.88
N PRO F 153 6.17 33.39 15.69
CA PRO F 153 6.15 33.62 17.12
C PRO F 153 7.39 33.15 17.85
N ASN F 154 8.17 32.23 17.29
CA ASN F 154 9.37 31.76 18.06
C ASN F 154 10.53 31.57 17.10
N ASP F 155 10.89 32.62 16.40
CA ASP F 155 11.96 32.61 15.41
C ASP F 155 13.23 33.16 16.00
N TRP F 156 14.32 32.44 15.72
CA TRP F 156 15.66 32.82 16.18
C TRP F 156 16.67 32.77 15.01
N ARG F 157 17.31 33.90 14.81
CA ARG F 157 18.35 33.96 13.75
C ARG F 157 19.54 33.17 14.35
N PRO F 158 20.16 32.36 13.51
CA PRO F 158 21.37 31.63 13.99
C PRO F 158 22.43 32.75 14.17
N ALA F 159 23.45 32.49 14.96
CA ALA F 159 24.55 33.49 15.12
C ALA F 159 25.06 33.66 13.63
N HIS F 160 25.24 34.92 13.31
CA HIS F 160 25.70 35.29 11.95
C HIS F 160 26.40 36.63 11.94
N ILE F 161 27.21 36.81 10.92
CA ILE F 161 27.95 38.03 10.68
C ILE F 161 27.51 38.55 9.31
N HIS F 162 27.08 39.75 9.19
CA HIS F 162 26.70 40.36 7.92
C HIS F 162 27.97 40.77 7.17
N PHE F 163 28.00 40.50 5.86
CA PHE F 163 29.14 40.83 5.03
C PHE F 163 28.72 41.60 3.78
N GLY F 164 29.57 42.52 3.37
CA GLY F 164 29.34 43.33 2.16
C GLY F 164 30.71 43.24 1.43
N ILE F 165 30.68 42.88 0.18
CA ILE F 165 31.87 42.76 -0.63
C ILE F 165 31.66 43.55 -1.93
N SER F 166 32.59 44.44 -2.22
CA SER F 166 32.51 45.26 -3.44
C SER F 166 32.82 44.53 -4.74
N GLY F 167 34.01 43.96 -4.81
CA GLY F 167 34.55 43.26 -5.98
C GLY F 167 34.96 44.36 -6.99
N PRO F 168 35.31 43.89 -8.20
CA PRO F 168 35.73 44.78 -9.28
C PRO F 168 34.69 45.66 -9.91
N SER F 169 33.40 45.42 -9.73
CA SER F 169 32.38 46.25 -10.39
C SER F 169 31.08 46.25 -9.63
N ILE F 170 30.09 47.04 -10.06
CA ILE F 170 28.81 47.05 -9.33
C ILE F 170 28.09 45.74 -9.64
N ALA F 171 28.57 45.09 -10.70
CA ALA F 171 28.04 43.80 -11.16
C ALA F 171 28.38 42.70 -10.16
N THR F 172 29.53 42.82 -9.50
CA THR F 172 29.96 41.82 -8.52
C THR F 172 29.56 42.12 -7.10
N LYS F 173 29.20 43.36 -6.81
CA LYS F 173 28.84 43.76 -5.44
C LYS F 173 27.86 42.82 -4.83
N LEU F 174 28.15 42.36 -3.62
CA LEU F 174 27.26 41.40 -2.93
C LEU F 174 27.15 41.62 -1.43
N ILE F 175 25.97 41.38 -0.88
CA ILE F 175 25.74 41.46 0.56
C ILE F 175 25.33 40.04 0.95
N THR F 176 25.82 39.53 2.05
CA THR F 176 25.51 38.18 2.49
C THR F 176 25.60 38.09 3.99
N GLN F 177 25.54 36.86 4.47
CA GLN F 177 25.65 36.54 5.91
C GLN F 177 26.50 35.29 6.05
N LEU F 178 27.31 35.28 7.08
CA LEU F 178 28.16 34.12 7.43
C LEU F 178 27.46 33.44 8.60
N TYR F 179 27.42 32.11 8.58
CA TYR F 179 26.87 31.31 9.66
C TYR F 179 27.99 30.45 10.24
N PHE F 180 27.83 29.93 11.41
CA PHE F 180 28.86 29.15 12.10
C PHE F 180 28.60 27.65 12.08
N GLU F 181 29.65 26.94 11.72
CA GLU F 181 29.66 25.47 11.58
C GLU F 181 29.02 24.78 12.76
N GLY F 182 28.07 23.91 12.46
CA GLY F 182 27.34 23.10 13.40
C GLY F 182 26.19 23.71 14.16
N ASP F 183 25.94 24.99 13.99
CA ASP F 183 24.83 25.68 14.71
C ASP F 183 23.49 25.04 14.33
N PRO F 184 22.79 24.55 15.32
CA PRO F 184 21.49 23.87 15.09
C PRO F 184 20.37 24.77 14.62
N LEU F 185 20.52 26.08 14.78
CA LEU F 185 19.51 27.04 14.35
C LEU F 185 19.50 27.23 12.84
N ILE F 186 20.62 26.98 12.19
CA ILE F 186 20.73 27.19 10.75
C ILE F 186 19.59 26.66 9.92
N PRO F 187 19.29 25.37 10.05
CA PRO F 187 18.25 24.69 9.31
C PRO F 187 16.82 25.12 9.60
N MET F 188 16.61 25.88 10.65
CA MET F 188 15.26 26.33 11.01
C MET F 188 15.05 27.79 10.65
N CYS F 189 16.06 28.43 10.10
CA CYS F 189 15.90 29.85 9.80
C CYS F 189 15.28 30.12 8.44
N PRO F 190 14.18 30.85 8.47
CA PRO F 190 13.45 31.25 7.27
C PRO F 190 14.29 32.08 6.32
N ILE F 191 15.20 32.91 6.81
CA ILE F 191 16.08 33.71 5.97
C ILE F 191 17.10 32.83 5.24
N VAL F 192 17.63 31.86 5.98
CA VAL F 192 18.57 30.88 5.46
C VAL F 192 17.81 30.07 4.38
N LYS F 193 16.61 29.66 4.80
CA LYS F 193 15.74 28.88 3.92
C LYS F 193 15.26 29.62 2.69
N SER F 194 15.59 30.90 2.58
CA SER F 194 15.23 31.69 1.39
C SER F 194 16.04 31.10 0.21
N ILE F 195 17.09 30.37 0.53
CA ILE F 195 17.98 29.72 -0.43
C ILE F 195 17.42 28.29 -0.66
N ALA F 196 16.96 28.01 -1.86
CA ALA F 196 16.37 26.75 -2.20
C ALA F 196 17.28 25.54 -2.17
N ASN F 197 18.48 25.67 -2.61
CA ASN F 197 19.48 24.60 -2.69
C ASN F 197 20.35 24.50 -1.46
N PRO F 198 20.32 23.36 -0.79
CA PRO F 198 21.09 23.10 0.42
C PRO F 198 22.58 23.24 0.21
N GLU F 199 22.99 23.09 -1.05
CA GLU F 199 24.40 23.18 -1.42
C GLU F 199 24.83 24.64 -1.34
N ALA F 200 23.88 25.52 -1.67
CA ALA F 200 24.17 26.97 -1.63
C ALA F 200 24.29 27.41 -0.17
N VAL F 201 23.50 26.77 0.72
CA VAL F 201 23.53 27.12 2.14
C VAL F 201 24.92 26.84 2.73
N GLN F 202 25.47 25.72 2.30
CA GLN F 202 26.77 25.25 2.72
C GLN F 202 27.86 26.29 2.56
N GLN F 203 27.73 27.07 1.49
CA GLN F 203 28.73 28.10 1.15
C GLN F 203 28.74 29.26 2.15
N LEU F 204 27.72 29.34 2.94
CA LEU F 204 27.53 30.42 3.91
C LEU F 204 28.02 30.02 5.31
N ILE F 205 28.49 28.79 5.40
CA ILE F 205 28.96 28.28 6.67
C ILE F 205 30.46 28.39 6.84
N ALA F 206 30.87 29.14 7.86
CA ALA F 206 32.30 29.33 8.19
C ALA F 206 32.72 28.03 8.91
N LYS F 207 33.90 27.57 8.56
CA LYS F 207 34.39 26.32 9.18
C LYS F 207 35.40 26.66 10.28
N LEU F 208 35.35 25.87 11.33
CA LEU F 208 36.32 26.09 12.46
C LEU F 208 37.72 25.90 11.84
N ASP F 209 38.61 26.79 12.15
CA ASP F 209 39.99 26.66 11.55
C ASP F 209 41.03 26.67 12.66
N MET F 210 41.31 25.54 13.23
CA MET F 210 42.26 25.35 14.33
C MET F 210 43.69 25.76 13.97
N ASN F 211 43.99 25.71 12.68
CA ASN F 211 45.30 26.05 12.14
C ASN F 211 45.57 27.55 12.21
N ASN F 212 44.55 28.33 12.14
CA ASN F 212 44.68 29.80 12.17
C ASN F 212 44.46 30.36 13.56
N ALA F 213 44.16 29.51 14.52
CA ALA F 213 43.89 29.94 15.89
C ALA F 213 45.19 30.30 16.61
N ASN F 214 45.04 31.17 17.59
CA ASN F 214 46.21 31.60 18.44
C ASN F 214 46.02 30.83 19.75
N PRO F 215 46.90 29.90 20.02
CA PRO F 215 46.80 29.07 21.25
C PRO F 215 46.70 29.97 22.46
N MET F 216 45.91 29.60 23.42
CA MET F 216 45.64 30.28 24.65
C MET F 216 45.09 31.68 24.44
N ASP F 217 44.52 31.96 23.27
CA ASP F 217 44.01 33.31 22.99
C ASP F 217 42.66 33.39 22.32
N CYS F 218 42.57 32.87 21.10
CA CYS F 218 41.37 32.89 20.29
C CYS F 218 41.35 31.79 19.24
N LEU F 219 40.11 31.47 18.91
CA LEU F 219 39.81 30.47 17.84
C LEU F 219 39.76 31.25 16.52
N ALA F 220 39.52 30.50 15.46
CA ALA F 220 39.46 31.06 14.12
C ALA F 220 38.45 30.26 13.28
N TYR F 221 37.87 31.04 12.38
CA TYR F 221 36.88 30.54 11.41
C TYR F 221 37.34 31.05 10.04
N ARG F 222 37.09 30.22 9.08
CA ARG F 222 37.42 30.40 7.67
C ARG F 222 36.16 30.60 6.86
N PHE F 223 36.13 31.67 6.08
CA PHE F 223 35.04 32.05 5.20
C PHE F 223 35.59 32.59 3.89
N ASP F 224 35.45 31.79 2.84
CA ASP F 224 35.92 32.19 1.48
C ASP F 224 34.71 32.72 0.72
N ILE F 225 34.89 33.73 -0.06
CA ILE F 225 33.81 34.33 -0.83
C ILE F 225 34.13 34.23 -2.32
N VAL F 226 33.12 33.84 -3.08
CA VAL F 226 33.20 33.73 -4.53
C VAL F 226 32.30 34.81 -5.18
N LEU F 227 32.96 35.65 -5.95
CA LEU F 227 32.29 36.70 -6.72
C LEU F 227 32.15 36.21 -8.18
N ARG F 228 31.24 36.84 -8.89
CA ARG F 228 31.00 36.56 -10.31
C ARG F 228 32.33 36.54 -11.08
N GLY F 229 32.42 35.50 -11.94
CA GLY F 229 33.58 35.29 -12.77
C GLY F 229 33.71 36.46 -13.75
N GLN F 230 34.96 36.92 -13.85
CA GLN F 230 35.34 38.04 -14.71
C GLN F 230 36.16 37.49 -15.88
N ARG F 231 35.79 37.90 -17.08
CA ARG F 231 36.53 37.42 -18.28
C ARG F 231 36.68 38.58 -19.22
N LYS F 232 37.64 38.49 -20.14
CA LYS F 232 37.81 39.60 -21.14
C LYS F 232 36.70 39.43 -22.19
N THR F 233 36.42 40.50 -22.90
CA THR F 233 35.38 40.47 -23.95
C THR F 233 36.03 39.70 -25.12
N HIS F 234 35.19 39.20 -26.00
CA HIS F 234 35.75 38.48 -27.17
C HIS F 234 34.67 38.45 -28.25
N PHE F 235 35.14 38.63 -29.47
CA PHE F 235 34.32 38.66 -30.67
C PHE F 235 33.13 39.58 -30.54
N GLU F 236 33.31 40.67 -29.79
CA GLU F 236 32.16 41.59 -29.60
C GLU F 236 31.96 42.52 -30.77
N PRO G 1 11.28 -21.46 -19.68
CA PRO G 1 10.15 -21.93 -20.49
C PRO G 1 9.25 -20.74 -20.86
N ILE G 2 8.29 -21.01 -21.70
CA ILE G 2 7.29 -20.04 -22.15
C ILE G 2 6.19 -20.02 -21.09
N GLU G 3 5.87 -18.84 -20.63
CA GLU G 3 4.81 -18.61 -19.62
C GLU G 3 3.76 -17.70 -20.28
N LEU G 4 2.51 -18.08 -20.16
CA LEU G 4 1.41 -17.26 -20.79
C LEU G 4 0.87 -16.37 -19.65
N LEU G 5 -0.21 -15.67 -19.91
CA LEU G 5 -0.85 -14.88 -18.84
C LEU G 5 -1.46 -15.98 -17.92
N PRO G 6 -1.30 -15.83 -16.64
CA PRO G 6 -1.88 -16.76 -15.68
C PRO G 6 -3.41 -16.55 -15.68
N GLU G 7 -4.11 -17.66 -15.56
CA GLU G 7 -5.60 -17.64 -15.50
C GLU G 7 -5.99 -16.97 -14.17
N THR G 8 -7.15 -16.33 -14.18
CA THR G 8 -7.69 -15.69 -12.98
C THR G 8 -7.95 -16.83 -11.98
N PRO G 9 -7.49 -16.65 -10.75
CA PRO G 9 -7.69 -17.65 -9.71
C PRO G 9 -9.18 -17.81 -9.32
N SER G 10 -9.58 -19.02 -9.07
CA SER G 10 -10.91 -19.38 -8.66
C SER G 10 -11.08 -19.02 -7.17
N GLN G 11 -12.33 -18.89 -6.79
CA GLN G 11 -12.75 -18.60 -5.42
C GLN G 11 -14.09 -19.34 -5.22
N THR G 12 -14.39 -19.67 -4.00
CA THR G 12 -15.65 -20.37 -3.68
C THR G 12 -16.83 -19.51 -4.16
N ALA G 13 -17.90 -20.23 -4.48
CA ALA G 13 -19.16 -19.65 -4.95
C ALA G 13 -19.84 -18.95 -3.78
N GLY G 14 -19.57 -19.50 -2.57
CA GLY G 14 -20.15 -18.96 -1.33
C GLY G 14 -21.56 -19.51 -1.13
N PRO G 15 -22.10 -19.25 0.07
CA PRO G 15 -23.42 -19.71 0.47
C PRO G 15 -24.56 -19.03 -0.26
N TYR G 16 -24.35 -17.84 -0.74
CA TYR G 16 -25.40 -17.05 -1.42
C TYR G 16 -25.38 -17.14 -2.90
N VAL G 17 -24.77 -18.17 -3.44
CA VAL G 17 -24.65 -18.39 -4.88
C VAL G 17 -25.98 -18.29 -5.61
N HIS G 18 -27.02 -18.69 -4.96
CA HIS G 18 -28.39 -18.70 -5.47
C HIS G 18 -28.87 -17.38 -6.02
N ILE G 19 -28.55 -16.35 -5.26
CA ILE G 19 -28.98 -14.97 -5.66
C ILE G 19 -28.54 -14.66 -7.04
N GLY G 20 -27.31 -15.10 -7.40
CA GLY G 20 -26.75 -14.86 -8.70
C GLY G 20 -27.05 -15.88 -9.76
N LEU G 21 -27.13 -17.14 -9.37
CA LEU G 21 -27.33 -18.23 -10.32
C LEU G 21 -28.52 -19.14 -10.14
N ALA G 22 -29.36 -18.90 -9.19
CA ALA G 22 -30.54 -19.75 -8.90
C ALA G 22 -31.57 -18.90 -8.16
N LEU G 23 -32.00 -17.86 -8.88
CA LEU G 23 -32.93 -16.85 -8.38
C LEU G 23 -34.06 -17.37 -7.52
N GLU G 24 -34.90 -18.23 -8.06
CA GLU G 24 -36.02 -18.82 -7.31
C GLU G 24 -35.51 -19.33 -5.95
N ALA G 25 -34.52 -20.21 -6.01
CA ALA G 25 -33.94 -20.84 -4.82
C ALA G 25 -33.59 -19.82 -3.76
N ALA G 26 -33.04 -18.70 -4.21
CA ALA G 26 -32.65 -17.61 -3.28
C ALA G 26 -33.93 -17.06 -2.64
N GLY G 27 -35.02 -17.33 -3.34
CA GLY G 27 -36.35 -16.86 -2.95
C GLY G 27 -36.50 -15.39 -3.43
N ASN G 28 -36.05 -15.17 -4.66
CA ASN G 28 -36.13 -13.81 -5.25
C ASN G 28 -36.84 -13.92 -6.60
N PRO G 29 -37.38 -12.79 -7.02
CA PRO G 29 -38.07 -12.71 -8.32
C PRO G 29 -37.08 -13.12 -9.40
N THR G 30 -37.54 -13.88 -10.36
CA THR G 30 -36.65 -14.32 -11.48
C THR G 30 -36.83 -13.29 -12.60
N ARG G 31 -36.03 -13.45 -13.64
CA ARG G 31 -36.08 -12.56 -14.82
C ARG G 31 -36.83 -13.32 -15.90
N ASP G 32 -37.13 -12.69 -16.99
CA ASP G 32 -37.86 -13.30 -18.11
C ASP G 32 -37.28 -14.67 -18.46
N GLN G 33 -35.97 -14.68 -18.65
CA GLN G 33 -35.26 -15.92 -19.04
C GLN G 33 -34.22 -16.31 -18.01
N GLU G 34 -34.33 -17.56 -17.58
CA GLU G 34 -33.41 -18.13 -16.61
C GLU G 34 -32.93 -19.49 -17.10
N ILE G 35 -31.66 -19.75 -16.79
CA ILE G 35 -31.05 -21.07 -17.12
C ILE G 35 -31.35 -21.93 -15.88
N TRP G 36 -32.19 -22.93 -16.11
CA TRP G 36 -32.58 -23.83 -15.01
C TRP G 36 -32.42 -25.28 -15.35
N ASN G 37 -33.08 -26.15 -14.62
CA ASN G 37 -33.02 -27.59 -14.67
C ASN G 37 -33.89 -28.41 -15.59
N ARG G 38 -34.39 -27.82 -16.64
CA ARG G 38 -35.24 -28.52 -17.63
C ARG G 38 -34.53 -28.45 -18.98
N LEU G 39 -33.76 -29.45 -19.34
CA LEU G 39 -33.00 -29.44 -20.58
C LEU G 39 -33.85 -29.82 -21.79
N ALA G 40 -34.86 -30.63 -21.58
CA ALA G 40 -35.72 -31.06 -22.70
C ALA G 40 -37.19 -30.74 -22.46
N LYS G 41 -37.82 -30.31 -23.52
CA LYS G 41 -39.28 -30.03 -23.50
C LYS G 41 -39.94 -31.37 -23.89
N PRO G 42 -41.16 -31.54 -23.47
CA PRO G 42 -41.95 -32.75 -23.71
C PRO G 42 -41.83 -33.33 -25.08
N ASP G 43 -41.74 -32.48 -26.10
CA ASP G 43 -41.62 -32.96 -27.48
C ASP G 43 -40.19 -33.06 -27.98
N ALA G 44 -39.25 -33.29 -27.10
CA ALA G 44 -37.83 -33.44 -27.50
C ALA G 44 -37.63 -34.95 -27.70
N PRO G 45 -36.90 -35.27 -28.74
CA PRO G 45 -36.64 -36.67 -29.10
C PRO G 45 -35.76 -37.29 -28.03
N GLY G 46 -35.91 -38.59 -27.91
CA GLY G 46 -35.10 -39.36 -26.96
C GLY G 46 -35.97 -39.85 -25.82
N GLU G 47 -35.33 -40.59 -24.94
CA GLU G 47 -35.98 -41.16 -23.76
C GLU G 47 -35.89 -40.19 -22.60
N HIS G 48 -37.01 -39.65 -22.20
CA HIS G 48 -37.15 -38.70 -21.13
C HIS G 48 -36.89 -39.36 -19.78
N ILE G 49 -35.97 -38.73 -19.04
CA ILE G 49 -35.58 -39.24 -17.73
C ILE G 49 -35.55 -38.13 -16.69
N LEU G 50 -35.61 -38.57 -15.46
CA LEU G 50 -35.51 -37.66 -14.31
C LEU G 50 -34.21 -38.07 -13.59
N LEU G 51 -33.45 -37.05 -13.27
CA LEU G 51 -32.17 -37.15 -12.54
C LEU G 51 -32.35 -36.45 -11.18
N LEU G 52 -31.97 -37.16 -10.15
CA LEU G 52 -32.03 -36.64 -8.77
C LEU G 52 -30.86 -37.19 -7.97
N GLY G 53 -30.51 -36.48 -6.90
CA GLY G 53 -29.43 -36.86 -6.03
C GLY G 53 -29.16 -35.88 -4.90
N GLN G 54 -28.35 -36.38 -4.00
CA GLN G 54 -27.92 -35.64 -2.81
C GLN G 54 -26.39 -35.53 -2.85
N VAL G 55 -25.91 -34.59 -2.08
CA VAL G 55 -24.47 -34.28 -1.97
C VAL G 55 -24.09 -34.39 -0.50
N TYR G 56 -23.02 -35.13 -0.26
CA TYR G 56 -22.54 -35.38 1.09
C TYR G 56 -21.12 -34.85 1.28
N ASP G 57 -20.91 -34.38 2.47
CA ASP G 57 -19.62 -33.85 2.93
C ASP G 57 -18.90 -35.03 3.58
N GLY G 58 -17.70 -34.77 4.05
CA GLY G 58 -16.84 -35.72 4.68
C GLY G 58 -17.36 -36.37 5.92
N ASN G 59 -18.31 -35.73 6.58
CA ASN G 59 -18.93 -36.23 7.79
C ASN G 59 -20.20 -37.02 7.47
N GLY G 60 -20.54 -37.10 6.21
CA GLY G 60 -21.74 -37.82 5.76
C GLY G 60 -23.00 -36.98 5.94
N HIS G 61 -22.83 -35.68 6.05
CA HIS G 61 -23.90 -34.71 6.19
C HIS G 61 -24.18 -34.11 4.81
N LEU G 62 -25.43 -33.79 4.57
CA LEU G 62 -25.93 -33.21 3.35
C LEU G 62 -25.40 -31.76 3.19
N VAL G 63 -25.03 -31.50 1.97
CA VAL G 63 -24.54 -30.17 1.54
C VAL G 63 -25.80 -29.57 0.88
N ARG G 64 -26.44 -28.71 1.64
CA ARG G 64 -27.70 -28.08 1.22
C ARG G 64 -27.56 -26.82 0.42
N ASP G 65 -26.37 -26.30 0.24
CA ASP G 65 -26.15 -25.05 -0.50
C ASP G 65 -25.36 -25.26 -1.78
N SER G 66 -25.39 -26.50 -2.24
CA SER G 66 -24.62 -26.84 -3.47
C SER G 66 -25.35 -26.38 -4.72
N PHE G 67 -24.56 -26.06 -5.73
CA PHE G 67 -24.92 -25.60 -7.04
C PHE G 67 -24.21 -26.48 -8.09
N LEU G 68 -24.98 -26.94 -9.07
CA LEU G 68 -24.52 -27.84 -10.12
C LEU G 68 -24.83 -27.36 -11.53
N GLU G 69 -23.87 -27.56 -12.41
CA GLU G 69 -24.01 -27.25 -13.82
C GLU G 69 -23.79 -28.57 -14.58
N VAL G 70 -24.62 -28.81 -15.57
CA VAL G 70 -24.58 -30.02 -16.39
C VAL G 70 -24.40 -29.69 -17.86
N TRP G 71 -23.69 -30.58 -18.53
CA TRP G 71 -23.42 -30.48 -19.97
C TRP G 71 -23.55 -31.91 -20.54
N GLN G 72 -24.41 -32.04 -21.53
CA GLN G 72 -24.63 -33.36 -22.16
C GLN G 72 -25.05 -33.20 -23.61
N ALA G 73 -24.90 -34.29 -24.33
CA ALA G 73 -25.31 -34.42 -25.73
C ALA G 73 -26.83 -34.76 -25.72
N ASP G 74 -27.42 -34.51 -26.87
CA ASP G 74 -28.88 -34.84 -27.03
C ASP G 74 -28.93 -36.37 -27.24
N ALA G 75 -30.10 -36.88 -27.62
CA ALA G 75 -30.24 -38.33 -27.82
C ALA G 75 -29.49 -38.83 -29.03
N ASN G 76 -29.05 -37.97 -29.91
CA ASN G 76 -28.27 -38.36 -31.09
C ASN G 76 -26.77 -38.28 -30.80
N GLY G 77 -26.43 -38.02 -29.56
CA GLY G 77 -25.04 -37.89 -29.15
C GLY G 77 -24.47 -36.61 -29.75
N GLU G 78 -25.29 -35.57 -29.78
CA GLU G 78 -24.91 -34.28 -30.32
C GLU G 78 -25.00 -33.16 -29.28
N TYR G 79 -23.95 -32.36 -29.26
CA TYR G 79 -23.88 -31.22 -28.33
C TYR G 79 -24.52 -29.98 -28.94
N GLN G 80 -25.60 -29.58 -28.31
CA GLN G 80 -26.38 -28.40 -28.75
C GLN G 80 -25.89 -27.18 -27.98
N ASP G 81 -24.99 -26.43 -28.60
CA ASP G 81 -24.39 -25.25 -27.94
C ASP G 81 -25.18 -23.97 -27.99
N ALA G 82 -25.95 -23.77 -29.04
CA ALA G 82 -26.75 -22.51 -29.15
C ALA G 82 -27.87 -22.58 -28.12
N TYR G 83 -27.61 -22.07 -26.95
CA TYR G 83 -28.57 -22.07 -25.84
C TYR G 83 -29.78 -21.21 -26.16
N ASN G 84 -30.95 -21.80 -26.09
CA ASN G 84 -32.20 -21.06 -26.41
C ASN G 84 -33.38 -21.70 -25.71
N LEU G 85 -34.15 -20.89 -25.01
CA LEU G 85 -35.32 -21.37 -24.25
C LEU G 85 -36.41 -21.89 -25.19
N GLU G 86 -36.33 -21.52 -26.44
CA GLU G 86 -37.30 -21.98 -27.45
C GLU G 86 -36.96 -23.39 -27.92
N ASN G 87 -35.72 -23.79 -27.71
CA ASN G 87 -35.24 -25.12 -28.12
C ASN G 87 -36.04 -26.21 -27.40
N ALA G 88 -36.14 -27.31 -28.11
CA ALA G 88 -36.81 -28.53 -27.59
C ALA G 88 -35.86 -29.16 -26.55
N PHE G 89 -34.58 -29.01 -26.87
CA PHE G 89 -33.48 -29.49 -26.06
C PHE G 89 -32.31 -28.49 -26.00
N ASN G 90 -31.79 -28.40 -24.80
CA ASN G 90 -30.59 -27.60 -24.49
C ASN G 90 -29.62 -28.59 -23.81
N SER G 91 -28.40 -28.60 -24.27
CA SER G 91 -27.34 -29.46 -23.73
C SER G 91 -26.86 -28.98 -22.36
N PHE G 92 -27.14 -27.73 -22.06
CA PHE G 92 -26.73 -27.11 -20.81
C PHE G 92 -27.87 -26.81 -19.86
N GLY G 93 -27.60 -27.05 -18.58
CA GLY G 93 -28.55 -26.75 -17.52
C GLY G 93 -27.89 -26.47 -16.18
N ARG G 94 -28.70 -26.00 -15.24
CA ARG G 94 -28.34 -25.68 -13.89
C ARG G 94 -29.35 -26.24 -12.89
N THR G 95 -28.82 -26.61 -11.74
CA THR G 95 -29.65 -27.14 -10.65
C THR G 95 -29.00 -26.84 -9.32
N ALA G 96 -29.72 -27.03 -8.26
CA ALA G 96 -29.27 -26.79 -6.90
C ALA G 96 -30.01 -27.70 -5.92
N THR G 97 -29.40 -27.89 -4.76
CA THR G 97 -30.02 -28.73 -3.72
C THR G 97 -30.90 -27.84 -2.84
N THR G 98 -32.06 -28.41 -2.47
CA THR G 98 -33.04 -27.72 -1.62
C THR G 98 -32.43 -27.49 -0.23
N PHE G 99 -32.79 -26.35 0.33
CA PHE G 99 -32.31 -25.97 1.68
C PHE G 99 -32.86 -26.93 2.72
N ASP G 100 -33.97 -27.56 2.42
CA ASP G 100 -34.65 -28.54 3.28
C ASP G 100 -34.20 -29.97 3.00
N ALA G 101 -34.82 -30.58 2.00
CA ALA G 101 -34.49 -31.98 1.62
C ALA G 101 -33.05 -32.11 1.12
N GLY G 102 -32.56 -31.09 0.44
CA GLY G 102 -31.20 -31.09 -0.09
C GLY G 102 -31.07 -32.05 -1.26
N GLU G 103 -32.13 -32.12 -2.04
CA GLU G 103 -32.11 -32.99 -3.23
C GLU G 103 -32.23 -32.11 -4.46
N TRP G 104 -31.46 -32.47 -5.47
CA TRP G 104 -31.51 -31.69 -6.74
C TRP G 104 -32.20 -32.64 -7.73
N THR G 105 -32.72 -32.03 -8.78
CA THR G 105 -33.39 -32.77 -9.83
C THR G 105 -33.12 -32.08 -11.16
N LEU G 106 -33.17 -32.90 -12.16
CA LEU G 106 -32.95 -32.37 -13.56
C LEU G 106 -33.92 -33.15 -14.45
N HIS G 107 -34.45 -32.51 -15.44
CA HIS G 107 -35.38 -33.08 -16.42
C HIS G 107 -34.68 -33.01 -17.78
N THR G 108 -34.34 -34.15 -18.32
CA THR G 108 -33.62 -34.20 -19.62
C THR G 108 -33.94 -35.53 -20.30
N VAL G 109 -33.12 -35.90 -21.24
CA VAL G 109 -33.16 -37.14 -21.97
C VAL G 109 -31.76 -37.81 -21.86
N LYS G 110 -31.78 -39.13 -22.01
CA LYS G 110 -30.56 -39.94 -21.95
C LYS G 110 -29.68 -39.55 -23.15
N PRO G 111 -28.45 -39.13 -22.83
CA PRO G 111 -27.52 -38.67 -23.86
C PRO G 111 -27.07 -39.81 -24.78
N GLY G 112 -26.88 -39.48 -26.03
CA GLY G 112 -26.39 -40.43 -27.02
C GLY G 112 -24.86 -40.48 -26.79
N VAL G 113 -24.23 -41.38 -27.45
CA VAL G 113 -22.79 -41.68 -27.41
C VAL G 113 -21.97 -40.68 -28.20
N VAL G 114 -20.84 -40.33 -27.65
CA VAL G 114 -19.91 -39.40 -28.32
C VAL G 114 -18.55 -40.12 -28.31
N ASN G 115 -17.75 -39.80 -29.27
CA ASN G 115 -16.41 -40.35 -29.44
C ASN G 115 -15.40 -39.41 -28.77
N ASN G 116 -14.33 -40.02 -28.31
CA ASN G 116 -13.22 -39.28 -27.70
C ASN G 116 -12.38 -38.80 -28.91
N ALA G 117 -11.38 -38.02 -28.61
CA ALA G 117 -10.49 -37.45 -29.62
C ALA G 117 -9.89 -38.55 -30.48
N ALA G 118 -9.65 -39.72 -29.94
CA ALA G 118 -9.05 -40.84 -30.67
C ALA G 118 -10.06 -41.60 -31.53
N GLY G 119 -11.31 -41.23 -31.50
CA GLY G 119 -12.35 -41.90 -32.27
C GLY G 119 -13.05 -42.99 -31.51
N VAL G 120 -12.67 -43.32 -30.30
CA VAL G 120 -13.32 -44.35 -29.48
C VAL G 120 -14.57 -43.79 -28.81
N PRO G 121 -15.63 -44.59 -28.80
CA PRO G 121 -16.90 -44.19 -28.20
C PRO G 121 -16.86 -44.19 -26.68
N MET G 122 -17.50 -43.20 -26.11
CA MET G 122 -17.62 -43.07 -24.65
C MET G 122 -19.02 -43.55 -24.27
N ALA G 123 -19.17 -44.12 -23.12
CA ALA G 123 -20.54 -44.56 -22.68
C ALA G 123 -21.37 -43.31 -22.45
N PRO G 124 -22.68 -43.40 -22.61
CA PRO G 124 -23.56 -42.23 -22.39
C PRO G 124 -23.18 -41.62 -21.03
N HIS G 125 -23.05 -40.30 -21.01
CA HIS G 125 -22.68 -39.63 -19.76
C HIS G 125 -23.08 -38.16 -19.79
N ILE G 126 -23.17 -37.65 -18.57
CA ILE G 126 -23.48 -36.28 -18.25
C ILE G 126 -22.27 -35.69 -17.47
N ASN G 127 -21.79 -34.59 -17.95
CA ASN G 127 -20.65 -33.86 -17.34
C ASN G 127 -21.26 -32.96 -16.25
N ILE G 128 -20.73 -33.06 -15.06
CA ILE G 128 -21.16 -32.28 -13.93
C ILE G 128 -20.03 -31.45 -13.30
N SER G 129 -20.42 -30.23 -12.91
CA SER G 129 -19.52 -29.29 -12.21
C SER G 129 -20.21 -28.95 -10.89
N LEU G 130 -19.52 -29.22 -9.79
CA LEU G 130 -20.07 -28.94 -8.46
C LEU G 130 -19.46 -27.70 -7.81
N PHE G 131 -20.34 -26.84 -7.36
CA PHE G 131 -19.97 -25.57 -6.71
C PHE G 131 -20.71 -25.47 -5.37
N ALA G 132 -20.03 -24.78 -4.46
CA ALA G 132 -20.58 -24.52 -3.14
C ALA G 132 -19.54 -23.87 -2.22
N ARG G 133 -20.17 -23.44 -1.14
CA ARG G 133 -19.44 -22.82 0.02
C ARG G 133 -18.48 -23.91 0.50
N GLY G 134 -17.22 -23.55 0.76
CA GLY G 134 -16.25 -24.54 1.20
C GLY G 134 -15.51 -25.22 0.05
N ILE G 135 -15.94 -25.05 -1.18
CA ILE G 135 -15.27 -25.58 -2.37
C ILE G 135 -14.58 -24.37 -3.04
N ASN G 136 -13.24 -24.36 -2.96
CA ASN G 136 -12.42 -23.27 -3.51
C ASN G 136 -12.43 -23.23 -5.02
N ILE G 137 -12.37 -24.41 -5.65
CA ILE G 137 -12.40 -24.53 -7.12
C ILE G 137 -13.37 -25.66 -7.41
N HIS G 138 -14.30 -25.46 -8.29
CA HIS G 138 -15.34 -26.45 -8.64
C HIS G 138 -14.81 -27.84 -8.94
N LEU G 139 -15.67 -28.81 -8.61
CA LEU G 139 -15.36 -30.25 -8.79
C LEU G 139 -16.04 -30.75 -10.06
N HIS G 140 -15.29 -31.44 -10.89
CA HIS G 140 -15.73 -32.03 -12.16
C HIS G 140 -15.91 -33.56 -11.97
N THR G 141 -17.08 -34.01 -12.37
CA THR G 141 -17.41 -35.41 -12.35
C THR G 141 -18.20 -35.76 -13.62
N ARG G 142 -18.53 -37.03 -13.73
CA ARG G 142 -19.31 -37.57 -14.85
C ARG G 142 -20.37 -38.53 -14.24
N LEU G 143 -21.54 -38.42 -14.85
CA LEU G 143 -22.65 -39.30 -14.41
C LEU G 143 -22.85 -40.35 -15.51
N TYR G 144 -22.70 -41.60 -15.12
CA TYR G 144 -22.91 -42.76 -16.01
C TYR G 144 -24.20 -43.47 -15.57
N PHE G 145 -24.68 -44.37 -16.40
CA PHE G 145 -25.97 -45.07 -16.11
C PHE G 145 -25.77 -46.55 -15.89
N ASP G 146 -26.41 -47.07 -14.87
CA ASP G 146 -26.28 -48.48 -14.52
C ASP G 146 -26.78 -49.40 -15.63
N ASP G 147 -27.75 -49.00 -16.41
CA ASP G 147 -28.32 -49.79 -17.48
C ASP G 147 -27.53 -49.78 -18.77
N GLU G 148 -26.29 -49.34 -18.70
CA GLU G 148 -25.35 -49.23 -19.83
C GLU G 148 -24.03 -49.91 -19.54
N ALA G 149 -24.11 -50.93 -18.71
CA ALA G 149 -22.98 -51.73 -18.29
C ALA G 149 -22.06 -52.14 -19.41
N GLN G 150 -22.57 -52.52 -20.55
CA GLN G 150 -21.75 -52.93 -21.69
C GLN G 150 -20.87 -51.77 -22.17
N ALA G 151 -21.52 -50.66 -22.43
CA ALA G 151 -20.85 -49.43 -22.88
C ALA G 151 -19.82 -48.97 -21.83
N ASN G 152 -20.27 -48.92 -20.59
CA ASN G 152 -19.50 -48.54 -19.44
C ASN G 152 -18.18 -49.28 -19.34
N ALA G 153 -18.26 -50.58 -19.61
CA ALA G 153 -17.08 -51.44 -19.52
C ALA G 153 -16.05 -51.08 -20.57
N LYS G 154 -16.50 -50.48 -21.65
CA LYS G 154 -15.59 -50.11 -22.75
C LYS G 154 -15.22 -48.63 -22.78
N CYS G 155 -15.72 -47.83 -21.87
CA CYS G 155 -15.46 -46.38 -21.85
C CYS G 155 -14.00 -46.07 -21.61
N PRO G 156 -13.42 -45.35 -22.55
CA PRO G 156 -12.01 -44.94 -22.47
C PRO G 156 -11.78 -44.01 -21.29
N VAL G 157 -12.80 -43.34 -20.82
CA VAL G 157 -12.66 -42.43 -19.68
C VAL G 157 -12.77 -43.19 -18.38
N LEU G 158 -13.83 -43.98 -18.30
CA LEU G 158 -14.12 -44.81 -17.11
C LEU G 158 -12.91 -45.70 -16.85
N ASN G 159 -12.32 -46.19 -17.93
CA ASN G 159 -11.16 -47.07 -17.87
C ASN G 159 -9.88 -46.38 -17.42
N LEU G 160 -9.81 -45.07 -17.37
CA LEU G 160 -8.61 -44.36 -16.91
C LEU G 160 -8.52 -44.47 -15.39
N ILE G 161 -9.63 -44.73 -14.76
CA ILE G 161 -9.72 -44.87 -13.29
C ILE G 161 -9.13 -46.24 -12.94
N GLU G 162 -7.94 -46.14 -12.40
CA GLU G 162 -7.11 -47.26 -11.99
C GLU G 162 -7.85 -48.33 -11.23
N GLN G 163 -8.57 -47.99 -10.19
CA GLN G 163 -9.30 -48.93 -9.34
C GLN G 163 -10.76 -49.05 -9.71
N PRO G 164 -11.14 -50.28 -10.09
CA PRO G 164 -12.49 -50.63 -10.48
C PRO G 164 -13.53 -50.16 -9.50
N GLN G 165 -13.29 -50.41 -8.22
CA GLN G 165 -14.27 -50.00 -7.18
C GLN G 165 -14.59 -48.51 -7.27
N ARG G 166 -13.63 -47.70 -7.67
CA ARG G 166 -13.84 -46.25 -7.76
C ARG G 166 -14.76 -45.86 -8.90
N ARG G 167 -14.73 -46.64 -9.96
CA ARG G 167 -15.51 -46.49 -11.17
C ARG G 167 -17.00 -46.53 -10.86
N GLU G 168 -17.36 -47.37 -9.91
CA GLU G 168 -18.73 -47.54 -9.48
C GLU G 168 -19.34 -46.26 -8.94
N THR G 169 -18.50 -45.39 -8.37
CA THR G 169 -18.95 -44.13 -7.77
C THR G 169 -19.60 -43.22 -8.82
N LEU G 170 -19.32 -43.48 -10.08
CA LEU G 170 -19.83 -42.71 -11.18
C LEU G 170 -21.11 -43.25 -11.80
N ILE G 171 -21.62 -44.35 -11.31
CA ILE G 171 -22.82 -44.94 -11.93
C ILE G 171 -24.12 -44.64 -11.27
N ALA G 172 -25.03 -43.98 -11.97
CA ALA G 172 -26.35 -43.64 -11.43
C ALA G 172 -27.25 -44.89 -11.40
N LYS G 173 -28.01 -45.01 -10.34
CA LYS G 173 -28.91 -46.15 -10.10
C LYS G 173 -30.31 -45.86 -10.65
N ARG G 174 -30.69 -46.67 -11.62
CA ARG G 174 -32.01 -46.59 -12.26
C ARG G 174 -33.11 -46.89 -11.22
N CYS G 175 -34.13 -46.09 -11.27
CA CYS G 175 -35.31 -46.15 -10.41
C CYS G 175 -36.49 -45.63 -11.24
N GLU G 176 -37.57 -45.34 -10.57
CA GLU G 176 -38.81 -44.85 -11.20
C GLU G 176 -39.46 -43.88 -10.22
N VAL G 177 -39.95 -42.78 -10.76
CA VAL G 177 -40.63 -41.75 -9.90
C VAL G 177 -41.92 -41.42 -10.66
N ASP G 178 -43.03 -41.63 -9.96
CA ASP G 178 -44.36 -41.40 -10.59
C ASP G 178 -44.35 -42.18 -11.91
N GLY G 179 -43.90 -43.42 -11.81
CA GLY G 179 -43.82 -44.30 -12.98
C GLY G 179 -42.99 -43.68 -14.10
N LYS G 180 -42.08 -42.79 -13.73
CA LYS G 180 -41.20 -42.15 -14.72
C LYS G 180 -39.77 -42.68 -14.44
N THR G 181 -39.05 -42.87 -15.53
CA THR G 181 -37.66 -43.37 -15.42
C THR G 181 -36.82 -42.28 -14.74
N ALA G 182 -36.20 -42.66 -13.65
CA ALA G 182 -35.33 -41.81 -12.85
C ALA G 182 -34.04 -42.60 -12.55
N TYR G 183 -33.00 -41.84 -12.27
CA TYR G 183 -31.69 -42.37 -11.90
C TYR G 183 -31.21 -41.50 -10.71
N ARG G 184 -30.74 -42.19 -9.71
CA ARG G 184 -30.24 -41.48 -8.53
C ARG G 184 -28.70 -41.38 -8.64
N PHE G 185 -28.20 -40.17 -8.41
CA PHE G 185 -26.77 -39.92 -8.48
C PHE G 185 -26.32 -39.07 -7.28
N ASP G 186 -25.86 -39.75 -6.27
CA ASP G 186 -25.36 -39.15 -5.03
C ASP G 186 -23.85 -38.89 -5.19
N ILE G 187 -23.46 -37.72 -4.67
CA ILE G 187 -22.06 -37.30 -4.72
C ILE G 187 -21.55 -37.31 -3.28
N ARG G 188 -20.42 -37.91 -3.12
CA ARG G 188 -19.75 -37.98 -1.79
C ARG G 188 -18.39 -37.28 -2.05
N ILE G 189 -18.33 -36.05 -1.59
CA ILE G 189 -17.18 -35.18 -1.76
C ILE G 189 -15.93 -35.72 -1.09
N GLN G 190 -16.17 -36.36 0.06
CA GLN G 190 -15.04 -36.88 0.84
C GLN G 190 -15.37 -38.15 1.59
N GLY G 191 -14.36 -38.94 1.89
CA GLY G 191 -14.44 -40.15 2.65
C GLY G 191 -14.79 -41.41 1.88
N GLU G 192 -15.30 -42.37 2.62
CA GLU G 192 -15.74 -43.68 2.20
C GLU G 192 -16.76 -43.50 1.08
N GLY G 193 -16.42 -44.07 -0.08
CA GLY G 193 -17.29 -43.97 -1.25
C GLY G 193 -17.12 -42.65 -1.98
N GLU G 194 -16.01 -41.99 -1.67
CA GLU G 194 -15.68 -40.69 -2.27
C GLU G 194 -15.76 -40.73 -3.78
N THR G 195 -16.56 -39.84 -4.34
CA THR G 195 -16.77 -39.77 -5.78
C THR G 195 -15.50 -39.36 -6.49
N VAL G 196 -15.37 -39.96 -7.68
CA VAL G 196 -14.24 -39.66 -8.56
C VAL G 196 -14.49 -38.26 -9.13
N PHE G 197 -13.45 -37.44 -9.09
CA PHE G 197 -13.41 -36.08 -9.61
C PHE G 197 -12.25 -36.05 -10.61
N PHE G 198 -12.48 -35.35 -11.70
CA PHE G 198 -11.55 -35.21 -12.80
C PHE G 198 -10.87 -33.87 -12.89
N ASP G 199 -9.82 -33.90 -13.69
CA ASP G 199 -8.99 -32.74 -14.03
C ASP G 199 -8.79 -32.89 -15.56
N PHE G 200 -8.97 -31.85 -16.29
CA PHE G 200 -8.82 -31.76 -17.73
C PHE G 200 -8.58 -30.30 -18.17
N PRO H 1 -24.26 -28.52 -34.37
CA PRO H 1 -23.83 -28.89 -33.01
C PRO H 1 -22.38 -28.43 -32.84
N ALA H 2 -21.94 -28.40 -31.59
CA ALA H 2 -20.56 -27.96 -31.27
C ALA H 2 -19.60 -29.02 -31.81
N GLN H 3 -18.36 -28.60 -32.03
CA GLN H 3 -17.32 -29.50 -32.56
C GLN H 3 -16.03 -29.40 -31.75
N ASP H 4 -15.32 -30.52 -31.68
CA ASP H 4 -14.03 -30.62 -30.97
C ASP H 4 -12.92 -30.08 -31.86
N ASN H 5 -12.69 -28.78 -31.80
CA ASN H 5 -11.64 -28.18 -32.63
C ASN H 5 -10.59 -27.45 -31.81
N SER H 6 -10.73 -27.43 -30.51
CA SER H 6 -9.83 -26.74 -29.61
C SER H 6 -9.38 -27.56 -28.41
N ARG H 7 -8.22 -27.15 -27.92
CA ARG H 7 -7.56 -27.71 -26.73
C ARG H 7 -7.37 -26.51 -25.79
N PHE H 8 -7.46 -26.71 -24.51
CA PHE H 8 -7.30 -25.65 -23.50
C PHE H 8 -6.04 -25.93 -22.70
N VAL H 9 -5.26 -24.88 -22.51
CA VAL H 9 -4.01 -25.00 -21.73
C VAL H 9 -4.42 -25.58 -20.35
N ILE H 10 -3.66 -26.56 -19.90
CA ILE H 10 -3.93 -27.21 -18.61
C ILE H 10 -3.90 -26.20 -17.47
N ARG H 11 -4.81 -26.38 -16.53
CA ARG H 11 -4.92 -25.56 -15.34
C ARG H 11 -3.72 -25.73 -14.41
N ASP H 12 -3.31 -24.61 -13.85
CA ASP H 12 -2.22 -24.62 -12.88
C ASP H 12 -2.88 -24.65 -11.49
N ARG H 13 -2.94 -25.84 -10.94
CA ARG H 13 -3.53 -26.14 -9.66
C ARG H 13 -2.76 -25.66 -8.45
N ASN H 14 -1.58 -25.11 -8.68
CA ASN H 14 -0.77 -24.47 -7.65
C ASN H 14 -1.07 -22.97 -7.65
N TRP H 15 -1.60 -22.42 -8.72
CA TRP H 15 -1.97 -21.00 -8.88
C TRP H 15 -3.33 -20.73 -8.23
N HIS H 16 -4.26 -21.63 -8.53
CA HIS H 16 -5.61 -21.66 -7.98
C HIS H 16 -5.43 -22.18 -6.52
N PRO H 17 -6.40 -21.81 -5.70
CA PRO H 17 -6.40 -22.31 -4.30
C PRO H 17 -6.56 -23.85 -4.36
N LYS H 18 -6.00 -24.47 -3.35
CA LYS H 18 -6.11 -25.94 -3.17
C LYS H 18 -7.51 -26.20 -2.59
N ALA H 19 -7.90 -27.46 -2.51
CA ALA H 19 -9.20 -27.88 -1.98
C ALA H 19 -9.19 -27.75 -0.43
N LEU H 20 -8.14 -28.24 0.16
CA LEU H 20 -8.00 -28.23 1.62
C LEU H 20 -7.16 -27.06 2.11
N THR H 21 -7.86 -26.08 2.59
CA THR H 21 -7.19 -24.83 3.16
C THR H 21 -7.91 -24.61 4.48
N PRO H 22 -7.46 -25.33 5.50
CA PRO H 22 -8.04 -25.35 6.81
C PRO H 22 -8.44 -24.08 7.50
N ASP H 23 -7.85 -22.96 7.25
CA ASP H 23 -8.24 -21.70 7.92
C ASP H 23 -9.65 -21.31 7.45
N TYR H 24 -9.97 -21.77 6.28
CA TYR H 24 -11.32 -21.59 5.69
C TYR H 24 -12.02 -22.92 6.09
N LYS H 25 -12.51 -22.92 7.32
CA LYS H 25 -13.15 -24.02 7.96
C LYS H 25 -14.05 -24.92 7.16
N THR H 26 -14.97 -24.36 6.39
CA THR H 26 -15.91 -25.16 5.61
C THR H 26 -15.21 -26.10 4.61
N SER H 27 -14.03 -25.71 4.16
CA SER H 27 -13.25 -26.43 3.18
C SER H 27 -12.75 -27.77 3.70
N ILE H 28 -12.67 -27.94 5.00
CA ILE H 28 -12.17 -29.17 5.60
C ILE H 28 -13.00 -30.39 5.25
N ALA H 29 -14.32 -30.27 5.45
CA ALA H 29 -15.26 -31.36 5.18
C ALA H 29 -15.73 -31.41 3.73
N ARG H 30 -15.50 -30.35 2.98
CA ARG H 30 -15.95 -30.28 1.60
C ARG H 30 -14.82 -30.34 0.61
N SER H 31 -13.75 -31.05 0.98
CA SER H 31 -12.60 -31.16 0.03
C SER H 31 -12.32 -32.65 -0.14
N PRO H 32 -12.06 -33.07 -1.35
CA PRO H 32 -11.75 -34.49 -1.63
C PRO H 32 -10.47 -34.92 -0.93
N ARG H 33 -10.33 -36.16 -0.58
CA ARG H 33 -9.14 -36.73 0.05
C ARG H 33 -8.36 -37.56 -0.96
N GLN H 34 -8.99 -37.94 -2.04
CA GLN H 34 -8.34 -38.70 -3.12
C GLN H 34 -7.90 -37.68 -4.21
N ALA H 35 -6.92 -38.06 -4.97
CA ALA H 35 -6.37 -37.26 -6.06
C ALA H 35 -7.39 -37.17 -7.18
N LEU H 36 -7.37 -36.01 -7.84
CA LEU H 36 -8.23 -35.80 -9.01
C LEU H 36 -7.71 -36.79 -10.09
N VAL H 37 -8.58 -37.28 -10.90
CA VAL H 37 -8.14 -38.19 -12.00
C VAL H 37 -7.99 -37.36 -13.28
N SER H 38 -6.83 -37.32 -13.88
CA SER H 38 -6.60 -36.55 -15.11
C SER H 38 -7.12 -37.32 -16.35
N ILE H 39 -7.80 -36.61 -17.22
CA ILE H 39 -8.35 -37.21 -18.44
C ILE H 39 -8.04 -36.27 -19.63
N PRO H 40 -7.85 -36.89 -20.78
CA PRO H 40 -7.57 -36.13 -22.01
C PRO H 40 -8.86 -35.36 -22.36
N GLN H 41 -8.66 -34.26 -23.04
CA GLN H 41 -9.82 -33.41 -23.45
C GLN H 41 -10.46 -34.09 -24.67
N SER H 42 -11.76 -34.08 -24.68
CA SER H 42 -12.61 -34.62 -25.76
C SER H 42 -13.70 -33.55 -25.99
N ILE H 43 -14.62 -33.87 -26.88
CA ILE H 43 -15.71 -32.97 -27.24
C ILE H 43 -16.55 -32.58 -26.02
N SER H 44 -16.62 -33.47 -25.05
CA SER H 44 -17.39 -33.29 -23.84
C SER H 44 -16.86 -32.09 -23.00
N GLU H 45 -15.55 -31.96 -22.97
CA GLU H 45 -14.84 -30.96 -22.21
C GLU H 45 -14.45 -29.71 -22.97
N THR H 46 -14.27 -29.81 -24.27
CA THR H 46 -13.88 -28.74 -25.12
C THR H 46 -14.99 -27.89 -25.71
N THR H 47 -16.23 -28.21 -25.35
CA THR H 47 -17.42 -27.50 -25.83
C THR H 47 -18.19 -26.95 -24.62
N GLY H 48 -19.11 -26.06 -24.97
CA GLY H 48 -19.93 -25.44 -23.88
C GLY H 48 -21.02 -24.57 -24.54
N PRO H 49 -21.94 -24.13 -23.71
CA PRO H 49 -23.06 -23.31 -24.15
C PRO H 49 -22.63 -21.95 -24.68
N ASN H 50 -23.35 -21.49 -25.66
CA ASN H 50 -23.17 -20.17 -26.26
C ASN H 50 -24.46 -19.42 -25.86
N PHE H 51 -24.33 -18.37 -25.11
CA PHE H 51 -25.49 -17.61 -24.63
C PHE H 51 -25.88 -16.46 -25.52
N SER H 52 -25.38 -16.43 -26.74
CA SER H 52 -25.71 -15.38 -27.68
C SER H 52 -27.20 -15.13 -27.88
N HIS H 53 -28.05 -16.12 -27.76
CA HIS H 53 -29.49 -15.95 -27.97
C HIS H 53 -30.28 -15.88 -26.71
N LEU H 54 -29.62 -15.78 -25.55
CA LEU H 54 -30.43 -15.67 -24.29
C LEU H 54 -31.10 -14.28 -24.40
N GLY H 55 -32.30 -14.21 -23.90
CA GLY H 55 -33.08 -12.95 -23.95
C GLY H 55 -32.79 -12.09 -22.73
N PHE H 56 -31.84 -11.20 -22.87
CA PHE H 56 -31.42 -10.31 -21.79
C PHE H 56 -32.31 -9.09 -21.64
N GLY H 57 -32.61 -8.78 -20.39
CA GLY H 57 -33.38 -7.59 -20.04
C GLY H 57 -32.49 -6.36 -20.27
N ALA H 58 -33.13 -5.23 -20.49
CA ALA H 58 -32.54 -3.94 -20.73
C ALA H 58 -31.64 -3.45 -19.61
N HIS H 59 -31.95 -3.85 -18.39
CA HIS H 59 -31.15 -3.45 -17.22
C HIS H 59 -30.53 -4.64 -16.52
N ASP H 60 -30.28 -5.69 -17.27
CA ASP H 60 -29.72 -6.95 -16.71
C ASP H 60 -28.41 -6.69 -15.98
N HIS H 61 -27.62 -5.81 -16.55
CA HIS H 61 -26.33 -5.40 -16.09
C HIS H 61 -26.32 -4.12 -15.27
N ASP H 62 -27.48 -3.54 -15.00
CA ASP H 62 -27.54 -2.27 -14.23
C ASP H 62 -28.24 -2.47 -12.90
N LEU H 63 -27.47 -2.72 -11.85
CA LEU H 63 -27.96 -2.99 -10.52
C LEU H 63 -28.61 -1.78 -9.85
N LEU H 64 -28.52 -0.64 -10.46
CA LEU H 64 -29.09 0.61 -9.94
C LEU H 64 -30.59 0.67 -10.30
N LEU H 65 -30.92 0.07 -11.44
CA LEU H 65 -32.23 0.02 -11.99
C LEU H 65 -32.96 -1.30 -12.05
N ASN H 66 -32.28 -2.42 -11.98
CA ASN H 66 -32.89 -3.72 -12.14
C ASN H 66 -33.68 -4.30 -11.03
N PHE H 67 -33.73 -3.71 -9.84
CA PHE H 67 -34.48 -4.30 -8.74
C PHE H 67 -35.81 -3.50 -8.58
N GLY H 71 -37.07 3.76 -6.74
CA GLY H 71 -36.02 4.48 -6.04
C GLY H 71 -34.62 3.93 -6.39
N LEU H 72 -33.67 4.72 -5.95
CA LEU H 72 -32.24 4.45 -6.11
C LEU H 72 -31.69 3.80 -4.84
N PRO H 73 -30.78 2.86 -5.08
CA PRO H 73 -30.09 2.19 -3.97
C PRO H 73 -29.19 3.22 -3.25
N ILE H 74 -28.92 2.94 -1.99
CA ILE H 74 -28.02 3.78 -1.17
C ILE H 74 -26.64 3.11 -1.22
N GLY H 75 -25.62 3.90 -1.49
CA GLY H 75 -24.25 3.39 -1.58
C GLY H 75 -23.45 4.13 -2.64
N GLU H 76 -22.17 3.80 -2.70
CA GLU H 76 -21.22 4.41 -3.65
C GLU H 76 -21.53 3.84 -5.03
N ARG H 77 -21.93 4.72 -5.89
CA ARG H 77 -22.27 4.37 -7.29
C ARG H 77 -20.98 4.09 -8.05
N ILE H 78 -20.88 2.91 -8.64
CA ILE H 78 -19.72 2.55 -9.43
C ILE H 78 -20.02 1.77 -10.68
N ILE H 79 -19.10 1.87 -11.61
CA ILE H 79 -19.14 1.06 -12.86
C ILE H 79 -18.03 0.00 -12.64
N VAL H 80 -18.34 -1.24 -12.87
CA VAL H 80 -17.31 -2.32 -12.79
C VAL H 80 -17.23 -2.78 -14.27
N ALA H 81 -16.10 -2.55 -14.88
CA ALA H 81 -15.88 -2.87 -16.28
C ALA H 81 -14.51 -3.54 -16.44
N GLY H 82 -14.34 -4.22 -17.56
CA GLY H 82 -13.08 -4.91 -17.84
C GLY H 82 -13.22 -5.69 -19.12
N ARG H 83 -12.28 -6.59 -19.32
CA ARG H 83 -12.31 -7.41 -20.56
C ARG H 83 -11.98 -8.84 -20.18
N VAL H 84 -12.56 -9.77 -20.91
CA VAL H 84 -12.32 -11.19 -20.74
C VAL H 84 -11.40 -11.61 -21.91
N VAL H 85 -10.25 -12.13 -21.57
CA VAL H 85 -9.27 -12.59 -22.56
C VAL H 85 -8.84 -14.00 -22.12
N ASP H 86 -8.14 -14.68 -23.02
CA ASP H 86 -7.60 -16.02 -22.71
C ASP H 86 -6.10 -15.81 -22.40
N GLN H 87 -5.45 -16.88 -22.01
CA GLN H 87 -4.01 -16.84 -21.65
C GLN H 87 -3.15 -16.34 -22.81
N TYR H 88 -3.61 -16.46 -24.03
CA TYR H 88 -2.88 -15.98 -25.19
C TYR H 88 -3.11 -14.50 -25.39
N GLY H 89 -4.03 -13.91 -24.63
CA GLY H 89 -4.35 -12.49 -24.72
C GLY H 89 -5.40 -12.24 -25.80
N LYS H 90 -6.09 -13.31 -26.15
CA LYS H 90 -7.17 -13.25 -27.17
C LYS H 90 -8.46 -12.90 -26.48
N PRO H 91 -9.17 -11.94 -27.02
CA PRO H 91 -10.46 -11.49 -26.45
C PRO H 91 -11.48 -12.64 -26.56
N VAL H 92 -12.34 -12.69 -25.55
CA VAL H 92 -13.40 -13.70 -25.48
C VAL H 92 -14.74 -13.01 -25.70
N PRO H 93 -15.19 -13.01 -26.93
CA PRO H 93 -16.46 -12.35 -27.31
C PRO H 93 -17.68 -13.23 -27.07
N ASN H 94 -18.82 -12.58 -26.89
CA ASN H 94 -20.10 -13.18 -26.64
C ASN H 94 -20.13 -14.23 -25.56
N THR H 95 -19.52 -13.97 -24.44
CA THR H 95 -19.41 -14.83 -23.27
C THR H 95 -20.28 -14.29 -22.13
N LEU H 96 -20.72 -15.21 -21.27
CA LEU H 96 -21.62 -14.87 -20.19
C LEU H 96 -20.89 -14.53 -18.89
N VAL H 97 -21.18 -13.32 -18.44
CA VAL H 97 -20.61 -12.80 -17.19
C VAL H 97 -21.77 -12.51 -16.23
N GLU H 98 -21.77 -13.26 -15.16
CA GLU H 98 -22.82 -13.07 -14.13
C GLU H 98 -22.18 -12.60 -12.84
N MET H 99 -22.91 -11.83 -12.06
CA MET H 99 -22.39 -11.30 -10.79
C MET H 99 -23.48 -11.15 -9.76
N TRP H 100 -23.07 -11.24 -8.49
CA TRP H 100 -23.96 -11.12 -7.35
C TRP H 100 -23.15 -10.50 -6.22
N GLN H 101 -23.82 -9.83 -5.29
CA GLN H 101 -23.10 -9.20 -4.18
C GLN H 101 -24.08 -8.73 -3.10
N ALA H 102 -23.46 -8.24 -2.01
CA ALA H 102 -24.23 -7.69 -0.90
C ALA H 102 -24.53 -6.21 -1.21
N ASN H 103 -25.34 -5.62 -0.34
CA ASN H 103 -25.69 -4.20 -0.48
C ASN H 103 -24.56 -3.38 0.19
N ALA H 104 -24.76 -2.08 0.23
CA ALA H 104 -23.79 -1.15 0.80
C ALA H 104 -23.39 -1.44 2.23
N GLY H 105 -24.20 -2.14 2.98
CA GLY H 105 -23.98 -2.50 4.35
C GLY H 105 -23.45 -3.88 4.60
N GLY H 106 -23.31 -4.66 3.55
CA GLY H 106 -22.82 -6.06 3.66
C GLY H 106 -23.99 -7.04 3.82
N ARG H 107 -25.20 -6.58 3.55
CA ARG H 107 -26.41 -7.41 3.64
C ARG H 107 -26.77 -8.01 2.30
N TYR H 108 -26.90 -9.34 2.25
CA TYR H 108 -27.27 -10.05 0.99
C TYR H 108 -28.80 -10.27 1.01
N ARG H 109 -29.39 -10.24 -0.17
CA ARG H 109 -30.86 -10.46 -0.31
C ARG H 109 -31.05 -11.95 -0.62
N HIS H 110 -30.95 -12.71 0.48
CA HIS H 110 -31.09 -14.18 0.44
C HIS H 110 -31.56 -14.62 1.82
N LYS H 111 -32.55 -15.50 1.79
CA LYS H 111 -33.26 -16.05 2.92
C LYS H 111 -32.37 -16.42 4.10
N ASN H 112 -31.21 -16.99 3.76
CA ASN H 112 -30.25 -17.42 4.76
C ASN H 112 -29.37 -16.37 5.39
N ASP H 113 -29.41 -15.13 4.91
CA ASP H 113 -28.53 -14.08 5.50
C ASP H 113 -29.22 -13.40 6.67
N ARG H 114 -28.72 -13.63 7.87
CA ARG H 114 -29.33 -12.99 9.04
C ARG H 114 -28.49 -11.85 9.59
N TYR H 115 -27.54 -11.34 8.84
CA TYR H 115 -26.71 -10.22 9.38
C TYR H 115 -27.71 -9.10 9.69
N LEU H 116 -27.44 -8.40 10.77
CA LEU H 116 -28.23 -7.30 11.24
C LEU H 116 -28.26 -6.08 10.34
N ALA H 117 -27.33 -5.89 9.43
CA ALA H 117 -27.42 -4.68 8.54
C ALA H 117 -28.71 -4.88 7.74
N PRO H 118 -29.46 -3.80 7.54
CA PRO H 118 -30.72 -3.84 6.82
C PRO H 118 -30.60 -4.06 5.32
N LEU H 119 -31.70 -4.54 4.73
CA LEU H 119 -31.75 -4.72 3.27
C LEU H 119 -32.06 -3.32 2.69
N ASP H 120 -31.81 -3.16 1.43
CA ASP H 120 -32.09 -1.87 0.74
C ASP H 120 -33.27 -2.18 -0.19
N PRO H 121 -34.39 -1.50 0.06
CA PRO H 121 -35.61 -1.70 -0.72
C PRO H 121 -35.45 -1.53 -2.20
N ASN H 122 -34.40 -0.83 -2.63
CA ASN H 122 -34.13 -0.61 -4.06
C ASN H 122 -32.98 -1.45 -4.62
N PHE H 123 -32.56 -2.44 -3.86
CA PHE H 123 -31.40 -3.24 -4.34
C PHE H 123 -31.56 -4.73 -4.22
N GLY H 124 -31.31 -5.40 -5.35
CA GLY H 124 -31.36 -6.87 -5.43
C GLY H 124 -29.97 -7.47 -5.31
N GLY H 125 -29.04 -7.04 -6.16
CA GLY H 125 -27.68 -7.48 -6.21
C GLY H 125 -27.27 -8.54 -7.20
N VAL H 126 -27.94 -8.69 -8.31
CA VAL H 126 -27.60 -9.65 -9.36
C VAL H 126 -27.52 -8.93 -10.70
N GLY H 127 -26.56 -9.31 -11.52
CA GLY H 127 -26.42 -8.69 -12.87
C GLY H 127 -25.87 -9.77 -13.79
N ARG H 128 -25.95 -9.55 -15.07
CA ARG H 128 -25.47 -10.47 -16.12
C ARG H 128 -25.24 -9.58 -17.34
N CYS H 129 -24.24 -9.97 -18.08
CA CYS H 129 -23.79 -9.21 -19.24
C CYS H 129 -23.01 -10.13 -20.18
N LEU H 130 -23.33 -9.93 -21.45
CA LEU H 130 -22.68 -10.70 -22.51
C LEU H 130 -21.54 -9.81 -23.02
N THR H 131 -20.36 -10.37 -23.06
CA THR H 131 -19.20 -9.58 -23.56
C THR H 131 -19.46 -9.32 -25.04
N ASP H 132 -18.86 -8.25 -25.49
CA ASP H 132 -18.95 -7.77 -26.87
C ASP H 132 -17.87 -8.42 -27.73
N SER H 133 -17.83 -7.87 -28.95
CA SER H 133 -16.87 -8.35 -29.96
C SER H 133 -15.44 -8.26 -29.46
N ASP H 134 -15.16 -7.36 -28.56
CA ASP H 134 -13.81 -7.19 -28.03
C ASP H 134 -13.54 -7.80 -26.69
N GLY H 135 -14.50 -8.50 -26.13
CA GLY H 135 -14.40 -9.11 -24.82
C GLY H 135 -14.78 -8.20 -23.67
N TYR H 136 -15.30 -7.02 -23.96
CA TYR H 136 -15.70 -6.05 -22.95
C TYR H 136 -17.05 -6.31 -22.32
N TYR H 137 -17.09 -6.04 -21.01
CA TYR H 137 -18.32 -6.18 -20.22
C TYR H 137 -18.37 -4.94 -19.29
N SER H 138 -19.57 -4.64 -18.78
CA SER H 138 -19.63 -3.57 -17.77
C SER H 138 -20.96 -3.68 -17.00
N PHE H 139 -20.87 -3.35 -15.72
CA PHE H 139 -22.00 -3.37 -14.80
C PHE H 139 -22.04 -1.99 -14.12
N ARG H 140 -23.19 -1.66 -13.65
CA ARG H 140 -23.40 -0.40 -12.92
C ARG H 140 -24.03 -0.90 -11.60
N THR H 141 -23.37 -0.53 -10.52
CA THR H 141 -23.86 -1.02 -9.22
C THR H 141 -23.36 -0.08 -8.13
N ILE H 142 -23.50 -0.55 -6.91
CA ILE H 142 -23.02 0.18 -5.73
C ILE H 142 -22.01 -0.77 -5.06
N LYS H 143 -21.00 -0.14 -4.50
CA LYS H 143 -19.92 -0.82 -3.80
C LYS H 143 -20.47 -1.53 -2.56
N PRO H 144 -20.22 -2.85 -2.53
CA PRO H 144 -20.67 -3.70 -1.42
C PRO H 144 -19.91 -3.43 -0.16
N GLY H 145 -20.48 -3.75 0.97
CA GLY H 145 -19.79 -3.58 2.26
C GLY H 145 -19.22 -4.93 2.72
N PRO H 146 -18.23 -4.83 3.60
CA PRO H 146 -17.60 -6.01 4.22
C PRO H 146 -18.73 -6.74 4.96
N TYR H 147 -18.52 -8.02 5.15
CA TYR H 147 -19.54 -8.91 5.77
C TYR H 147 -18.85 -9.83 6.78
N PRO H 148 -19.38 -9.86 7.99
CA PRO H 148 -18.87 -10.72 9.08
C PRO H 148 -19.43 -12.12 8.80
N TRP H 149 -18.69 -13.14 9.15
CA TRP H 149 -19.19 -14.53 8.87
C TRP H 149 -18.64 -15.45 9.92
N ARG H 150 -19.31 -16.58 10.09
CA ARG H 150 -18.91 -17.58 11.07
C ARG H 150 -17.76 -18.43 10.67
N ASN H 151 -16.54 -17.94 10.77
CA ASN H 151 -15.30 -18.66 10.46
C ASN H 151 -14.54 -18.62 11.80
N GLY H 152 -13.65 -17.69 11.91
CA GLY H 152 -12.94 -17.49 13.23
C GLY H 152 -14.00 -16.61 13.98
N PRO H 153 -13.72 -16.34 15.25
CA PRO H 153 -14.60 -15.52 16.10
C PRO H 153 -14.77 -14.09 15.62
N ASN H 154 -13.86 -13.55 14.80
CA ASN H 154 -13.99 -12.17 14.33
C ASN H 154 -13.50 -12.05 12.89
N ASP H 155 -14.05 -12.87 12.01
CA ASP H 155 -13.71 -12.90 10.59
C ASP H 155 -14.66 -11.99 9.82
N TRP H 156 -14.08 -11.21 8.91
CA TRP H 156 -14.83 -10.27 8.06
C TRP H 156 -14.37 -10.43 6.61
N ARG H 157 -15.30 -10.64 5.72
CA ARG H 157 -14.94 -10.74 4.29
C ARG H 157 -14.70 -9.26 3.85
N PRO H 158 -13.71 -9.10 2.98
CA PRO H 158 -13.46 -7.78 2.38
C PRO H 158 -14.69 -7.51 1.46
N ALA H 159 -14.94 -6.26 1.13
CA ALA H 159 -16.04 -5.95 0.20
C ALA H 159 -15.66 -6.78 -1.06
N HIS H 160 -16.61 -7.41 -1.68
CA HIS H 160 -16.29 -8.19 -2.91
C HIS H 160 -17.56 -8.45 -3.72
N ILE H 161 -17.36 -8.69 -5.00
CA ILE H 161 -18.44 -9.04 -5.91
C ILE H 161 -18.20 -10.48 -6.40
N HIS H 162 -19.25 -11.27 -6.44
CA HIS H 162 -19.05 -12.67 -6.97
C HIS H 162 -19.17 -12.62 -8.48
N PHE H 163 -18.32 -13.38 -9.17
CA PHE H 163 -18.34 -13.44 -10.64
C PHE H 163 -18.36 -14.91 -11.14
N GLY H 164 -19.01 -15.09 -12.25
CA GLY H 164 -19.15 -16.37 -12.94
C GLY H 164 -18.91 -16.04 -14.44
N ILE H 165 -18.03 -16.76 -15.08
CA ILE H 165 -17.68 -16.54 -16.49
C ILE H 165 -17.75 -17.89 -17.22
N SER H 166 -18.50 -17.85 -18.32
CA SER H 166 -18.70 -19.12 -19.10
C SER H 166 -17.48 -19.50 -19.92
N GLY H 167 -17.08 -18.61 -20.79
CA GLY H 167 -15.96 -18.85 -21.69
C GLY H 167 -16.52 -19.81 -22.79
N PRO H 168 -15.64 -20.13 -23.73
CA PRO H 168 -15.98 -20.99 -24.85
C PRO H 168 -16.31 -22.44 -24.53
N SER H 169 -15.99 -22.94 -23.36
CA SER H 169 -16.30 -24.33 -23.03
C SER H 169 -16.46 -24.53 -21.52
N ILE H 170 -16.82 -25.75 -21.13
CA ILE H 170 -16.96 -26.10 -19.73
C ILE H 170 -15.61 -26.19 -19.04
N ALA H 171 -14.57 -26.34 -19.86
CA ALA H 171 -13.17 -26.43 -19.35
C ALA H 171 -12.68 -25.03 -18.89
N THR H 172 -13.24 -23.98 -19.47
CA THR H 172 -12.91 -22.59 -19.15
C THR H 172 -13.80 -21.93 -18.13
N LYS H 173 -14.98 -22.46 -17.89
CA LYS H 173 -15.96 -21.92 -16.94
C LYS H 173 -15.28 -21.73 -15.58
N LEU H 174 -15.53 -20.53 -14.99
CA LEU H 174 -14.92 -20.18 -13.72
C LEU H 174 -15.80 -19.30 -12.83
N ILE H 175 -15.67 -19.54 -11.51
CA ILE H 175 -16.37 -18.74 -10.52
C ILE H 175 -15.24 -18.09 -9.69
N THR H 176 -15.40 -16.80 -9.43
CA THR H 176 -14.38 -16.06 -8.66
C THR H 176 -15.00 -14.91 -7.89
N GLN H 177 -14.10 -14.12 -7.27
CA GLN H 177 -14.52 -12.95 -6.49
C GLN H 177 -13.62 -11.76 -6.79
N LEU H 178 -14.14 -10.62 -7.01
CA LEU H 178 -13.40 -9.36 -7.25
C LEU H 178 -13.29 -8.66 -5.86
N TYR H 179 -12.09 -8.16 -5.59
CA TYR H 179 -11.82 -7.39 -4.35
C TYR H 179 -11.50 -5.97 -4.82
N PHE H 180 -11.58 -5.02 -3.93
CA PHE H 180 -11.35 -3.59 -4.26
C PHE H 180 -9.98 -3.09 -3.78
N GLU H 181 -9.32 -2.40 -4.69
CA GLU H 181 -7.95 -1.88 -4.43
C GLU H 181 -7.88 -1.12 -3.12
N GLY H 182 -6.88 -1.48 -2.35
CA GLY H 182 -6.50 -0.93 -1.06
C GLY H 182 -7.21 -1.42 0.16
N ASP H 183 -8.26 -2.18 0.03
CA ASP H 183 -9.05 -2.74 1.15
C ASP H 183 -8.13 -3.51 2.09
N PRO H 184 -8.04 -2.97 3.32
CA PRO H 184 -7.18 -3.54 4.36
C PRO H 184 -7.55 -4.91 4.84
N LEU H 185 -8.78 -5.34 4.61
CA LEU H 185 -9.31 -6.63 4.99
C LEU H 185 -8.76 -7.77 4.11
N ILE H 186 -8.40 -7.44 2.89
CA ILE H 186 -7.91 -8.43 1.94
C ILE H 186 -6.92 -9.41 2.49
N PRO H 187 -5.82 -8.94 3.06
CA PRO H 187 -4.78 -9.82 3.59
C PRO H 187 -5.19 -10.59 4.81
N MET H 188 -6.32 -10.29 5.39
CA MET H 188 -6.75 -11.00 6.61
C MET H 188 -7.74 -12.10 6.30
N CYS H 189 -8.18 -12.17 5.07
CA CYS H 189 -9.19 -13.15 4.70
C CYS H 189 -8.73 -14.55 4.40
N PRO H 190 -9.27 -15.50 5.17
CA PRO H 190 -8.95 -16.93 5.01
C PRO H 190 -9.37 -17.43 3.64
N ILE H 191 -10.43 -16.88 3.08
CA ILE H 191 -10.85 -17.28 1.72
C ILE H 191 -9.81 -16.77 0.72
N VAL H 192 -9.48 -15.48 0.83
CA VAL H 192 -8.50 -14.88 -0.06
C VAL H 192 -7.19 -15.72 0.08
N LYS H 193 -6.81 -15.97 1.29
CA LYS H 193 -5.63 -16.73 1.66
C LYS H 193 -5.66 -18.18 1.23
N SER H 194 -6.82 -18.65 0.72
CA SER H 194 -6.87 -20.02 0.18
C SER H 194 -5.89 -20.06 -1.01
N ILE H 195 -5.56 -18.87 -1.54
CA ILE H 195 -4.63 -18.73 -2.66
C ILE H 195 -3.24 -18.57 -2.03
N ALA H 196 -2.36 -19.50 -2.25
CA ALA H 196 -1.01 -19.52 -1.74
C ALA H 196 -0.09 -18.46 -2.32
N ASN H 197 -0.14 -18.12 -3.55
CA ASN H 197 0.68 -17.14 -4.24
C ASN H 197 0.13 -15.71 -4.22
N PRO H 198 0.87 -14.79 -3.63
CA PRO H 198 0.52 -13.38 -3.53
C PRO H 198 0.26 -12.73 -4.87
N GLU H 199 0.95 -13.22 -5.88
CA GLU H 199 0.79 -12.70 -7.23
C GLU H 199 -0.61 -13.05 -7.78
N ALA H 200 -1.11 -14.20 -7.37
CA ALA H 200 -2.43 -14.68 -7.83
C ALA H 200 -3.50 -13.80 -7.20
N VAL H 201 -3.30 -13.44 -5.94
CA VAL H 201 -4.24 -12.58 -5.19
C VAL H 201 -4.42 -11.24 -5.89
N GLN H 202 -3.33 -10.70 -6.38
CA GLN H 202 -3.30 -9.42 -7.08
C GLN H 202 -4.25 -9.42 -8.27
N GLN H 203 -4.40 -10.58 -8.89
CA GLN H 203 -5.26 -10.72 -10.08
C GLN H 203 -6.73 -10.52 -9.74
N LEU H 204 -7.09 -10.61 -8.48
CA LEU H 204 -8.46 -10.49 -8.02
C LEU H 204 -8.80 -9.07 -7.55
N ILE H 205 -7.80 -8.21 -7.63
CA ILE H 205 -8.01 -6.83 -7.18
C ILE H 205 -8.34 -5.88 -8.30
N ALA H 206 -9.57 -5.39 -8.24
CA ALA H 206 -10.05 -4.41 -9.24
C ALA H 206 -9.33 -3.11 -8.90
N LYS H 207 -8.99 -2.38 -9.96
CA LYS H 207 -8.28 -1.10 -9.75
C LYS H 207 -9.17 0.10 -10.00
N LEU H 208 -8.96 1.12 -9.20
CA LEU H 208 -9.74 2.39 -9.36
C LEU H 208 -9.43 2.83 -10.81
N ASP H 209 -10.47 3.15 -11.51
CA ASP H 209 -10.30 3.60 -12.92
C ASP H 209 -10.99 4.93 -13.15
N MET H 210 -10.30 6.00 -12.79
CA MET H 210 -10.82 7.37 -12.94
C MET H 210 -11.16 7.71 -14.38
N ASN H 211 -10.46 7.12 -15.33
CA ASN H 211 -10.67 7.38 -16.76
C ASN H 211 -12.05 6.93 -17.24
N ASN H 212 -12.67 6.03 -16.56
CA ASN H 212 -13.96 5.45 -16.87
C ASN H 212 -15.10 6.03 -16.03
N ALA H 213 -14.73 6.79 -15.00
CA ALA H 213 -15.73 7.37 -14.12
C ALA H 213 -16.50 8.47 -14.86
N ASN H 214 -17.71 8.67 -14.40
CA ASN H 214 -18.61 9.70 -14.92
C ASN H 214 -18.51 10.86 -13.89
N PRO H 215 -17.87 11.93 -14.30
CA PRO H 215 -17.70 13.10 -13.39
C PRO H 215 -19.01 13.45 -12.72
N MET H 216 -19.00 13.75 -11.44
CA MET H 216 -20.18 14.10 -10.65
C MET H 216 -21.25 12.99 -10.66
N ASP H 217 -20.88 11.75 -10.96
CA ASP H 217 -21.94 10.69 -11.02
C ASP H 217 -21.52 9.45 -10.31
N CYS H 218 -20.54 8.76 -10.88
CA CYS H 218 -20.02 7.52 -10.29
C CYS H 218 -18.55 7.29 -10.67
N LEU H 219 -17.91 6.55 -9.78
CA LEU H 219 -16.53 6.12 -9.91
C LEU H 219 -16.53 4.86 -10.77
N ALA H 220 -15.33 4.34 -11.04
CA ALA H 220 -15.15 3.14 -11.85
C ALA H 220 -13.94 2.33 -11.41
N TYR H 221 -14.15 1.02 -11.58
CA TYR H 221 -13.22 -0.04 -11.28
C TYR H 221 -13.05 -0.90 -12.54
N ARG H 222 -11.83 -1.32 -12.74
CA ARG H 222 -11.40 -2.13 -13.88
C ARG H 222 -11.08 -3.54 -13.37
N PHE H 223 -11.71 -4.52 -13.94
CA PHE H 223 -11.49 -5.94 -13.58
C PHE H 223 -11.39 -6.79 -14.85
N ASP H 224 -10.18 -7.18 -15.21
CA ASP H 224 -9.95 -7.99 -16.39
C ASP H 224 -9.88 -9.46 -15.93
N ILE H 225 -10.43 -10.31 -16.76
CA ILE H 225 -10.50 -11.75 -16.48
C ILE H 225 -9.76 -12.50 -17.56
N VAL H 226 -8.91 -13.42 -17.07
CA VAL H 226 -8.12 -14.26 -17.92
C VAL H 226 -8.65 -15.70 -17.81
N LEU H 227 -9.10 -16.22 -18.94
CA LEU H 227 -9.58 -17.62 -18.99
C LEU H 227 -8.47 -18.48 -19.60
N ARG H 228 -8.57 -19.78 -19.50
CA ARG H 228 -7.61 -20.74 -20.05
C ARG H 228 -7.39 -20.48 -21.54
N GLY H 229 -6.14 -20.52 -21.94
CA GLY H 229 -5.75 -20.32 -23.34
C GLY H 229 -6.31 -21.45 -24.18
N GLN H 230 -6.80 -21.03 -25.34
CA GLN H 230 -7.42 -21.92 -26.33
C GLN H 230 -6.52 -21.99 -27.57
N ARG H 231 -6.21 -23.22 -27.96
CA ARG H 231 -5.39 -23.42 -29.17
C ARG H 231 -6.03 -24.50 -30.04
N LYS H 232 -5.60 -24.48 -31.29
CA LYS H 232 -6.10 -25.48 -32.27
C LYS H 232 -5.32 -26.76 -31.93
N THR H 233 -5.88 -27.89 -32.30
CA THR H 233 -5.18 -29.18 -32.00
C THR H 233 -4.06 -29.26 -33.05
N HIS H 234 -3.07 -30.05 -32.76
CA HIS H 234 -1.97 -30.22 -33.75
C HIS H 234 -1.33 -31.59 -33.57
N PHE H 235 -0.98 -32.20 -34.70
CA PHE H 235 -0.38 -33.54 -34.71
C PHE H 235 -1.07 -34.50 -33.76
N GLU H 236 -2.38 -34.46 -33.64
CA GLU H 236 -3.07 -35.37 -32.73
C GLU H 236 -3.18 -36.79 -33.10
N PRO I 1 -3.27 -1.71 9.63
CA PRO I 1 -4.25 -1.79 10.73
C PRO I 1 -3.49 -1.68 12.05
N ILE I 2 -4.23 -1.62 13.13
CA ILE I 2 -3.62 -1.53 14.48
C ILE I 2 -3.23 -2.96 14.91
N GLU I 3 -2.03 -3.12 15.39
CA GLU I 3 -1.53 -4.41 15.93
C GLU I 3 -1.15 -4.16 17.41
N LEU I 4 -1.56 -5.08 18.26
CA LEU I 4 -1.27 -4.98 19.72
C LEU I 4 -0.02 -5.81 19.96
N LEU I 5 0.43 -5.95 21.19
CA LEU I 5 1.59 -6.84 21.41
C LEU I 5 0.96 -8.25 21.14
N PRO I 6 1.79 -9.12 20.67
CA PRO I 6 1.38 -10.52 20.38
C PRO I 6 1.31 -11.28 21.72
N GLU I 7 0.26 -12.08 21.82
CA GLU I 7 0.09 -12.93 23.01
C GLU I 7 1.21 -13.98 23.00
N THR I 8 1.70 -14.30 24.19
CA THR I 8 2.75 -15.33 24.28
C THR I 8 2.14 -16.63 23.70
N PRO I 9 2.93 -17.31 22.87
CA PRO I 9 2.51 -18.57 22.24
C PRO I 9 2.41 -19.73 23.23
N SER I 10 1.40 -20.55 23.00
CA SER I 10 1.12 -21.78 23.74
C SER I 10 2.18 -22.85 23.38
N GLN I 11 2.31 -23.83 24.22
CA GLN I 11 3.17 -24.97 24.14
C GLN I 11 2.47 -26.12 24.90
N THR I 12 2.70 -27.32 24.45
CA THR I 12 2.12 -28.53 25.08
C THR I 12 2.51 -28.52 26.55
N ALA I 13 1.59 -29.05 27.36
CA ALA I 13 1.77 -29.17 28.81
C ALA I 13 2.78 -30.27 29.07
N GLY I 14 3.00 -31.18 28.14
CA GLY I 14 3.98 -32.25 28.31
C GLY I 14 3.34 -33.35 29.16
N PRO I 15 4.00 -34.51 29.19
CA PRO I 15 3.55 -35.67 29.94
C PRO I 15 3.71 -35.57 31.44
N TYR I 16 4.61 -34.72 31.89
CA TYR I 16 4.92 -34.55 33.31
C TYR I 16 4.19 -33.41 33.93
N VAL I 17 3.08 -33.00 33.31
CA VAL I 17 2.31 -31.85 33.84
C VAL I 17 1.91 -31.99 35.29
N HIS I 18 1.71 -33.20 35.72
CA HIS I 18 1.24 -33.55 37.08
C HIS I 18 2.12 -32.99 38.16
N ILE I 19 3.44 -33.09 37.92
CA ILE I 19 4.38 -32.55 38.92
C ILE I 19 4.07 -31.11 39.24
N GLY I 20 3.61 -30.31 38.29
CA GLY I 20 3.31 -28.90 38.56
C GLY I 20 1.85 -28.61 38.93
N LEU I 21 0.91 -29.34 38.38
CA LEU I 21 -0.51 -29.16 38.55
C LEU I 21 -1.34 -30.29 39.11
N ALA I 22 -0.77 -31.44 39.33
CA ALA I 22 -1.47 -32.61 39.89
C ALA I 22 -0.43 -33.45 40.66
N LEU I 23 0.04 -32.84 41.74
CA LEU I 23 1.08 -33.34 42.64
C LEU I 23 0.89 -34.78 43.07
N GLU I 24 -0.26 -35.05 43.67
CA GLU I 24 -0.61 -36.41 44.10
C GLU I 24 -0.32 -37.36 42.91
N ALA I 25 -1.04 -37.05 41.85
CA ALA I 25 -1.01 -37.78 40.58
C ALA I 25 0.41 -38.07 40.15
N ALA I 26 1.27 -37.06 40.33
CA ALA I 26 2.69 -37.24 39.93
C ALA I 26 3.39 -38.22 40.86
N GLY I 27 2.76 -38.41 42.01
CA GLY I 27 3.29 -39.33 43.05
C GLY I 27 4.33 -38.56 43.90
N ASN I 28 3.95 -37.31 44.19
CA ASN I 28 4.81 -36.44 45.00
C ASN I 28 3.97 -35.80 46.12
N PRO I 29 4.71 -35.35 47.13
CA PRO I 29 4.13 -34.68 48.29
C PRO I 29 3.38 -33.45 47.81
N THR I 30 2.19 -33.26 48.35
CA THR I 30 1.36 -32.10 47.96
C THR I 30 1.65 -31.00 48.98
N ARG I 31 1.16 -29.83 48.70
CA ARG I 31 1.33 -28.65 49.56
C ARG I 31 0.11 -28.48 50.45
N ASP I 32 0.22 -27.58 51.40
CA ASP I 32 -0.85 -27.27 52.36
C ASP I 32 -2.16 -27.07 51.62
N GLN I 33 -2.09 -26.29 50.53
CA GLN I 33 -3.30 -25.99 49.75
C GLN I 33 -3.13 -26.31 48.28
N GLU I 34 -4.03 -27.14 47.77
CA GLU I 34 -4.03 -27.55 46.37
C GLU I 34 -5.39 -27.29 45.71
N ILE I 35 -5.36 -27.09 44.41
CA ILE I 35 -6.59 -26.87 43.60
C ILE I 35 -6.86 -28.21 42.95
N TRP I 36 -7.90 -28.86 43.40
CA TRP I 36 -8.23 -30.21 42.87
C TRP I 36 -9.65 -30.38 42.46
N ASN I 37 -10.14 -31.62 42.43
CA ASN I 37 -11.45 -32.01 41.98
C ASN I 37 -12.67 -31.99 42.82
N ARG I 38 -12.71 -31.32 43.93
CA ARG I 38 -13.92 -31.25 44.80
C ARG I 38 -14.42 -29.82 44.81
N LEU I 39 -15.29 -29.44 43.91
CA LEU I 39 -15.80 -28.06 43.83
C LEU I 39 -16.75 -27.73 44.96
N ALA I 40 -17.50 -28.76 45.39
CA ALA I 40 -18.49 -28.59 46.45
C ALA I 40 -18.21 -29.44 47.70
N LYS I 41 -18.48 -28.77 48.80
CA LYS I 41 -18.38 -29.41 50.14
C LYS I 41 -19.80 -29.97 50.41
N PRO I 42 -19.84 -31.06 51.13
CA PRO I 42 -21.08 -31.76 51.46
C PRO I 42 -22.24 -30.84 51.70
N ASP I 43 -21.96 -29.78 52.43
CA ASP I 43 -22.99 -28.80 52.77
C ASP I 43 -23.20 -27.70 51.77
N ALA I 44 -22.86 -27.94 50.52
CA ALA I 44 -23.08 -26.90 49.49
C ALA I 44 -24.44 -27.16 48.87
N PRO I 45 -25.18 -26.09 48.66
CA PRO I 45 -26.53 -26.17 48.10
C PRO I 45 -26.47 -26.56 46.62
N GLY I 46 -27.50 -27.24 46.19
CA GLY I 46 -27.64 -27.70 44.80
C GLY I 46 -27.60 -29.22 44.81
N GLU I 47 -27.90 -29.78 43.63
CA GLU I 47 -27.89 -31.23 43.50
C GLU I 47 -26.45 -31.70 43.33
N HIS I 48 -25.94 -32.39 44.33
CA HIS I 48 -24.58 -32.93 44.31
C HIS I 48 -24.47 -34.03 43.28
N ILE I 49 -23.47 -33.90 42.40
CA ILE I 49 -23.25 -34.89 41.34
C ILE I 49 -21.77 -35.24 41.27
N LEU I 50 -21.52 -36.35 40.62
CA LEU I 50 -20.20 -36.91 40.38
C LEU I 50 -20.07 -36.94 38.84
N LEU I 51 -18.96 -36.36 38.40
CA LEU I 51 -18.69 -36.32 36.94
C LEU I 51 -17.55 -37.29 36.68
N LEU I 52 -17.66 -38.03 35.61
CA LEU I 52 -16.54 -38.98 35.32
C LEU I 52 -16.43 -39.14 33.84
N GLY I 53 -15.27 -39.53 33.34
CA GLY I 53 -15.07 -39.73 31.92
C GLY I 53 -13.67 -40.18 31.54
N GLN I 54 -13.58 -40.50 30.27
CA GLN I 54 -12.38 -40.95 29.59
C GLN I 54 -12.10 -40.04 28.40
N VAL I 55 -10.84 -40.05 28.01
CA VAL I 55 -10.35 -39.26 26.87
C VAL I 55 -9.73 -40.20 25.84
N TYR I 56 -10.19 -40.08 24.60
CA TYR I 56 -9.73 -40.88 23.51
C TYR I 56 -9.03 -40.10 22.39
N ASP I 57 -8.00 -40.72 21.89
CA ASP I 57 -7.18 -40.20 20.79
C ASP I 57 -7.86 -40.69 19.51
N GLY I 58 -7.33 -40.27 18.37
CA GLY I 58 -7.81 -40.59 17.06
C GLY I 58 -7.78 -42.06 16.70
N ASN I 59 -6.97 -42.85 17.36
CA ASN I 59 -6.91 -44.31 17.08
C ASN I 59 -7.89 -45.03 18.04
N GLY I 60 -8.52 -44.28 18.89
CA GLY I 60 -9.48 -44.77 19.86
C GLY I 60 -8.87 -45.23 21.17
N HIS I 61 -7.61 -44.93 21.36
CA HIS I 61 -6.81 -45.29 22.54
C HIS I 61 -6.97 -44.25 23.62
N LEU I 62 -6.91 -44.72 24.85
CA LEU I 62 -7.04 -43.88 26.03
C LEU I 62 -5.84 -42.91 26.16
N VAL I 63 -6.21 -41.71 26.48
CA VAL I 63 -5.19 -40.64 26.73
C VAL I 63 -5.11 -40.63 28.27
N ARG I 64 -4.08 -41.33 28.75
CA ARG I 64 -3.93 -41.45 30.21
C ARG I 64 -3.13 -40.34 30.84
N ASP I 65 -2.74 -39.31 30.10
CA ASP I 65 -1.94 -38.22 30.70
C ASP I 65 -2.61 -36.88 30.62
N SER I 66 -3.92 -36.84 30.43
CA SER I 66 -4.66 -35.61 30.31
C SER I 66 -4.83 -34.90 31.64
N PHE I 67 -4.94 -33.61 31.48
CA PHE I 67 -5.15 -32.66 32.59
C PHE I 67 -6.34 -31.82 32.15
N LEU I 68 -7.31 -31.65 33.03
CA LEU I 68 -8.50 -30.84 32.69
C LEU I 68 -8.72 -29.77 33.76
N GLU I 69 -9.32 -28.68 33.32
CA GLU I 69 -9.68 -27.57 34.23
C GLU I 69 -11.16 -27.28 33.92
N VAL I 70 -11.95 -27.05 34.96
CA VAL I 70 -13.39 -26.80 34.77
C VAL I 70 -13.80 -25.49 35.42
N TRP I 71 -14.75 -24.84 34.81
CA TRP I 71 -15.33 -23.59 35.29
C TRP I 71 -16.86 -23.76 35.10
N GLN I 72 -17.57 -23.55 36.21
CA GLN I 72 -19.04 -23.64 36.21
C GLN I 72 -19.67 -22.72 37.24
N ALA I 73 -20.95 -22.43 37.00
CA ALA I 73 -21.74 -21.62 37.98
C ALA I 73 -22.17 -22.59 39.11
N ASP I 74 -22.55 -21.93 40.19
CA ASP I 74 -23.09 -22.63 41.39
C ASP I 74 -24.56 -22.96 41.05
N ALA I 75 -25.19 -23.66 41.98
CA ALA I 75 -26.61 -24.08 41.79
C ALA I 75 -27.49 -22.89 41.44
N ASN I 76 -27.08 -21.70 41.82
CA ASN I 76 -27.81 -20.47 41.52
C ASN I 76 -27.46 -19.88 40.17
N GLY I 77 -26.65 -20.57 39.38
CA GLY I 77 -26.26 -20.03 38.05
C GLY I 77 -25.43 -18.77 38.33
N GLU I 78 -24.54 -18.92 39.30
CA GLU I 78 -23.68 -17.79 39.72
C GLU I 78 -22.22 -18.26 39.70
N TYR I 79 -21.36 -17.40 39.20
CA TYR I 79 -19.91 -17.72 39.13
C TYR I 79 -19.20 -17.25 40.39
N GLN I 80 -18.61 -18.18 41.09
CA GLN I 80 -17.90 -17.88 42.36
C GLN I 80 -16.41 -17.79 42.06
N ASP I 81 -15.95 -16.61 41.70
CA ASP I 81 -14.54 -16.40 41.34
C ASP I 81 -13.52 -16.35 42.45
N ALA I 82 -13.91 -15.89 43.63
CA ALA I 82 -13.00 -15.80 44.79
C ALA I 82 -12.69 -17.20 45.30
N TYR I 83 -11.69 -17.84 44.74
CA TYR I 83 -11.28 -19.18 45.09
C TYR I 83 -10.74 -19.28 46.51
N ASN I 84 -11.37 -20.16 47.26
CA ASN I 84 -11.01 -20.38 48.68
C ASN I 84 -11.37 -21.81 49.08
N LEU I 85 -10.48 -22.47 49.78
CA LEU I 85 -10.68 -23.85 50.21
C LEU I 85 -11.74 -23.97 51.30
N GLU I 86 -12.05 -22.84 51.90
CA GLU I 86 -13.03 -22.74 52.96
C GLU I 86 -14.44 -22.69 52.38
N ASN I 87 -14.51 -22.20 51.15
CA ASN I 87 -15.79 -22.06 50.42
C ASN I 87 -16.50 -23.42 50.42
N ALA I 88 -17.81 -23.37 50.43
CA ALA I 88 -18.62 -24.62 50.41
C ALA I 88 -18.63 -25.10 48.94
N PHE I 89 -18.56 -24.07 48.10
CA PHE I 89 -18.50 -24.24 46.66
C PHE I 89 -17.47 -23.31 46.00
N ASN I 90 -16.75 -23.89 45.05
CA ASN I 90 -15.78 -23.18 44.21
C ASN I 90 -16.20 -23.46 42.75
N SER I 91 -16.22 -22.41 41.96
CA SER I 91 -16.58 -22.50 40.53
C SER I 91 -15.47 -23.14 39.70
N PHE I 92 -14.27 -23.21 40.26
CA PHE I 92 -13.09 -23.76 39.57
C PHE I 92 -12.54 -25.01 40.22
N GLY I 93 -12.05 -25.91 39.40
CA GLY I 93 -11.45 -27.18 39.81
C GLY I 93 -10.52 -27.73 38.72
N ARG I 94 -9.78 -28.74 39.13
CA ARG I 94 -8.80 -29.40 38.25
C ARG I 94 -8.87 -30.90 38.46
N THR I 95 -8.63 -31.64 37.37
CA THR I 95 -8.69 -33.12 37.48
C THR I 95 -7.78 -33.67 36.42
N ALA I 96 -7.56 -34.96 36.42
CA ALA I 96 -6.67 -35.61 35.44
C ALA I 96 -7.07 -37.07 35.34
N THR I 97 -6.62 -37.77 34.34
CA THR I 97 -6.94 -39.20 34.14
C THR I 97 -5.83 -40.09 34.71
N THR I 98 -6.32 -41.14 35.36
CA THR I 98 -5.42 -42.14 36.00
C THR I 98 -4.57 -42.79 34.93
N PHE I 99 -3.31 -43.02 35.27
CA PHE I 99 -2.35 -43.63 34.32
C PHE I 99 -2.80 -45.08 34.07
N ASP I 100 -3.58 -45.61 34.99
CA ASP I 100 -4.08 -46.99 34.87
C ASP I 100 -5.39 -47.03 34.09
N ALA I 101 -6.46 -46.68 34.77
CA ALA I 101 -7.82 -46.67 34.22
C ALA I 101 -7.99 -45.60 33.14
N GLY I 102 -7.33 -44.47 33.34
CA GLY I 102 -7.40 -43.36 32.39
C GLY I 102 -8.72 -42.62 32.53
N GLU I 103 -9.22 -42.62 33.77
CA GLU I 103 -10.53 -41.95 34.01
C GLU I 103 -10.35 -40.79 34.99
N TRP I 104 -11.13 -39.75 34.80
CA TRP I 104 -11.05 -38.58 35.71
C TRP I 104 -12.43 -38.49 36.38
N THR I 105 -12.39 -37.92 37.57
CA THR I 105 -13.60 -37.69 38.34
C THR I 105 -13.49 -36.30 38.95
N LEU I 106 -14.67 -35.77 39.15
CA LEU I 106 -14.79 -34.39 39.74
C LEU I 106 -16.03 -34.48 40.62
N HIS I 107 -16.01 -33.78 41.73
CA HIS I 107 -17.14 -33.75 42.67
C HIS I 107 -17.67 -32.32 42.74
N THR I 108 -18.91 -32.13 42.29
CA THR I 108 -19.50 -30.79 42.26
C THR I 108 -21.01 -30.86 42.42
N VAL I 109 -21.67 -29.80 42.07
CA VAL I 109 -23.12 -29.63 42.08
C VAL I 109 -23.54 -29.22 40.65
N LYS I 110 -24.73 -29.61 40.26
CA LYS I 110 -25.24 -29.26 38.91
C LYS I 110 -25.40 -27.74 38.88
N PRO I 111 -24.80 -27.16 37.85
CA PRO I 111 -24.79 -25.70 37.67
C PRO I 111 -26.16 -25.14 37.30
N GLY I 112 -26.41 -23.95 37.80
CA GLY I 112 -27.62 -23.18 37.53
C GLY I 112 -27.42 -22.52 36.14
N VAL I 113 -28.49 -22.00 35.63
CA VAL I 113 -28.58 -21.36 34.32
C VAL I 113 -28.01 -19.96 34.31
N VAL I 114 -27.29 -19.63 33.25
CA VAL I 114 -26.71 -18.31 33.04
C VAL I 114 -27.11 -17.83 31.63
N ASN I 115 -27.19 -16.52 31.53
CA ASN I 115 -27.56 -15.81 30.31
C ASN I 115 -26.33 -15.45 29.47
N ASN I 116 -26.50 -15.52 28.18
CA ASN I 116 -25.38 -15.13 27.26
C ASN I 116 -25.42 -13.59 27.28
N ALA I 117 -24.56 -12.96 26.51
CA ALA I 117 -24.49 -11.50 26.44
C ALA I 117 -25.75 -10.88 25.91
N ALA I 118 -26.48 -11.60 25.08
CA ALA I 118 -27.72 -11.06 24.46
C ALA I 118 -28.90 -11.19 25.39
N GLY I 119 -28.72 -11.81 26.55
CA GLY I 119 -29.80 -11.97 27.52
C GLY I 119 -30.54 -13.28 27.42
N VAL I 120 -30.12 -14.18 26.57
CA VAL I 120 -30.75 -15.49 26.36
C VAL I 120 -30.08 -16.50 27.28
N PRO I 121 -30.86 -17.33 27.93
CA PRO I 121 -30.36 -18.36 28.84
C PRO I 121 -29.71 -19.51 28.08
N MET I 122 -28.65 -19.99 28.69
CA MET I 122 -27.87 -21.15 28.14
C MET I 122 -28.26 -22.35 29.00
N ALA I 123 -28.31 -23.53 28.41
CA ALA I 123 -28.66 -24.72 29.29
C ALA I 123 -27.50 -24.82 30.29
N PRO I 124 -27.75 -25.45 31.41
CA PRO I 124 -26.70 -25.62 32.46
C PRO I 124 -25.50 -26.27 31.79
N HIS I 125 -24.29 -25.77 32.10
CA HIS I 125 -23.10 -26.40 31.46
C HIS I 125 -21.84 -26.12 32.27
N ILE I 126 -20.88 -26.99 32.01
CA ILE I 126 -19.54 -26.94 32.59
C ILE I 126 -18.55 -26.65 31.47
N ASN I 127 -17.75 -25.61 31.66
CA ASN I 127 -16.70 -25.25 30.65
C ASN I 127 -15.50 -26.13 30.98
N ILE I 128 -14.88 -26.66 29.95
CA ILE I 128 -13.71 -27.56 30.17
C ILE I 128 -12.56 -27.16 29.25
N SER I 129 -11.37 -27.20 29.83
CA SER I 129 -10.14 -26.92 29.04
C SER I 129 -9.33 -28.23 29.14
N LEU I 130 -8.92 -28.78 28.02
CA LEU I 130 -8.14 -30.05 28.06
C LEU I 130 -6.69 -29.81 27.64
N PHE I 131 -5.76 -30.31 28.42
CA PHE I 131 -4.32 -30.20 28.24
C PHE I 131 -3.74 -31.64 28.29
N ALA I 132 -2.67 -31.79 27.52
CA ALA I 132 -1.97 -33.05 27.45
C ALA I 132 -0.81 -32.92 26.43
N ARG I 133 0.00 -33.90 26.58
CA ARG I 133 1.17 -34.18 25.72
C ARG I 133 0.53 -34.38 24.33
N GLY I 134 1.08 -33.71 23.33
CA GLY I 134 0.54 -33.89 21.96
C GLY I 134 -0.49 -32.84 21.65
N ILE I 135 -0.86 -32.03 22.60
CA ILE I 135 -1.85 -30.95 22.39
C ILE I 135 -1.10 -29.62 22.50
N ASN I 136 -0.82 -29.02 21.37
CA ASN I 136 -0.05 -27.76 21.34
C ASN I 136 -0.74 -26.63 22.09
N ILE I 137 -2.04 -26.54 21.89
CA ILE I 137 -2.85 -25.48 22.55
C ILE I 137 -4.08 -26.20 23.11
N HIS I 138 -4.45 -25.88 24.32
CA HIS I 138 -5.58 -26.58 24.94
C HIS I 138 -6.86 -26.45 24.16
N LEU I 139 -7.68 -27.51 24.33
CA LEU I 139 -9.00 -27.64 23.67
C LEU I 139 -10.09 -27.21 24.66
N HIS I 140 -11.01 -26.43 24.14
CA HIS I 140 -12.15 -25.91 24.88
C HIS I 140 -13.41 -26.70 24.42
N THR I 141 -14.17 -27.06 25.43
CA THR I 141 -15.43 -27.79 25.26
C THR I 141 -16.40 -27.45 26.39
N ARG I 142 -17.64 -27.87 26.24
CA ARG I 142 -18.68 -27.67 27.24
C ARG I 142 -19.31 -29.02 27.57
N LEU I 143 -19.68 -29.18 28.83
CA LEU I 143 -20.37 -30.44 29.23
C LEU I 143 -21.83 -30.04 29.49
N TYR I 144 -22.74 -30.68 28.78
CA TYR I 144 -24.19 -30.46 28.93
C TYR I 144 -24.76 -31.79 29.48
N PHE I 145 -25.93 -31.68 30.09
CA PHE I 145 -26.58 -32.83 30.75
C PHE I 145 -27.82 -33.35 30.03
N ASP I 146 -27.86 -34.65 29.82
CA ASP I 146 -28.92 -35.35 29.12
C ASP I 146 -30.30 -35.18 29.72
N ASP I 147 -30.37 -34.84 30.98
CA ASP I 147 -31.65 -34.63 31.66
C ASP I 147 -32.15 -33.20 31.59
N GLU I 148 -31.67 -32.45 30.63
CA GLU I 148 -32.06 -31.04 30.43
C GLU I 148 -32.37 -30.77 28.97
N ALA I 149 -32.92 -31.80 28.32
CA ALA I 149 -33.32 -31.74 26.92
C ALA I 149 -34.02 -30.45 26.59
N GLN I 150 -35.04 -30.09 27.32
CA GLN I 150 -35.81 -28.85 27.05
C GLN I 150 -34.86 -27.65 26.91
N ALA I 151 -33.99 -27.52 27.91
CA ALA I 151 -33.03 -26.39 27.90
C ALA I 151 -32.01 -26.53 26.78
N ASN I 152 -31.48 -27.74 26.63
CA ASN I 152 -30.46 -27.98 25.62
C ASN I 152 -30.98 -27.56 24.24
N ALA I 153 -32.27 -27.78 24.05
CA ALA I 153 -32.88 -27.49 22.74
C ALA I 153 -32.82 -26.03 22.40
N LYS I 154 -32.95 -25.19 23.40
CA LYS I 154 -32.94 -23.75 23.27
C LYS I 154 -31.59 -23.06 23.44
N CYS I 155 -30.55 -23.75 23.86
CA CYS I 155 -29.24 -23.10 24.10
C CYS I 155 -28.72 -22.40 22.85
N PRO I 156 -28.44 -21.11 22.99
CA PRO I 156 -27.92 -20.30 21.88
C PRO I 156 -26.51 -20.75 21.56
N VAL I 157 -25.84 -21.42 22.48
CA VAL I 157 -24.48 -21.91 22.22
C VAL I 157 -24.55 -23.24 21.48
N LEU I 158 -25.32 -24.16 22.03
CA LEU I 158 -25.52 -25.49 21.41
C LEU I 158 -26.11 -25.34 20.02
N ASN I 159 -26.90 -24.29 19.83
CA ASN I 159 -27.53 -24.05 18.52
C ASN I 159 -26.61 -23.47 17.48
N LEU I 160 -25.42 -23.01 17.86
CA LEU I 160 -24.44 -22.47 16.95
C LEU I 160 -23.74 -23.62 16.21
N ILE I 161 -23.85 -24.83 16.77
CA ILE I 161 -23.22 -25.98 16.08
C ILE I 161 -24.16 -26.36 14.91
N GLU I 162 -23.62 -26.20 13.71
CA GLU I 162 -24.34 -26.47 12.50
C GLU I 162 -25.06 -27.80 12.39
N GLN I 163 -24.35 -28.90 12.52
CA GLN I 163 -24.90 -30.24 12.40
C GLN I 163 -25.38 -30.79 13.73
N PRO I 164 -26.69 -30.94 13.82
CA PRO I 164 -27.33 -31.48 15.02
C PRO I 164 -26.64 -32.69 15.63
N GLN I 165 -26.07 -33.55 14.82
CA GLN I 165 -25.41 -34.78 15.31
C GLN I 165 -24.18 -34.50 16.17
N ARG I 166 -23.51 -33.41 15.82
CA ARG I 166 -22.31 -32.93 16.51
C ARG I 166 -22.65 -32.37 17.88
N ARG I 167 -23.89 -31.90 18.04
CA ARG I 167 -24.37 -31.32 19.30
C ARG I 167 -24.44 -32.36 20.41
N GLU I 168 -24.77 -33.58 19.98
CA GLU I 168 -24.89 -34.72 20.88
C GLU I 168 -23.58 -35.06 21.57
N THR I 169 -22.47 -34.79 20.90
CA THR I 169 -21.16 -35.11 21.47
C THR I 169 -20.96 -34.34 22.78
N LEU I 170 -21.70 -33.29 23.01
CA LEU I 170 -21.56 -32.48 24.19
C LEU I 170 -22.45 -32.81 25.38
N ILE I 171 -23.27 -33.82 25.27
CA ILE I 171 -24.22 -34.23 26.31
C ILE I 171 -23.76 -35.37 27.16
N ALA I 172 -23.67 -35.09 28.45
CA ALA I 172 -23.22 -36.10 29.44
C ALA I 172 -24.42 -37.02 29.73
N LYS I 173 -24.16 -38.30 29.80
CA LYS I 173 -25.19 -39.30 30.05
C LYS I 173 -25.22 -39.63 31.54
N ARG I 174 -26.39 -39.34 32.11
CA ARG I 174 -26.67 -39.56 33.53
C ARG I 174 -26.69 -41.07 33.83
N CYS I 175 -26.12 -41.37 34.97
CA CYS I 175 -26.03 -42.71 35.54
C CYS I 175 -25.97 -42.50 37.07
N GLU I 176 -25.56 -43.55 37.73
CA GLU I 176 -25.47 -43.51 39.21
C GLU I 176 -24.31 -44.41 39.63
N VAL I 177 -23.54 -43.87 40.54
CA VAL I 177 -22.35 -44.60 41.06
C VAL I 177 -22.56 -44.70 42.58
N ASP I 178 -22.59 -45.93 43.05
CA ASP I 178 -22.81 -46.14 44.51
C ASP I 178 -24.11 -45.45 44.90
N GLY I 179 -25.10 -45.58 44.04
CA GLY I 179 -26.41 -44.95 44.30
C GLY I 179 -26.31 -43.44 44.28
N LYS I 180 -25.17 -42.91 43.83
CA LYS I 180 -25.01 -41.44 43.75
C LYS I 180 -25.20 -41.04 42.26
N THR I 181 -25.81 -39.87 42.08
CA THR I 181 -26.09 -39.33 40.77
C THR I 181 -24.73 -38.96 40.09
N ALA I 182 -24.54 -39.53 38.93
CA ALA I 182 -23.33 -39.28 38.16
C ALA I 182 -23.72 -39.04 36.70
N TYR I 183 -22.77 -38.51 35.97
CA TYR I 183 -22.92 -38.22 34.52
C TYR I 183 -21.53 -38.57 33.92
N ARG I 184 -21.56 -39.26 32.83
CA ARG I 184 -20.34 -39.67 32.15
C ARG I 184 -20.18 -38.83 30.88
N PHE I 185 -19.03 -38.21 30.81
CA PHE I 185 -18.64 -37.35 29.66
C PHE I 185 -17.30 -37.78 29.10
N ASP I 186 -17.37 -38.45 27.98
CA ASP I 186 -16.16 -38.95 27.29
C ASP I 186 -15.78 -37.95 26.19
N ILE I 187 -14.47 -37.77 26.03
CA ILE I 187 -13.95 -36.86 25.01
C ILE I 187 -13.25 -37.66 23.92
N ARG I 188 -13.56 -37.36 22.72
CA ARG I 188 -12.96 -38.01 21.53
C ARG I 188 -12.29 -36.83 20.80
N ILE I 189 -10.95 -36.79 20.96
CA ILE I 189 -10.15 -35.73 20.39
C ILE I 189 -10.25 -35.73 18.87
N GLN I 190 -10.27 -36.95 18.34
CA GLN I 190 -10.27 -37.04 16.85
C GLN I 190 -11.01 -38.23 16.31
N GLY I 191 -11.58 -38.07 15.11
CA GLY I 191 -12.25 -39.12 14.42
C GLY I 191 -13.73 -39.26 14.63
N GLU I 192 -14.17 -40.50 14.55
CA GLU I 192 -15.56 -40.92 14.69
C GLU I 192 -16.10 -40.43 16.02
N GLY I 193 -17.13 -39.62 15.97
CA GLY I 193 -17.78 -39.07 17.17
C GLY I 193 -16.93 -38.00 17.83
N GLU I 194 -16.06 -37.37 17.07
CA GLU I 194 -15.16 -36.33 17.55
C GLU I 194 -15.94 -35.22 18.27
N THR I 195 -15.51 -34.93 19.48
CA THR I 195 -16.12 -33.91 20.32
C THR I 195 -15.93 -32.50 19.74
N VAL I 196 -17.01 -31.74 19.83
CA VAL I 196 -17.01 -30.34 19.41
C VAL I 196 -16.06 -29.57 20.37
N PHE I 197 -15.20 -28.79 19.75
CA PHE I 197 -14.21 -27.93 20.45
C PHE I 197 -14.50 -26.50 19.98
N PHE I 198 -14.40 -25.59 20.95
CA PHE I 198 -14.73 -24.20 20.71
C PHE I 198 -13.56 -23.23 20.61
N ASP I 199 -13.86 -22.12 19.94
CA ASP I 199 -12.90 -21.00 19.82
C ASP I 199 -13.68 -19.77 20.32
N PHE I 200 -13.09 -19.04 21.22
CA PHE I 200 -13.66 -17.84 21.81
C PHE I 200 -12.53 -16.88 22.25
N PRO J 1 -20.31 -12.50 43.23
CA PRO J 1 -19.94 -13.38 42.10
C PRO J 1 -19.34 -12.56 40.98
N ALA J 2 -18.81 -13.26 39.97
CA ALA J 2 -18.20 -12.59 38.81
C ALA J 2 -19.30 -12.01 37.89
N GLN J 3 -18.87 -11.04 37.09
CA GLN J 3 -19.73 -10.36 36.13
C GLN J 3 -19.07 -10.20 34.76
N ASP J 4 -19.93 -10.26 33.76
CA ASP J 4 -19.52 -10.11 32.36
C ASP J 4 -19.36 -8.62 32.06
N ASN J 5 -18.14 -8.14 32.13
CA ASN J 5 -17.85 -6.71 31.89
C ASN J 5 -16.76 -6.54 30.83
N SER J 6 -16.07 -7.63 30.52
CA SER J 6 -14.97 -7.56 29.57
C SER J 6 -15.15 -8.45 28.35
N ARG J 7 -14.35 -8.09 27.38
CA ARG J 7 -14.26 -8.81 26.09
C ARG J 7 -12.74 -9.02 25.92
N PHE J 8 -12.37 -10.13 25.33
CA PHE J 8 -10.95 -10.46 25.12
C PHE J 8 -10.66 -10.50 23.64
N VAL J 9 -9.50 -9.93 23.31
CA VAL J 9 -9.06 -9.89 21.90
C VAL J 9 -9.05 -11.35 21.41
N ILE J 10 -9.53 -11.53 20.19
CA ILE J 10 -9.56 -12.88 19.60
C ILE J 10 -8.16 -13.43 19.48
N ARG J 11 -7.95 -14.68 19.82
CA ARG J 11 -6.62 -15.28 19.68
C ARG J 11 -6.24 -15.41 18.18
N ASP J 12 -4.95 -15.25 17.95
CA ASP J 12 -4.40 -15.41 16.58
C ASP J 12 -3.92 -16.87 16.50
N ARG J 13 -4.75 -17.70 15.89
CA ARG J 13 -4.41 -19.13 15.75
C ARG J 13 -3.37 -19.47 14.73
N ASN J 14 -2.83 -18.44 14.08
CA ASN J 14 -1.69 -18.64 13.14
C ASN J 14 -0.38 -18.28 13.84
N TRP J 15 -0.51 -17.65 14.99
CA TRP J 15 0.65 -17.21 15.82
C TRP J 15 1.01 -18.37 16.77
N HIS J 16 -0.05 -18.88 17.38
CA HIS J 16 0.07 -20.06 18.29
C HIS J 16 0.33 -21.25 17.32
N PRO J 17 0.95 -22.28 17.84
CA PRO J 17 1.20 -23.51 17.06
C PRO J 17 -0.16 -24.11 16.70
N LYS J 18 -0.27 -24.76 15.57
CA LYS J 18 -1.55 -25.41 15.17
C LYS J 18 -1.59 -26.75 15.96
N ALA J 19 -2.73 -27.41 15.79
CA ALA J 19 -2.95 -28.71 16.44
C ALA J 19 -2.10 -29.82 15.81
N LEU J 20 -2.17 -29.90 14.49
CA LEU J 20 -1.45 -30.91 13.73
C LEU J 20 -0.11 -30.38 13.20
N THR J 21 0.95 -30.84 13.80
CA THR J 21 2.36 -30.53 13.49
C THR J 21 3.06 -31.90 13.60
N PRO J 22 2.97 -32.63 12.47
CA PRO J 22 3.48 -33.97 12.36
C PRO J 22 4.85 -34.25 12.86
N ASP J 23 5.76 -33.30 12.88
CA ASP J 23 7.13 -33.56 13.37
C ASP J 23 7.11 -33.93 14.84
N TYR J 24 6.12 -33.42 15.51
CA TYR J 24 5.87 -33.70 16.94
C TYR J 24 4.79 -34.83 16.85
N LYS J 25 5.32 -36.03 16.79
CA LYS J 25 4.55 -37.25 16.58
C LYS J 25 3.29 -37.42 17.34
N THR J 26 3.31 -37.19 18.64
CA THR J 26 2.14 -37.34 19.52
C THR J 26 0.97 -36.50 19.05
N SER J 27 1.25 -35.40 18.38
CA SER J 27 0.19 -34.50 17.91
C SER J 27 -0.66 -35.04 16.77
N ILE J 28 -0.19 -36.04 16.05
CA ILE J 28 -0.96 -36.61 14.93
C ILE J 28 -2.32 -37.13 15.40
N ALA J 29 -2.29 -38.02 16.38
CA ALA J 29 -3.39 -38.67 16.99
C ALA J 29 -4.16 -37.87 18.02
N ARG J 30 -3.55 -36.83 18.54
CA ARG J 30 -4.19 -35.97 19.53
C ARG J 30 -4.59 -34.61 19.02
N SER J 31 -4.88 -34.52 17.72
CA SER J 31 -5.36 -33.21 17.16
C SER J 31 -6.71 -33.49 16.49
N PRO J 32 -7.64 -32.56 16.66
CA PRO J 32 -8.96 -32.63 16.07
C PRO J 32 -8.85 -32.51 14.54
N ARG J 33 -9.79 -33.09 13.84
CA ARG J 33 -9.86 -33.08 12.39
C ARG J 33 -11.02 -32.17 11.91
N GLN J 34 -11.92 -31.87 12.82
CA GLN J 34 -13.04 -30.96 12.53
C GLN J 34 -12.55 -29.56 12.92
N ALA J 35 -13.14 -28.52 12.32
CA ALA J 35 -12.72 -27.15 12.68
C ALA J 35 -13.31 -26.83 14.06
N LEU J 36 -12.64 -25.91 14.73
CA LEU J 36 -13.16 -25.47 16.08
C LEU J 36 -14.45 -24.68 15.77
N VAL J 37 -15.37 -24.69 16.70
CA VAL J 37 -16.61 -23.88 16.50
C VAL J 37 -16.43 -22.54 17.26
N SER J 38 -16.60 -21.45 16.56
CA SER J 38 -16.51 -20.12 17.12
C SER J 38 -17.82 -19.78 17.82
N ILE J 39 -17.67 -19.25 19.03
CA ILE J 39 -18.84 -18.85 19.83
C ILE J 39 -18.54 -17.44 20.41
N PRO J 40 -19.59 -16.65 20.52
CA PRO J 40 -19.47 -15.31 21.09
C PRO J 40 -19.15 -15.49 22.59
N GLN J 41 -18.39 -14.55 23.07
CA GLN J 41 -17.98 -14.49 24.48
C GLN J 41 -19.19 -14.17 25.37
N SER J 42 -19.27 -14.89 26.45
CA SER J 42 -20.34 -14.73 27.48
C SER J 42 -19.65 -14.75 28.86
N ILE J 43 -20.49 -14.62 29.88
CA ILE J 43 -19.95 -14.63 31.27
C ILE J 43 -19.21 -15.93 31.54
N SER J 44 -19.58 -16.98 30.85
CA SER J 44 -18.92 -18.29 31.03
C SER J 44 -17.43 -18.21 30.65
N GLU J 45 -17.11 -17.51 29.59
CA GLU J 45 -15.78 -17.35 29.06
C GLU J 45 -14.97 -16.15 29.49
N THR J 46 -15.65 -15.08 29.92
CA THR J 46 -14.99 -13.85 30.30
C THR J 46 -14.69 -13.74 31.77
N THR J 47 -14.94 -14.76 32.55
CA THR J 47 -14.65 -14.76 33.99
C THR J 47 -13.73 -15.96 34.21
N GLY J 48 -13.21 -16.04 35.40
CA GLY J 48 -12.31 -17.11 35.81
C GLY J 48 -12.00 -16.86 37.30
N PRO J 49 -11.34 -17.83 37.87
CA PRO J 49 -10.94 -17.81 39.27
C PRO J 49 -9.86 -16.77 39.57
N ASN J 50 -9.97 -16.31 40.80
CA ASN J 50 -9.04 -15.34 41.41
C ASN J 50 -8.42 -16.14 42.58
N PHE J 51 -7.12 -16.25 42.58
CA PHE J 51 -6.37 -17.00 43.58
C PHE J 51 -5.80 -16.14 44.70
N SER J 52 -6.28 -14.94 44.82
CA SER J 52 -5.91 -13.97 45.82
C SER J 52 -5.96 -14.54 47.24
N HIS J 53 -6.92 -15.37 47.54
CA HIS J 53 -7.02 -15.94 48.88
C HIS J 53 -6.47 -17.32 49.01
N LEU J 54 -5.76 -17.81 47.99
CA LEU J 54 -5.16 -19.15 48.11
C LEU J 54 -4.06 -19.02 49.17
N GLY J 55 -3.94 -20.04 50.00
CA GLY J 55 -2.94 -20.01 51.08
C GLY J 55 -1.60 -20.51 50.58
N PHE J 56 -0.79 -19.58 50.14
CA PHE J 56 0.56 -19.91 49.60
C PHE J 56 1.59 -20.10 50.70
N GLY J 57 2.41 -21.10 50.52
CA GLY J 57 3.53 -21.41 51.44
C GLY J 57 4.63 -20.35 51.18
N ALA J 58 5.47 -20.24 52.19
CA ALA J 58 6.57 -19.28 52.23
C ALA J 58 7.62 -19.53 51.16
N HIS J 59 7.84 -20.75 50.79
CA HIS J 59 8.84 -21.11 49.78
C HIS J 59 8.16 -21.74 48.57
N ASP J 60 6.94 -21.30 48.30
CA ASP J 60 6.17 -21.86 47.15
C ASP J 60 6.89 -21.56 45.84
N HIS J 61 7.47 -20.38 45.77
CA HIS J 61 8.21 -19.90 44.62
C HIS J 61 9.69 -20.14 44.73
N ASP J 62 10.16 -20.86 45.74
CA ASP J 62 11.63 -21.07 45.89
C ASP J 62 11.98 -22.55 45.80
N LEU J 63 12.36 -22.99 44.61
CA LEU J 63 12.68 -24.42 44.40
C LEU J 63 13.97 -24.85 45.04
N LEU J 64 14.67 -23.89 45.64
CA LEU J 64 15.95 -24.19 46.30
C LEU J 64 15.68 -24.69 47.71
N LEU J 65 14.50 -24.37 48.22
CA LEU J 65 14.14 -24.77 49.58
C LEU J 65 12.78 -25.44 49.72
N ASN J 66 11.99 -25.49 48.67
CA ASN J 66 10.63 -26.05 48.81
C ASN J 66 10.51 -27.55 48.72
N PHE J 67 11.56 -28.33 48.62
CA PHE J 67 11.43 -29.78 48.53
C PHE J 67 11.83 -30.40 49.88
N GLY J 71 19.57 -30.28 52.28
CA GLY J 71 20.64 -29.62 51.53
C GLY J 71 20.11 -28.83 50.34
N LEU J 72 21.08 -28.30 49.59
CA LEU J 72 20.78 -27.51 48.38
C LEU J 72 20.87 -28.45 47.18
N PRO J 73 20.08 -28.13 46.17
CA PRO J 73 20.09 -28.90 44.92
C PRO J 73 21.41 -28.59 44.22
N ILE J 74 21.80 -29.50 43.33
CA ILE J 74 23.03 -29.27 42.53
C ILE J 74 22.57 -28.64 41.19
N GLY J 75 23.32 -27.66 40.73
CA GLY J 75 22.96 -27.00 39.45
C GLY J 75 23.13 -25.50 39.57
N GLU J 76 23.00 -24.85 38.43
CA GLU J 76 23.17 -23.40 38.30
C GLU J 76 22.01 -22.68 38.97
N ARG J 77 22.36 -21.94 39.96
CA ARG J 77 21.37 -21.16 40.75
C ARG J 77 20.95 -19.95 39.91
N ILE J 78 19.64 -19.85 39.74
CA ILE J 78 19.12 -18.70 38.94
C ILE J 78 17.78 -18.23 39.50
N ILE J 79 17.51 -17.00 39.16
CA ILE J 79 16.21 -16.38 39.49
C ILE J 79 15.51 -16.25 38.10
N VAL J 80 14.25 -16.60 38.04
CA VAL J 80 13.46 -16.43 36.79
C VAL J 80 12.35 -15.44 37.22
N ALA J 81 12.38 -14.26 36.63
CA ALA J 81 11.43 -13.20 36.95
C ALA J 81 10.92 -12.50 35.69
N GLY J 82 9.85 -11.75 35.84
CA GLY J 82 9.31 -11.03 34.65
C GLY J 82 7.98 -10.44 35.08
N ARG J 83 7.26 -9.98 34.09
CA ARG J 83 5.95 -9.35 34.36
C ARG J 83 4.91 -9.98 33.43
N VAL J 84 3.66 -9.98 33.87
CA VAL J 84 2.54 -10.46 33.05
C VAL J 84 1.73 -9.18 32.72
N VAL J 85 1.57 -8.95 31.45
CA VAL J 85 0.82 -7.82 30.89
C VAL J 85 -0.18 -8.42 29.86
N ASP J 86 -1.11 -7.61 29.42
CA ASP J 86 -2.09 -8.06 28.41
C ASP J 86 -1.62 -7.46 27.09
N GLN J 87 -2.32 -7.75 26.01
CA GLN J 87 -1.85 -7.21 24.69
C GLN J 87 -1.89 -5.70 24.66
N TYR J 88 -2.63 -5.08 25.57
CA TYR J 88 -2.67 -3.60 25.56
C TYR J 88 -1.49 -3.02 26.34
N GLY J 89 -0.70 -3.89 26.96
CA GLY J 89 0.46 -3.50 27.77
C GLY J 89 0.09 -3.27 29.22
N LYS J 90 -1.12 -3.63 29.60
CA LYS J 90 -1.63 -3.45 30.99
C LYS J 90 -1.19 -4.59 31.86
N PRO J 91 -0.66 -4.25 33.03
CA PRO J 91 -0.19 -5.26 34.00
C PRO J 91 -1.39 -6.09 34.46
N VAL J 92 -1.14 -7.35 34.75
CA VAL J 92 -2.17 -8.29 35.24
C VAL J 92 -1.75 -8.67 36.69
N PRO J 93 -2.30 -7.95 37.66
CA PRO J 93 -2.01 -8.18 39.07
C PRO J 93 -2.78 -9.37 39.63
N ASN J 94 -2.28 -9.85 40.75
CA ASN J 94 -2.85 -10.95 41.51
C ASN J 94 -3.28 -12.11 40.62
N THR J 95 -2.35 -12.52 39.77
CA THR J 95 -2.63 -13.64 38.85
C THR J 95 -1.74 -14.80 39.20
N LEU J 96 -2.24 -16.00 38.93
CA LEU J 96 -1.49 -17.20 39.29
C LEU J 96 -0.52 -17.71 38.24
N VAL J 97 0.74 -17.80 38.65
CA VAL J 97 1.81 -18.33 37.82
C VAL J 97 2.34 -19.61 38.50
N GLU J 98 2.30 -20.68 37.74
CA GLU J 98 2.80 -22.00 38.19
C GLU J 98 3.87 -22.48 37.24
N MET J 99 4.88 -23.16 37.74
CA MET J 99 5.96 -23.67 36.85
C MET J 99 6.43 -25.03 37.32
N TRP J 100 7.00 -25.83 36.47
CA TRP J 100 7.53 -27.16 36.75
C TRP J 100 8.67 -27.40 35.78
N GLN J 101 9.64 -28.21 36.18
CA GLN J 101 10.82 -28.43 35.28
C GLN J 101 11.60 -29.66 35.74
N ALA J 102 12.62 -30.01 34.95
CA ALA J 102 13.49 -31.16 35.34
C ALA J 102 14.60 -30.58 36.25
N ASN J 103 15.45 -31.49 36.73
CA ASN J 103 16.60 -31.10 37.55
C ASN J 103 17.73 -30.68 36.57
N ALA J 104 18.90 -30.46 37.17
CA ALA J 104 20.07 -30.00 36.41
C ALA J 104 20.54 -30.99 35.37
N GLY J 105 20.21 -32.24 35.58
CA GLY J 105 20.58 -33.35 34.71
C GLY J 105 19.53 -33.69 33.66
N GLY J 106 18.40 -33.02 33.79
CA GLY J 106 17.28 -33.24 32.83
C GLY J 106 16.37 -34.38 33.28
N ARG J 107 16.36 -34.64 34.57
CA ARG J 107 15.49 -35.69 35.14
C ARG J 107 14.29 -35.06 35.82
N TYR J 108 13.12 -35.59 35.54
CA TYR J 108 11.88 -35.11 36.17
C TYR J 108 11.54 -35.98 37.39
N ARG J 109 11.04 -35.31 38.41
CA ARG J 109 10.61 -36.08 39.63
C ARG J 109 9.15 -36.53 39.35
N HIS J 110 9.09 -37.58 38.51
CA HIS J 110 7.78 -38.15 38.10
C HIS J 110 7.98 -39.63 37.74
N LYS J 111 7.01 -40.43 38.16
CA LYS J 111 6.97 -41.88 37.99
C LYS J 111 7.43 -42.32 36.59
N ASN J 112 6.76 -41.71 35.64
CA ASN J 112 6.97 -41.98 34.22
C ASN J 112 8.31 -41.62 33.69
N ASP J 113 9.14 -40.89 34.44
CA ASP J 113 10.46 -40.48 33.91
C ASP J 113 11.48 -41.57 34.11
N ARG J 114 11.88 -42.18 33.00
CA ARG J 114 12.84 -43.28 33.01
C ARG J 114 14.23 -42.90 32.56
N TYR J 115 14.50 -41.62 32.37
CA TYR J 115 15.84 -41.18 31.89
C TYR J 115 16.84 -41.58 32.97
N LEU J 116 18.00 -42.03 32.53
CA LEU J 116 19.09 -42.49 33.36
C LEU J 116 19.72 -41.43 34.24
N ALA J 117 19.50 -40.16 33.96
CA ALA J 117 20.09 -39.09 34.82
C ALA J 117 19.41 -39.27 36.18
N PRO J 118 20.18 -39.13 37.23
CA PRO J 118 19.68 -39.29 38.59
C PRO J 118 18.84 -38.15 39.09
N LEU J 119 18.05 -38.48 40.11
CA LEU J 119 17.21 -37.48 40.80
C LEU J 119 18.17 -36.76 41.77
N ASP J 120 17.78 -35.58 42.13
CA ASP J 120 18.54 -34.73 43.08
C ASP J 120 17.72 -34.79 44.38
N PRO J 121 18.32 -35.37 45.40
CA PRO J 121 17.65 -35.54 46.70
C PRO J 121 17.07 -34.27 47.24
N ASN J 122 17.63 -33.12 46.84
CA ASN J 122 17.11 -31.83 47.35
C ASN J 122 16.30 -31.07 46.31
N PHE J 123 15.79 -31.78 45.30
CA PHE J 123 15.03 -31.02 44.27
C PHE J 123 13.72 -31.64 43.89
N GLY J 124 12.70 -30.79 43.99
CA GLY J 124 11.32 -31.18 43.64
C GLY J 124 11.01 -30.81 42.19
N GLY J 125 11.00 -29.52 41.91
CA GLY J 125 10.72 -28.98 40.59
C GLY J 125 9.37 -28.32 40.41
N VAL J 126 8.67 -27.95 41.47
CA VAL J 126 7.38 -27.26 41.34
C VAL J 126 7.37 -25.91 42.05
N GLY J 127 6.78 -24.88 41.42
CA GLY J 127 6.67 -23.59 42.07
C GLY J 127 5.41 -22.86 41.63
N ARG J 128 4.96 -21.93 42.44
CA ARG J 128 3.79 -21.11 42.17
C ARG J 128 4.07 -19.74 42.79
N CYS J 129 3.51 -18.72 42.16
CA CYS J 129 3.69 -17.33 42.60
C CYS J 129 2.50 -16.52 42.12
N LEU J 130 1.96 -15.73 43.01
CA LEU J 130 0.84 -14.84 42.61
C LEU J 130 1.55 -13.55 42.15
N THR J 131 1.17 -12.96 41.04
CA THR J 131 1.85 -11.73 40.59
C THR J 131 1.45 -10.60 41.55
N ASP J 132 2.27 -9.58 41.58
CA ASP J 132 2.01 -8.45 42.48
C ASP J 132 1.17 -7.39 41.77
N SER J 133 0.97 -6.31 42.52
CA SER J 133 0.17 -5.18 41.98
C SER J 133 0.69 -4.70 40.67
N ASP J 134 1.96 -4.94 40.35
CA ASP J 134 2.49 -4.49 39.05
C ASP J 134 2.60 -5.56 37.99
N GLY J 135 2.16 -6.76 38.26
CA GLY J 135 2.24 -7.85 37.31
C GLY J 135 3.55 -8.62 37.40
N TYR J 136 4.38 -8.38 38.42
CA TYR J 136 5.65 -9.09 38.56
C TYR J 136 5.55 -10.40 39.30
N TYR J 137 6.38 -11.33 38.92
CA TYR J 137 6.48 -12.67 39.55
C TYR J 137 7.98 -12.96 39.60
N SER J 138 8.35 -13.92 40.42
CA SER J 138 9.80 -14.29 40.48
C SER J 138 9.83 -15.66 41.16
N PHE J 139 10.81 -16.41 40.72
CA PHE J 139 11.03 -17.76 41.20
C PHE J 139 12.55 -17.90 41.37
N ARG J 140 12.89 -18.82 42.24
CA ARG J 140 14.35 -19.07 42.43
C ARG J 140 14.47 -20.57 42.22
N THR J 141 15.34 -20.93 41.31
CA THR J 141 15.48 -22.41 41.03
C THR J 141 16.86 -22.68 40.47
N ILE J 142 17.03 -23.84 39.88
CA ILE J 142 18.32 -24.20 39.22
C ILE J 142 17.94 -24.42 37.74
N LYS J 143 18.86 -24.11 36.86
CA LYS J 143 18.65 -24.25 35.40
C LYS J 143 18.53 -25.73 35.05
N PRO J 144 17.41 -26.09 34.43
CA PRO J 144 17.15 -27.48 34.03
C PRO J 144 18.04 -27.94 32.90
N GLY J 145 18.30 -29.24 32.82
CA GLY J 145 19.16 -29.75 31.69
C GLY J 145 18.26 -30.19 30.54
N PRO J 146 18.87 -30.37 29.39
CA PRO J 146 18.14 -30.83 28.18
C PRO J 146 17.68 -32.26 28.54
N TYR J 147 16.70 -32.70 27.82
CA TYR J 147 16.11 -34.06 28.07
C TYR J 147 15.90 -34.77 26.75
N PRO J 148 16.37 -35.99 26.69
CA PRO J 148 16.19 -36.84 25.47
C PRO J 148 14.74 -37.34 25.55
N TRP J 149 14.09 -37.47 24.40
CA TRP J 149 12.67 -37.94 24.42
C TRP J 149 12.41 -38.79 23.20
N ARG J 150 11.47 -39.69 23.32
CA ARG J 150 11.14 -40.62 22.21
C ARG J 150 10.28 -40.01 21.14
N ASN J 151 10.92 -39.32 20.21
CA ASN J 151 10.22 -38.68 19.06
C ASN J 151 10.98 -39.27 17.85
N GLY J 152 11.90 -38.45 17.39
CA GLY J 152 12.77 -38.97 16.26
C GLY J 152 13.78 -39.86 17.10
N PRO J 153 14.69 -40.49 16.40
CA PRO J 153 15.70 -41.34 17.03
C PRO J 153 16.71 -40.57 17.86
N ASN J 154 16.87 -39.27 17.69
CA ASN J 154 17.88 -38.54 18.52
C ASN J 154 17.37 -37.14 18.85
N ASP J 155 16.21 -37.04 19.40
CA ASP J 155 15.54 -35.80 19.77
C ASP J 155 15.86 -35.43 21.22
N TRP J 156 16.12 -34.15 21.42
CA TRP J 156 16.45 -33.64 22.77
C TRP J 156 15.69 -32.33 23.00
N ARG J 157 14.99 -32.26 24.10
CA ARG J 157 14.25 -30.98 24.39
C ARG J 157 15.34 -30.02 24.89
N PRO J 158 15.25 -28.79 24.46
CA PRO J 158 16.21 -27.77 24.95
C PRO J 158 15.84 -27.64 26.46
N ALA J 159 16.76 -27.12 27.21
CA ALA J 159 16.50 -26.90 28.67
C ALA J 159 15.24 -25.99 28.68
N HIS J 160 14.28 -26.35 29.53
CA HIS J 160 13.05 -25.49 29.54
C HIS J 160 12.30 -25.63 30.85
N ILE J 161 11.52 -24.61 31.14
CA ILE J 161 10.68 -24.60 32.34
C ILE J 161 9.21 -24.53 31.86
N HIS J 162 8.37 -25.36 32.44
CA HIS J 162 6.92 -25.30 31.99
C HIS J 162 6.21 -24.22 32.80
N PHE J 163 5.36 -23.44 32.16
CA PHE J 163 4.60 -22.38 32.82
C PHE J 163 3.09 -22.54 32.52
N GLY J 164 2.33 -22.08 33.48
CA GLY J 164 0.83 -22.06 33.36
C GLY J 164 0.47 -20.66 33.99
N ILE J 165 -0.27 -19.86 33.30
CA ILE J 165 -0.68 -18.55 33.78
C ILE J 165 -2.23 -18.46 33.67
N SER J 166 -2.87 -18.12 34.77
CA SER J 166 -4.33 -18.03 34.81
C SER J 166 -4.89 -16.82 34.11
N GLY J 167 -4.45 -15.65 34.50
CA GLY J 167 -5.00 -14.41 33.90
C GLY J 167 -6.39 -14.15 34.52
N PRO J 168 -7.06 -13.14 34.00
CA PRO J 168 -8.36 -12.73 34.51
C PRO J 168 -9.56 -13.60 34.19
N SER J 169 -9.43 -14.48 33.21
CA SER J 169 -10.54 -15.31 32.78
C SER J 169 -10.03 -16.61 32.20
N ILE J 170 -10.96 -17.53 31.97
CA ILE J 170 -10.54 -18.84 31.39
C ILE J 170 -10.15 -18.63 29.93
N ALA J 171 -10.57 -17.47 29.43
CA ALA J 171 -10.29 -17.09 28.03
C ALA J 171 -8.79 -16.75 27.90
N THR J 172 -8.22 -16.27 28.97
CA THR J 172 -6.80 -15.88 28.96
C THR J 172 -5.84 -16.96 29.40
N LYS J 173 -6.31 -17.97 30.10
CA LYS J 173 -5.46 -19.04 30.63
C LYS J 173 -4.59 -19.61 29.54
N LEU J 174 -3.35 -19.90 29.92
CA LEU J 174 -2.36 -20.42 28.93
C LEU J 174 -1.26 -21.23 29.59
N ILE J 175 -0.83 -22.26 28.87
CA ILE J 175 0.29 -23.10 29.30
C ILE J 175 1.33 -22.88 28.19
N THR J 176 2.58 -22.76 28.65
CA THR J 176 3.68 -22.52 27.68
C THR J 176 4.96 -23.06 28.26
N GLN J 177 6.04 -22.80 27.54
CA GLN J 177 7.36 -23.26 27.99
C GLN J 177 8.34 -22.10 27.77
N LEU J 178 9.24 -21.99 28.71
CA LEU J 178 10.33 -20.98 28.66
C LEU J 178 11.60 -21.72 28.17
N TYR J 179 12.34 -21.08 27.32
CA TYR J 179 13.62 -21.54 26.80
C TYR J 179 14.67 -20.49 27.18
N PHE J 180 15.92 -20.86 27.16
CA PHE J 180 17.04 -20.00 27.57
C PHE J 180 17.85 -19.46 26.42
N GLU J 181 18.10 -18.17 26.51
CA GLU J 181 18.88 -17.45 25.49
C GLU J 181 20.13 -18.24 25.08
N GLY J 182 20.37 -18.38 23.81
CA GLY J 182 21.45 -19.00 23.15
C GLY J 182 21.47 -20.49 22.97
N ASP J 183 20.62 -21.20 23.67
CA ASP J 183 20.56 -22.70 23.61
C ASP J 183 20.49 -23.15 22.15
N PRO J 184 21.53 -23.88 21.74
CA PRO J 184 21.61 -24.34 20.34
C PRO J 184 20.59 -25.39 20.00
N LEU J 185 19.97 -25.99 21.02
CA LEU J 185 18.97 -27.04 20.80
C LEU J 185 17.59 -26.48 20.42
N ILE J 186 17.34 -25.21 20.66
CA ILE J 186 16.07 -24.58 20.37
C ILE J 186 15.59 -24.73 18.95
N PRO J 187 16.42 -24.32 17.98
CA PRO J 187 16.05 -24.38 16.57
C PRO J 187 15.82 -25.78 16.08
N MET J 188 16.26 -26.80 16.78
CA MET J 188 16.12 -28.17 16.34
C MET J 188 14.93 -28.94 16.91
N CYS J 189 14.26 -28.34 17.87
CA CYS J 189 13.15 -28.98 18.57
C CYS J 189 11.85 -28.89 17.80
N PRO J 190 11.24 -30.06 17.62
CA PRO J 190 9.97 -30.19 16.90
C PRO J 190 8.82 -29.57 17.65
N ILE J 191 8.86 -29.53 18.96
CA ILE J 191 7.80 -28.91 19.78
C ILE J 191 7.83 -27.39 19.64
N VAL J 192 9.07 -26.89 19.62
CA VAL J 192 9.36 -25.47 19.43
C VAL J 192 8.87 -25.11 18.00
N LYS J 193 9.27 -25.99 17.09
CA LYS J 193 8.92 -25.83 15.66
C LYS J 193 7.46 -26.01 15.37
N SER J 194 6.68 -26.34 16.43
CA SER J 194 5.21 -26.43 16.23
C SER J 194 4.76 -24.99 15.90
N ILE J 195 5.58 -24.02 16.26
CA ILE J 195 5.27 -22.60 16.01
C ILE J 195 5.87 -22.21 14.66
N ALA J 196 5.03 -21.92 13.72
CA ALA J 196 5.42 -21.54 12.37
C ALA J 196 6.26 -20.26 12.28
N ASN J 197 5.87 -19.23 12.96
CA ASN J 197 6.55 -17.92 12.93
C ASN J 197 7.72 -17.80 13.85
N PRO J 198 8.90 -17.57 13.30
CA PRO J 198 10.15 -17.41 14.07
C PRO J 198 10.06 -16.30 15.09
N GLU J 199 9.26 -15.30 14.81
CA GLU J 199 9.05 -14.16 15.69
C GLU J 199 8.36 -14.62 16.97
N ALA J 200 7.42 -15.55 16.84
CA ALA J 200 6.66 -16.08 17.99
C ALA J 200 7.59 -16.87 18.91
N VAL J 201 8.50 -17.60 18.29
CA VAL J 201 9.48 -18.40 19.00
C VAL J 201 10.29 -17.52 19.96
N GLN J 202 10.73 -16.39 19.41
CA GLN J 202 11.51 -15.40 20.13
C GLN J 202 10.90 -15.01 21.46
N GLN J 203 9.56 -15.04 21.51
CA GLN J 203 8.83 -14.64 22.71
C GLN J 203 8.95 -15.64 23.86
N LEU J 204 9.41 -16.83 23.54
CA LEU J 204 9.54 -17.92 24.52
C LEU J 204 10.95 -18.01 25.08
N ILE J 205 11.83 -17.14 24.58
CA ILE J 205 13.21 -17.11 25.01
C ILE J 205 13.49 -16.18 26.19
N ALA J 206 13.85 -16.78 27.32
CA ALA J 206 14.18 -15.91 28.50
C ALA J 206 15.57 -15.32 28.21
N LYS J 207 15.76 -14.06 28.57
CA LYS J 207 17.03 -13.37 28.35
C LYS J 207 17.82 -13.31 29.68
N LEU J 208 19.13 -13.48 29.49
CA LEU J 208 20.02 -13.37 30.69
C LEU J 208 19.78 -11.92 31.21
N ASP J 209 19.64 -11.82 32.52
CA ASP J 209 19.43 -10.49 33.13
C ASP J 209 20.45 -10.25 34.23
N MET J 210 21.61 -9.73 33.88
CA MET J 210 22.71 -9.46 34.81
C MET J 210 22.35 -8.42 35.86
N ASN J 211 21.45 -7.53 35.53
CA ASN J 211 21.00 -6.46 36.44
C ASN J 211 20.21 -7.06 37.61
N ASN J 212 19.59 -8.19 37.43
CA ASN J 212 18.78 -8.81 38.48
C ASN J 212 19.48 -9.92 39.24
N ALA J 213 20.69 -10.24 38.84
CA ALA J 213 21.50 -11.29 39.42
C ALA J 213 22.05 -10.82 40.78
N ASN J 214 22.30 -11.79 41.63
CA ASN J 214 22.86 -11.57 42.97
C ASN J 214 24.34 -11.94 42.83
N PRO J 215 25.20 -10.96 42.86
CA PRO J 215 26.64 -11.19 42.73
C PRO J 215 27.10 -12.32 43.64
N MET J 216 28.06 -13.10 43.19
CA MET J 216 28.62 -14.24 43.93
C MET J 216 27.57 -15.23 44.40
N ASP J 217 26.36 -15.20 43.85
CA ASP J 217 25.28 -16.10 44.36
C ASP J 217 24.53 -16.79 43.26
N CYS J 218 23.81 -16.00 42.47
CA CYS J 218 23.01 -16.50 41.36
C CYS J 218 22.79 -15.51 40.24
N LEU J 219 22.58 -16.11 39.08
CA LEU J 219 22.27 -15.40 37.82
C LEU J 219 20.75 -15.21 37.76
N ALA J 220 20.32 -14.48 36.75
CA ALA J 220 18.88 -14.22 36.58
C ALA J 220 18.52 -14.13 35.09
N TYR J 221 17.29 -14.56 34.86
CA TYR J 221 16.70 -14.56 33.50
C TYR J 221 15.40 -13.78 33.60
N ARG J 222 15.10 -13.08 32.55
CA ARG J 222 13.87 -12.25 32.43
C ARG J 222 12.92 -12.97 31.47
N PHE J 223 11.70 -13.17 31.89
CA PHE J 223 10.69 -13.83 31.02
C PHE J 223 9.36 -13.08 31.24
N ASP J 224 8.97 -12.28 30.26
CA ASP J 224 7.69 -11.55 30.39
C ASP J 224 6.63 -12.32 29.59
N ILE J 225 5.40 -12.23 30.08
CA ILE J 225 4.28 -12.94 29.47
C ILE J 225 3.21 -11.95 29.07
N VAL J 226 2.69 -12.17 27.88
CA VAL J 226 1.61 -11.34 27.32
C VAL J 226 0.36 -12.22 27.15
N LEU J 227 -0.68 -11.81 27.90
CA LEU J 227 -1.98 -12.56 27.79
C LEU J 227 -2.91 -11.74 26.90
N ARG J 228 -4.00 -12.33 26.44
CA ARG J 228 -4.98 -11.66 25.59
C ARG J 228 -5.38 -10.28 26.15
N GLY J 229 -5.47 -9.36 25.21
CA GLY J 229 -5.85 -7.96 25.56
C GLY J 229 -7.27 -8.01 26.11
N GLN J 230 -7.45 -7.27 27.21
CA GLN J 230 -8.77 -7.17 27.86
C GLN J 230 -9.34 -5.78 27.66
N ARG J 231 -10.54 -5.67 27.14
CA ARG J 231 -11.20 -4.39 26.92
C ARG J 231 -12.62 -4.45 27.49
N LYS J 232 -13.21 -3.28 27.59
CA LYS J 232 -14.61 -3.14 28.07
C LYS J 232 -15.53 -3.30 26.85
N THR J 233 -16.70 -3.86 27.11
CA THR J 233 -17.67 -4.08 26.00
C THR J 233 -18.10 -2.67 25.55
N HIS J 234 -18.66 -2.56 24.38
CA HIS J 234 -19.12 -1.26 23.86
C HIS J 234 -20.14 -1.48 22.75
N PHE J 235 -21.16 -0.65 22.73
CA PHE J 235 -22.26 -0.67 21.78
C PHE J 235 -22.75 -2.12 21.58
N GLU J 236 -22.85 -2.88 22.63
CA GLU J 236 -23.30 -4.28 22.48
C GLU J 236 -24.80 -4.49 22.53
N PRO K 1 26.12 -25.61 15.59
CA PRO K 1 26.33 -27.04 15.72
C PRO K 1 27.17 -27.53 14.52
N ILE K 2 27.64 -28.75 14.65
CA ILE K 2 28.43 -29.40 13.58
C ILE K 2 27.45 -30.02 12.58
N GLU K 3 27.66 -29.72 11.33
CA GLU K 3 26.86 -30.25 10.21
C GLU K 3 27.78 -31.11 9.35
N LEU K 4 27.29 -32.28 8.98
CA LEU K 4 28.04 -33.21 8.10
C LEU K 4 27.59 -32.97 6.65
N LEU K 5 28.10 -33.79 5.72
CA LEU K 5 27.61 -33.65 4.30
C LEU K 5 26.17 -34.21 4.41
N PRO K 6 25.26 -33.60 3.73
CA PRO K 6 23.87 -34.09 3.74
C PRO K 6 23.80 -35.37 2.92
N GLU K 7 23.00 -36.29 3.39
CA GLU K 7 22.79 -37.58 2.71
C GLU K 7 22.03 -37.30 1.43
N THR K 8 22.32 -38.07 0.39
CA THR K 8 21.61 -37.91 -0.90
C THR K 8 20.12 -38.21 -0.62
N PRO K 9 19.26 -37.34 -1.09
CA PRO K 9 17.82 -37.49 -0.95
C PRO K 9 17.26 -38.69 -1.68
N SER K 10 16.27 -39.29 -1.02
CA SER K 10 15.56 -40.47 -1.55
C SER K 10 14.55 -40.00 -2.60
N GLN K 11 14.20 -40.91 -3.49
CA GLN K 11 13.19 -40.68 -4.56
C GLN K 11 12.43 -42.01 -4.70
N THR K 12 11.21 -41.96 -5.16
CA THR K 12 10.40 -43.20 -5.30
C THR K 12 11.14 -44.14 -6.23
N ALA K 13 10.92 -45.45 -6.06
CA ALA K 13 11.50 -46.49 -6.91
C ALA K 13 10.82 -46.41 -8.26
N GLY K 14 9.56 -45.97 -8.26
CA GLY K 14 8.82 -45.86 -9.53
C GLY K 14 8.18 -47.24 -9.83
N PRO K 15 7.27 -47.22 -10.80
CA PRO K 15 6.52 -48.39 -11.19
C PRO K 15 7.33 -49.40 -11.95
N TYR K 16 8.41 -48.95 -12.54
CA TYR K 16 9.28 -49.82 -13.35
C TYR K 16 10.48 -50.34 -12.61
N VAL K 17 10.46 -50.28 -11.30
CA VAL K 17 11.58 -50.75 -10.49
C VAL K 17 12.03 -52.13 -10.92
N HIS K 18 11.09 -52.95 -11.32
CA HIS K 18 11.36 -54.35 -11.72
C HIS K 18 12.49 -54.51 -12.71
N ILE K 19 12.51 -53.60 -13.67
CA ILE K 19 13.54 -53.66 -14.73
C ILE K 19 14.92 -53.66 -14.13
N GLY K 20 15.09 -52.94 -13.02
CA GLY K 20 16.39 -52.88 -12.38
C GLY K 20 16.63 -53.91 -11.32
N LEU K 21 15.61 -54.22 -10.54
CA LEU K 21 15.74 -55.12 -9.39
C LEU K 21 14.96 -56.39 -9.36
N ALA K 22 14.19 -56.67 -10.38
CA ALA K 22 13.35 -57.89 -10.45
C ALA K 22 13.04 -58.14 -11.94
N LEU K 23 14.15 -58.47 -12.62
CA LEU K 23 14.20 -58.71 -14.05
C LEU K 23 13.08 -59.62 -14.52
N GLU K 24 12.98 -60.81 -13.96
CA GLU K 24 11.90 -61.75 -14.36
C GLU K 24 10.53 -61.05 -14.41
N ALA K 25 10.18 -60.45 -13.28
CA ALA K 25 8.92 -59.75 -13.10
C ALA K 25 8.66 -58.70 -14.15
N ALA K 26 9.73 -57.98 -14.52
CA ALA K 26 9.62 -56.93 -15.55
C ALA K 26 9.28 -57.58 -16.90
N GLY K 27 9.53 -58.88 -16.92
CA GLY K 27 9.30 -59.71 -18.13
C GLY K 27 10.54 -59.56 -19.03
N ASN K 28 11.70 -59.54 -18.38
CA ASN K 28 12.97 -59.39 -19.09
C ASN K 28 13.95 -60.51 -18.72
N PRO K 29 14.86 -60.75 -19.67
CA PRO K 29 15.93 -61.77 -19.50
C PRO K 29 16.72 -61.39 -18.26
N THR K 30 17.05 -62.37 -17.44
CA THR K 30 17.82 -62.08 -16.19
C THR K 30 19.28 -62.37 -16.51
N ARG K 31 20.18 -62.02 -15.62
CA ARG K 31 21.62 -62.29 -15.86
C ARG K 31 21.96 -63.61 -15.17
N ASP K 32 23.21 -64.01 -15.25
CA ASP K 32 23.71 -65.23 -14.62
C ASP K 32 23.26 -65.26 -13.14
N GLN K 33 23.70 -64.19 -12.46
CA GLN K 33 23.38 -64.09 -11.02
C GLN K 33 22.42 -62.94 -10.75
N GLU K 34 21.38 -63.26 -10.00
CA GLU K 34 20.34 -62.34 -9.59
C GLU K 34 20.02 -62.59 -8.10
N ILE K 35 19.79 -61.53 -7.39
CA ILE K 35 19.41 -61.57 -5.95
C ILE K 35 17.87 -61.69 -5.96
N TRP K 36 17.39 -62.79 -5.44
CA TRP K 36 15.92 -63.03 -5.49
C TRP K 36 15.38 -63.53 -4.21
N ASN K 37 14.24 -64.17 -4.19
CA ASN K 37 13.52 -64.61 -3.01
C ASN K 37 13.71 -65.95 -2.40
N ARG K 38 14.81 -66.60 -2.64
CA ARG K 38 15.06 -67.98 -2.02
C ARG K 38 16.32 -67.81 -1.21
N LEU K 39 16.19 -67.61 0.09
CA LEU K 39 17.33 -67.38 0.98
C LEU K 39 18.05 -68.64 1.43
N ALA K 40 17.25 -69.70 1.53
CA ALA K 40 17.81 -71.00 1.96
C ALA K 40 17.71 -72.09 0.90
N LYS K 41 18.79 -72.81 0.81
CA LYS K 41 18.87 -74.00 -0.10
C LYS K 41 18.31 -75.14 0.79
N PRO K 42 17.65 -76.08 0.15
CA PRO K 42 17.02 -77.22 0.84
C PRO K 42 17.86 -77.84 1.92
N ASP K 43 19.17 -77.84 1.72
CA ASP K 43 20.08 -78.46 2.71
C ASP K 43 20.57 -77.44 3.73
N ALA K 44 19.74 -76.45 3.98
CA ALA K 44 20.09 -75.40 4.96
C ALA K 44 19.49 -75.76 6.31
N PRO K 45 20.31 -75.65 7.34
CA PRO K 45 19.89 -75.91 8.72
C PRO K 45 18.76 -74.96 9.12
N GLY K 46 17.91 -75.41 10.01
CA GLY K 46 16.79 -74.62 10.54
C GLY K 46 15.47 -75.08 9.95
N GLU K 47 14.40 -74.49 10.48
CA GLU K 47 13.05 -74.82 10.04
C GLU K 47 12.71 -74.04 8.78
N HIS K 48 12.65 -74.72 7.66
CA HIS K 48 12.33 -74.07 6.39
C HIS K 48 10.86 -73.63 6.46
N ILE K 49 10.63 -72.44 5.95
CA ILE K 49 9.26 -71.85 5.96
C ILE K 49 9.06 -71.07 4.67
N LEU K 50 7.81 -70.83 4.42
CA LEU K 50 7.32 -70.09 3.27
C LEU K 50 6.60 -68.85 3.80
N LEU K 51 7.06 -67.71 3.33
CA LEU K 51 6.44 -66.41 3.75
C LEU K 51 5.70 -65.86 2.53
N LEU K 52 4.50 -65.38 2.83
CA LEU K 52 3.66 -64.77 1.78
C LEU K 52 2.86 -63.64 2.39
N GLY K 53 2.40 -62.75 1.53
CA GLY K 53 1.57 -61.62 1.91
C GLY K 53 1.26 -60.68 0.75
N GLN K 54 0.34 -59.80 1.08
CA GLN K 54 -0.15 -58.72 0.22
C GLN K 54 0.13 -57.37 0.88
N VAL K 55 0.03 -56.36 0.03
CA VAL K 55 0.24 -54.96 0.44
C VAL K 55 -0.97 -54.15 0.01
N TYR K 56 -1.53 -53.43 0.96
CA TYR K 56 -2.70 -52.59 0.80
C TYR K 56 -2.35 -51.10 0.99
N ASP K 57 -3.04 -50.31 0.22
CA ASP K 57 -2.93 -48.85 0.25
C ASP K 57 -4.05 -48.38 1.21
N GLY K 58 -4.16 -47.10 1.39
CA GLY K 58 -5.16 -46.47 2.24
C GLY K 58 -6.59 -46.71 1.82
N ASN K 59 -6.83 -47.09 0.58
CA ASN K 59 -8.20 -47.32 0.12
C ASN K 59 -8.57 -48.80 0.32
N GLY K 60 -7.56 -49.56 0.69
CA GLY K 60 -7.77 -51.01 0.91
C GLY K 60 -7.51 -51.75 -0.39
N HIS K 61 -6.93 -51.08 -1.36
CA HIS K 61 -6.59 -51.68 -2.67
C HIS K 61 -5.15 -52.16 -2.65
N LEU K 62 -4.94 -53.27 -3.30
CA LEU K 62 -3.70 -53.98 -3.45
C LEU K 62 -2.70 -53.11 -4.22
N VAL K 63 -1.48 -53.18 -3.75
CA VAL K 63 -0.34 -52.47 -4.37
C VAL K 63 0.36 -53.60 -5.12
N ARG K 64 0.20 -53.60 -6.41
CA ARG K 64 0.74 -54.64 -7.28
C ARG K 64 2.12 -54.38 -7.82
N ASP K 65 2.66 -53.21 -7.50
CA ASP K 65 3.99 -52.84 -7.99
C ASP K 65 5.00 -52.68 -6.86
N SER K 66 4.75 -53.29 -5.71
CA SER K 66 5.69 -53.13 -4.60
C SER K 66 6.88 -54.06 -4.69
N PHE K 67 7.97 -53.62 -4.09
CA PHE K 67 9.27 -54.31 -4.05
C PHE K 67 9.75 -54.29 -2.60
N LEU K 68 10.17 -55.48 -2.14
CA LEU K 68 10.62 -55.68 -0.78
C LEU K 68 12.02 -56.24 -0.77
N GLU K 69 12.73 -55.91 0.29
CA GLU K 69 14.09 -56.37 0.54
C GLU K 69 14.05 -56.87 1.99
N VAL K 70 14.66 -58.02 2.26
CA VAL K 70 14.60 -58.60 3.62
C VAL K 70 16.00 -58.85 4.14
N TRP K 71 16.11 -58.84 5.45
CA TRP K 71 17.42 -59.08 6.12
C TRP K 71 17.08 -59.83 7.41
N GLN K 72 17.68 -61.02 7.47
CA GLN K 72 17.42 -61.86 8.65
C GLN K 72 18.65 -62.67 9.05
N ALA K 73 18.58 -63.14 10.28
CA ALA K 73 19.61 -64.03 10.85
C ALA K 73 19.21 -65.47 10.42
N ASP K 74 20.23 -66.31 10.37
CA ASP K 74 20.01 -67.74 10.03
C ASP K 74 19.33 -68.35 11.27
N ALA K 75 19.38 -69.68 11.30
CA ALA K 75 18.80 -70.45 12.40
C ALA K 75 19.58 -70.28 13.68
N ASN K 76 20.86 -70.02 13.58
CA ASN K 76 21.73 -69.86 14.75
C ASN K 76 21.75 -68.46 15.30
N GLY K 77 20.86 -67.63 14.78
CA GLY K 77 20.72 -66.23 15.23
C GLY K 77 21.92 -65.44 14.70
N GLU K 78 22.42 -65.89 13.55
CA GLU K 78 23.59 -65.21 12.96
C GLU K 78 23.35 -64.62 11.59
N TYR K 79 23.91 -63.41 11.41
CA TYR K 79 23.78 -62.69 10.12
C TYR K 79 24.91 -63.02 9.16
N GLN K 80 24.49 -63.60 8.07
CA GLN K 80 25.45 -64.02 7.00
C GLN K 80 25.51 -62.93 5.97
N ASP K 81 26.46 -62.02 6.13
CA ASP K 81 26.58 -60.89 5.21
C ASP K 81 27.30 -61.17 3.94
N ALA K 82 28.10 -62.24 3.91
CA ALA K 82 28.87 -62.54 2.67
C ALA K 82 27.91 -63.23 1.71
N TYR K 83 27.22 -62.41 0.94
CA TYR K 83 26.23 -62.90 -0.05
C TYR K 83 26.89 -63.67 -1.18
N ASN K 84 26.46 -64.88 -1.35
CA ASN K 84 26.97 -65.80 -2.41
C ASN K 84 25.84 -66.78 -2.78
N LEU K 85 25.64 -66.99 -4.06
CA LEU K 85 24.59 -67.90 -4.54
C LEU K 85 24.87 -69.36 -4.19
N GLU K 86 26.13 -69.65 -3.95
CA GLU K 86 26.59 -70.99 -3.57
C GLU K 86 26.18 -71.28 -2.14
N ASN K 87 26.04 -70.22 -1.34
CA ASN K 87 25.69 -70.44 0.08
C ASN K 87 24.42 -71.26 0.19
N ALA K 88 24.30 -71.95 1.32
CA ALA K 88 23.10 -72.78 1.58
C ALA K 88 22.00 -71.83 2.12
N PHE K 89 22.52 -70.72 2.65
CA PHE K 89 21.65 -69.68 3.22
C PHE K 89 22.26 -68.28 3.12
N ASN K 90 21.39 -67.35 2.69
CA ASN K 90 21.82 -65.92 2.59
C ASN K 90 20.82 -65.16 3.47
N SER K 91 21.36 -64.20 4.18
CA SER K 91 20.58 -63.36 5.13
C SER K 91 19.74 -62.32 4.40
N PHE K 92 20.09 -62.07 3.14
CA PHE K 92 19.44 -61.08 2.29
C PHE K 92 18.71 -61.67 1.10
N GLY K 93 17.53 -61.12 0.84
CA GLY K 93 16.70 -61.54 -0.29
C GLY K 93 15.91 -60.33 -0.83
N ARG K 94 15.30 -60.56 -1.98
CA ARG K 94 14.45 -59.57 -2.65
C ARG K 94 13.21 -60.28 -3.18
N THR K 95 12.10 -59.57 -3.09
CA THR K 95 10.81 -60.08 -3.57
C THR K 95 9.97 -58.94 -4.10
N ALA K 96 8.92 -59.26 -4.83
CA ALA K 96 7.98 -58.31 -5.41
C ALA K 96 6.60 -58.96 -5.46
N THR K 97 5.55 -58.14 -5.48
CA THR K 97 4.17 -58.64 -5.55
C THR K 97 3.74 -58.79 -7.01
N THR K 98 3.03 -59.90 -7.29
CA THR K 98 2.55 -60.18 -8.64
C THR K 98 1.65 -59.04 -9.15
N PHE K 99 1.79 -58.77 -10.45
CA PHE K 99 0.96 -57.72 -11.06
C PHE K 99 -0.50 -58.21 -11.10
N ASP K 100 -0.69 -59.49 -11.03
CA ASP K 100 -2.01 -60.14 -11.07
C ASP K 100 -2.58 -60.37 -9.68
N ALA K 101 -2.05 -61.38 -9.01
CA ALA K 101 -2.47 -61.78 -7.66
C ALA K 101 -2.08 -60.75 -6.61
N GLY K 102 -0.98 -60.06 -6.86
CA GLY K 102 -0.45 -59.03 -5.96
C GLY K 102 0.11 -59.65 -4.69
N GLU K 103 0.65 -60.85 -4.84
CA GLU K 103 1.22 -61.55 -3.66
C GLU K 103 2.71 -61.74 -3.84
N TRP K 104 3.41 -61.62 -2.72
CA TRP K 104 4.87 -61.82 -2.72
C TRP K 104 5.10 -63.11 -1.90
N THR K 105 6.20 -63.76 -2.21
CA THR K 105 6.60 -64.97 -1.53
C THR K 105 8.10 -64.96 -1.33
N LEU K 106 8.45 -65.64 -0.25
CA LEU K 106 9.89 -65.76 0.11
C LEU K 106 10.09 -67.19 0.61
N HIS K 107 11.28 -67.69 0.31
CA HIS K 107 11.69 -69.06 0.75
C HIS K 107 12.89 -68.92 1.66
N THR K 108 12.74 -69.19 2.94
CA THR K 108 13.87 -69.07 3.90
C THR K 108 13.64 -70.03 5.08
N VAL K 109 14.37 -69.76 6.15
CA VAL K 109 14.25 -70.49 7.43
C VAL K 109 13.89 -69.49 8.55
N LYS K 110 13.25 -69.98 9.58
CA LYS K 110 12.88 -69.14 10.75
C LYS K 110 14.18 -68.75 11.45
N PRO K 111 14.40 -67.43 11.57
CA PRO K 111 15.62 -66.88 12.14
C PRO K 111 15.75 -67.16 13.62
N GLY K 112 17.00 -67.25 14.04
CA GLY K 112 17.34 -67.49 15.46
C GLY K 112 17.25 -66.11 16.13
N VAL K 113 17.28 -66.11 17.45
CA VAL K 113 17.22 -64.91 18.29
C VAL K 113 18.57 -64.19 18.29
N VAL K 114 18.52 -62.86 18.23
CA VAL K 114 19.78 -62.06 18.29
C VAL K 114 19.53 -61.07 19.44
N ASN K 115 20.55 -60.56 20.05
CA ASN K 115 20.39 -59.61 21.17
C ASN K 115 20.48 -58.17 20.66
N ASN K 116 19.93 -57.26 21.45
CA ASN K 116 19.99 -55.85 21.07
C ASN K 116 21.35 -55.32 21.57
N ALA K 117 21.54 -54.04 21.38
CA ALA K 117 22.80 -53.40 21.79
C ALA K 117 23.02 -53.53 23.27
N ALA K 118 21.97 -53.62 24.04
CA ALA K 118 22.06 -53.73 25.51
C ALA K 118 22.17 -55.15 25.99
N GLY K 119 22.22 -56.10 25.08
CA GLY K 119 22.33 -57.52 25.44
C GLY K 119 21.02 -58.25 25.65
N VAL K 120 19.89 -57.57 25.55
CA VAL K 120 18.57 -58.19 25.71
C VAL K 120 18.16 -58.81 24.37
N PRO K 121 17.70 -60.03 24.42
CA PRO K 121 17.30 -60.77 23.24
C PRO K 121 16.00 -60.25 22.65
N MET K 122 16.01 -60.29 21.33
CA MET K 122 14.84 -59.83 20.54
C MET K 122 14.16 -61.13 20.05
N ALA K 123 12.88 -61.04 19.88
CA ALA K 123 12.10 -62.20 19.38
C ALA K 123 12.55 -62.36 17.94
N PRO K 124 12.49 -63.59 17.47
CA PRO K 124 12.92 -63.86 16.07
C PRO K 124 12.18 -62.86 15.19
N HIS K 125 12.87 -62.34 14.19
CA HIS K 125 12.24 -61.37 13.27
C HIS K 125 13.04 -61.25 11.98
N ILE K 126 12.29 -60.75 11.01
CA ILE K 126 12.77 -60.46 9.65
C ILE K 126 12.57 -58.93 9.45
N ASN K 127 13.64 -58.29 9.01
CA ASN K 127 13.60 -56.84 8.72
C ASN K 127 13.14 -56.71 7.26
N ILE K 128 12.18 -55.83 7.07
CA ILE K 128 11.64 -55.56 5.74
C ILE K 128 11.74 -54.07 5.39
N SER K 129 12.03 -53.81 4.14
CA SER K 129 12.11 -52.46 3.55
C SER K 129 11.16 -52.54 2.32
N LEU K 130 10.17 -51.67 2.36
CA LEU K 130 9.18 -51.62 1.29
C LEU K 130 9.41 -50.44 0.35
N PHE K 131 9.42 -50.74 -0.94
CA PHE K 131 9.58 -49.75 -1.99
C PHE K 131 8.38 -49.89 -2.98
N ALA K 132 8.09 -48.76 -3.62
CA ALA K 132 7.09 -48.66 -4.64
C ALA K 132 6.80 -47.21 -5.05
N ARG K 133 6.19 -47.23 -6.21
CA ARG K 133 5.64 -46.00 -6.86
C ARG K 133 4.72 -45.42 -5.72
N GLY K 134 4.82 -44.12 -5.54
CA GLY K 134 4.02 -43.47 -4.51
C GLY K 134 4.71 -43.41 -3.16
N ILE K 135 5.80 -44.11 -2.99
CA ILE K 135 6.53 -44.11 -1.70
C ILE K 135 7.84 -43.36 -1.91
N ASN K 136 7.90 -42.16 -1.37
CA ASN K 136 9.06 -41.27 -1.57
C ASN K 136 10.34 -41.78 -0.95
N ILE K 137 10.18 -42.36 0.22
CA ILE K 137 11.25 -42.96 1.03
C ILE K 137 10.71 -44.28 1.53
N HIS K 138 11.50 -45.31 1.42
CA HIS K 138 11.12 -46.65 1.78
C HIS K 138 10.74 -46.74 3.24
N LEU K 139 9.81 -47.66 3.49
CA LEU K 139 9.25 -47.94 4.81
C LEU K 139 9.94 -49.21 5.37
N HIS K 140 10.30 -49.10 6.64
CA HIS K 140 10.95 -50.14 7.42
C HIS K 140 9.90 -50.75 8.40
N THR K 141 9.86 -52.05 8.41
CA THR K 141 9.01 -52.83 9.29
C THR K 141 9.73 -54.11 9.68
N ARG K 142 9.13 -54.85 10.58
CA ARG K 142 9.74 -56.13 11.04
C ARG K 142 8.63 -57.17 10.99
N LEU K 143 9.03 -58.39 10.66
CA LEU K 143 8.06 -59.50 10.64
C LEU K 143 8.38 -60.40 11.86
N TYR K 144 7.35 -60.62 12.65
CA TYR K 144 7.36 -61.48 13.84
C TYR K 144 6.41 -62.66 13.54
N PHE K 145 6.62 -63.70 14.33
CA PHE K 145 5.92 -64.98 14.20
C PHE K 145 4.92 -65.18 15.33
N ASP K 146 3.72 -65.65 14.97
CA ASP K 146 2.67 -65.85 15.96
C ASP K 146 2.95 -67.00 16.92
N ASP K 147 3.78 -67.95 16.58
CA ASP K 147 4.06 -69.08 17.48
C ASP K 147 5.22 -68.75 18.40
N GLU K 148 5.50 -67.48 18.57
CA GLU K 148 6.65 -67.10 19.44
C GLU K 148 6.23 -66.03 20.42
N ALA K 149 5.01 -66.12 20.88
CA ALA K 149 4.37 -65.22 21.80
C ALA K 149 5.18 -64.90 23.05
N GLN K 150 5.80 -65.94 23.59
CA GLN K 150 6.61 -65.75 24.81
C GLN K 150 7.67 -64.70 24.44
N ALA K 151 8.45 -65.11 23.45
CA ALA K 151 9.54 -64.22 22.97
C ALA K 151 8.98 -62.83 22.66
N ASN K 152 7.96 -62.83 21.82
CA ASN K 152 7.29 -61.61 21.36
C ASN K 152 6.90 -60.73 22.54
N ALA K 153 6.48 -61.38 23.62
CA ALA K 153 6.04 -60.61 24.80
C ALA K 153 7.21 -59.89 25.47
N LYS K 154 8.39 -60.47 25.32
CA LYS K 154 9.62 -59.98 25.92
C LYS K 154 10.45 -59.04 25.08
N CYS K 155 10.23 -58.96 23.79
CA CYS K 155 10.96 -58.16 22.84
C CYS K 155 11.07 -56.69 23.20
N PRO K 156 12.33 -56.25 23.31
CA PRO K 156 12.63 -54.85 23.63
C PRO K 156 12.18 -53.92 22.50
N VAL K 157 12.17 -54.45 21.28
CA VAL K 157 11.75 -53.66 20.10
C VAL K 157 10.25 -53.47 20.08
N LEU K 158 9.55 -54.58 20.12
CA LEU K 158 8.07 -54.66 20.11
C LEU K 158 7.46 -53.90 21.27
N ASN K 159 8.19 -53.85 22.37
CA ASN K 159 7.76 -53.16 23.59
C ASN K 159 7.92 -51.67 23.52
N LEU K 160 8.54 -51.16 22.48
CA LEU K 160 8.75 -49.73 22.27
C LEU K 160 7.47 -49.14 21.67
N ILE K 161 6.67 -50.03 21.09
CA ILE K 161 5.39 -49.56 20.49
C ILE K 161 4.44 -49.29 21.64
N GLU K 162 4.13 -48.01 21.83
CA GLU K 162 3.25 -47.55 22.87
C GLU K 162 1.98 -48.36 23.01
N GLN K 163 1.16 -48.41 21.99
CA GLN K 163 -0.11 -49.15 22.02
C GLN K 163 0.01 -50.62 21.64
N PRO K 164 -0.30 -51.47 22.60
CA PRO K 164 -0.26 -52.92 22.42
C PRO K 164 -0.97 -53.36 21.15
N GLN K 165 -2.05 -52.69 20.79
CA GLN K 165 -2.84 -52.98 19.62
C GLN K 165 -2.01 -52.96 18.32
N ARG K 166 -1.15 -51.94 18.23
CA ARG K 166 -0.32 -51.75 17.03
C ARG K 166 0.74 -52.83 16.93
N ARG K 167 1.02 -53.45 18.07
CA ARG K 167 2.07 -54.52 18.08
C ARG K 167 1.64 -55.72 17.27
N GLU K 168 0.34 -55.96 17.22
CA GLU K 168 -0.24 -57.09 16.52
C GLU K 168 -0.12 -56.99 15.01
N THR K 169 0.08 -55.80 14.48
CA THR K 169 0.22 -55.57 13.05
C THR K 169 1.55 -56.14 12.55
N LEU K 170 2.47 -56.44 13.44
CA LEU K 170 3.77 -57.00 13.09
C LEU K 170 3.86 -58.50 13.22
N ILE K 171 2.80 -59.12 13.68
CA ILE K 171 2.78 -60.60 13.93
C ILE K 171 2.21 -61.36 12.79
N ALA K 172 3.03 -62.16 12.14
CA ALA K 172 2.62 -62.97 10.98
C ALA K 172 1.84 -64.20 11.49
N LYS K 173 0.82 -64.53 10.76
CA LYS K 173 -0.10 -65.62 11.00
C LYS K 173 0.35 -66.92 10.33
N ARG K 174 0.66 -67.86 11.19
CA ARG K 174 1.11 -69.20 10.81
C ARG K 174 -0.03 -69.94 10.11
N CYS K 175 0.38 -70.68 9.08
CA CYS K 175 -0.51 -71.47 8.24
C CYS K 175 0.34 -72.55 7.57
N GLU K 176 -0.31 -73.27 6.64
CA GLU K 176 0.39 -74.35 5.92
C GLU K 176 0.04 -74.17 4.43
N VAL K 177 1.05 -74.41 3.61
CA VAL K 177 0.87 -74.31 2.14
C VAL K 177 1.48 -75.57 1.52
N ASP K 178 0.56 -76.40 1.04
CA ASP K 178 0.99 -77.69 0.43
C ASP K 178 1.68 -78.48 1.55
N GLY K 179 0.99 -78.49 2.68
CA GLY K 179 1.52 -79.22 3.84
C GLY K 179 2.95 -78.77 4.12
N LYS K 180 3.13 -77.47 4.00
CA LYS K 180 4.45 -76.83 4.29
C LYS K 180 4.13 -75.61 5.18
N THR K 181 4.99 -75.42 6.17
CA THR K 181 4.80 -74.30 7.10
C THR K 181 5.01 -72.98 6.31
N ALA K 182 3.98 -72.18 6.43
CA ALA K 182 3.93 -70.85 5.79
C ALA K 182 3.49 -69.85 6.85
N TYR K 183 3.75 -68.59 6.62
CA TYR K 183 3.34 -67.49 7.53
C TYR K 183 2.87 -66.35 6.62
N ARG K 184 1.71 -65.80 6.94
CA ARG K 184 1.13 -64.71 6.17
C ARG K 184 1.33 -63.34 6.84
N PHE K 185 1.97 -62.48 6.05
CA PHE K 185 2.24 -61.09 6.51
C PHE K 185 1.72 -60.06 5.50
N ASP K 186 0.60 -59.51 5.84
CA ASP K 186 -0.10 -58.47 5.10
C ASP K 186 0.39 -57.12 5.66
N ILE K 187 0.69 -56.24 4.74
CA ILE K 187 1.18 -54.89 5.11
C ILE K 187 0.10 -53.89 4.76
N ARG K 188 -0.29 -53.08 5.73
CA ARG K 188 -1.32 -52.03 5.47
C ARG K 188 -0.56 -50.70 5.64
N ILE K 189 -0.42 -50.00 4.51
CA ILE K 189 0.35 -48.78 4.45
C ILE K 189 -0.33 -47.65 5.22
N GLN K 190 -1.65 -47.62 5.09
CA GLN K 190 -2.40 -46.52 5.71
C GLN K 190 -3.79 -46.92 6.13
N GLY K 191 -4.29 -46.21 7.15
CA GLY K 191 -5.66 -46.45 7.61
C GLY K 191 -5.79 -47.49 8.68
N GLU K 192 -6.95 -48.15 8.65
CA GLU K 192 -7.34 -49.18 9.62
C GLU K 192 -6.35 -50.32 9.60
N GLY K 193 -5.83 -50.63 10.78
CA GLY K 193 -4.86 -51.68 10.97
C GLY K 193 -3.50 -51.34 10.36
N GLU K 194 -3.27 -50.06 10.13
CA GLU K 194 -2.02 -49.58 9.54
C GLU K 194 -0.84 -50.23 10.30
N THR K 195 0.06 -50.75 9.48
CA THR K 195 1.25 -51.40 10.04
C THR K 195 2.26 -50.41 10.62
N VAL K 196 2.88 -50.86 11.69
CA VAL K 196 3.94 -50.06 12.33
C VAL K 196 5.15 -50.05 11.37
N PHE K 197 5.64 -48.86 11.21
CA PHE K 197 6.87 -48.59 10.39
C PHE K 197 7.82 -47.88 11.36
N PHE K 198 9.08 -48.19 11.25
CA PHE K 198 10.15 -47.69 12.05
C PHE K 198 11.10 -46.73 11.34
N ASP K 199 11.77 -46.02 12.26
CA ASP K 199 12.82 -45.04 11.95
C ASP K 199 14.01 -45.47 12.83
N PHE K 200 15.18 -45.54 12.22
CA PHE K 200 16.42 -45.93 12.90
C PHE K 200 17.62 -45.40 12.13
N PRO L 1 30.34 -64.22 11.00
CA PRO L 1 29.08 -63.52 10.59
C PRO L 1 29.29 -62.03 10.84
N ALA L 2 28.24 -61.24 10.59
CA ALA L 2 28.36 -59.76 10.78
C ALA L 2 28.33 -59.46 12.27
N GLN L 3 28.88 -58.31 12.62
CA GLN L 3 28.94 -57.82 14.00
C GLN L 3 28.49 -56.36 14.14
N ASP L 4 27.85 -56.08 15.27
CA ASP L 4 27.38 -54.73 15.59
C ASP L 4 28.55 -53.86 16.06
N ASN L 5 29.26 -53.26 15.10
CA ASN L 5 30.38 -52.39 15.54
C ASN L 5 30.17 -50.93 15.20
N SER L 6 29.18 -50.65 14.38
CA SER L 6 28.93 -49.26 13.98
C SER L 6 27.56 -48.74 14.38
N ARG L 7 27.50 -47.43 14.29
CA ARG L 7 26.29 -46.62 14.54
C ARG L 7 26.21 -45.74 13.28
N PHE L 8 25.00 -45.45 12.87
CA PHE L 8 24.80 -44.60 11.66
C PHE L 8 24.12 -43.32 12.06
N VAL L 9 24.58 -42.21 11.48
CA VAL L 9 23.97 -40.89 11.82
C VAL L 9 22.49 -40.96 11.48
N ILE L 10 21.66 -40.52 12.39
CA ILE L 10 20.19 -40.49 12.17
C ILE L 10 19.86 -39.71 10.90
N ARG L 11 18.84 -40.21 10.19
CA ARG L 11 18.40 -39.58 8.95
C ARG L 11 17.64 -38.28 9.29
N ASP L 12 17.83 -37.32 8.44
CA ASP L 12 17.14 -36.02 8.54
C ASP L 12 15.88 -36.20 7.66
N ARG L 13 14.75 -36.44 8.25
CA ARG L 13 13.48 -36.64 7.54
C ARG L 13 12.84 -35.40 6.99
N ASN L 14 13.53 -34.27 7.17
CA ASN L 14 13.09 -32.97 6.62
C ASN L 14 13.89 -32.68 5.34
N TRP L 15 14.99 -33.35 5.15
CA TRP L 15 15.88 -33.22 4.01
C TRP L 15 15.34 -34.09 2.87
N HIS L 16 15.08 -35.34 3.22
CA HIS L 16 14.44 -36.29 2.26
C HIS L 16 12.96 -35.81 2.12
N PRO L 17 12.35 -36.28 1.04
CA PRO L 17 10.91 -35.95 0.80
C PRO L 17 10.10 -36.64 1.89
N LYS L 18 8.98 -35.99 2.22
CA LYS L 18 8.06 -36.59 3.23
C LYS L 18 7.23 -37.65 2.46
N ALA L 19 6.53 -38.40 3.25
CA ALA L 19 5.66 -39.49 2.75
C ALA L 19 4.50 -38.89 1.95
N LEU L 20 3.78 -37.94 2.56
CA LEU L 20 2.63 -37.33 1.89
C LEU L 20 2.98 -36.03 1.18
N THR L 21 2.99 -36.10 -0.13
CA THR L 21 3.27 -34.93 -1.00
C THR L 21 2.22 -34.95 -2.12
N PRO L 22 1.05 -34.43 -1.80
CA PRO L 22 -0.12 -34.44 -2.65
C PRO L 22 0.01 -34.19 -4.13
N ASP L 23 0.92 -33.37 -4.57
CA ASP L 23 1.12 -33.07 -6.01
C ASP L 23 1.53 -34.35 -6.72
N TYR L 24 2.15 -35.20 -5.94
CA TYR L 24 2.58 -36.55 -6.45
C TYR L 24 1.42 -37.45 -6.00
N LYS L 25 0.40 -37.51 -6.85
CA LYS L 25 -0.87 -38.18 -6.62
C LYS L 25 -0.87 -39.50 -5.92
N THR L 26 -0.01 -40.41 -6.40
CA THR L 26 0.09 -41.74 -5.81
C THR L 26 0.50 -41.69 -4.34
N SER L 27 1.33 -40.74 -3.95
CA SER L 27 1.73 -40.65 -2.53
C SER L 27 0.54 -40.53 -1.58
N ILE L 28 -0.60 -40.01 -2.03
CA ILE L 28 -1.76 -39.84 -1.15
C ILE L 28 -2.19 -41.08 -0.38
N ALA L 29 -2.50 -42.12 -1.11
CA ALA L 29 -2.95 -43.41 -0.61
C ALA L 29 -1.82 -44.32 -0.19
N ARG L 30 -0.60 -43.97 -0.54
CA ARG L 30 0.56 -44.83 -0.17
C ARG L 30 1.52 -44.26 0.85
N SER L 31 0.99 -43.47 1.75
CA SER L 31 1.80 -42.82 2.83
C SER L 31 1.08 -43.09 4.14
N PRO L 32 1.84 -43.48 5.15
CA PRO L 32 1.25 -43.80 6.45
C PRO L 32 0.69 -42.51 7.06
N ARG L 33 -0.29 -42.68 7.93
CA ARG L 33 -0.95 -41.63 8.66
C ARG L 33 -0.46 -41.63 10.11
N GLN L 34 0.09 -42.74 10.57
CA GLN L 34 0.65 -42.80 11.94
C GLN L 34 2.12 -42.39 11.86
N ALA L 35 2.66 -41.95 12.99
CA ALA L 35 4.10 -41.55 13.00
C ALA L 35 4.96 -42.81 12.96
N LEU L 36 6.14 -42.65 12.44
CA LEU L 36 7.08 -43.81 12.42
C LEU L 36 7.46 -44.02 13.91
N VAL L 37 7.85 -45.23 14.24
CA VAL L 37 8.29 -45.52 15.61
C VAL L 37 9.83 -45.56 15.59
N SER L 38 10.46 -44.73 16.38
CA SER L 38 11.93 -44.68 16.45
C SER L 38 12.43 -45.81 17.32
N ILE L 39 13.48 -46.49 16.87
CA ILE L 39 14.05 -47.59 17.68
C ILE L 39 15.57 -47.45 17.62
N PRO L 40 16.18 -47.90 18.71
CA PRO L 40 17.66 -47.85 18.84
C PRO L 40 18.23 -48.77 17.77
N GLN L 41 19.47 -48.45 17.39
CA GLN L 41 20.14 -49.31 16.36
C GLN L 41 20.68 -50.55 17.12
N SER L 42 20.58 -51.67 16.44
CA SER L 42 21.04 -52.98 16.94
C SER L 42 21.70 -53.64 15.73
N ILE L 43 22.23 -54.82 15.90
CA ILE L 43 22.90 -55.56 14.81
C ILE L 43 21.97 -55.81 13.63
N SER L 44 20.69 -55.86 13.91
CA SER L 44 19.68 -56.08 12.87
C SER L 44 19.70 -54.93 11.87
N GLU L 45 19.90 -53.73 12.36
CA GLU L 45 19.92 -52.51 11.53
C GLU L 45 21.26 -52.00 11.12
N THR L 46 22.31 -52.36 11.84
CA THR L 46 23.66 -51.86 11.55
C THR L 46 24.45 -52.79 10.68
N THR L 47 23.88 -53.87 10.20
CA THR L 47 24.54 -54.84 9.31
C THR L 47 23.73 -54.90 8.01
N GLY L 48 24.36 -55.41 6.97
CA GLY L 48 23.77 -55.58 5.65
C GLY L 48 24.68 -56.51 4.84
N PRO L 49 24.15 -56.93 3.70
CA PRO L 49 24.87 -57.83 2.80
C PRO L 49 26.02 -57.11 2.11
N ASN L 50 27.03 -57.90 1.77
CA ASN L 50 28.24 -57.46 1.07
C ASN L 50 28.17 -58.29 -0.24
N PHE L 51 28.14 -57.60 -1.33
CA PHE L 51 28.00 -58.22 -2.65
C PHE L 51 29.31 -58.50 -3.33
N SER L 52 30.38 -58.49 -2.55
CA SER L 52 31.72 -58.74 -3.04
C SER L 52 31.86 -60.02 -3.83
N HIS L 53 31.16 -61.07 -3.47
CA HIS L 53 31.24 -62.33 -4.20
C HIS L 53 30.14 -62.52 -5.19
N LEU L 54 29.41 -61.43 -5.48
CA LEU L 54 28.33 -61.60 -6.51
C LEU L 54 29.07 -61.79 -7.84
N GLY L 55 28.52 -62.70 -8.64
CA GLY L 55 29.17 -63.01 -9.93
C GLY L 55 28.69 -62.06 -11.01
N PHE L 56 29.42 -60.96 -11.18
CA PHE L 56 29.10 -59.94 -12.17
C PHE L 56 29.58 -60.30 -13.57
N GLY L 57 28.75 -60.02 -14.53
CA GLY L 57 29.03 -60.23 -15.95
C GLY L 57 29.98 -59.09 -16.39
N ALA L 58 30.68 -59.37 -17.45
CA ALA L 58 31.67 -58.49 -18.06
C ALA L 58 31.13 -57.14 -18.52
N HIS L 59 29.88 -57.14 -18.92
CA HIS L 59 29.25 -55.91 -19.42
C HIS L 59 28.11 -55.45 -18.54
N ASP L 60 28.16 -55.86 -17.29
CA ASP L 60 27.13 -55.56 -16.30
C ASP L 60 26.82 -54.08 -16.18
N HIS L 61 27.83 -53.27 -16.30
CA HIS L 61 27.71 -51.81 -16.17
C HIS L 61 27.75 -51.09 -17.50
N ASP L 62 27.71 -51.85 -18.59
CA ASP L 62 27.79 -51.27 -19.94
C ASP L 62 26.55 -51.52 -20.75
N LEU L 63 25.60 -50.60 -20.61
CA LEU L 63 24.30 -50.61 -21.23
C LEU L 63 24.30 -50.50 -22.74
N LEU L 64 25.46 -50.25 -23.29
CA LEU L 64 25.61 -50.14 -24.74
C LEU L 64 25.88 -51.53 -25.33
N LEU L 65 26.27 -52.48 -24.49
CA LEU L 65 26.61 -53.83 -24.93
C LEU L 65 25.93 -54.96 -24.17
N ASN L 66 25.36 -54.66 -23.02
CA ASN L 66 24.75 -55.68 -22.16
C ASN L 66 23.39 -56.14 -22.58
N PHE L 67 22.82 -55.71 -23.66
CA PHE L 67 21.46 -56.16 -24.04
C PHE L 67 21.56 -57.03 -25.33
N GLY L 71 23.32 -54.68 -32.40
CA GLY L 71 23.91 -53.39 -32.76
C GLY L 71 24.00 -52.46 -31.52
N LEU L 72 24.20 -51.20 -31.86
CA LEU L 72 24.29 -50.14 -30.84
C LEU L 72 22.94 -49.44 -30.65
N PRO L 73 22.69 -49.12 -29.40
CA PRO L 73 21.48 -48.34 -29.06
C PRO L 73 21.60 -46.98 -29.80
N ILE L 74 20.46 -46.43 -30.10
CA ILE L 74 20.41 -45.06 -30.75
C ILE L 74 20.33 -44.10 -29.57
N GLY L 75 20.98 -42.97 -29.59
CA GLY L 75 20.90 -42.04 -28.44
C GLY L 75 22.30 -41.49 -28.16
N GLU L 76 22.34 -40.54 -27.24
CA GLU L 76 23.53 -39.84 -26.81
C GLU L 76 24.32 -40.74 -25.85
N ARG L 77 25.49 -41.06 -26.36
CA ARG L 77 26.44 -41.91 -25.65
C ARG L 77 27.07 -41.08 -24.53
N ILE L 78 26.94 -41.59 -23.31
CA ILE L 78 27.50 -40.94 -22.14
C ILE L 78 28.00 -41.93 -21.10
N ILE L 79 28.93 -41.46 -20.31
CA ILE L 79 29.47 -42.20 -19.16
C ILE L 79 28.87 -41.55 -17.90
N VAL L 80 28.35 -42.34 -17.00
CA VAL L 80 27.81 -41.80 -15.73
C VAL L 80 28.79 -42.39 -14.68
N ALA L 81 29.53 -41.51 -14.07
CA ALA L 81 30.55 -41.92 -13.09
C ALA L 81 30.50 -41.05 -11.86
N GLY L 82 31.09 -41.55 -10.78
CA GLY L 82 31.08 -40.75 -9.54
C GLY L 82 31.56 -41.63 -8.40
N ARG L 83 31.45 -41.04 -7.23
CA ARG L 83 31.92 -41.71 -6.02
C ARG L 83 30.86 -41.85 -4.96
N VAL L 84 30.97 -42.87 -4.15
CA VAL L 84 30.04 -43.11 -3.03
C VAL L 84 30.85 -42.89 -1.75
N VAL L 85 30.46 -41.85 -1.02
CA VAL L 85 31.06 -41.52 0.27
C VAL L 85 29.93 -41.52 1.34
N ASP L 86 30.38 -41.45 2.58
CA ASP L 86 29.44 -41.36 3.71
C ASP L 86 29.40 -39.89 4.08
N GLN L 87 28.67 -39.56 5.11
CA GLN L 87 28.53 -38.14 5.53
C GLN L 87 29.82 -37.58 6.10
N TYR L 88 30.76 -38.47 6.43
CA TYR L 88 32.04 -37.99 7.01
C TYR L 88 33.06 -37.74 5.91
N GLY L 89 32.66 -38.02 4.68
CA GLY L 89 33.50 -37.91 3.50
C GLY L 89 34.28 -39.20 3.23
N LYS L 90 33.98 -40.29 3.89
CA LYS L 90 34.71 -41.57 3.73
C LYS L 90 34.18 -42.36 2.57
N PRO L 91 35.08 -42.88 1.74
CA PRO L 91 34.68 -43.67 0.56
C PRO L 91 34.01 -44.92 1.08
N VAL L 92 33.10 -45.42 0.29
CA VAL L 92 32.37 -46.68 0.59
C VAL L 92 32.76 -47.66 -0.53
N PRO L 93 33.79 -48.43 -0.25
CA PRO L 93 34.32 -49.41 -1.22
C PRO L 93 33.48 -50.67 -1.20
N ASN L 94 33.51 -51.39 -2.27
CA ASN L 94 32.87 -52.62 -2.60
C ASN L 94 31.37 -52.64 -2.32
N THR L 95 30.70 -51.59 -2.75
CA THR L 95 29.24 -51.46 -2.51
C THR L 95 28.49 -51.61 -3.80
N LEU L 96 27.23 -52.06 -3.68
CA LEU L 96 26.43 -52.31 -4.87
C LEU L 96 25.62 -51.09 -5.31
N VAL L 97 25.80 -50.78 -6.58
CA VAL L 97 25.10 -49.67 -7.22
C VAL L 97 24.35 -50.27 -8.41
N GLU L 98 23.04 -50.08 -8.40
CA GLU L 98 22.22 -50.59 -9.53
C GLU L 98 21.52 -49.40 -10.16
N MET L 99 21.27 -49.47 -11.46
CA MET L 99 20.64 -48.38 -12.20
C MET L 99 19.74 -48.95 -13.29
N TRP L 100 18.68 -48.22 -13.59
CA TRP L 100 17.69 -48.60 -14.62
C TRP L 100 17.15 -47.29 -15.17
N GLN L 101 16.75 -47.27 -16.41
CA GLN L 101 16.24 -46.06 -17.07
C GLN L 101 15.42 -46.37 -18.32
N ALA L 102 14.85 -45.36 -18.92
CA ALA L 102 14.11 -45.53 -20.18
C ALA L 102 15.13 -45.34 -21.30
N ASN L 103 14.73 -45.59 -22.51
CA ASN L 103 15.60 -45.43 -23.69
C ASN L 103 15.61 -43.92 -24.05
N ALA L 104 16.30 -43.67 -25.15
CA ALA L 104 16.46 -42.31 -25.67
C ALA L 104 15.17 -41.57 -25.92
N GLY L 105 14.08 -42.25 -26.16
CA GLY L 105 12.77 -41.74 -26.46
C GLY L 105 11.87 -41.68 -25.25
N GLY L 106 12.37 -42.13 -24.12
CA GLY L 106 11.57 -42.11 -22.89
C GLY L 106 10.72 -43.37 -22.73
N ARG L 107 11.06 -44.39 -23.48
CA ARG L 107 10.33 -45.67 -23.41
C ARG L 107 11.06 -46.67 -22.53
N TYR L 108 10.33 -47.25 -21.60
CA TYR L 108 10.90 -48.29 -20.71
C TYR L 108 10.66 -49.68 -21.33
N ARG L 109 11.58 -50.58 -21.00
CA ARG L 109 11.45 -51.98 -21.50
C ARG L 109 10.80 -52.76 -20.35
N HIS L 110 9.52 -52.50 -20.25
CA HIS L 110 8.66 -53.10 -19.19
C HIS L 110 7.25 -53.25 -19.73
N LYS L 111 6.63 -54.33 -19.33
CA LYS L 111 5.31 -54.76 -19.68
C LYS L 111 4.24 -53.67 -19.69
N ASN L 112 4.19 -52.99 -18.54
CA ASN L 112 3.26 -51.94 -18.22
C ASN L 112 3.50 -50.61 -18.88
N ASP L 113 4.64 -50.41 -19.52
CA ASP L 113 4.92 -49.10 -20.19
C ASP L 113 4.25 -49.10 -21.56
N ARG L 114 3.21 -48.27 -21.66
CA ARG L 114 2.43 -48.19 -22.90
C ARG L 114 2.64 -46.90 -23.66
N TYR L 115 3.71 -46.19 -23.36
CA TYR L 115 3.98 -44.92 -24.07
C TYR L 115 4.27 -45.28 -25.53
N LEU L 116 3.82 -44.44 -26.43
CA LEU L 116 3.96 -44.64 -27.86
C LEU L 116 5.34 -44.55 -28.44
N ALA L 117 6.32 -44.04 -27.73
CA ALA L 117 7.71 -43.98 -28.35
C ALA L 117 8.17 -45.43 -28.39
N PRO L 118 8.81 -45.83 -29.47
CA PRO L 118 9.26 -47.18 -29.65
C PRO L 118 10.39 -47.62 -28.72
N LEU L 119 10.50 -48.93 -28.60
CA LEU L 119 11.57 -49.60 -27.87
C LEU L 119 12.78 -49.60 -28.84
N ASP L 120 13.92 -49.71 -28.24
CA ASP L 120 15.20 -49.76 -29.04
C ASP L 120 15.68 -51.21 -28.86
N PRO L 121 15.75 -51.91 -29.98
CA PRO L 121 16.14 -53.34 -29.99
C PRO L 121 17.50 -53.60 -29.43
N ASN L 122 18.37 -52.59 -29.38
CA ASN L 122 19.71 -52.75 -28.81
C ASN L 122 19.77 -52.21 -27.40
N PHE L 123 18.61 -51.90 -26.84
CA PHE L 123 18.62 -51.33 -25.48
C PHE L 123 17.75 -52.04 -24.47
N GLY L 124 18.39 -52.32 -23.33
CA GLY L 124 17.75 -52.99 -22.19
C GLY L 124 17.39 -51.94 -21.12
N GLY L 125 18.40 -51.30 -20.58
CA GLY L 125 18.24 -50.28 -19.56
C GLY L 125 18.50 -50.61 -18.13
N VAL L 126 19.32 -51.57 -17.81
CA VAL L 126 19.71 -52.00 -16.48
C VAL L 126 21.21 -52.17 -16.35
N GLY L 127 21.75 -51.79 -15.21
CA GLY L 127 23.19 -51.92 -14.94
C GLY L 127 23.44 -52.09 -13.46
N ARG L 128 24.60 -52.64 -13.15
CA ARG L 128 25.03 -52.85 -11.75
C ARG L 128 26.55 -52.69 -11.78
N CYS L 129 27.11 -52.18 -10.71
CA CYS L 129 28.57 -51.95 -10.63
C CYS L 129 28.90 -52.01 -9.13
N LEU L 130 30.02 -52.63 -8.84
CA LEU L 130 30.46 -52.68 -7.41
C LEU L 130 31.50 -51.57 -7.28
N THR L 131 31.34 -50.67 -6.31
CA THR L 131 32.34 -49.56 -6.21
C THR L 131 33.69 -50.19 -5.93
N ASP L 132 34.73 -49.48 -6.30
CA ASP L 132 36.11 -49.96 -6.11
C ASP L 132 36.58 -49.54 -4.75
N SER L 133 37.88 -49.74 -4.53
CA SER L 133 38.49 -49.42 -3.24
C SER L 133 38.31 -47.96 -2.89
N ASP L 134 38.12 -47.11 -3.90
CA ASP L 134 37.97 -45.68 -3.62
C ASP L 134 36.55 -45.15 -3.60
N GLY L 135 35.60 -46.06 -3.69
CA GLY L 135 34.18 -45.71 -3.71
C GLY L 135 33.72 -45.29 -5.09
N TYR L 136 34.51 -45.57 -6.12
CA TYR L 136 34.19 -45.20 -7.49
C TYR L 136 33.39 -46.19 -8.28
N TYR L 137 32.41 -45.65 -9.03
CA TYR L 137 31.61 -46.56 -9.90
C TYR L 137 31.52 -45.87 -11.28
N SER L 138 31.11 -46.68 -12.26
CA SER L 138 30.92 -46.13 -13.60
C SER L 138 30.02 -46.97 -14.45
N PHE L 139 29.21 -46.26 -15.25
CA PHE L 139 28.28 -46.87 -16.18
C PHE L 139 28.51 -46.20 -17.55
N ARG L 140 28.16 -46.96 -18.55
CA ARG L 140 28.22 -46.44 -19.93
C ARG L 140 26.78 -46.68 -20.42
N THR L 141 26.20 -45.60 -20.89
CA THR L 141 24.78 -45.74 -21.35
C THR L 141 24.47 -44.68 -22.37
N ILE L 142 23.17 -44.56 -22.62
CA ILE L 142 22.63 -43.54 -23.53
C ILE L 142 21.70 -42.69 -22.62
N LYS L 143 21.73 -41.39 -22.85
CA LYS L 143 20.91 -40.44 -22.08
C LYS L 143 19.42 -40.71 -22.38
N PRO L 144 18.66 -40.90 -21.33
CA PRO L 144 17.23 -41.18 -21.46
C PRO L 144 16.46 -39.92 -21.80
N GLY L 145 15.27 -40.08 -22.36
CA GLY L 145 14.40 -38.98 -22.69
C GLY L 145 13.34 -38.84 -21.58
N PRO L 146 12.76 -37.65 -21.50
CA PRO L 146 11.68 -37.35 -20.56
C PRO L 146 10.51 -38.31 -20.93
N TYR L 147 9.68 -38.53 -19.96
CA TYR L 147 8.52 -39.45 -20.02
C TYR L 147 7.24 -38.81 -19.47
N PRO L 148 6.20 -38.87 -20.26
CA PRO L 148 4.88 -38.34 -19.86
C PRO L 148 4.27 -39.39 -18.93
N TRP L 149 3.58 -38.94 -17.90
CA TRP L 149 2.98 -39.94 -16.96
C TRP L 149 1.62 -39.42 -16.53
N ARG L 150 0.81 -40.38 -16.03
CA ARG L 150 -0.56 -40.00 -15.61
C ARG L 150 -0.61 -39.42 -14.24
N ASN L 151 -0.22 -38.16 -14.08
CA ASN L 151 -0.25 -37.47 -12.75
C ASN L 151 -1.25 -36.30 -13.00
N GLY L 152 -0.68 -35.20 -13.41
CA GLY L 152 -1.55 -34.02 -13.79
C GLY L 152 -1.82 -34.35 -15.29
N PRO L 153 -2.63 -33.56 -15.93
CA PRO L 153 -2.99 -33.72 -17.34
C PRO L 153 -1.84 -33.58 -18.30
N ASN L 154 -0.78 -32.89 -17.92
CA ASN L 154 0.40 -32.72 -18.83
C ASN L 154 1.68 -32.71 -18.00
N ASP L 155 1.93 -33.80 -17.31
CA ASP L 155 3.10 -34.01 -16.46
C ASP L 155 4.12 -34.83 -17.25
N TRP L 156 5.36 -34.38 -17.22
CA TRP L 156 6.47 -35.03 -17.94
C TRP L 156 7.63 -35.24 -16.97
N ARG L 157 8.08 -36.46 -16.82
CA ARG L 157 9.25 -36.66 -15.90
C ARG L 157 10.48 -36.12 -16.68
N PRO L 158 11.33 -35.42 -15.95
CA PRO L 158 12.61 -34.97 -16.55
C PRO L 158 13.41 -36.27 -16.86
N ALA L 159 14.34 -36.14 -17.78
CA ALA L 159 15.21 -37.29 -18.11
C ALA L 159 15.88 -37.64 -16.77
N HIS L 160 15.95 -38.92 -16.47
CA HIS L 160 16.54 -39.38 -15.20
C HIS L 160 16.92 -40.86 -15.28
N ILE L 161 17.74 -41.26 -14.34
CA ILE L 161 18.20 -42.65 -14.17
C ILE L 161 17.92 -43.04 -12.69
N HIS L 162 17.31 -44.18 -12.54
CA HIS L 162 17.01 -44.71 -11.19
C HIS L 162 18.29 -45.34 -10.62
N PHE L 163 18.53 -45.09 -9.36
CA PHE L 163 19.74 -45.61 -8.68
C PHE L 163 19.31 -46.30 -7.39
N GLY L 164 20.03 -47.31 -7.03
CA GLY L 164 19.86 -48.12 -5.83
C GLY L 164 21.27 -48.34 -5.28
N ILE L 165 21.47 -47.98 -4.04
CA ILE L 165 22.80 -48.12 -3.42
C ILE L 165 22.66 -48.85 -2.09
N SER L 166 23.45 -49.94 -1.98
CA SER L 166 23.34 -50.77 -0.76
C SER L 166 23.99 -50.17 0.45
N GLY L 167 25.24 -49.79 0.36
CA GLY L 167 25.98 -49.24 1.50
C GLY L 167 26.42 -50.41 2.41
N PRO L 168 27.02 -50.03 3.54
CA PRO L 168 27.50 -51.01 4.51
C PRO L 168 26.43 -51.64 5.35
N SER L 169 25.20 -51.14 5.27
CA SER L 169 24.11 -51.72 6.10
C SER L 169 22.76 -51.43 5.48
N ILE L 170 21.73 -52.04 6.09
CA ILE L 170 20.36 -51.84 5.59
C ILE L 170 19.89 -50.44 6.00
N ALA L 171 20.65 -49.89 6.92
CA ALA L 171 20.36 -48.53 7.46
C ALA L 171 20.78 -47.48 6.44
N THR L 172 21.74 -47.84 5.60
CA THR L 172 22.29 -46.98 4.59
C THR L 172 21.64 -47.13 3.23
N LYS L 173 21.03 -48.27 2.97
CA LYS L 173 20.39 -48.56 1.68
C LYS L 173 19.50 -47.40 1.26
N LEU L 174 19.64 -47.05 -0.01
CA LEU L 174 18.90 -45.93 -0.60
C LEU L 174 18.58 -46.16 -2.07
N ILE L 175 17.40 -45.64 -2.42
CA ILE L 175 16.93 -45.64 -3.82
C ILE L 175 16.69 -44.13 -4.13
N THR L 176 17.17 -43.74 -5.29
CA THR L 176 17.08 -42.36 -5.74
C THR L 176 16.99 -42.28 -7.24
N GLN L 177 17.08 -41.08 -7.75
CA GLN L 177 17.05 -40.70 -9.15
C GLN L 177 18.08 -39.60 -9.41
N LEU L 178 18.72 -39.71 -10.54
CA LEU L 178 19.71 -38.73 -11.04
C LEU L 178 18.96 -37.93 -12.14
N TYR L 179 19.12 -36.66 -12.14
CA TYR L 179 18.58 -35.73 -13.14
C TYR L 179 19.78 -35.14 -13.86
N PHE L 180 19.57 -34.56 -15.00
CA PHE L 180 20.64 -34.00 -15.83
C PHE L 180 20.65 -32.50 -15.79
N GLU L 181 21.83 -31.99 -15.57
CA GLU L 181 22.13 -30.57 -15.46
C GLU L 181 21.50 -29.75 -16.57
N GLY L 182 20.77 -28.72 -16.19
CA GLY L 182 20.10 -27.76 -17.00
C GLY L 182 18.74 -28.13 -17.56
N ASP L 183 18.32 -29.34 -17.26
CA ASP L 183 16.99 -29.80 -17.78
C ASP L 183 15.88 -28.93 -17.24
N PRO L 184 15.22 -28.21 -18.15
CA PRO L 184 14.10 -27.32 -17.79
C PRO L 184 12.92 -28.01 -17.15
N LEU L 185 12.79 -29.32 -17.29
CA LEU L 185 11.69 -30.06 -16.70
C LEU L 185 11.89 -30.27 -15.20
N ILE L 186 13.12 -30.19 -14.75
CA ILE L 186 13.38 -30.45 -13.33
C ILE L 186 12.50 -29.73 -12.33
N PRO L 187 12.44 -28.41 -12.43
CA PRO L 187 11.70 -27.59 -11.48
C PRO L 187 10.20 -27.79 -11.59
N MET L 188 9.70 -28.45 -12.62
CA MET L 188 8.26 -28.65 -12.76
C MET L 188 7.76 -29.99 -12.27
N CYS L 189 8.66 -30.91 -12.03
CA CYS L 189 8.28 -32.25 -11.62
C CYS L 189 7.84 -32.37 -10.17
N PRO L 190 6.64 -32.92 -10.01
CA PRO L 190 6.02 -33.16 -8.70
C PRO L 190 6.76 -34.18 -7.86
N ILE L 191 7.45 -35.11 -8.47
CA ILE L 191 8.26 -36.10 -7.74
C ILE L 191 9.51 -35.38 -7.19
N VAL L 192 10.13 -34.58 -8.05
CA VAL L 192 11.32 -33.79 -7.69
C VAL L 192 10.92 -32.91 -6.47
N LYS L 193 9.84 -32.21 -6.68
CA LYS L 193 9.23 -31.33 -5.69
C LYS L 193 8.78 -32.00 -4.42
N SER L 194 8.93 -33.31 -4.36
CA SER L 194 8.56 -34.05 -3.11
C SER L 194 9.62 -33.65 -2.08
N ILE L 195 10.72 -33.13 -2.56
CA ILE L 195 11.85 -32.64 -1.80
C ILE L 195 11.60 -31.15 -1.50
N ALA L 196 11.36 -30.80 -0.28
CA ALA L 196 11.08 -29.44 0.15
C ALA L 196 12.21 -28.46 -0.03
N ASN L 197 13.43 -28.80 0.27
CA ASN L 197 14.60 -27.92 0.14
C ASN L 197 15.26 -27.95 -1.23
N PRO L 198 15.39 -26.78 -1.83
CA PRO L 198 16.02 -26.61 -3.15
C PRO L 198 17.46 -27.10 -3.13
N GLU L 199 18.07 -26.99 -1.95
CA GLU L 199 19.47 -27.45 -1.80
C GLU L 199 19.57 -28.96 -1.93
N ALA L 200 18.55 -29.68 -1.49
CA ALA L 200 18.54 -31.15 -1.57
C ALA L 200 18.38 -31.59 -3.03
N VAL L 201 17.57 -30.82 -3.75
CA VAL L 201 17.29 -31.07 -5.15
C VAL L 201 18.59 -31.04 -5.94
N GLN L 202 19.45 -30.09 -5.63
CA GLN L 202 20.74 -29.89 -6.29
C GLN L 202 21.64 -31.11 -6.22
N GLN L 203 21.52 -31.84 -5.13
CA GLN L 203 22.29 -33.06 -4.87
C GLN L 203 21.92 -34.19 -5.84
N LEU L 204 20.78 -34.08 -6.48
CA LEU L 204 20.31 -35.11 -7.42
C LEU L 204 20.64 -34.82 -8.86
N ILE L 205 21.32 -33.70 -9.10
CA ILE L 205 21.64 -33.29 -10.47
C ILE L 205 23.06 -33.62 -10.86
N ALA L 206 23.20 -34.45 -11.88
CA ALA L 206 24.56 -34.85 -12.34
C ALA L 206 25.08 -33.67 -13.18
N LYS L 207 26.37 -33.40 -13.03
CA LYS L 207 27.04 -32.34 -13.77
C LYS L 207 27.81 -32.89 -14.98
N LEU L 208 27.67 -32.16 -16.06
CA LEU L 208 28.41 -32.46 -17.32
C LEU L 208 29.91 -32.49 -16.87
N ASP L 209 30.59 -33.50 -17.31
CA ASP L 209 32.02 -33.67 -16.94
C ASP L 209 32.82 -33.92 -18.22
N MET L 210 33.25 -32.83 -18.84
CA MET L 210 34.04 -32.81 -20.06
C MET L 210 35.39 -33.50 -19.86
N ASN L 211 35.88 -33.46 -18.64
CA ASN L 211 37.17 -34.05 -18.26
C ASN L 211 37.16 -35.57 -18.38
N ASN L 212 35.99 -36.16 -18.22
CA ASN L 212 35.81 -37.60 -18.26
C ASN L 212 35.33 -38.16 -19.58
N ALA L 213 34.98 -37.27 -20.48
CA ALA L 213 34.45 -37.60 -21.81
C ALA L 213 35.51 -38.19 -22.71
N ASN L 214 35.11 -39.04 -23.63
CA ASN L 214 36.07 -39.65 -24.60
C ASN L 214 35.82 -38.86 -25.89
N PRO L 215 36.76 -38.03 -26.26
CA PRO L 215 36.64 -37.19 -27.45
C PRO L 215 36.20 -38.03 -28.63
N MET L 216 35.44 -37.48 -29.52
CA MET L 216 34.91 -38.12 -30.72
C MET L 216 34.12 -39.38 -30.41
N ASP L 217 33.75 -39.59 -29.16
CA ASP L 217 33.03 -40.82 -28.75
C ASP L 217 31.83 -40.61 -27.88
N CYS L 218 32.02 -40.23 -26.62
CA CYS L 218 30.91 -40.01 -25.69
C CYS L 218 31.19 -38.95 -24.64
N LEU L 219 30.15 -38.36 -24.13
CA LEU L 219 30.21 -37.35 -23.06
C LEU L 219 30.17 -38.08 -21.71
N ALA L 220 30.31 -37.30 -20.66
CA ALA L 220 30.29 -37.86 -19.29
C ALA L 220 29.59 -36.89 -18.33
N TYR L 221 28.99 -37.51 -17.35
CA TYR L 221 28.22 -36.90 -16.27
C TYR L 221 28.81 -37.43 -14.97
N ARG L 222 28.83 -36.54 -14.00
CA ARG L 222 29.39 -36.87 -12.67
C ARG L 222 28.28 -36.89 -11.68
N PHE L 223 28.16 -37.98 -10.94
CA PHE L 223 27.12 -38.14 -9.92
C PHE L 223 27.67 -38.81 -8.67
N ASP L 224 27.91 -38.00 -7.64
CA ASP L 224 28.45 -38.50 -6.37
C ASP L 224 27.27 -38.75 -5.44
N ILE L 225 27.40 -39.78 -4.63
CA ILE L 225 26.32 -40.18 -3.70
C ILE L 225 26.89 -40.20 -2.30
N VAL L 226 26.13 -39.74 -1.36
CA VAL L 226 26.53 -39.68 0.06
C VAL L 226 25.59 -40.54 0.89
N LEU L 227 26.15 -41.54 1.55
CA LEU L 227 25.30 -42.40 2.42
C LEU L 227 25.47 -41.90 3.86
N ARG L 228 24.57 -42.36 4.71
CA ARG L 228 24.58 -42.01 6.12
C ARG L 228 25.99 -42.20 6.70
N GLY L 229 26.40 -41.22 7.49
CA GLY L 229 27.72 -41.28 8.14
C GLY L 229 27.75 -42.45 9.13
N GLN L 230 28.82 -43.23 9.00
CA GLN L 230 29.08 -44.40 9.83
C GLN L 230 30.12 -44.02 10.91
N ARG L 231 29.87 -44.45 12.11
CA ARG L 231 30.75 -44.19 13.23
C ARG L 231 30.80 -45.36 14.19
N LYS L 232 31.85 -45.32 14.98
CA LYS L 232 32.05 -46.41 16.01
C LYS L 232 31.19 -46.03 17.21
N THR L 233 30.86 -47.09 17.95
CA THR L 233 30.00 -46.86 19.17
C THR L 233 30.94 -46.23 20.19
N HIS L 234 30.39 -45.55 21.18
CA HIS L 234 31.24 -44.93 22.22
C HIS L 234 30.41 -44.79 23.47
N PHE L 235 31.04 -45.11 24.58
CA PHE L 235 30.44 -45.03 25.92
C PHE L 235 29.06 -45.66 25.95
N GLU L 236 28.87 -46.64 25.08
CA GLU L 236 27.55 -47.30 25.02
C GLU L 236 27.30 -48.23 26.18
FE FE M . -16.66 16.76 3.28
C1 BME N . -18.47 7.58 24.05
C2 BME N . -19.11 8.84 23.50
O1 BME N . -17.09 7.81 24.31
S2 BME N . -18.40 10.30 24.29
C1 DHB O . -15.26 20.67 -0.13
C2 DHB O . -14.79 20.11 1.08
C3 DHB O . -15.33 18.89 1.53
O3 DHB O . -14.85 18.35 2.67
C4 DHB O . -16.28 18.23 0.80
O4 DHB O . -16.79 17.02 1.27
C5 DHB O . -16.75 18.75 -0.43
C6 DHB O . -16.25 19.97 -0.88
C DHB O . -14.77 22.01 -0.61
O1 DHB O . -13.91 22.61 0.03
O2 DHB O . -15.19 22.52 -1.67
C1 DHB P . 2.07 33.36 -0.66
C2 DHB P . 2.13 34.04 -1.88
C3 DHB P . 1.91 35.41 -1.96
O3 DHB P . 1.91 36.01 -3.21
C4 DHB P . 1.64 36.14 -0.81
O4 DHB P . 1.37 37.49 -0.93
C5 DHB P . 1.55 35.51 0.44
C6 DHB P . 1.79 34.12 0.50
C DHB P . 2.28 31.87 -0.57
O1 DHB P . 2.53 31.19 -1.61
O2 DHB P . 2.24 31.24 0.52
FE FE Q . 10.60 28.88 -31.12
C1 BME R . 3.66 12.59 -45.80
C2 BME R . 3.29 14.03 -45.53
O1 BME R . 3.31 11.75 -44.71
S2 BME R . 1.65 14.14 -44.79
C1 DHB S . 9.82 32.38 -27.05
C2 DHB S . 9.41 31.11 -27.45
C3 DHB S . 10.09 30.44 -28.50
O3 DHB S . 9.69 29.20 -28.84
C4 DHB S . 11.18 31.03 -29.11
O4 DHB S . 11.91 30.34 -30.10
C5 DHB S . 11.61 32.31 -28.72
C6 DHB S . 10.95 32.97 -27.70
C DHB S . 9.08 33.17 -26.01
O1 DHB S . 8.08 32.75 -25.42
O2 DHB S . 9.46 34.32 -25.66
C1 DHB T . -1.10 30.45 -8.64
C2 DHB T . -0.79 31.54 -7.82
C3 DHB T . -1.72 32.55 -7.59
O3 DHB T . -1.35 33.62 -6.77
C4 DHB T . -2.97 32.46 -8.16
O4 DHB T . -3.89 33.46 -7.91
C5 DHB T . -3.32 31.39 -8.98
C6 DHB T . -2.38 30.40 -9.23
C DHB T . -0.06 29.37 -8.93
O1 DHB T . 1.09 29.42 -8.38
O2 DHB T . -0.30 28.41 -9.69
C1 DHB U . 6.64 35.05 -8.35
C2 DHB U . 5.23 35.03 -8.16
C3 DHB U . 4.46 36.04 -8.71
O3 DHB U . 3.11 36.00 -8.45
C4 DHB U . 5.02 37.03 -9.50
O4 DHB U . 4.20 37.99 -10.06
C5 DHB U . 6.40 37.06 -9.69
C6 DHB U . 7.18 36.06 -9.13
C DHB U . 7.49 33.97 -7.71
O1 DHB U . 6.97 33.05 -7.01
O2 DHB U . 8.74 33.98 -7.86
FE FE V . 21.44 40.20 11.52
C1 BME W . 44.05 42.56 7.91
C2 BME W . 42.88 43.54 7.96
O1 BME W . 43.77 41.52 6.96
S2 BME W . 42.51 44.10 6.32
C1 DHB X . 16.23 40.49 10.01
C2 DHB X . 17.51 40.25 9.43
C3 DHB X . 18.62 40.07 10.25
O3 DHB X . 19.81 39.84 9.63
C4 DHB X . 18.49 40.11 11.63
O4 DHB X . 19.63 39.87 12.43
C5 DHB X . 17.25 40.35 12.22
C6 DHB X . 16.12 40.54 11.43
C DHB X . 15.04 40.76 9.14
O1 DHB X . 15.16 40.74 7.90
O2 DHB X . 13.93 41.03 9.60
FE FE Y . -19.86 -13.19 -0.52
C1 BME Z . -23.06 -3.63 -21.41
C2 BME Z . -23.72 -4.70 -20.51
O1 BME Z . -21.68 -3.97 -21.52
S2 BME Z . -23.34 -6.30 -21.23
C1 DHB AA . -18.74 -17.34 2.65
C2 DHB AA . -18.40 -16.83 1.38
C3 DHB AA . -18.78 -15.54 1.03
O3 DHB AA . -18.44 -15.09 -0.21
C4 DHB AA . -19.43 -14.72 1.94
O4 DHB AA . -19.77 -13.38 1.62
C5 DHB AA . -19.74 -15.19 3.22
C6 DHB AA . -19.42 -16.49 3.55
C DHB AA . -18.40 -18.76 3.06
O1 DHB AA . -17.84 -19.53 2.30
O2 DHB AA . -18.69 -19.20 4.19
C1 DHB BA . -4.22 -33.09 0.86
C2 DHB BA . -4.14 -33.78 2.09
C3 DHB BA . -4.66 -35.06 2.19
O3 DHB BA . -4.59 -35.70 3.42
C4 DHB BA . -5.23 -35.70 1.09
O4 DHB BA . -5.74 -36.96 1.25
C5 DHB BA . -5.31 -35.05 -0.14
C6 DHB BA . -4.80 -33.74 -0.25
C DHB BA . -3.67 -31.68 0.76
O1 DHB BA . -3.14 -31.12 1.74
O2 DHB BA . -3.71 -31.03 -0.32
FE FE CA . 9.27 -30.72 29.72
C1 BME DA . 7.90 -13.58 44.84
C2 BME DA . 7.25 -14.91 44.45
O1 BME DA . 7.68 -12.58 43.86
S2 BME DA . 5.48 -14.64 44.15
C1 DHB EA . 7.27 -34.10 25.79
C2 DHB EA . 7.07 -32.75 26.21
C3 DHB EA . 7.96 -32.17 27.13
O3 DHB EA . 7.71 -30.88 27.50
C4 DHB EA . 9.01 -32.92 27.64
O4 DHB EA . 9.91 -32.32 28.53
C5 DHB EA . 9.24 -34.24 27.24
C6 DHB EA . 8.36 -34.83 26.31
C DHB EA . 6.28 -34.75 24.86
O1 DHB EA . 5.32 -34.10 24.38
O2 DHB EA . 6.45 -35.93 24.49
C1 DHB FA . -5.67 -29.83 9.27
C2 DHB FA . -5.70 -30.92 8.37
C3 DHB FA . -6.86 -31.69 8.26
O3 DHB FA . -6.79 -32.79 7.41
C4 DHB FA . -7.99 -31.37 8.99
O4 DHB FA . -9.14 -32.16 8.88
C5 DHB FA . -7.98 -30.30 9.89
C6 DHB FA . -6.82 -29.52 9.99
C DHB FA . -4.41 -29.00 9.41
O1 DHB FA . -3.39 -29.24 8.70
O2 DHB FA . -4.34 -28.02 10.19
FE FE GA . 11.37 -43.33 -14.04
C1 BME HA . 33.43 -50.03 -13.54
C2 BME HA . 32.00 -50.62 -13.55
O1 BME HA . 33.48 -49.02 -12.51
S2 BME HA . 31.73 -51.34 -11.89
C1 DHB IA . 6.63 -42.67 -11.80
C2 DHB IA . 7.99 -42.67 -11.41
C3 DHB IA . 9.00 -42.67 -12.37
O3 DHB IA . 10.30 -42.66 -11.98
C4 DHB IA . 8.69 -42.70 -13.72
O4 DHB IA . 9.71 -42.70 -14.67
C5 DHB IA . 7.33 -42.69 -14.15
C6 DHB IA . 6.32 -42.66 -13.20
C DHB IA . 5.51 -42.72 -10.80
O1 DHB IA . 5.70 -42.72 -9.58
O2 DHB IA . 4.32 -42.75 -11.17
C1 DHB JA . 0.92 -35.79 7.78
C2 DHB JA . -0.45 -35.50 7.83
C3 DHB JA . -1.30 -36.36 8.53
O3 DHB JA . -2.68 -36.07 8.49
C4 DHB JA . -0.82 -37.44 9.22
O4 DHB JA . -1.70 -38.30 9.88
C5 DHB JA . 0.54 -37.74 9.21
C6 DHB JA . 1.39 -36.91 8.49
C DHB JA . 1.88 -34.91 7.03
O1 DHB JA . 1.48 -33.87 6.41
O2 DHB JA . 3.13 -35.18 7.01
#